data_5FQ7
#
_entry.id   5FQ7
#
_cell.length_a   123.591
_cell.length_b   180.159
_cell.length_c   245.747
_cell.angle_alpha   90.00
_cell.angle_beta   90.00
_cell.angle_gamma   90.00
#
_symmetry.space_group_name_H-M   'P 21 21 21'
#
loop_
_entity.id
_entity.type
_entity.pdbx_description
1 polymer BT_2263
2 polymer BT_2264
3 polymer BT_2261
4 polymer BT_2262
5 polymer PEPTIDE
6 non-polymer 'MAGNESIUM ION'
7 non-polymer 'SODIUM ION'
#
loop_
_entity_poly.entity_id
_entity_poly.type
_entity_poly.pdbx_seq_one_letter_code
_entity_poly.pdbx_strand_id
1 'polypeptide(L)'
;CDLNINDDPNYPMNDQVTADLIFPSISASIASAVGGEIYNYAGFFAQYYEQKPESNQYNTLCEYTFTESSQQMDYSYRIL
FAGALEDAKQVLEKTTNPADRFATTILRAYAFQIMVDNTSDSPYSEALQGNANATPKWDTGETVYKGILGEIDAAEAALD
GSGMDVPDLIFNKNIAQWKGFANALRLRMYLRFIDANIDAASYTEKVKTLVQNNEFFTGDVKLDCFLDETDKRNPWYNTN
AVGLTGNHCAAYPLVSYLSSTGDPRIAYGISKTDADGKYVGQLPGGKTHMQSILGTDNWKNKNVSAIDYSIGATKPVYFF
TQAELQFLIAEVYARFHNDDANAKSAYEAGVTADFAVRGFAGQENTILEGACAWSAASTQADKLNLIYMQKWVSLFYMDH
MEAWSEIRRTDCPKLSSYSAAQIQASESVYTPGELVAPWTNGLEAGGLMKRMTYPLSARQQNVNTPAGVPGSTPVWWDIK
;
A,C
2 'polypeptide(L)'
;MQTQEVAIKPNLKVVLRSDAQQIDEVVVTAMGIKRSEKALGYAATSVGGEKIAESRTSDVMSSLAGKIAGVQISSTSSDP
GASNSVIIRGVSSLSGTNQPLYVVDGVPLNNSTVYSTDGLNSGYDFGNGANAINPDDVANMTILKGAAATALYGSRAANG
VVMITTKSGRKEKGVGIEYNGGVQWSTVLRLPEFQNEFGMGWNGNHTELENGSWGPRFDGSMQLWGNVYNNSQKLKPYVA
MPDNIKDFFDAGFRYSNSLSFNGATDKSDYYVSFSQISDDGMIPTDADSYDKYTFSARGSHKAGALTFSSSLNYAYQKNN
FATTGQGLSMLNSLYQTPRDISIIGLEDQNDPFNTPGYYYTPYGVMNPYYILNNYLNEYESERFYGKFQLDYEFLKYFKF
TYRMGLDTTTGQSDKGKPNLYALYYEGTPNGEGQGSSSPFSGETGQYSEQITRRREINQDIMVNFNMPVNDFNINALVGF
NGNERKVSYQYSEVNDLTIPTWFNLKNSGKTPIVEQHMELRRLMGVFGQFEGSWKNMLYLTVTARNDWSSTLPKENRSFF
YPGITGSFIFSELLNDNLQDVITFGKIRASWGKTGNDADVYMVNPVYAQSSNRIPFGSLTFPLGGVNAYSAGNVLGSNTL
SPEMTTESEVGLNMAFFKNRLSFDVSYYNRNTDKQIFSLAMDPASGYTAQNMNLGKIRNRGIELLISGTPIRTKDFSWEL
TWNFTKNWSKVISLPEELGGITTIYGLNGGTSMYAITGMPVGVFKAQVAERDPQGRIVVNSSTGLPVEASEFGICGDMNN
KYQMGVSTNLKYKGISLGIDFDIRQGGVMYSRTKDINYFTGNAIQTAYNDRNPLIVPNSVNKIVNGENVTYVENTTPITS
SNIYKYWGDGGSDMGSCFLVDKSYVKLRSVVLGWDLPKRWLAKTPFQAVKVSAYGNNLFVWTPSSNTFIDPEMTSFGNDL
EGNYGEYTANPSSRRFGFNLMVKF
;
B,D
3 'polypeptide(L)'
;CDNDTEPGGTAVEKMAGDWWVTVNAFIDGKEVEDPFGAGHLQMSTYNTASNSETEMWLDDLGNFWEYKLKVNVNYAARTF
STTGFVDNVTYESKVKITDGKVLEKAATTPSGMPADSIVYMVQFDDDEDGLTYKVSGFRRTGFPADDF
;
E,F
4 'polypeptide(L)'
;CDKSTDDTSKVTYFVTLEREGDEKIVLEKGQPFVEPGYYAEMNGEDITESVQIKGSVDVNTPGIYNLVYAAYNEDGFAKT
FTRTVYVADNTASPLKSGIYTVAEGSKRTAPSVVAFSGYEIVIFQMEPGIFYISDFLGGWYDQRAGYGPDYAMVGKFELN
DDNTITPLESYVAGWGDSMDQMTNTLLDPATGTLKWTVAYAGQLSFDIIVKQ
;
G,H
5 'polypeptide(L)' GGGGGGGGGG I,P
#
loop_
_chem_comp.id
_chem_comp.type
_chem_comp.name
_chem_comp.formula
MG non-polymer 'MAGNESIUM ION' 'Mg 2'
NA non-polymer 'SODIUM ION' 'Na 1'
#
# COMPACT_ATOMS: atom_id res chain seq x y z
N CYS A 1 -2.07 28.70 16.87
CA CYS A 1 -3.11 27.78 16.47
C CYS A 1 -3.92 28.45 15.37
N ASP A 2 -3.69 28.04 14.13
CA ASP A 2 -4.50 28.44 13.00
C ASP A 2 -5.75 27.59 12.96
N LEU A 3 -6.92 28.24 13.01
CA LEU A 3 -8.19 27.52 13.08
C LEU A 3 -8.78 27.19 11.72
N ASN A 4 -8.34 27.84 10.65
CA ASN A 4 -8.97 27.63 9.35
C ASN A 4 -8.48 26.32 8.73
N ILE A 5 -8.66 25.22 9.45
CA ILE A 5 -8.07 23.97 9.03
C ILE A 5 -9.13 22.91 8.85
N ASN A 6 -10.37 23.32 8.64
CA ASN A 6 -11.49 22.38 8.57
C ASN A 6 -11.94 22.13 7.14
N ASP A 7 -11.03 21.73 6.28
CA ASP A 7 -11.39 21.29 4.93
C ASP A 7 -10.88 19.87 4.83
N ASP A 8 -11.77 18.92 4.57
CA ASP A 8 -11.37 17.53 4.75
C ASP A 8 -10.26 17.18 3.77
N PRO A 9 -9.06 16.88 4.25
CA PRO A 9 -7.92 16.67 3.36
C PRO A 9 -7.80 15.25 2.87
N ASN A 10 -8.80 14.43 3.11
CA ASN A 10 -8.88 13.09 2.57
C ASN A 10 -9.72 13.05 1.30
N TYR A 11 -10.18 14.18 0.78
CA TYR A 11 -10.91 14.25 -0.47
C TYR A 11 -10.48 15.49 -1.23
N PRO A 12 -10.45 15.42 -2.56
CA PRO A 12 -10.00 16.55 -3.37
C PRO A 12 -10.83 17.78 -3.14
N MET A 13 -10.30 18.90 -3.59
CA MET A 13 -11.05 20.14 -3.58
C MET A 13 -12.21 20.04 -4.54
N ASN A 14 -13.40 20.40 -4.06
CA ASN A 14 -14.60 20.24 -4.88
C ASN A 14 -14.45 20.89 -6.24
N ASP A 15 -13.84 22.08 -6.30
CA ASP A 15 -13.48 22.76 -7.54
C ASP A 15 -12.94 21.79 -8.58
N GLN A 16 -12.10 20.85 -8.15
CA GLN A 16 -11.36 19.98 -9.05
C GLN A 16 -12.14 18.75 -9.49
N VAL A 17 -13.31 18.48 -8.92
CA VAL A 17 -14.04 17.25 -9.21
C VAL A 17 -15.02 17.56 -10.33
N THR A 18 -14.63 17.24 -11.56
CA THR A 18 -15.39 17.62 -12.74
C THR A 18 -16.23 16.45 -13.22
N ALA A 19 -17.03 16.73 -14.25
CA ALA A 19 -18.12 15.84 -14.60
C ALA A 19 -17.64 14.50 -15.11
N ASP A 20 -16.49 14.47 -15.76
CA ASP A 20 -15.98 13.20 -16.26
C ASP A 20 -15.36 12.36 -15.16
N LEU A 21 -15.19 12.92 -13.97
CA LEU A 21 -14.72 12.16 -12.82
C LEU A 21 -15.87 11.48 -12.10
N ILE A 22 -17.05 12.06 -12.17
CA ILE A 22 -18.24 11.56 -11.47
C ILE A 22 -19.00 10.55 -12.33
N PHE A 23 -19.24 10.87 -13.59
CA PHE A 23 -20.12 10.07 -14.44
C PHE A 23 -19.84 8.58 -14.43
N PRO A 24 -18.61 8.08 -14.37
CA PRO A 24 -18.44 6.62 -14.37
C PRO A 24 -19.05 5.91 -13.18
N SER A 25 -19.44 6.63 -12.13
CA SER A 25 -20.02 6.01 -10.95
C SER A 25 -21.47 5.65 -11.15
N ILE A 26 -22.19 6.47 -11.90
CA ILE A 26 -23.59 6.17 -12.21
C ILE A 26 -23.71 4.77 -12.77
N SER A 27 -22.94 4.47 -13.82
CA SER A 27 -23.03 3.17 -14.45
C SER A 27 -22.75 2.07 -13.46
N ALA A 28 -21.76 2.26 -12.60
CA ALA A 28 -21.37 1.18 -11.72
C ALA A 28 -22.31 1.07 -10.53
N SER A 29 -22.68 2.20 -9.91
CA SER A 29 -23.57 2.16 -8.75
C SER A 29 -24.89 1.48 -9.10
N ILE A 30 -25.52 1.91 -10.20
CA ILE A 30 -26.65 1.15 -10.74
C ILE A 30 -26.30 -0.33 -10.81
N ALA A 31 -25.29 -0.69 -11.59
CA ALA A 31 -24.97 -2.10 -11.68
C ALA A 31 -24.65 -2.71 -10.32
N SER A 32 -24.29 -1.91 -9.32
CA SER A 32 -24.08 -2.47 -8.00
C SER A 32 -25.35 -3.08 -7.48
N ALA A 33 -26.49 -2.50 -7.87
CA ALA A 33 -27.81 -2.88 -7.40
C ALA A 33 -28.49 -3.84 -8.34
N VAL A 34 -28.73 -3.40 -9.56
CA VAL A 34 -29.46 -4.19 -10.52
C VAL A 34 -28.78 -5.51 -10.79
N GLY A 35 -27.47 -5.56 -10.59
CA GLY A 35 -26.72 -6.78 -10.85
C GLY A 35 -26.33 -7.48 -9.57
N GLY A 36 -26.65 -6.84 -8.45
CA GLY A 36 -26.28 -7.32 -7.12
C GLY A 36 -27.44 -7.84 -6.30
N GLU A 37 -27.84 -7.11 -5.27
CA GLU A 37 -28.85 -7.70 -4.40
C GLU A 37 -30.23 -7.71 -5.04
N ILE A 38 -30.49 -6.84 -6.01
CA ILE A 38 -31.78 -6.85 -6.69
C ILE A 38 -31.90 -8.07 -7.60
N TYR A 39 -30.99 -8.20 -8.56
CA TYR A 39 -30.83 -9.41 -9.36
C TYR A 39 -31.00 -10.67 -8.52
N ASN A 40 -30.58 -10.62 -7.26
CA ASN A 40 -30.72 -11.80 -6.42
C ASN A 40 -32.19 -12.11 -6.18
N TYR A 41 -32.91 -11.20 -5.52
CA TYR A 41 -34.26 -11.55 -5.09
C TYR A 41 -35.18 -11.70 -6.26
N ALA A 42 -34.93 -10.98 -7.35
CA ALA A 42 -35.70 -11.24 -8.57
C ALA A 42 -35.49 -12.68 -9.02
N GLY A 43 -34.27 -13.18 -8.89
CA GLY A 43 -34.01 -14.54 -9.28
C GLY A 43 -34.93 -15.54 -8.60
N PHE A 44 -35.16 -15.38 -7.31
CA PHE A 44 -36.11 -16.26 -6.65
C PHE A 44 -37.52 -16.01 -7.12
N PHE A 45 -37.88 -14.74 -7.24
CA PHE A 45 -39.24 -14.43 -7.60
C PHE A 45 -39.58 -14.94 -9.00
N ALA A 46 -38.64 -14.87 -9.92
CA ALA A 46 -38.85 -15.41 -11.25
C ALA A 46 -38.56 -16.88 -11.33
N GLN A 47 -38.27 -17.49 -10.19
CA GLN A 47 -38.25 -18.95 -10.03
C GLN A 47 -37.17 -19.63 -10.86
N TYR A 48 -35.98 -19.02 -10.92
CA TYR A 48 -34.80 -19.66 -11.51
C TYR A 48 -34.08 -20.54 -10.49
N TYR A 49 -33.89 -20.07 -9.26
CA TYR A 49 -33.11 -20.80 -8.30
C TYR A 49 -33.79 -20.80 -6.94
N GLU A 50 -33.14 -21.43 -5.96
CA GLU A 50 -33.80 -21.78 -4.72
C GLU A 50 -32.73 -21.99 -3.67
N GLN A 51 -33.15 -22.08 -2.41
CA GLN A 51 -32.25 -22.14 -1.28
C GLN A 51 -31.66 -23.53 -1.11
N LYS A 52 -30.34 -23.62 -1.06
CA LYS A 52 -29.70 -24.93 -0.98
C LYS A 52 -30.19 -25.64 0.28
N PRO A 53 -30.37 -26.95 0.24
CA PRO A 53 -30.91 -27.64 1.43
C PRO A 53 -30.09 -27.44 2.69
N GLU A 54 -28.76 -27.46 2.57
CA GLU A 54 -27.84 -27.45 3.71
C GLU A 54 -27.44 -26.06 4.13
N SER A 55 -28.24 -25.05 3.85
CA SER A 55 -27.88 -23.73 4.32
C SER A 55 -29.14 -22.88 4.39
N ASN A 56 -29.01 -21.71 4.98
CA ASN A 56 -30.12 -20.82 5.22
C ASN A 56 -29.60 -19.43 4.98
N GLN A 57 -30.45 -18.57 4.44
CA GLN A 57 -30.08 -17.19 4.16
C GLN A 57 -31.24 -16.57 3.45
N TYR A 58 -31.54 -17.12 2.28
CA TYR A 58 -32.65 -16.67 1.48
C TYR A 58 -33.91 -17.45 1.75
N ASN A 59 -33.99 -18.09 2.92
CA ASN A 59 -35.22 -18.72 3.36
C ASN A 59 -36.38 -17.76 3.25
N THR A 60 -36.29 -16.61 3.91
CA THR A 60 -37.46 -15.76 3.88
C THR A 60 -37.78 -15.22 2.50
N LEU A 61 -36.87 -15.35 1.53
CA LEU A 61 -37.23 -14.94 0.18
C LEU A 61 -37.90 -16.05 -0.60
N CYS A 62 -37.52 -17.29 -0.35
CA CYS A 62 -38.12 -18.38 -1.11
C CYS A 62 -39.46 -18.78 -0.54
N GLU A 63 -39.64 -18.64 0.77
CA GLU A 63 -40.91 -18.91 1.42
C GLU A 63 -41.80 -17.68 1.52
N TYR A 64 -41.37 -16.57 0.92
CA TYR A 64 -42.12 -15.32 0.92
C TYR A 64 -42.44 -14.85 2.33
N THR A 65 -41.62 -15.20 3.32
CA THR A 65 -41.97 -14.84 4.69
C THR A 65 -41.17 -13.66 5.20
N PHE A 66 -40.80 -12.73 4.32
CA PHE A 66 -40.11 -11.52 4.75
C PHE A 66 -41.11 -10.40 4.89
N THR A 67 -40.75 -9.39 5.65
CA THR A 67 -41.67 -8.26 5.84
C THR A 67 -40.95 -6.98 5.45
N GLU A 68 -41.67 -5.86 5.55
CA GLU A 68 -41.05 -4.57 5.26
C GLU A 68 -39.85 -4.34 6.15
N SER A 69 -39.89 -4.86 7.37
CA SER A 69 -38.77 -4.66 8.26
C SER A 69 -37.56 -5.49 7.88
N SER A 70 -37.68 -6.41 6.95
CA SER A 70 -36.52 -7.21 6.60
C SER A 70 -35.56 -6.50 5.67
N GLN A 71 -35.84 -5.24 5.31
CA GLN A 71 -34.95 -4.39 4.53
C GLN A 71 -34.37 -5.07 3.29
N GLN A 72 -35.08 -6.03 2.73
CA GLN A 72 -34.58 -6.82 1.61
C GLN A 72 -34.21 -6.01 0.38
N MET A 73 -34.40 -4.70 0.37
CA MET A 73 -33.74 -3.94 -0.68
C MET A 73 -33.23 -2.58 -0.21
N ASP A 74 -33.19 -2.34 1.10
CA ASP A 74 -32.71 -1.05 1.61
C ASP A 74 -31.35 -0.69 1.08
N TYR A 75 -30.44 -1.67 0.99
CA TYR A 75 -29.12 -1.42 0.44
C TYR A 75 -29.19 -0.85 -0.97
N SER A 76 -29.93 -1.52 -1.86
CA SER A 76 -29.95 -1.11 -3.25
C SER A 76 -30.70 0.19 -3.44
N TYR A 77 -31.67 0.49 -2.58
CA TYR A 77 -32.29 1.80 -2.64
C TYR A 77 -31.29 2.90 -2.36
N ARG A 78 -30.38 2.67 -1.41
CA ARG A 78 -29.38 3.70 -1.11
C ARG A 78 -28.44 3.90 -2.27
N ILE A 79 -28.06 2.82 -2.94
CA ILE A 79 -27.15 2.93 -4.07
C ILE A 79 -27.82 3.67 -5.20
N LEU A 80 -29.04 3.27 -5.53
CA LEU A 80 -29.74 3.84 -6.68
C LEU A 80 -29.96 5.34 -6.53
N PHE A 81 -30.28 5.81 -5.32
CA PHE A 81 -30.65 7.21 -5.13
C PHE A 81 -29.54 8.09 -4.56
N ALA A 82 -28.79 7.64 -3.57
CA ALA A 82 -27.71 8.42 -3.01
C ALA A 82 -26.39 8.16 -3.70
N GLY A 83 -26.35 7.13 -4.54
CA GLY A 83 -25.19 6.87 -5.35
C GLY A 83 -25.39 7.38 -6.76
N ALA A 84 -26.13 6.63 -7.57
CA ALA A 84 -26.21 6.93 -8.99
C ALA A 84 -26.90 8.25 -9.25
N LEU A 85 -28.12 8.39 -8.76
CA LEU A 85 -28.95 9.49 -9.23
C LEU A 85 -28.39 10.85 -8.82
N GLU A 86 -27.78 10.96 -7.65
CA GLU A 86 -27.15 12.23 -7.27
C GLU A 86 -25.99 12.55 -8.20
N ASP A 87 -25.03 11.62 -8.31
CA ASP A 87 -23.96 11.81 -9.28
C ASP A 87 -24.53 12.13 -10.64
N ALA A 88 -25.63 11.49 -11.02
CA ALA A 88 -26.27 11.90 -12.25
C ALA A 88 -26.79 13.32 -12.16
N LYS A 89 -27.21 13.76 -10.97
CA LYS A 89 -27.66 15.14 -10.82
C LYS A 89 -26.50 16.11 -10.91
N GLN A 90 -25.31 15.69 -10.47
CA GLN A 90 -24.14 16.54 -10.50
C GLN A 90 -23.63 16.70 -11.93
N VAL A 91 -23.30 15.58 -12.57
CA VAL A 91 -22.96 15.56 -13.98
C VAL A 91 -23.83 16.52 -14.77
N LEU A 92 -25.14 16.49 -14.56
CA LEU A 92 -26.02 17.35 -15.32
C LEU A 92 -25.90 18.81 -14.95
N GLU A 93 -25.31 19.14 -13.80
CA GLU A 93 -25.03 20.55 -13.56
C GLU A 93 -23.60 20.90 -13.82
N LYS A 94 -22.73 19.91 -13.96
CA LYS A 94 -21.31 20.15 -14.17
C LYS A 94 -20.87 20.09 -15.62
N THR A 95 -21.69 19.55 -16.53
CA THR A 95 -21.32 19.49 -17.94
C THR A 95 -22.49 19.90 -18.82
N THR A 96 -22.20 20.70 -19.84
CA THR A 96 -23.19 21.16 -20.79
C THR A 96 -23.13 20.36 -22.07
N ASN A 97 -22.42 19.26 -22.07
CA ASN A 97 -22.22 18.43 -23.25
C ASN A 97 -23.46 17.62 -23.55
N PRO A 98 -24.23 17.97 -24.58
CA PRO A 98 -25.49 17.27 -24.82
C PRO A 98 -25.33 15.78 -25.04
N ALA A 99 -24.17 15.33 -25.49
CA ALA A 99 -23.99 13.89 -25.62
C ALA A 99 -23.83 13.25 -24.26
N ASP A 100 -23.13 13.93 -23.35
CA ASP A 100 -22.95 13.43 -21.99
C ASP A 100 -24.24 13.52 -21.20
N ARG A 101 -24.90 14.68 -21.24
CA ARG A 101 -26.20 14.79 -20.60
C ARG A 101 -27.12 13.68 -21.09
N PHE A 102 -27.04 13.35 -22.36
CA PHE A 102 -27.93 12.34 -22.90
C PHE A 102 -27.66 10.98 -22.28
N ALA A 103 -26.41 10.58 -22.16
CA ALA A 103 -26.18 9.26 -21.59
C ALA A 103 -26.41 9.27 -20.10
N THR A 104 -26.27 10.42 -19.47
CA THR A 104 -26.62 10.48 -18.06
C THR A 104 -28.11 10.33 -17.88
N THR A 105 -28.90 10.99 -18.73
CA THR A 105 -30.35 10.91 -18.61
C THR A 105 -30.86 9.51 -18.87
N ILE A 106 -30.17 8.74 -19.70
CA ILE A 106 -30.58 7.37 -19.92
C ILE A 106 -30.26 6.52 -18.69
N LEU A 107 -29.04 6.66 -18.16
CA LEU A 107 -28.71 5.99 -16.91
C LEU A 107 -29.58 6.48 -15.77
N ARG A 108 -29.87 7.78 -15.72
CA ARG A 108 -30.86 8.29 -14.79
C ARG A 108 -32.18 7.59 -14.98
N ALA A 109 -32.68 7.56 -16.21
CA ALA A 109 -34.00 6.98 -16.45
C ALA A 109 -33.99 5.48 -16.22
N TYR A 110 -32.86 4.82 -16.44
CA TYR A 110 -32.86 3.38 -16.17
C TYR A 110 -32.97 3.11 -14.68
N ALA A 111 -32.39 3.96 -13.83
CA ALA A 111 -32.52 3.72 -12.41
C ALA A 111 -33.98 3.81 -12.01
N PHE A 112 -34.60 4.97 -12.25
CA PHE A 112 -36.01 5.14 -11.94
C PHE A 112 -36.85 3.99 -12.46
N GLN A 113 -36.64 3.60 -13.72
CA GLN A 113 -37.36 2.45 -14.27
C GLN A 113 -37.25 1.23 -13.36
N ILE A 114 -36.11 1.01 -12.72
CA ILE A 114 -35.98 -0.16 -11.87
C ILE A 114 -36.65 0.07 -10.55
N MET A 115 -36.45 1.24 -9.96
CA MET A 115 -37.17 1.55 -8.74
C MET A 115 -38.65 1.27 -8.94
N VAL A 116 -39.21 1.80 -10.02
CA VAL A 116 -40.65 1.69 -10.22
C VAL A 116 -41.07 0.22 -10.31
N ASP A 117 -40.31 -0.61 -11.00
CA ASP A 117 -40.70 -2.02 -11.12
C ASP A 117 -40.63 -2.76 -9.79
N ASN A 118 -40.10 -2.15 -8.74
CA ASN A 118 -39.90 -2.80 -7.45
C ASN A 118 -40.95 -2.41 -6.41
N THR A 119 -41.27 -1.12 -6.27
CA THR A 119 -42.31 -0.65 -5.34
C THR A 119 -43.36 0.22 -6.03
N SER A 120 -43.49 0.09 -7.33
CA SER A 120 -44.49 0.81 -8.11
C SER A 120 -44.35 2.32 -7.88
N ASP A 121 -44.57 2.79 -6.67
CA ASP A 121 -44.33 4.21 -6.46
C ASP A 121 -42.83 4.46 -6.25
N SER A 122 -42.41 5.70 -6.49
CA SER A 122 -41.02 6.06 -6.29
C SER A 122 -40.89 7.56 -6.17
N PRO A 123 -40.01 8.08 -5.33
CA PRO A 123 -39.77 9.52 -5.34
C PRO A 123 -39.21 9.90 -6.69
N TYR A 124 -39.56 11.10 -7.13
CA TYR A 124 -39.16 11.50 -8.47
C TYR A 124 -39.07 13.01 -8.58
N SER A 125 -40.22 13.67 -8.66
CA SER A 125 -40.24 15.11 -8.91
C SER A 125 -39.62 15.91 -7.77
N GLU A 126 -39.55 15.33 -6.58
CA GLU A 126 -38.97 15.99 -5.42
C GLU A 126 -37.71 15.30 -4.93
N ALA A 127 -37.29 14.22 -5.57
CA ALA A 127 -36.08 13.56 -5.12
C ALA A 127 -34.88 14.44 -5.40
N LEU A 128 -33.75 14.07 -4.81
CA LEU A 128 -32.48 14.67 -5.15
C LEU A 128 -32.47 16.18 -4.89
N GLN A 129 -33.29 16.62 -3.95
CA GLN A 129 -33.12 17.93 -3.33
C GLN A 129 -32.54 17.70 -1.94
N GLY A 130 -31.81 18.67 -1.45
CA GLY A 130 -31.00 18.34 -0.29
C GLY A 130 -31.76 18.47 0.99
N ASN A 131 -31.23 19.30 1.89
CA ASN A 131 -32.01 19.77 3.02
C ASN A 131 -33.28 20.45 2.58
N ALA A 132 -33.36 20.87 1.33
CA ALA A 132 -34.48 21.64 0.83
C ALA A 132 -35.75 20.84 0.72
N ASN A 133 -35.67 19.51 0.85
CA ASN A 133 -36.86 18.67 0.87
C ASN A 133 -36.53 17.26 1.32
N ALA A 134 -36.17 17.09 2.58
CA ALA A 134 -35.72 15.78 3.02
C ALA A 134 -36.78 14.70 2.91
N THR A 135 -38.03 15.07 2.75
CA THR A 135 -39.13 14.13 2.77
C THR A 135 -39.87 14.32 1.45
N PRO A 136 -39.38 13.70 0.38
CA PRO A 136 -39.95 13.90 -0.96
C PRO A 136 -41.10 12.96 -1.23
N LYS A 137 -42.14 13.49 -1.88
CA LYS A 137 -43.33 12.68 -2.07
C LYS A 137 -43.00 11.53 -2.99
N TRP A 138 -43.59 10.38 -2.73
CA TRP A 138 -43.42 9.25 -3.63
C TRP A 138 -44.45 9.36 -4.75
N ASP A 139 -44.00 9.86 -5.91
CA ASP A 139 -44.81 9.89 -7.11
C ASP A 139 -45.23 8.48 -7.47
N THR A 140 -46.16 8.38 -8.40
CA THR A 140 -46.75 7.11 -8.78
C THR A 140 -46.04 6.53 -9.99
N GLY A 141 -46.03 5.20 -10.06
CA GLY A 141 -45.28 4.54 -11.11
C GLY A 141 -45.65 4.98 -12.50
N GLU A 142 -46.91 5.33 -12.71
CA GLU A 142 -47.31 5.82 -14.02
C GLU A 142 -46.77 7.23 -14.27
N THR A 143 -46.78 8.08 -13.25
CA THR A 143 -46.18 9.40 -13.38
C THR A 143 -44.69 9.30 -13.67
N VAL A 144 -43.99 8.39 -12.99
CA VAL A 144 -42.54 8.28 -13.20
C VAL A 144 -42.23 7.79 -14.60
N TYR A 145 -42.74 6.61 -14.99
CA TYR A 145 -42.52 6.14 -16.35
C TYR A 145 -42.78 7.25 -17.35
N LYS A 146 -43.87 7.98 -17.18
CA LYS A 146 -44.13 9.14 -18.05
C LYS A 146 -42.97 10.14 -17.98
N GLY A 147 -42.71 10.67 -16.79
CA GLY A 147 -41.75 11.75 -16.67
C GLY A 147 -40.41 11.42 -17.28
N ILE A 148 -39.86 10.25 -16.95
CA ILE A 148 -38.53 9.91 -17.42
C ILE A 148 -38.53 9.70 -18.92
N LEU A 149 -39.56 9.04 -19.46
CA LEU A 149 -39.69 8.90 -20.91
C LEU A 149 -39.71 10.26 -21.57
N GLY A 150 -40.23 11.27 -20.88
CA GLY A 150 -40.14 12.61 -21.40
C GLY A 150 -38.75 13.19 -21.25
N GLU A 151 -38.02 12.76 -20.23
CA GLU A 151 -36.66 13.27 -20.03
C GLU A 151 -35.76 12.78 -21.14
N ILE A 152 -35.96 11.53 -21.57
CA ILE A 152 -35.19 10.98 -22.67
C ILE A 152 -35.52 11.71 -23.97
N ASP A 153 -36.80 11.95 -24.24
CA ASP A 153 -37.21 12.64 -25.46
C ASP A 153 -36.63 14.06 -25.53
N ALA A 154 -36.78 14.82 -24.45
CA ALA A 154 -36.21 16.16 -24.41
C ALA A 154 -34.71 16.12 -24.62
N ALA A 155 -34.05 15.11 -24.05
CA ALA A 155 -32.60 15.05 -24.09
C ALA A 155 -32.07 14.57 -25.43
N GLU A 156 -32.73 13.59 -26.04
CA GLU A 156 -32.36 13.18 -27.40
C GLU A 156 -32.48 14.37 -28.34
N ALA A 157 -33.49 15.20 -28.13
CA ALA A 157 -33.71 16.35 -28.98
C ALA A 157 -32.68 17.44 -28.77
N ALA A 158 -31.81 17.32 -27.78
CA ALA A 158 -30.81 18.34 -27.53
C ALA A 158 -29.45 17.99 -28.12
N LEU A 159 -29.26 16.77 -28.59
CA LEU A 159 -28.01 16.36 -29.18
C LEU A 159 -27.68 17.25 -30.37
N ASP A 160 -26.43 17.73 -30.42
CA ASP A 160 -26.03 18.57 -31.53
C ASP A 160 -24.94 17.92 -32.37
N GLY A 161 -24.75 16.61 -32.24
CA GLY A 161 -23.79 15.90 -33.01
C GLY A 161 -22.39 15.85 -32.41
N SER A 162 -22.09 16.75 -31.47
CA SER A 162 -20.85 16.62 -30.74
C SER A 162 -20.84 15.32 -29.94
N GLY A 163 -19.65 14.83 -29.65
CA GLY A 163 -19.47 13.56 -28.98
C GLY A 163 -19.22 13.74 -27.50
N MET A 164 -19.04 12.62 -26.83
CA MET A 164 -18.92 12.64 -25.39
C MET A 164 -17.48 12.93 -24.97
N ASP A 165 -17.31 13.61 -23.84
CA ASP A 165 -15.99 13.70 -23.20
C ASP A 165 -15.91 12.89 -21.92
N VAL A 166 -16.82 11.96 -21.71
CA VAL A 166 -16.94 11.38 -20.38
C VAL A 166 -16.47 9.94 -20.47
N PRO A 167 -15.89 9.37 -19.46
CA PRO A 167 -15.45 7.99 -19.61
C PRO A 167 -16.61 7.00 -19.62
N ASP A 168 -16.86 6.39 -20.76
CA ASP A 168 -17.98 5.49 -20.93
C ASP A 168 -17.51 4.04 -20.83
N LEU A 169 -17.83 3.36 -19.74
CA LEU A 169 -17.54 1.94 -19.62
C LEU A 169 -18.62 1.06 -20.24
N ILE A 170 -19.67 1.67 -20.81
CA ILE A 170 -20.79 0.93 -21.36
C ILE A 170 -20.73 0.90 -22.88
N PHE A 171 -20.68 2.07 -23.53
CA PHE A 171 -20.66 2.14 -24.99
C PHE A 171 -19.49 2.97 -25.52
N ASN A 172 -18.55 3.37 -24.66
CA ASN A 172 -17.33 4.04 -25.08
C ASN A 172 -17.62 5.15 -26.08
N LYS A 173 -18.50 6.06 -25.69
CA LYS A 173 -18.78 7.29 -26.43
C LYS A 173 -19.49 7.05 -27.76
N ASN A 174 -19.96 5.84 -28.01
CA ASN A 174 -20.63 5.47 -29.26
C ASN A 174 -22.09 5.91 -29.14
N ILE A 175 -22.35 7.19 -29.43
CA ILE A 175 -23.68 7.76 -29.23
C ILE A 175 -24.74 6.86 -29.85
N ALA A 176 -24.60 6.55 -31.13
CA ALA A 176 -25.60 5.77 -31.85
C ALA A 176 -25.91 4.44 -31.17
N GLN A 177 -25.13 4.07 -30.17
CA GLN A 177 -25.54 3.00 -29.28
C GLN A 177 -26.42 3.55 -28.16
N TRP A 178 -26.03 4.68 -27.58
CA TRP A 178 -26.83 5.28 -26.52
C TRP A 178 -28.24 5.62 -27.01
N LYS A 179 -28.37 6.18 -28.21
CA LYS A 179 -29.70 6.31 -28.80
C LYS A 179 -30.37 4.97 -28.88
N GLY A 180 -29.59 3.91 -29.13
CA GLY A 180 -30.18 2.58 -29.20
C GLY A 180 -30.73 2.13 -27.88
N PHE A 181 -29.92 2.20 -26.83
CA PHE A 181 -30.40 1.92 -25.49
C PHE A 181 -31.70 2.68 -25.24
N ALA A 182 -31.71 3.96 -25.60
CA ALA A 182 -32.89 4.79 -25.34
C ALA A 182 -34.12 4.20 -25.97
N ASN A 183 -34.08 3.94 -27.28
CA ASN A 183 -35.23 3.34 -27.94
C ASN A 183 -35.61 2.02 -27.29
N ALA A 184 -34.63 1.20 -26.95
CA ALA A 184 -34.96 -0.04 -26.27
C ALA A 184 -35.58 0.22 -24.91
N LEU A 185 -35.13 1.24 -24.19
CA LEU A 185 -35.82 1.57 -22.95
C LEU A 185 -37.24 2.03 -23.22
N ARG A 186 -37.44 2.72 -24.35
CA ARG A 186 -38.79 3.11 -24.72
C ARG A 186 -39.62 1.90 -25.11
N LEU A 187 -39.07 0.99 -25.91
CA LEU A 187 -39.84 -0.18 -26.30
C LEU A 187 -40.32 -0.96 -25.07
N ARG A 188 -39.43 -1.18 -24.10
CA ARG A 188 -39.81 -1.93 -22.93
C ARG A 188 -40.87 -1.20 -22.11
N MET A 189 -40.69 0.09 -21.90
CA MET A 189 -41.68 0.83 -21.13
C MET A 189 -43.00 0.94 -21.88
N TYR A 190 -42.95 1.19 -23.19
CA TYR A 190 -44.18 1.31 -23.97
C TYR A 190 -45.02 0.04 -23.90
N LEU A 191 -44.40 -1.13 -24.01
CA LEU A 191 -45.19 -2.34 -23.88
C LEU A 191 -45.87 -2.48 -22.53
N ARG A 192 -45.43 -1.73 -21.52
CA ARG A 192 -46.03 -1.95 -20.21
C ARG A 192 -47.31 -1.16 -20.08
N PHE A 193 -47.31 0.09 -20.53
CA PHE A 193 -48.55 0.83 -20.58
C PHE A 193 -49.63 0.02 -21.29
N ILE A 194 -49.32 -0.45 -22.50
CA ILE A 194 -50.26 -1.24 -23.30
C ILE A 194 -50.83 -2.39 -22.49
N ASP A 195 -49.97 -3.27 -22.00
CA ASP A 195 -50.54 -4.41 -21.29
C ASP A 195 -51.11 -4.04 -19.93
N ALA A 196 -50.81 -2.85 -19.43
CA ALA A 196 -51.45 -2.33 -18.23
C ALA A 196 -52.69 -1.51 -18.55
N ASN A 197 -52.91 -1.18 -19.81
CA ASN A 197 -54.18 -0.63 -20.30
C ASN A 197 -54.32 0.85 -19.97
N ILE A 198 -53.27 1.61 -20.26
CA ILE A 198 -53.25 3.05 -20.05
C ILE A 198 -52.74 3.71 -21.31
N ASP A 199 -53.59 4.51 -21.94
CA ASP A 199 -53.23 5.17 -23.19
C ASP A 199 -52.74 4.15 -24.23
N ALA A 200 -53.33 2.95 -24.20
CA ALA A 200 -52.87 1.82 -25.00
C ALA A 200 -53.08 2.00 -26.48
N ALA A 201 -53.85 3.00 -26.91
CA ALA A 201 -53.94 3.28 -28.33
C ALA A 201 -52.64 3.91 -28.81
N SER A 202 -52.31 5.08 -28.26
CA SER A 202 -51.07 5.77 -28.64
C SER A 202 -49.90 4.81 -28.54
N TYR A 203 -49.72 4.21 -27.36
CA TYR A 203 -48.54 3.41 -27.12
C TYR A 203 -48.49 2.18 -28.02
N THR A 204 -49.61 1.77 -28.63
CA THR A 204 -49.53 0.69 -29.61
C THR A 204 -49.01 1.19 -30.95
N GLU A 205 -49.31 2.45 -31.30
CA GLU A 205 -48.71 3.06 -32.49
C GLU A 205 -47.29 3.56 -32.23
N LYS A 206 -46.99 3.96 -31.01
CA LYS A 206 -45.62 4.36 -30.69
C LYS A 206 -44.68 3.17 -30.68
N VAL A 207 -45.20 1.97 -30.39
CA VAL A 207 -44.35 0.80 -30.46
C VAL A 207 -44.17 0.33 -31.89
N LYS A 208 -45.27 0.35 -32.66
CA LYS A 208 -45.19 0.06 -34.08
C LYS A 208 -44.11 0.90 -34.75
N THR A 209 -44.24 2.22 -34.68
CA THR A 209 -43.28 3.11 -35.31
C THR A 209 -41.89 3.01 -34.68
N LEU A 210 -41.78 2.44 -33.47
CA LEU A 210 -40.45 2.13 -32.93
C LEU A 210 -39.85 0.92 -33.61
N VAL A 211 -40.53 -0.22 -33.52
CA VAL A 211 -40.01 -1.46 -34.04
C VAL A 211 -39.77 -1.38 -35.55
N GLN A 212 -40.50 -0.51 -36.24
CA GLN A 212 -40.34 -0.36 -37.68
C GLN A 212 -38.96 0.16 -38.04
N ASN A 213 -38.44 1.11 -37.25
CA ASN A 213 -37.19 1.79 -37.54
C ASN A 213 -35.96 0.97 -37.17
N ASN A 214 -36.08 0.00 -36.28
CA ASN A 214 -34.97 -0.87 -35.92
C ASN A 214 -33.73 -0.08 -35.50
N GLU A 215 -33.90 1.15 -35.00
CA GLU A 215 -32.80 1.93 -34.45
C GLU A 215 -32.52 1.52 -33.00
N PHE A 216 -32.14 0.26 -32.81
CA PHE A 216 -31.87 -0.23 -31.46
C PHE A 216 -30.37 -0.35 -31.24
N PHE A 217 -29.99 -1.18 -30.28
CA PHE A 217 -28.59 -1.37 -29.91
C PHE A 217 -28.08 -2.74 -30.37
N THR A 218 -26.80 -2.81 -30.65
CA THR A 218 -26.17 -4.04 -31.08
C THR A 218 -25.50 -4.70 -29.88
N GLY A 219 -25.42 -6.02 -29.91
CA GLY A 219 -24.74 -6.62 -28.77
C GLY A 219 -25.63 -6.47 -27.55
N ASP A 220 -25.02 -6.57 -26.38
CA ASP A 220 -25.78 -6.40 -25.16
C ASP A 220 -25.45 -5.03 -24.58
N VAL A 221 -26.31 -4.54 -23.69
CA VAL A 221 -26.08 -3.30 -22.98
C VAL A 221 -25.64 -3.67 -21.57
N LYS A 222 -24.36 -3.52 -21.25
CA LYS A 222 -23.81 -4.17 -20.08
C LYS A 222 -22.69 -3.34 -19.46
N LEU A 223 -22.16 -3.84 -18.35
CA LEU A 223 -20.90 -3.38 -17.77
C LEU A 223 -19.97 -4.58 -17.79
N ASP A 224 -19.17 -4.71 -18.84
CA ASP A 224 -18.08 -5.67 -18.88
C ASP A 224 -16.88 -4.93 -18.32
N CYS A 225 -16.41 -5.35 -17.16
CA CYS A 225 -15.74 -4.39 -16.31
C CYS A 225 -15.17 -4.99 -15.04
N PHE A 226 -15.59 -6.18 -14.69
CA PHE A 226 -15.23 -6.74 -13.41
C PHE A 226 -14.00 -7.63 -13.53
N LEU A 227 -13.40 -7.91 -12.37
CA LEU A 227 -12.19 -8.70 -12.27
C LEU A 227 -12.35 -9.66 -11.11
N ASP A 228 -11.66 -10.78 -11.18
CA ASP A 228 -11.71 -11.77 -10.10
C ASP A 228 -10.81 -11.38 -8.94
N GLU A 229 -11.01 -10.19 -8.40
CA GLU A 229 -10.23 -9.77 -7.25
C GLU A 229 -11.09 -8.91 -6.34
N THR A 230 -10.75 -8.91 -5.05
CA THR A 230 -11.64 -8.34 -4.05
C THR A 230 -12.05 -6.92 -4.42
N ASP A 231 -13.30 -6.60 -4.16
CA ASP A 231 -13.94 -5.31 -4.42
C ASP A 231 -14.05 -4.99 -5.90
N LYS A 232 -13.71 -5.92 -6.79
CA LYS A 232 -13.74 -5.67 -8.22
C LYS A 232 -14.53 -6.71 -8.99
N ARG A 233 -15.28 -7.58 -8.32
CA ARG A 233 -15.96 -8.69 -8.94
C ARG A 233 -17.40 -8.35 -9.27
N ASN A 234 -17.98 -9.16 -10.16
CA ASN A 234 -19.40 -9.07 -10.45
C ASN A 234 -20.19 -9.02 -9.16
N PRO A 235 -21.07 -8.04 -8.99
CA PRO A 235 -21.73 -7.86 -7.71
C PRO A 235 -22.50 -9.07 -7.22
N TRP A 236 -23.11 -9.86 -8.09
CA TRP A 236 -23.82 -11.02 -7.57
C TRP A 236 -22.87 -12.12 -7.12
N TYR A 237 -21.76 -12.31 -7.82
CA TYR A 237 -20.80 -13.33 -7.41
C TYR A 237 -20.13 -12.92 -6.11
N ASN A 238 -19.65 -11.68 -6.03
CA ASN A 238 -18.89 -11.22 -4.88
C ASN A 238 -19.66 -11.46 -3.62
N THR A 239 -20.97 -11.23 -3.67
CA THR A 239 -21.82 -11.33 -2.50
C THR A 239 -22.08 -12.78 -2.14
N ASN A 240 -22.26 -13.66 -3.12
CA ASN A 240 -22.70 -15.00 -2.79
C ASN A 240 -21.64 -16.08 -2.92
N ALA A 241 -20.57 -15.86 -3.67
CA ALA A 241 -19.53 -16.87 -3.79
C ALA A 241 -18.28 -16.51 -3.02
N VAL A 242 -18.27 -15.38 -2.32
CA VAL A 242 -17.13 -14.81 -1.64
C VAL A 242 -17.58 -14.38 -0.26
N GLY A 243 -18.47 -13.39 -0.22
CA GLY A 243 -18.93 -12.88 1.06
C GLY A 243 -19.68 -13.91 1.87
N LEU A 244 -20.48 -14.74 1.21
CA LEU A 244 -21.19 -15.86 1.80
C LEU A 244 -20.72 -17.15 1.15
N THR A 245 -21.21 -18.28 1.61
CA THR A 245 -20.89 -19.52 0.94
C THR A 245 -22.01 -19.85 -0.04
N GLY A 246 -21.86 -20.95 -0.76
CA GLY A 246 -22.82 -21.23 -1.81
C GLY A 246 -24.24 -21.35 -1.33
N ASN A 247 -25.16 -20.50 -1.82
CA ASN A 247 -26.52 -20.61 -1.32
C ASN A 247 -27.55 -21.03 -2.36
N HIS A 248 -27.31 -20.81 -3.65
CA HIS A 248 -28.33 -21.03 -4.67
C HIS A 248 -28.27 -22.44 -5.25
N CYS A 249 -29.45 -22.96 -5.61
CA CYS A 249 -29.60 -24.18 -6.40
C CYS A 249 -30.83 -24.05 -7.28
N ALA A 250 -30.87 -24.84 -8.33
CA ALA A 250 -31.76 -24.58 -9.46
C ALA A 250 -33.20 -24.99 -9.17
N ALA A 251 -34.14 -24.17 -9.65
CA ALA A 251 -35.55 -24.29 -9.29
C ALA A 251 -36.30 -25.27 -10.19
N TYR A 252 -37.40 -25.80 -9.67
CA TYR A 252 -38.16 -26.80 -10.42
C TYR A 252 -38.63 -26.27 -11.77
N PRO A 253 -39.23 -25.10 -11.88
CA PRO A 253 -39.62 -24.65 -13.21
C PRO A 253 -38.44 -24.45 -14.16
N LEU A 254 -37.28 -23.98 -13.73
CA LEU A 254 -36.27 -23.79 -14.76
C LEU A 254 -35.65 -25.10 -15.21
N VAL A 255 -35.40 -26.02 -14.28
CA VAL A 255 -34.77 -27.28 -14.65
C VAL A 255 -35.68 -28.10 -15.54
N SER A 256 -36.98 -28.13 -15.22
CA SER A 256 -37.93 -28.85 -16.07
C SER A 256 -37.93 -28.31 -17.48
N TYR A 257 -38.25 -27.04 -17.63
CA TYR A 257 -38.42 -26.50 -18.97
C TYR A 257 -37.17 -26.71 -19.82
N LEU A 258 -36.00 -26.36 -19.28
CA LEU A 258 -34.79 -26.65 -20.01
C LEU A 258 -34.68 -28.13 -20.32
N SER A 259 -35.04 -28.98 -19.37
CA SER A 259 -34.81 -30.39 -19.58
C SER A 259 -35.84 -31.01 -20.53
N SER A 260 -37.03 -30.41 -20.64
CA SER A 260 -38.06 -30.89 -21.58
C SER A 260 -37.85 -30.39 -22.99
N THR A 261 -37.24 -29.24 -23.16
CA THR A 261 -36.96 -28.69 -24.47
C THR A 261 -35.68 -29.22 -25.08
N GLY A 262 -34.95 -30.09 -24.39
CA GLY A 262 -33.67 -30.56 -24.88
C GLY A 262 -32.61 -29.50 -24.91
N ASP A 263 -32.80 -28.44 -24.15
CA ASP A 263 -31.98 -27.24 -24.25
C ASP A 263 -30.59 -27.54 -23.74
N PRO A 264 -29.54 -27.39 -24.55
CA PRO A 264 -28.18 -27.59 -24.03
C PRO A 264 -27.73 -26.48 -23.11
N ARG A 265 -28.41 -25.33 -23.13
CA ARG A 265 -28.10 -24.27 -22.18
C ARG A 265 -28.34 -24.67 -20.75
N ILE A 266 -28.79 -25.90 -20.50
CA ILE A 266 -29.00 -26.34 -19.14
C ILE A 266 -27.68 -26.51 -18.41
N ALA A 267 -26.56 -26.43 -19.12
CA ALA A 267 -25.26 -26.62 -18.49
C ALA A 267 -24.54 -25.32 -18.21
N TYR A 268 -25.02 -24.20 -18.73
CA TYR A 268 -24.40 -22.90 -18.46
C TYR A 268 -25.01 -22.33 -17.21
N GLY A 269 -24.39 -22.60 -16.06
CA GLY A 269 -24.84 -22.03 -14.82
C GLY A 269 -25.44 -23.02 -13.86
N ILE A 270 -25.69 -24.25 -14.29
CA ILE A 270 -26.34 -25.27 -13.47
C ILE A 270 -25.48 -26.53 -13.52
N SER A 271 -24.96 -26.94 -12.37
CA SER A 271 -24.14 -28.13 -12.30
C SER A 271 -25.03 -29.35 -12.09
N LYS A 272 -24.58 -30.50 -12.58
CA LYS A 272 -25.34 -31.70 -12.31
C LYS A 272 -25.23 -32.08 -10.84
N THR A 273 -26.09 -33.00 -10.42
CA THR A 273 -26.17 -33.36 -9.01
C THR A 273 -24.99 -34.19 -8.59
N ASP A 274 -24.35 -33.75 -7.52
CA ASP A 274 -23.15 -34.36 -7.00
C ASP A 274 -23.40 -35.77 -6.49
N ALA A 275 -24.64 -36.24 -6.58
CA ALA A 275 -25.05 -37.57 -6.11
C ALA A 275 -25.32 -38.53 -7.25
N ASP A 276 -26.18 -38.16 -8.20
CA ASP A 276 -26.56 -39.08 -9.27
C ASP A 276 -26.38 -38.49 -10.66
N GLY A 277 -25.76 -37.31 -10.79
CA GLY A 277 -25.37 -36.83 -12.10
C GLY A 277 -26.48 -36.45 -13.05
N LYS A 278 -27.62 -36.04 -12.53
CA LYS A 278 -28.70 -35.54 -13.36
C LYS A 278 -29.10 -34.14 -12.88
N TYR A 279 -29.88 -33.44 -13.71
CA TYR A 279 -30.31 -32.09 -13.40
C TYR A 279 -31.59 -32.17 -12.58
N VAL A 280 -31.52 -31.73 -11.33
CA VAL A 280 -32.63 -31.80 -10.40
C VAL A 280 -32.98 -30.39 -9.96
N GLY A 281 -34.27 -30.09 -9.86
CA GLY A 281 -34.67 -28.78 -9.39
C GLY A 281 -35.44 -28.88 -8.10
N GLN A 282 -35.47 -27.80 -7.32
CA GLN A 282 -36.19 -27.79 -6.05
C GLN A 282 -37.43 -26.93 -6.15
N LEU A 283 -38.56 -27.47 -5.68
CA LEU A 283 -39.82 -26.75 -5.80
C LEU A 283 -39.79 -25.49 -4.95
N PRO A 284 -40.27 -24.37 -5.47
CA PRO A 284 -40.14 -23.12 -4.74
C PRO A 284 -40.63 -23.25 -3.31
N GLY A 285 -39.96 -22.56 -2.41
CA GLY A 285 -40.30 -22.60 -1.01
C GLY A 285 -40.15 -23.96 -0.35
N GLY A 286 -39.78 -24.96 -1.12
CA GLY A 286 -39.87 -26.30 -0.58
C GLY A 286 -38.67 -26.85 0.16
N LYS A 287 -37.68 -26.03 0.52
CA LYS A 287 -36.53 -26.58 1.23
C LYS A 287 -36.97 -27.32 2.49
N THR A 288 -37.75 -26.66 3.35
CA THR A 288 -38.13 -27.26 4.63
C THR A 288 -39.13 -28.39 4.50
N HIS A 289 -39.90 -28.42 3.41
CA HIS A 289 -40.86 -29.51 3.19
C HIS A 289 -40.17 -30.72 2.61
N MET A 290 -39.45 -30.55 1.50
CA MET A 290 -38.74 -31.66 0.85
C MET A 290 -37.90 -32.46 1.85
N GLN A 291 -37.20 -31.76 2.76
CA GLN A 291 -36.46 -32.43 3.82
C GLN A 291 -37.37 -33.15 4.80
N SER A 292 -38.62 -32.72 4.93
CA SER A 292 -39.55 -33.39 5.84
C SER A 292 -40.18 -34.62 5.20
N ILE A 293 -40.27 -34.65 3.88
CA ILE A 293 -40.95 -35.75 3.20
C ILE A 293 -40.00 -36.89 2.94
N LEU A 294 -38.85 -36.59 2.33
CA LEU A 294 -37.77 -37.55 2.16
C LEU A 294 -37.02 -37.62 3.48
N GLY A 295 -35.91 -38.34 3.53
CA GLY A 295 -35.14 -38.37 4.76
C GLY A 295 -34.61 -36.99 5.12
N THR A 296 -33.73 -36.97 6.10
CA THR A 296 -32.83 -35.83 6.19
C THR A 296 -31.54 -36.10 5.43
N ASP A 297 -31.12 -37.35 5.35
CA ASP A 297 -29.95 -37.76 4.60
C ASP A 297 -30.24 -37.88 3.12
N ASN A 298 -31.45 -37.50 2.72
CA ASN A 298 -31.92 -37.74 1.37
C ASN A 298 -32.29 -36.47 0.64
N TRP A 299 -32.20 -35.31 1.30
CA TRP A 299 -32.31 -34.02 0.62
C TRP A 299 -31.21 -33.10 1.17
N LYS A 300 -29.96 -33.45 0.86
CA LYS A 300 -28.81 -32.62 1.14
C LYS A 300 -28.43 -31.85 -0.12
N ASN A 301 -27.28 -31.19 -0.11
CA ASN A 301 -26.91 -30.43 -1.30
C ASN A 301 -26.60 -31.36 -2.45
N LYS A 302 -26.17 -32.58 -2.14
CA LYS A 302 -25.85 -33.50 -3.22
C LYS A 302 -27.09 -33.91 -3.99
N ASN A 303 -28.27 -33.76 -3.41
CA ASN A 303 -29.46 -34.26 -4.10
C ASN A 303 -30.04 -33.28 -5.11
N VAL A 304 -29.57 -32.04 -5.12
CA VAL A 304 -30.14 -31.03 -6.01
C VAL A 304 -29.01 -30.35 -6.75
N SER A 305 -29.27 -29.99 -8.00
CA SER A 305 -28.24 -29.39 -8.83
C SER A 305 -27.96 -27.99 -8.31
N ALA A 306 -26.71 -27.76 -7.90
CA ALA A 306 -26.36 -26.44 -7.39
C ALA A 306 -26.20 -25.47 -8.54
N ILE A 307 -26.41 -24.19 -8.25
CA ILE A 307 -26.06 -23.17 -9.22
C ILE A 307 -24.55 -23.07 -9.28
N ASP A 308 -24.02 -22.90 -10.49
CA ASP A 308 -22.59 -22.74 -10.69
C ASP A 308 -22.23 -21.26 -10.63
N TYR A 309 -21.24 -20.93 -9.80
CA TYR A 309 -20.74 -19.58 -9.76
C TYR A 309 -19.43 -19.42 -10.53
N SER A 310 -18.87 -20.51 -11.04
CA SER A 310 -17.63 -20.53 -11.81
C SER A 310 -17.59 -19.38 -12.77
N ILE A 311 -18.69 -19.20 -13.49
CA ILE A 311 -18.78 -18.17 -14.51
C ILE A 311 -19.09 -16.80 -13.93
N GLY A 312 -19.21 -16.68 -12.62
CA GLY A 312 -19.67 -15.44 -12.04
C GLY A 312 -18.67 -14.31 -11.97
N ALA A 313 -17.53 -14.59 -11.35
CA ALA A 313 -16.39 -13.69 -11.14
C ALA A 313 -16.36 -12.47 -12.05
N THR A 314 -16.03 -12.67 -13.32
CA THR A 314 -15.87 -11.57 -14.27
C THR A 314 -17.14 -11.24 -15.06
N LYS A 315 -18.21 -12.01 -14.88
CA LYS A 315 -19.40 -11.92 -15.72
C LYS A 315 -20.02 -10.53 -15.66
N PRO A 316 -20.28 -9.89 -16.78
CA PRO A 316 -20.74 -8.51 -16.72
C PRO A 316 -22.15 -8.42 -16.16
N VAL A 317 -22.50 -7.22 -15.73
CA VAL A 317 -23.88 -6.87 -15.39
C VAL A 317 -24.54 -6.36 -16.65
N TYR A 318 -25.72 -6.90 -16.98
CA TYR A 318 -26.45 -6.52 -18.19
C TYR A 318 -27.66 -5.67 -17.82
N PHE A 319 -27.85 -4.55 -18.53
CA PHE A 319 -29.05 -3.73 -18.37
C PHE A 319 -30.13 -4.07 -19.39
N PHE A 320 -29.75 -4.43 -20.61
CA PHE A 320 -30.72 -4.79 -21.64
C PHE A 320 -30.05 -5.81 -22.56
N THR A 321 -30.32 -7.10 -22.36
CA THR A 321 -29.72 -8.09 -23.25
C THR A 321 -30.26 -7.95 -24.66
N GLN A 322 -29.45 -8.39 -25.64
CA GLN A 322 -29.92 -8.40 -27.02
C GLN A 322 -31.06 -9.38 -27.18
N ALA A 323 -30.81 -10.64 -26.82
CA ALA A 323 -31.82 -11.67 -26.92
C ALA A 323 -33.18 -11.17 -26.43
N GLU A 324 -33.18 -10.34 -25.38
CA GLU A 324 -34.48 -9.86 -24.93
C GLU A 324 -34.99 -8.76 -25.86
N LEU A 325 -34.11 -7.89 -26.34
CA LEU A 325 -34.56 -6.87 -27.28
C LEU A 325 -35.33 -7.53 -28.41
N GLN A 326 -34.77 -8.58 -29.01
CA GLN A 326 -35.44 -9.26 -30.11
C GLN A 326 -36.79 -9.81 -29.64
N PHE A 327 -36.80 -10.50 -28.50
CA PHE A 327 -38.03 -11.10 -28.02
C PHE A 327 -39.14 -10.06 -27.82
N LEU A 328 -38.76 -8.81 -27.55
CA LEU A 328 -39.72 -7.70 -27.52
C LEU A 328 -40.09 -7.24 -28.91
N ILE A 329 -39.17 -7.34 -29.87
CA ILE A 329 -39.53 -7.06 -31.26
C ILE A 329 -40.44 -8.15 -31.79
N ALA A 330 -40.07 -9.41 -31.55
CA ALA A 330 -40.91 -10.52 -31.99
C ALA A 330 -42.26 -10.51 -31.32
N GLU A 331 -42.39 -9.93 -30.15
CA GLU A 331 -43.72 -9.77 -29.59
C GLU A 331 -44.47 -8.66 -30.29
N VAL A 332 -43.78 -7.63 -30.76
CA VAL A 332 -44.50 -6.50 -31.33
C VAL A 332 -45.03 -6.84 -32.70
N TYR A 333 -44.17 -7.38 -33.56
CA TYR A 333 -44.63 -7.92 -34.83
C TYR A 333 -45.80 -8.86 -34.60
N ALA A 334 -45.58 -9.91 -33.80
CA ALA A 334 -46.57 -10.94 -33.61
C ALA A 334 -47.97 -10.40 -33.30
N ARG A 335 -48.08 -9.40 -32.42
CA ARG A 335 -49.42 -9.03 -31.96
C ARG A 335 -49.87 -7.61 -32.27
N PHE A 336 -49.08 -6.82 -32.98
CA PHE A 336 -49.53 -5.48 -33.35
C PHE A 336 -49.32 -5.16 -34.83
N HIS A 337 -48.52 -5.95 -35.55
CA HIS A 337 -48.35 -5.78 -36.97
C HIS A 337 -48.92 -6.92 -37.81
N ASN A 338 -49.40 -7.99 -37.16
CA ASN A 338 -49.75 -9.22 -37.86
C ASN A 338 -48.69 -9.55 -38.90
N ASP A 339 -47.49 -9.88 -38.44
CA ASP A 339 -46.33 -10.05 -39.30
C ASP A 339 -45.58 -11.32 -38.93
N ASP A 340 -46.31 -12.42 -38.82
CA ASP A 340 -45.79 -13.71 -38.40
C ASP A 340 -44.48 -14.09 -39.09
N ALA A 341 -44.14 -13.46 -40.20
CA ALA A 341 -42.87 -13.73 -40.84
C ALA A 341 -41.72 -13.00 -40.15
N ASN A 342 -41.93 -11.73 -39.82
CA ASN A 342 -40.92 -10.94 -39.13
C ASN A 342 -40.91 -11.19 -37.62
N ALA A 343 -41.95 -11.84 -37.08
CA ALA A 343 -41.88 -12.31 -35.70
C ALA A 343 -40.98 -13.52 -35.60
N LYS A 344 -41.14 -14.48 -36.51
CA LYS A 344 -40.25 -15.62 -36.52
C LYS A 344 -38.80 -15.18 -36.68
N SER A 345 -38.56 -14.12 -37.45
CA SER A 345 -37.20 -13.61 -37.58
C SER A 345 -36.64 -13.21 -36.23
N ALA A 346 -37.28 -12.24 -35.59
CA ALA A 346 -36.77 -11.77 -34.31
C ALA A 346 -36.77 -12.89 -33.27
N TYR A 347 -37.76 -13.77 -33.30
CA TYR A 347 -37.82 -14.83 -32.31
C TYR A 347 -36.57 -15.69 -32.39
N GLU A 348 -36.20 -16.12 -33.59
CA GLU A 348 -35.00 -16.93 -33.73
C GLU A 348 -33.75 -16.11 -33.41
N ALA A 349 -33.66 -14.88 -33.92
CA ALA A 349 -32.51 -14.06 -33.58
C ALA A 349 -32.39 -13.86 -32.08
N GLY A 350 -33.51 -13.85 -31.37
CA GLY A 350 -33.45 -13.92 -29.93
C GLY A 350 -32.76 -15.18 -29.54
N VAL A 351 -33.38 -16.32 -29.82
CA VAL A 351 -32.82 -17.60 -29.39
C VAL A 351 -31.36 -17.73 -29.81
N THR A 352 -31.00 -17.23 -30.99
CA THR A 352 -29.63 -17.38 -31.47
C THR A 352 -28.67 -16.52 -30.68
N ALA A 353 -29.04 -15.26 -30.45
CA ALA A 353 -28.19 -14.36 -29.70
C ALA A 353 -27.85 -14.94 -28.33
N ASP A 354 -28.85 -15.47 -27.64
CA ASP A 354 -28.58 -16.02 -26.31
C ASP A 354 -27.71 -17.26 -26.38
N PHE A 355 -27.89 -18.08 -27.41
CA PHE A 355 -27.01 -19.22 -27.58
C PHE A 355 -25.58 -18.79 -27.83
N ALA A 356 -25.36 -17.54 -28.23
CA ALA A 356 -24.02 -17.02 -28.45
C ALA A 356 -23.38 -16.65 -27.13
N VAL A 357 -24.09 -15.87 -26.32
CA VAL A 357 -23.58 -15.39 -25.05
C VAL A 357 -23.17 -16.55 -24.15
N ARG A 358 -23.99 -17.60 -24.11
CA ARG A 358 -23.66 -18.74 -23.28
C ARG A 358 -22.59 -19.64 -23.87
N GLY A 359 -22.19 -19.40 -25.12
CA GLY A 359 -21.13 -20.19 -25.70
C GLY A 359 -21.59 -21.47 -26.36
N PHE A 360 -22.85 -21.56 -26.74
CA PHE A 360 -23.35 -22.67 -27.53
C PHE A 360 -23.72 -22.22 -28.94
N ALA A 361 -22.93 -21.32 -29.51
CA ALA A 361 -23.22 -20.81 -30.84
C ALA A 361 -23.44 -21.95 -31.82
N GLY A 362 -24.19 -21.72 -32.89
CA GLY A 362 -24.45 -22.78 -33.84
C GLY A 362 -25.17 -23.98 -33.28
N GLN A 363 -25.92 -23.80 -32.19
CA GLN A 363 -26.67 -24.91 -31.61
C GLN A 363 -28.15 -24.61 -31.43
N GLU A 364 -28.62 -23.45 -31.88
CA GLU A 364 -30.04 -23.10 -31.79
C GLU A 364 -30.92 -24.17 -32.42
N ASN A 365 -30.36 -24.93 -33.37
CA ASN A 365 -31.11 -26.04 -33.95
C ASN A 365 -31.73 -26.90 -32.88
N THR A 366 -31.06 -27.06 -31.74
CA THR A 366 -31.54 -27.93 -30.67
C THR A 366 -32.98 -27.63 -30.31
N ILE A 367 -33.32 -26.36 -30.18
CA ILE A 367 -34.68 -25.98 -29.92
C ILE A 367 -35.33 -25.30 -31.11
N LEU A 368 -34.57 -24.59 -31.94
CA LEU A 368 -35.22 -24.00 -33.10
C LEU A 368 -35.72 -25.04 -34.12
N GLU A 369 -35.45 -26.31 -33.92
CA GLU A 369 -36.04 -27.32 -34.76
C GLU A 369 -36.84 -28.35 -34.00
N GLY A 370 -36.51 -28.61 -32.74
CA GLY A 370 -37.29 -29.51 -31.90
C GLY A 370 -38.00 -28.72 -30.83
N ALA A 371 -39.26 -29.08 -30.59
CA ALA A 371 -40.06 -28.46 -29.55
C ALA A 371 -40.25 -26.97 -29.80
N CYS A 372 -39.35 -26.15 -29.28
CA CYS A 372 -39.55 -24.70 -29.34
C CYS A 372 -39.37 -24.16 -30.74
N ALA A 373 -39.52 -25.02 -31.74
CA ALA A 373 -39.53 -24.54 -33.10
C ALA A 373 -40.78 -23.72 -33.36
N TRP A 374 -40.62 -22.67 -34.16
CA TRP A 374 -41.75 -21.78 -34.43
C TRP A 374 -42.83 -22.44 -35.25
N SER A 375 -42.52 -23.53 -35.97
CA SER A 375 -43.54 -24.26 -36.71
C SER A 375 -44.62 -24.79 -35.77
N ALA A 376 -44.23 -25.56 -34.76
CA ALA A 376 -45.16 -26.19 -33.84
C ALA A 376 -46.02 -25.18 -33.09
N ALA A 377 -45.69 -23.91 -33.16
CA ALA A 377 -46.52 -22.86 -32.57
C ALA A 377 -47.84 -22.83 -33.34
N SER A 378 -48.88 -23.41 -32.74
CA SER A 378 -50.17 -23.50 -33.42
C SER A 378 -50.91 -22.17 -33.39
N THR A 379 -51.41 -21.79 -32.22
CA THR A 379 -52.20 -20.57 -32.08
C THR A 379 -51.29 -19.33 -32.11
N GLN A 380 -51.85 -18.22 -32.60
CA GLN A 380 -51.12 -16.96 -32.47
C GLN A 380 -51.12 -16.47 -31.04
N ALA A 381 -51.21 -17.41 -30.10
CA ALA A 381 -51.12 -17.19 -28.67
C ALA A 381 -50.31 -18.32 -28.09
N ASP A 382 -50.33 -19.47 -28.76
CA ASP A 382 -49.28 -20.44 -28.57
C ASP A 382 -47.93 -19.86 -28.97
N LYS A 383 -47.91 -18.83 -29.83
CA LYS A 383 -46.65 -18.25 -30.27
C LYS A 383 -46.08 -17.28 -29.22
N LEU A 384 -46.93 -16.34 -28.76
CA LEU A 384 -46.52 -15.44 -27.69
C LEU A 384 -45.98 -16.23 -26.52
N ASN A 385 -46.63 -17.34 -26.19
CA ASN A 385 -46.07 -18.25 -25.19
C ASN A 385 -44.68 -18.70 -25.59
N LEU A 386 -44.50 -19.11 -26.85
CA LEU A 386 -43.17 -19.50 -27.27
C LEU A 386 -42.18 -18.35 -27.18
N ILE A 387 -42.59 -17.14 -27.56
CA ILE A 387 -41.70 -16.00 -27.40
C ILE A 387 -41.48 -15.69 -25.93
N TYR A 388 -42.54 -15.76 -25.13
CA TYR A 388 -42.44 -15.36 -23.73
C TYR A 388 -41.62 -16.33 -22.93
N MET A 389 -41.67 -17.63 -23.25
CA MET A 389 -40.81 -18.58 -22.55
C MET A 389 -39.36 -18.31 -22.90
N GLN A 390 -39.04 -18.30 -24.19
CA GLN A 390 -37.65 -18.17 -24.59
C GLN A 390 -37.04 -16.88 -24.04
N LYS A 391 -37.86 -15.86 -23.83
CA LYS A 391 -37.36 -14.67 -23.15
C LYS A 391 -37.03 -14.99 -21.70
N TRP A 392 -37.84 -15.82 -21.06
CA TRP A 392 -37.57 -16.22 -19.69
C TRP A 392 -36.21 -16.90 -19.59
N VAL A 393 -35.96 -17.87 -20.48
CA VAL A 393 -34.66 -18.52 -20.43
C VAL A 393 -33.58 -17.58 -20.89
N SER A 394 -33.87 -16.69 -21.84
CA SER A 394 -32.86 -15.75 -22.30
C SER A 394 -32.28 -14.94 -21.17
N LEU A 395 -33.03 -14.74 -20.12
CA LEU A 395 -32.59 -13.84 -19.07
C LEU A 395 -32.03 -14.58 -17.88
N PHE A 396 -32.09 -15.92 -17.86
CA PHE A 396 -31.48 -16.63 -16.75
C PHE A 396 -30.01 -16.28 -16.65
N TYR A 397 -29.59 -15.88 -15.46
CA TYR A 397 -28.21 -15.53 -15.19
C TYR A 397 -27.80 -14.37 -16.10
N MET A 398 -28.71 -13.42 -16.31
CA MET A 398 -28.39 -12.28 -17.15
C MET A 398 -29.02 -10.97 -16.67
N ASP A 399 -30.34 -10.92 -16.55
CA ASP A 399 -31.01 -9.69 -16.13
C ASP A 399 -32.27 -10.07 -15.36
N HIS A 400 -32.07 -10.66 -14.19
CA HIS A 400 -33.17 -11.20 -13.42
C HIS A 400 -34.22 -10.15 -13.13
N MET A 401 -33.81 -8.94 -12.77
CA MET A 401 -34.80 -7.96 -12.36
C MET A 401 -35.83 -7.73 -13.46
N GLU A 402 -35.45 -7.94 -14.73
CA GLU A 402 -36.47 -7.85 -15.75
C GLU A 402 -37.24 -9.15 -15.85
N ALA A 403 -36.54 -10.27 -15.96
CA ALA A 403 -37.22 -11.56 -15.99
C ALA A 403 -38.29 -11.69 -14.91
N TRP A 404 -38.24 -10.88 -13.88
CA TRP A 404 -39.35 -10.83 -12.95
C TRP A 404 -40.35 -9.76 -13.36
N SER A 405 -39.92 -8.73 -14.10
CA SER A 405 -40.85 -7.73 -14.60
C SER A 405 -41.62 -8.26 -15.80
N GLU A 406 -40.92 -8.88 -16.75
CA GLU A 406 -41.56 -9.48 -17.90
C GLU A 406 -42.42 -10.67 -17.51
N ILE A 407 -42.13 -11.31 -16.37
CA ILE A 407 -43.03 -12.35 -15.89
C ILE A 407 -44.28 -11.73 -15.30
N ARG A 408 -44.16 -10.54 -14.73
CA ARG A 408 -45.35 -9.89 -14.19
C ARG A 408 -46.23 -9.32 -15.30
N ARG A 409 -45.64 -8.59 -16.25
CA ARG A 409 -46.43 -7.95 -17.30
C ARG A 409 -47.15 -8.99 -18.14
N THR A 410 -46.41 -9.83 -18.84
CA THR A 410 -46.97 -10.81 -19.74
C THR A 410 -47.40 -12.06 -19.05
N ASP A 411 -47.69 -11.99 -17.75
CA ASP A 411 -47.97 -13.11 -16.86
C ASP A 411 -47.70 -14.48 -17.49
N CYS A 412 -46.61 -14.58 -18.24
CA CYS A 412 -46.06 -15.83 -18.77
C CYS A 412 -44.57 -15.98 -18.46
N PRO A 413 -44.18 -17.09 -17.83
CA PRO A 413 -44.86 -18.36 -17.55
C PRO A 413 -46.23 -18.30 -16.85
N LYS A 414 -47.05 -19.30 -17.14
CA LYS A 414 -48.31 -19.46 -16.44
C LYS A 414 -48.05 -19.90 -15.00
N LEU A 415 -48.91 -19.45 -14.09
CA LEU A 415 -48.87 -19.98 -12.74
C LEU A 415 -49.53 -21.34 -12.72
N SER A 416 -48.89 -22.34 -12.12
CA SER A 416 -49.42 -23.69 -12.19
C SER A 416 -50.61 -23.87 -11.27
N SER A 417 -51.64 -24.53 -11.80
CA SER A 417 -52.86 -24.81 -11.06
C SER A 417 -52.57 -25.61 -9.81
N TYR A 418 -51.58 -26.49 -9.87
CA TYR A 418 -51.32 -27.41 -8.79
C TYR A 418 -50.42 -26.76 -7.77
N SER A 419 -50.60 -27.16 -6.51
CA SER A 419 -49.77 -26.64 -5.44
C SER A 419 -48.40 -27.30 -5.49
N ALA A 420 -47.46 -26.70 -4.77
CA ALA A 420 -46.14 -27.32 -4.69
C ALA A 420 -46.26 -28.77 -4.24
N ALA A 421 -46.96 -29.01 -3.13
CA ALA A 421 -47.00 -30.34 -2.56
C ALA A 421 -47.59 -31.35 -3.51
N GLN A 422 -48.51 -30.92 -4.36
CA GLN A 422 -49.15 -31.82 -5.31
C GLN A 422 -48.18 -32.21 -6.41
N ILE A 423 -47.34 -31.26 -6.83
CA ILE A 423 -46.37 -31.55 -7.88
C ILE A 423 -45.29 -32.48 -7.36
N GLN A 424 -44.87 -32.29 -6.11
CA GLN A 424 -43.96 -33.24 -5.48
C GLN A 424 -44.57 -34.63 -5.43
N ALA A 425 -45.89 -34.73 -5.26
CA ALA A 425 -46.60 -35.99 -5.10
C ALA A 425 -46.60 -36.80 -6.38
N SER A 426 -47.29 -36.31 -7.40
CA SER A 426 -47.35 -36.95 -8.71
C SER A 426 -46.86 -35.96 -9.77
N GLU A 427 -45.54 -35.88 -9.96
CA GLU A 427 -44.92 -34.97 -10.91
C GLU A 427 -45.63 -34.96 -12.25
N SER A 428 -46.27 -36.08 -12.60
CA SER A 428 -46.98 -36.21 -13.87
C SER A 428 -47.79 -34.97 -14.19
N VAL A 429 -48.49 -34.44 -13.18
CA VAL A 429 -49.45 -33.38 -13.43
C VAL A 429 -48.81 -32.03 -13.69
N TYR A 430 -47.49 -31.96 -13.68
CA TYR A 430 -46.81 -30.67 -13.80
C TYR A 430 -46.54 -30.32 -15.25
N THR A 431 -47.01 -29.17 -15.68
CA THR A 431 -46.66 -28.70 -17.00
C THR A 431 -45.25 -28.10 -16.91
N PRO A 432 -44.29 -28.58 -17.69
CA PRO A 432 -42.93 -28.03 -17.58
C PRO A 432 -42.85 -26.59 -18.03
N GLY A 433 -42.31 -25.75 -17.14
CA GLY A 433 -42.09 -24.35 -17.44
C GLY A 433 -42.94 -23.40 -16.65
N GLU A 434 -43.88 -23.93 -15.85
CA GLU A 434 -44.88 -23.13 -15.15
C GLU A 434 -44.40 -22.87 -13.74
N LEU A 435 -44.56 -21.63 -13.30
CA LEU A 435 -44.18 -21.28 -11.94
C LEU A 435 -44.97 -22.13 -10.95
N VAL A 436 -44.57 -22.09 -9.70
CA VAL A 436 -45.24 -22.84 -8.66
C VAL A 436 -45.32 -21.94 -7.43
N ALA A 437 -46.50 -21.85 -6.84
CA ALA A 437 -46.65 -21.09 -5.62
C ALA A 437 -45.77 -21.70 -4.55
N PRO A 438 -44.91 -20.92 -3.91
CA PRO A 438 -43.95 -21.46 -2.95
C PRO A 438 -44.62 -22.32 -1.91
N TRP A 439 -44.02 -23.47 -1.60
CA TRP A 439 -44.63 -24.45 -0.72
C TRP A 439 -45.08 -23.82 0.58
N THR A 440 -44.13 -23.31 1.35
CA THR A 440 -44.47 -22.31 2.36
C THR A 440 -44.69 -20.99 1.66
N ASN A 441 -45.57 -20.16 2.21
CA ASN A 441 -45.91 -18.91 1.55
C ASN A 441 -46.44 -17.94 2.60
N GLY A 442 -45.63 -16.95 2.94
CA GLY A 442 -46.06 -15.97 3.92
C GLY A 442 -47.16 -15.06 3.43
N LEU A 443 -47.34 -14.96 2.12
CA LEU A 443 -48.43 -14.16 1.55
C LEU A 443 -49.81 -14.63 1.97
N GLU A 444 -50.48 -13.84 2.80
CA GLU A 444 -51.82 -14.21 3.26
C GLU A 444 -52.76 -14.46 2.10
N ALA A 445 -52.40 -13.99 0.91
CA ALA A 445 -53.26 -14.00 -0.26
C ALA A 445 -52.90 -15.07 -1.26
N GLY A 446 -51.81 -15.81 -1.05
CA GLY A 446 -51.40 -16.84 -1.99
C GLY A 446 -50.79 -16.26 -3.25
N GLY A 447 -50.48 -17.13 -4.17
CA GLY A 447 -50.03 -16.59 -5.43
C GLY A 447 -48.61 -16.09 -5.31
N LEU A 448 -48.16 -15.45 -6.38
CA LEU A 448 -46.75 -15.14 -6.58
C LEU A 448 -46.42 -13.72 -6.19
N MET A 449 -45.18 -13.50 -5.79
CA MET A 449 -44.67 -12.19 -5.40
C MET A 449 -44.79 -11.16 -6.52
N LYS A 450 -45.58 -10.12 -6.30
CA LYS A 450 -45.80 -9.14 -7.34
C LYS A 450 -45.03 -7.86 -7.13
N ARG A 451 -44.38 -7.69 -5.99
CA ARG A 451 -43.63 -6.46 -5.74
C ARG A 451 -42.71 -6.67 -4.56
N MET A 452 -41.76 -5.76 -4.45
CA MET A 452 -40.87 -5.61 -3.30
C MET A 452 -41.45 -4.57 -2.36
N THR A 453 -41.01 -4.65 -1.11
CA THR A 453 -41.50 -3.79 -0.05
C THR A 453 -40.84 -2.42 -0.11
N TYR A 454 -41.44 -1.45 0.56
CA TYR A 454 -40.85 -0.14 0.57
C TYR A 454 -39.59 -0.19 1.43
N PRO A 455 -38.60 0.62 1.11
CA PRO A 455 -37.39 0.62 1.94
C PRO A 455 -37.73 1.02 3.36
N LEU A 456 -37.23 0.26 4.31
CA LEU A 456 -37.35 0.66 5.71
C LEU A 456 -36.68 2.00 5.96
N SER A 457 -35.56 2.24 5.29
CA SER A 457 -34.89 3.53 5.45
C SER A 457 -35.77 4.66 4.98
N ALA A 458 -36.70 4.40 4.08
CA ALA A 458 -37.62 5.46 3.70
C ALA A 458 -38.88 5.45 4.54
N ARG A 459 -39.18 4.32 5.17
CA ARG A 459 -40.32 4.29 6.10
C ARG A 459 -40.01 5.09 7.35
N GLN A 460 -38.77 5.02 7.83
CA GLN A 460 -38.44 5.64 9.11
C GLN A 460 -38.12 7.11 8.96
N GLN A 461 -37.61 7.51 7.80
CA GLN A 461 -37.17 8.88 7.57
C GLN A 461 -38.14 9.74 6.77
N ASN A 462 -38.97 9.15 5.91
CA ASN A 462 -39.84 9.92 5.02
C ASN A 462 -41.29 9.69 5.44
N VAL A 463 -41.87 10.69 6.11
CA VAL A 463 -43.27 10.60 6.49
C VAL A 463 -44.16 10.37 5.29
N ASN A 464 -43.71 10.69 4.08
CA ASN A 464 -44.52 10.58 2.88
C ASN A 464 -44.39 9.24 2.16
N THR A 465 -43.68 8.27 2.72
CA THR A 465 -43.58 6.99 2.04
C THR A 465 -44.93 6.28 2.10
N PRO A 466 -45.38 5.68 1.00
CA PRO A 466 -46.61 4.90 1.04
C PRO A 466 -46.67 3.87 2.16
N ALA A 467 -47.89 3.58 2.58
CA ALA A 467 -48.08 2.61 3.63
C ALA A 467 -47.77 1.22 3.11
N GLY A 468 -47.31 0.35 4.01
CA GLY A 468 -46.85 -0.95 3.60
C GLY A 468 -48.01 -1.81 3.12
N VAL A 469 -47.78 -2.57 2.06
CA VAL A 469 -48.80 -3.45 1.52
C VAL A 469 -48.19 -4.82 1.26
N PRO A 470 -48.97 -5.90 1.30
CA PRO A 470 -48.36 -7.23 1.20
C PRO A 470 -47.75 -7.45 -0.16
N GLY A 471 -47.01 -8.54 -0.27
CA GLY A 471 -46.31 -8.85 -1.50
C GLY A 471 -47.22 -9.11 -2.68
N SER A 472 -48.48 -9.41 -2.44
CA SER A 472 -49.35 -9.77 -3.54
C SER A 472 -50.02 -8.58 -4.22
N THR A 473 -49.98 -7.39 -3.61
CA THR A 473 -50.45 -6.16 -4.23
C THR A 473 -49.67 -5.85 -5.48
N PRO A 474 -50.24 -5.92 -6.66
CA PRO A 474 -49.45 -5.72 -7.88
C PRO A 474 -49.00 -4.28 -8.03
N VAL A 475 -48.12 -4.08 -9.00
CA VAL A 475 -47.54 -2.79 -9.35
C VAL A 475 -48.50 -2.12 -10.32
N TRP A 476 -48.35 -0.83 -10.57
CA TRP A 476 -49.32 -0.12 -11.40
C TRP A 476 -49.44 -0.66 -12.82
N TRP A 477 -48.55 -1.51 -13.30
CA TRP A 477 -48.69 -1.96 -14.67
C TRP A 477 -48.98 -3.46 -14.80
N ASP A 478 -49.03 -4.21 -13.70
CA ASP A 478 -49.52 -5.59 -13.71
C ASP A 478 -50.96 -5.59 -13.24
N ILE A 479 -51.88 -5.89 -14.17
CA ILE A 479 -53.32 -5.88 -13.95
C ILE A 479 -53.92 -7.28 -14.08
N LYS A 480 -53.12 -8.33 -13.98
CA LYS A 480 -53.63 -9.70 -13.91
C LYS A 480 -52.48 -10.66 -13.54
N GLU B 37 -10.97 21.99 51.17
CA GLU B 37 -11.24 21.94 49.72
C GLU B 37 -12.59 21.28 49.42
N LYS B 38 -13.55 21.43 50.34
CA LYS B 38 -14.91 21.01 50.06
C LYS B 38 -15.80 22.22 49.84
N ALA B 39 -15.20 23.30 49.34
CA ALA B 39 -15.89 24.36 48.63
C ALA B 39 -16.64 23.86 47.41
N LEU B 40 -16.48 22.59 47.04
CA LEU B 40 -17.12 22.09 45.82
C LEU B 40 -18.64 22.12 45.96
N GLY B 41 -19.31 22.56 44.89
CA GLY B 41 -20.76 22.61 44.91
C GLY B 41 -21.43 21.62 43.96
N TYR B 42 -20.71 20.59 43.57
CA TYR B 42 -21.32 19.53 42.80
C TYR B 42 -20.69 18.21 43.17
N ALA B 43 -21.45 17.14 42.95
CA ALA B 43 -21.00 15.80 43.35
C ALA B 43 -19.60 15.53 42.82
N ALA B 44 -18.82 14.81 43.61
CA ALA B 44 -17.48 14.37 43.22
C ALA B 44 -17.03 13.34 44.23
N THR B 45 -16.15 12.45 43.81
CA THR B 45 -15.71 11.34 44.65
C THR B 45 -14.21 11.19 44.58
N SER B 46 -13.55 11.09 45.73
CA SER B 46 -12.11 10.90 45.79
C SER B 46 -11.80 9.46 46.16
N VAL B 47 -10.70 8.94 45.62
CA VAL B 47 -10.23 7.60 45.92
C VAL B 47 -8.73 7.69 46.16
N GLY B 48 -8.21 6.77 46.96
CA GLY B 48 -6.82 6.78 47.33
C GLY B 48 -6.11 5.67 46.57
N GLY B 49 -4.97 6.02 45.99
CA GLY B 49 -4.16 5.09 45.24
C GLY B 49 -4.17 3.68 45.81
N GLU B 50 -4.01 3.57 47.13
CA GLU B 50 -3.99 2.25 47.75
C GLU B 50 -5.25 1.48 47.41
N LYS B 51 -6.41 2.14 47.45
CA LYS B 51 -7.63 1.45 47.05
C LYS B 51 -7.58 1.09 45.59
N ILE B 52 -7.13 2.01 44.75
CA ILE B 52 -7.04 1.77 43.31
C ILE B 52 -6.24 0.51 43.03
N ALA B 53 -5.00 0.48 43.52
CA ALA B 53 -4.08 -0.57 43.15
C ALA B 53 -4.25 -1.86 43.95
N GLU B 54 -4.99 -1.83 45.06
CA GLU B 54 -5.08 -3.02 45.88
C GLU B 54 -5.74 -4.16 45.12
N SER B 55 -6.60 -3.84 44.17
CA SER B 55 -7.23 -4.92 43.43
C SER B 55 -6.30 -5.53 42.39
N ARG B 56 -5.15 -4.92 42.14
CA ARG B 56 -4.11 -5.46 41.28
C ARG B 56 -4.52 -5.58 39.82
N THR B 57 -5.56 -4.85 39.42
CA THR B 57 -5.99 -4.83 38.04
C THR B 57 -4.91 -4.19 37.17
N SER B 58 -4.74 -4.73 35.96
CA SER B 58 -3.79 -4.20 34.98
C SER B 58 -4.16 -2.81 34.49
N ASP B 59 -5.21 -2.22 35.07
CA ASP B 59 -5.89 -1.05 34.56
C ASP B 59 -6.27 -0.15 35.73
N VAL B 60 -6.48 1.13 35.47
CA VAL B 60 -6.81 2.01 36.57
C VAL B 60 -8.29 2.06 36.88
N MET B 61 -9.16 1.89 35.87
CA MET B 61 -10.59 2.12 36.04
C MET B 61 -11.40 0.86 36.38
N SER B 62 -10.97 -0.33 35.94
CA SER B 62 -11.82 -1.51 36.10
C SER B 62 -11.92 -1.95 37.55
N SER B 63 -11.10 -1.38 38.43
CA SER B 63 -11.13 -1.75 39.84
C SER B 63 -12.26 -1.05 40.56
N LEU B 64 -12.46 0.24 40.26
CA LEU B 64 -13.56 0.99 40.85
C LEU B 64 -14.89 0.65 40.20
N ALA B 65 -15.02 -0.58 39.68
CA ALA B 65 -16.11 -0.91 38.79
C ALA B 65 -17.46 -0.55 39.39
N GLY B 66 -17.85 -1.21 40.46
CA GLY B 66 -19.14 -0.87 41.00
C GLY B 66 -19.04 -0.14 42.30
N LYS B 67 -18.31 0.97 42.35
CA LYS B 67 -17.98 1.53 43.66
C LYS B 67 -18.27 3.00 43.81
N ILE B 68 -18.51 3.75 42.76
CA ILE B 68 -18.73 5.18 42.86
C ILE B 68 -20.08 5.51 42.26
N ALA B 69 -20.82 6.37 42.94
CA ALA B 69 -22.15 6.72 42.50
C ALA B 69 -22.08 7.47 41.18
N GLY B 70 -22.87 7.03 40.21
CA GLY B 70 -22.91 7.74 38.94
C GLY B 70 -21.58 7.74 38.20
N VAL B 71 -20.86 6.63 38.24
CA VAL B 71 -19.73 6.37 37.38
C VAL B 71 -19.90 4.94 36.90
N GLN B 72 -20.51 4.78 35.73
CA GLN B 72 -20.77 3.48 35.15
C GLN B 72 -19.50 2.96 34.48
N ILE B 73 -18.97 1.84 34.95
CA ILE B 73 -17.68 1.34 34.49
C ILE B 73 -17.82 -0.13 34.12
N SER B 74 -17.52 -0.47 32.86
CA SER B 74 -17.60 -1.85 32.39
C SER B 74 -16.46 -2.10 31.40
N SER B 75 -15.74 -3.21 31.57
CA SER B 75 -14.74 -3.59 30.57
C SER B 75 -15.44 -4.25 29.41
N THR B 76 -14.81 -4.23 28.24
CA THR B 76 -15.56 -4.69 27.08
C THR B 76 -15.73 -6.20 27.10
N SER B 77 -14.78 -6.91 27.69
CA SER B 77 -14.78 -8.36 27.70
C SER B 77 -13.64 -8.80 28.59
N SER B 78 -13.52 -10.10 28.77
CA SER B 78 -12.41 -10.62 29.55
C SER B 78 -11.20 -10.91 28.70
N ASP B 79 -11.13 -10.33 27.54
CA ASP B 79 -9.93 -10.51 26.73
C ASP B 79 -8.84 -9.56 27.21
N PRO B 80 -7.62 -10.06 27.44
CA PRO B 80 -6.58 -9.21 28.02
C PRO B 80 -6.34 -7.98 27.18
N GLY B 81 -6.11 -6.87 27.88
CA GLY B 81 -5.71 -5.62 27.25
C GLY B 81 -6.83 -4.83 26.63
N ALA B 82 -8.08 -5.27 26.76
CA ALA B 82 -9.18 -4.63 26.08
C ALA B 82 -9.47 -3.25 26.66
N SER B 83 -10.51 -2.60 26.15
CA SER B 83 -10.90 -1.28 26.60
C SER B 83 -11.81 -1.38 27.80
N ASN B 84 -11.89 -0.31 28.56
CA ASN B 84 -12.92 -0.16 29.58
C ASN B 84 -13.81 0.99 29.21
N SER B 85 -15.06 0.90 29.62
CA SER B 85 -16.06 1.91 29.34
C SER B 85 -16.35 2.66 30.62
N VAL B 86 -16.24 3.98 30.55
CA VAL B 86 -16.53 4.84 31.69
C VAL B 86 -17.46 5.94 31.25
N ILE B 87 -18.72 5.87 31.66
CA ILE B 87 -19.74 6.84 31.30
C ILE B 87 -20.29 7.41 32.59
N ILE B 88 -20.38 8.73 32.67
CA ILE B 88 -20.81 9.41 33.88
C ILE B 88 -22.12 10.12 33.59
N ARG B 89 -23.12 9.85 34.41
CA ARG B 89 -24.42 10.49 34.29
C ARG B 89 -24.93 10.44 32.86
N GLY B 90 -25.05 9.21 32.37
CA GLY B 90 -25.81 8.93 31.16
C GLY B 90 -25.05 9.18 29.87
N VAL B 91 -25.48 8.48 28.84
CA VAL B 91 -25.06 8.82 27.49
C VAL B 91 -25.68 10.14 27.09
N SER B 92 -24.85 11.10 26.75
CA SER B 92 -25.31 12.38 26.25
C SER B 92 -24.95 12.60 24.79
N SER B 93 -23.82 12.07 24.35
CA SER B 93 -23.34 12.31 23.01
C SER B 93 -23.85 11.18 22.13
N LEU B 94 -24.96 11.43 21.46
CA LEU B 94 -25.67 10.41 20.70
C LEU B 94 -24.81 9.65 19.68
N SER B 95 -23.59 10.11 19.42
CA SER B 95 -22.54 9.29 18.78
C SER B 95 -21.29 10.08 18.55
N GLY B 96 -20.19 9.64 19.16
CA GLY B 96 -20.19 8.59 20.17
C GLY B 96 -19.06 8.82 21.16
N THR B 97 -19.09 9.96 21.85
CA THR B 97 -17.97 10.44 22.66
C THR B 97 -18.44 10.67 24.10
N ASN B 98 -18.52 9.59 24.86
CA ASN B 98 -19.07 9.69 26.21
C ASN B 98 -18.08 9.38 27.30
N GLN B 99 -16.89 8.93 26.99
CA GLN B 99 -15.87 8.83 28.02
C GLN B 99 -15.71 10.17 28.70
N PRO B 100 -15.30 10.22 29.96
CA PRO B 100 -14.96 11.49 30.59
C PRO B 100 -13.52 11.87 30.28
N LEU B 101 -13.23 13.15 30.48
CA LEU B 101 -11.88 13.70 30.28
C LEU B 101 -10.98 13.21 31.39
N TYR B 102 -10.13 12.24 31.10
CA TYR B 102 -9.09 11.91 32.06
C TYR B 102 -8.03 12.99 32.01
N VAL B 103 -7.68 13.51 33.17
CA VAL B 103 -6.69 14.58 33.33
C VAL B 103 -5.67 14.08 34.33
N VAL B 104 -4.40 14.05 33.93
CA VAL B 104 -3.41 13.53 34.87
C VAL B 104 -2.81 14.64 35.72
N ASP B 105 -1.95 15.48 35.19
CA ASP B 105 -1.20 16.24 36.17
C ASP B 105 -0.97 17.72 36.03
N GLY B 106 -1.96 18.55 35.72
CA GLY B 106 -3.29 18.16 35.31
C GLY B 106 -3.31 18.56 33.86
N VAL B 107 -2.78 17.64 33.05
CA VAL B 107 -2.76 17.73 31.59
C VAL B 107 -3.76 16.72 31.06
N PRO B 108 -4.60 17.07 30.10
CA PRO B 108 -5.54 16.08 29.61
C PRO B 108 -4.78 14.92 29.01
N LEU B 109 -5.26 13.71 29.28
CA LEU B 109 -4.62 12.49 28.83
C LEU B 109 -5.40 11.93 27.66
N ASN B 110 -4.70 11.35 26.69
CA ASN B 110 -5.36 10.81 25.51
C ASN B 110 -6.06 9.50 25.82
N ASN B 111 -7.32 9.42 25.45
CA ASN B 111 -8.19 8.32 25.83
C ASN B 111 -8.73 7.63 24.58
N SER B 112 -7.87 7.53 23.58
CA SER B 112 -8.30 6.96 22.31
C SER B 112 -8.49 5.45 22.46
N THR B 113 -9.47 4.93 21.73
CA THR B 113 -9.81 3.51 21.74
C THR B 113 -9.52 2.85 20.39
N VAL B 114 -9.21 1.58 20.44
CA VAL B 114 -8.71 0.87 19.27
C VAL B 114 -9.47 -0.44 19.16
N TYR B 115 -10.68 -0.42 18.66
CA TYR B 115 -11.45 -1.62 18.46
C TYR B 115 -11.86 -1.74 17.00
N SER B 116 -12.38 -2.90 16.64
CA SER B 116 -12.69 -3.14 15.25
C SER B 116 -13.91 -2.36 14.81
N THR B 117 -13.89 -1.94 13.55
CA THR B 117 -15.02 -1.30 12.90
C THR B 117 -15.92 -2.29 12.19
N ASP B 118 -15.75 -3.58 12.43
CA ASP B 118 -16.64 -4.59 11.89
C ASP B 118 -16.82 -5.72 12.89
N GLY B 119 -17.61 -5.46 13.93
CA GLY B 119 -17.73 -6.41 15.01
C GLY B 119 -18.43 -7.69 14.64
N LEU B 120 -19.08 -7.72 13.49
CA LEU B 120 -19.86 -8.90 13.15
C LEU B 120 -18.98 -10.02 12.59
N ASN B 121 -17.85 -9.68 11.97
CA ASN B 121 -17.02 -10.64 11.28
C ASN B 121 -15.60 -10.73 11.81
N SER B 122 -14.99 -9.59 12.17
CA SER B 122 -13.68 -9.54 12.85
C SER B 122 -13.81 -8.67 14.08
N GLY B 123 -14.02 -9.29 15.23
CA GLY B 123 -14.20 -8.57 16.48
C GLY B 123 -12.94 -8.57 17.32
N TYR B 124 -12.66 -7.41 17.90
CA TYR B 124 -11.49 -7.27 18.75
C TYR B 124 -11.52 -5.90 19.39
N ASP B 125 -10.78 -5.79 20.49
CA ASP B 125 -10.65 -4.55 21.22
C ASP B 125 -9.24 -4.56 21.76
N PHE B 126 -8.49 -3.51 21.47
CA PHE B 126 -7.08 -3.44 21.73
C PHE B 126 -6.71 -2.39 22.76
N GLY B 127 -7.65 -1.62 23.24
CA GLY B 127 -7.35 -0.75 24.36
C GLY B 127 -7.98 0.61 24.54
N ASN B 128 -8.11 1.01 25.80
CA ASN B 128 -8.49 2.35 26.18
C ASN B 128 -7.23 3.19 26.35
N GLY B 129 -7.33 4.48 26.01
CA GLY B 129 -6.17 5.33 26.09
C GLY B 129 -5.60 5.44 27.48
N ALA B 130 -6.45 5.35 28.50
CA ALA B 130 -6.01 5.47 29.88
C ALA B 130 -5.49 4.16 30.44
N ASN B 131 -5.72 3.04 29.77
CA ASN B 131 -5.19 1.76 30.23
C ASN B 131 -3.69 1.76 30.44
N ALA B 132 -3.00 2.83 30.03
CA ALA B 132 -1.56 2.88 30.02
C ALA B 132 -0.98 3.56 31.25
N ILE B 133 -1.81 4.02 32.13
CA ILE B 133 -1.38 4.76 33.30
C ILE B 133 -1.21 3.75 34.42
N ASN B 134 -0.14 3.89 35.19
CA ASN B 134 0.35 2.78 36.01
C ASN B 134 -0.25 2.88 37.40
N PRO B 135 -1.24 2.07 37.76
CA PRO B 135 -2.02 2.32 38.97
C PRO B 135 -1.18 2.59 40.19
N ASP B 136 0.00 1.97 40.27
CA ASP B 136 0.89 2.17 41.39
C ASP B 136 1.48 3.56 41.41
N ASP B 137 1.24 4.38 40.39
CA ASP B 137 1.67 5.77 40.40
C ASP B 137 0.56 6.71 40.78
N VAL B 138 -0.62 6.20 41.08
CA VAL B 138 -1.75 7.04 41.45
C VAL B 138 -1.68 7.33 42.94
N ALA B 139 -1.76 8.60 43.29
CA ALA B 139 -1.85 9.01 44.69
C ALA B 139 -3.25 9.44 45.09
N ASN B 140 -4.08 9.85 44.14
CA ASN B 140 -5.40 10.36 44.47
C ASN B 140 -6.25 10.56 43.21
N MET B 141 -7.34 9.82 43.08
CA MET B 141 -8.27 10.02 41.98
C MET B 141 -9.43 10.87 42.48
N THR B 142 -9.92 11.78 41.64
CA THR B 142 -11.07 12.60 42.01
C THR B 142 -11.94 12.77 40.77
N ILE B 143 -13.08 12.11 40.76
CA ILE B 143 -13.99 12.12 39.64
C ILE B 143 -14.95 13.30 39.81
N LEU B 144 -14.81 14.32 39.00
CA LEU B 144 -15.78 15.41 39.00
C LEU B 144 -16.94 15.03 38.09
N LYS B 145 -18.15 14.98 38.64
CA LYS B 145 -19.30 14.51 37.89
C LYS B 145 -20.13 15.63 37.29
N GLY B 146 -19.94 16.86 37.73
CA GLY B 146 -20.86 17.93 37.41
C GLY B 146 -20.51 18.66 36.13
N ALA B 147 -21.50 18.76 35.25
CA ALA B 147 -21.36 19.45 33.97
C ALA B 147 -21.50 20.96 34.08
N ALA B 148 -21.42 21.55 35.27
CA ALA B 148 -21.79 22.95 35.42
C ALA B 148 -20.61 23.87 35.57
N ALA B 149 -19.55 23.41 36.25
CA ALA B 149 -18.32 24.18 36.45
C ALA B 149 -17.22 23.37 35.81
N THR B 150 -16.92 23.72 34.56
CA THR B 150 -16.02 22.92 33.75
C THR B 150 -15.02 23.80 33.00
N ALA B 151 -15.06 25.10 33.23
CA ALA B 151 -14.26 26.02 32.42
C ALA B 151 -12.76 25.78 32.58
N LEU B 152 -12.33 25.23 33.71
CA LEU B 152 -10.93 24.86 33.84
C LEU B 152 -10.53 23.83 32.80
N TYR B 153 -11.36 22.80 32.62
CA TYR B 153 -11.00 21.73 31.71
C TYR B 153 -11.70 21.80 30.35
N GLY B 154 -12.60 22.75 30.13
CA GLY B 154 -13.09 23.01 28.77
C GLY B 154 -14.30 22.23 28.31
N SER B 155 -14.36 21.94 27.00
CA SER B 155 -15.58 21.36 26.45
C SER B 155 -15.68 19.87 26.76
N ARG B 156 -14.57 19.16 26.76
CA ARG B 156 -14.63 17.72 26.99
C ARG B 156 -15.18 17.35 28.36
N ALA B 157 -15.21 18.30 29.30
CA ALA B 157 -15.53 17.96 30.69
C ALA B 157 -16.99 17.66 30.91
N ALA B 158 -17.86 18.09 29.99
CA ALA B 158 -19.29 17.86 30.06
C ALA B 158 -19.60 16.38 30.14
N ASN B 159 -18.58 15.55 29.99
CA ASN B 159 -18.68 14.12 30.23
C ASN B 159 -18.13 13.72 31.59
N GLY B 160 -17.81 14.69 32.43
CA GLY B 160 -17.11 14.38 33.64
C GLY B 160 -15.62 14.43 33.42
N VAL B 161 -14.89 14.45 34.51
CA VAL B 161 -13.44 14.56 34.47
C VAL B 161 -12.89 13.51 35.41
N VAL B 162 -11.85 12.81 34.99
CA VAL B 162 -11.17 11.96 35.94
C VAL B 162 -9.81 12.54 36.29
N MET B 163 -9.76 13.40 37.30
CA MET B 163 -8.50 13.97 37.75
C MET B 163 -7.69 12.92 38.50
N ILE B 164 -6.54 12.54 37.92
CA ILE B 164 -5.57 11.65 38.56
C ILE B 164 -4.45 12.52 39.11
N THR B 165 -3.76 12.05 40.15
CA THR B 165 -2.65 12.79 40.77
C THR B 165 -1.56 11.80 41.12
N THR B 166 -0.39 11.99 40.55
CA THR B 166 0.65 10.97 40.63
C THR B 166 1.49 11.14 41.89
N LYS B 167 1.90 10.01 42.46
CA LYS B 167 2.72 9.98 43.66
C LYS B 167 4.01 10.75 43.44
N SER B 168 4.55 11.31 44.53
CA SER B 168 5.70 12.21 44.41
C SER B 168 6.83 11.88 45.38
N GLY B 169 7.27 12.85 46.18
CA GLY B 169 8.53 12.72 46.90
C GLY B 169 8.43 12.12 48.31
N ARG B 170 9.59 11.94 48.91
CA ARG B 170 9.74 11.44 50.29
C ARG B 170 10.00 12.66 51.24
N LYS B 171 10.84 12.69 52.29
CA LYS B 171 11.76 11.69 52.83
C LYS B 171 10.97 10.62 53.57
N GLU B 172 11.57 9.44 53.74
CA GLU B 172 10.85 8.34 54.37
C GLU B 172 11.84 7.20 54.58
N LYS B 173 11.66 6.48 55.68
CA LYS B 173 12.47 5.34 56.14
C LYS B 173 14.02 5.43 55.84
N GLY B 174 14.67 4.76 54.87
CA GLY B 174 14.20 4.00 53.73
C GLY B 174 14.89 4.55 52.51
N VAL B 175 15.32 3.69 51.58
CA VAL B 175 15.96 4.23 50.38
C VAL B 175 14.95 4.79 49.37
N GLY B 176 13.69 4.37 49.45
CA GLY B 176 12.65 4.96 48.62
C GLY B 176 12.20 4.03 47.52
N ILE B 177 12.12 2.74 47.83
CA ILE B 177 11.86 1.71 46.85
C ILE B 177 10.65 0.91 47.29
N GLU B 178 9.59 0.92 46.48
CA GLU B 178 8.46 0.00 46.61
C GLU B 178 8.58 -1.09 45.56
N TYR B 179 8.05 -2.26 45.86
CA TYR B 179 8.01 -3.33 44.86
C TYR B 179 6.77 -4.18 45.07
N ASN B 180 5.84 -4.14 44.12
CA ASN B 180 4.72 -5.07 44.07
C ASN B 180 4.91 -6.03 42.90
N GLY B 181 5.02 -7.31 43.19
CA GLY B 181 5.15 -8.32 42.18
C GLY B 181 4.09 -9.38 42.36
N GLY B 182 3.15 -9.46 41.40
CA GLY B 182 1.98 -10.28 41.54
C GLY B 182 1.93 -11.41 40.51
N VAL B 183 1.04 -12.36 40.78
CA VAL B 183 0.89 -13.57 39.99
C VAL B 183 -0.55 -14.03 40.08
N GLN B 184 -1.32 -14.00 38.98
CA GLN B 184 -2.73 -14.36 39.06
C GLN B 184 -3.09 -15.38 38.00
N TRP B 185 -4.13 -16.16 38.27
CA TRP B 185 -4.68 -17.09 37.31
C TRP B 185 -6.06 -16.61 36.87
N SER B 186 -6.57 -17.19 35.80
CA SER B 186 -7.91 -16.85 35.33
C SER B 186 -8.59 -18.08 34.76
N THR B 187 -9.88 -18.19 35.03
CA THR B 187 -10.71 -19.34 34.75
C THR B 187 -12.01 -18.85 34.13
N VAL B 188 -12.65 -19.70 33.31
CA VAL B 188 -13.87 -19.28 32.64
C VAL B 188 -15.00 -19.09 33.63
N LEU B 189 -15.76 -18.01 33.43
CA LEU B 189 -16.75 -17.56 34.42
C LEU B 189 -18.11 -18.17 34.16
N ARG B 190 -18.72 -17.82 33.05
CA ARG B 190 -20.04 -18.33 32.71
C ARG B 190 -20.00 -18.95 31.33
N LEU B 191 -20.13 -20.19 31.27
CA LEU B 191 -20.45 -20.65 29.93
C LEU B 191 -21.96 -20.79 29.79
N PRO B 192 -22.50 -20.65 28.57
CA PRO B 192 -23.95 -20.84 28.38
C PRO B 192 -24.40 -22.23 28.81
N GLU B 193 -25.65 -22.30 29.29
CA GLU B 193 -26.14 -23.52 29.90
C GLU B 193 -26.63 -24.49 28.85
N PHE B 194 -26.00 -25.64 28.79
CA PHE B 194 -26.22 -26.57 27.69
C PHE B 194 -27.21 -27.67 28.05
N GLN B 195 -27.73 -28.27 26.99
CA GLN B 195 -28.61 -29.43 27.02
C GLN B 195 -27.81 -30.69 26.77
N ASN B 196 -28.03 -31.71 27.59
CA ASN B 196 -27.27 -32.96 27.46
C ASN B 196 -28.18 -34.14 27.20
N GLU B 197 -29.20 -33.92 26.38
CA GLU B 197 -30.21 -34.93 26.10
C GLU B 197 -30.18 -35.44 24.68
N PHE B 198 -29.77 -34.61 23.73
CA PHE B 198 -29.71 -34.97 22.32
C PHE B 198 -28.37 -34.55 21.73
N GLY B 199 -27.83 -35.40 20.87
CA GLY B 199 -26.53 -35.23 20.24
C GLY B 199 -26.63 -34.78 18.79
N MET B 200 -25.69 -35.25 17.98
CA MET B 200 -25.48 -34.69 16.66
C MET B 200 -26.60 -35.05 15.71
N GLY B 201 -27.19 -34.04 15.08
CA GLY B 201 -28.19 -34.28 14.06
C GLY B 201 -28.84 -33.00 13.58
N TRP B 202 -29.85 -33.18 12.73
CA TRP B 202 -30.65 -32.10 12.17
C TRP B 202 -32.02 -32.66 11.85
N ASN B 203 -33.05 -31.84 12.05
CA ASN B 203 -34.45 -32.18 11.90
C ASN B 203 -34.88 -33.20 12.95
N GLY B 204 -34.02 -33.56 13.89
CA GLY B 204 -34.26 -34.65 14.81
C GLY B 204 -33.60 -35.96 14.42
N ASN B 205 -33.08 -36.07 13.21
CA ASN B 205 -32.48 -37.29 12.71
C ASN B 205 -30.96 -37.27 12.87
N HIS B 206 -30.37 -38.46 12.79
CA HIS B 206 -28.95 -38.65 13.03
C HIS B 206 -28.12 -38.25 11.82
N THR B 207 -27.03 -37.55 12.08
CA THR B 207 -26.12 -37.12 11.04
C THR B 207 -24.70 -37.29 11.53
N GLU B 208 -23.79 -37.50 10.57
CA GLU B 208 -22.40 -37.73 10.92
C GLU B 208 -21.60 -36.44 10.97
N LEU B 209 -22.08 -35.39 10.31
CA LEU B 209 -21.27 -34.23 10.01
C LEU B 209 -21.87 -32.92 10.48
N GLU B 210 -22.89 -32.96 11.34
CA GLU B 210 -23.61 -31.73 11.67
C GLU B 210 -22.78 -30.86 12.58
N ASN B 211 -23.18 -29.60 12.66
CA ASN B 211 -22.60 -28.64 13.60
C ASN B 211 -23.61 -28.22 14.66
N GLY B 212 -24.42 -29.14 15.15
CA GLY B 212 -25.40 -28.78 16.15
C GLY B 212 -26.04 -30.04 16.67
N SER B 213 -26.89 -29.88 17.68
CA SER B 213 -27.44 -31.04 18.36
C SER B 213 -28.93 -31.23 18.20
N TRP B 214 -29.39 -31.33 16.96
CA TRP B 214 -30.77 -31.73 16.71
C TRP B 214 -30.83 -33.19 16.34
N GLY B 215 -30.25 -34.05 17.17
CA GLY B 215 -30.19 -35.47 16.87
C GLY B 215 -31.02 -36.28 17.84
N PRO B 216 -31.07 -37.59 17.63
CA PRO B 216 -31.87 -38.44 18.51
C PRO B 216 -31.40 -38.37 19.96
N ARG B 217 -32.24 -38.87 20.86
CA ARG B 217 -31.87 -38.91 22.26
C ARG B 217 -30.72 -39.89 22.48
N PHE B 218 -30.01 -39.70 23.58
CA PHE B 218 -28.73 -40.37 23.79
C PHE B 218 -28.93 -41.84 24.12
N ASP B 219 -28.67 -42.69 23.13
CA ASP B 219 -28.78 -44.15 23.30
C ASP B 219 -27.75 -44.68 24.26
N GLY B 220 -26.50 -44.25 24.10
CA GLY B 220 -25.37 -45.01 24.55
C GLY B 220 -24.87 -46.01 23.53
N SER B 221 -25.62 -46.21 22.44
CA SER B 221 -25.19 -47.08 21.36
C SER B 221 -23.99 -46.47 20.64
N MET B 222 -23.42 -47.25 19.74
CA MET B 222 -22.24 -46.80 19.00
C MET B 222 -22.63 -46.43 17.57
N GLN B 223 -22.36 -45.19 17.20
CA GLN B 223 -22.66 -44.67 15.89
C GLN B 223 -21.39 -44.08 15.30
N LEU B 224 -21.41 -43.88 13.99
CA LEU B 224 -20.27 -43.25 13.34
C LEU B 224 -20.28 -41.75 13.66
N TRP B 225 -19.29 -41.04 13.12
CA TRP B 225 -19.27 -39.58 13.11
C TRP B 225 -18.01 -39.13 12.37
N GLY B 226 -17.97 -37.84 12.05
CA GLY B 226 -16.82 -37.29 11.37
C GLY B 226 -16.71 -37.74 9.92
N ASN B 227 -15.87 -37.04 9.17
CA ASN B 227 -15.67 -37.33 7.78
C ASN B 227 -15.01 -38.69 7.60
N VAL B 228 -14.89 -39.12 6.35
CA VAL B 228 -14.26 -40.39 6.03
C VAL B 228 -12.87 -40.11 5.49
N TYR B 229 -11.85 -40.73 6.10
CA TYR B 229 -10.47 -40.59 5.65
C TYR B 229 -9.90 -41.97 5.35
N ASN B 230 -9.35 -42.12 4.15
CA ASN B 230 -8.70 -43.36 3.72
C ASN B 230 -9.56 -44.58 4.05
N ASN B 231 -10.83 -44.51 3.72
CA ASN B 231 -11.74 -45.64 3.88
C ASN B 231 -11.76 -46.12 5.33
N SER B 232 -11.96 -45.16 6.24
CA SER B 232 -12.05 -45.42 7.66
C SER B 232 -12.79 -44.25 8.30
N GLN B 233 -13.45 -44.53 9.42
CA GLN B 233 -14.22 -43.50 10.09
C GLN B 233 -14.19 -43.73 11.58
N LYS B 234 -14.21 -42.64 12.34
CA LYS B 234 -14.27 -42.76 13.79
C LYS B 234 -15.65 -43.25 14.21
N LEU B 235 -15.74 -43.73 15.44
CA LEU B 235 -16.87 -44.54 15.87
C LEU B 235 -16.90 -44.52 17.39
N LYS B 236 -17.91 -43.89 17.97
CA LYS B 236 -17.87 -43.58 19.39
C LYS B 236 -19.24 -43.82 20.01
N PRO B 237 -19.29 -44.07 21.32
CA PRO B 237 -20.59 -44.18 21.98
C PRO B 237 -21.33 -42.85 21.93
N TYR B 238 -22.59 -42.91 21.50
CA TYR B 238 -23.47 -41.75 21.42
C TYR B 238 -23.90 -41.37 22.83
N VAL B 239 -23.06 -40.60 23.52
CA VAL B 239 -23.39 -40.12 24.85
C VAL B 239 -22.95 -38.67 24.98
N ALA B 240 -23.68 -37.94 25.82
CA ALA B 240 -23.40 -36.54 26.04
C ALA B 240 -22.03 -36.37 26.71
N MET B 241 -21.34 -35.31 26.33
CA MET B 241 -20.09 -34.91 26.96
C MET B 241 -20.34 -33.55 27.59
N PRO B 242 -20.90 -33.53 28.80
CA PRO B 242 -21.41 -32.26 29.34
C PRO B 242 -20.34 -31.20 29.56
N ASP B 243 -19.08 -31.59 29.68
CA ASP B 243 -18.01 -30.65 29.97
C ASP B 243 -17.12 -30.37 28.76
N ASN B 244 -17.57 -30.73 27.55
CA ASN B 244 -16.65 -30.69 26.42
C ASN B 244 -16.24 -29.28 26.06
N ILE B 245 -17.12 -28.30 26.23
CA ILE B 245 -16.68 -26.92 26.04
C ILE B 245 -15.96 -26.38 27.27
N LYS B 246 -16.43 -26.67 28.48
CA LYS B 246 -15.72 -26.20 29.66
C LYS B 246 -14.27 -26.68 29.64
N ASP B 247 -14.04 -27.89 29.14
CA ASP B 247 -12.69 -28.43 29.10
C ASP B 247 -11.80 -27.73 28.06
N PHE B 248 -12.40 -26.99 27.13
CA PHE B 248 -11.61 -26.40 26.07
C PHE B 248 -10.64 -25.35 26.58
N PHE B 249 -11.01 -24.64 27.63
CA PHE B 249 -10.24 -23.49 28.10
C PHE B 249 -9.19 -23.94 29.11
N ASP B 250 -8.06 -23.24 29.11
CA ASP B 250 -6.98 -23.51 30.05
C ASP B 250 -7.15 -22.56 31.23
N ALA B 251 -6.07 -22.31 31.98
CA ALA B 251 -6.10 -21.34 33.07
C ALA B 251 -5.17 -20.21 32.68
N GLY B 252 -5.73 -19.02 32.46
CA GLY B 252 -4.89 -17.94 32.00
C GLY B 252 -3.88 -17.57 33.07
N PHE B 253 -2.69 -17.19 32.66
CA PHE B 253 -1.63 -16.86 33.60
C PHE B 253 -1.12 -15.45 33.33
N ARG B 254 -0.86 -14.67 34.39
CA ARG B 254 -0.39 -13.30 34.25
C ARG B 254 0.55 -12.92 35.39
N TYR B 255 1.80 -12.63 35.07
CA TYR B 255 2.71 -12.10 36.07
C TYR B 255 2.88 -10.60 35.90
N SER B 256 3.08 -9.91 37.00
CA SER B 256 3.23 -8.46 36.95
C SER B 256 4.30 -8.02 37.92
N ASN B 257 5.18 -7.13 37.49
CA ASN B 257 6.30 -6.63 38.28
C ASN B 257 6.30 -5.12 38.25
N SER B 258 6.27 -4.48 39.41
CA SER B 258 6.35 -3.03 39.45
C SER B 258 7.50 -2.60 40.34
N LEU B 259 7.87 -1.32 40.23
CA LEU B 259 9.05 -0.80 40.92
C LEU B 259 9.13 0.72 40.92
N SER B 260 9.42 1.31 42.07
CA SER B 260 9.43 2.75 42.16
C SER B 260 10.66 3.18 42.95
N PHE B 261 11.15 4.38 42.66
CA PHE B 261 12.31 4.94 43.32
C PHE B 261 12.01 6.37 43.72
N ASN B 262 12.21 6.70 44.99
CA ASN B 262 11.58 7.88 45.53
C ASN B 262 12.49 8.57 46.53
N GLY B 263 12.33 9.90 46.65
CA GLY B 263 13.11 10.71 47.57
C GLY B 263 12.74 12.16 47.40
N ALA B 264 13.14 12.99 48.36
CA ALA B 264 12.82 14.41 48.27
C ALA B 264 13.73 15.24 49.17
N THR B 265 13.67 16.55 49.00
CA THR B 265 14.37 17.52 49.84
C THR B 265 13.41 18.65 50.17
N ASP B 266 13.93 19.69 50.81
CA ASP B 266 13.15 20.89 51.11
C ASP B 266 12.90 21.75 49.89
N LYS B 267 13.52 21.46 48.75
CA LYS B 267 13.34 22.27 47.54
C LYS B 267 13.11 21.46 46.28
N SER B 268 13.02 20.13 46.37
CA SER B 268 12.86 19.31 45.18
C SER B 268 11.99 18.10 45.53
N ASP B 269 11.71 17.29 44.51
CA ASP B 269 11.26 15.91 44.68
C ASP B 269 11.56 15.16 43.39
N TYR B 270 11.44 13.84 43.45
CA TYR B 270 11.76 13.00 42.29
C TYR B 270 11.16 11.62 42.49
N TYR B 271 10.39 11.16 41.49
CA TYR B 271 9.79 9.84 41.52
C TYR B 271 10.09 9.16 40.19
N VAL B 272 10.62 7.95 40.22
CA VAL B 272 10.83 7.14 39.02
C VAL B 272 10.15 5.80 39.23
N SER B 273 9.49 5.29 38.20
CA SER B 273 8.65 4.12 38.35
C SER B 273 8.69 3.28 37.09
N PHE B 274 8.58 1.98 37.27
CA PHE B 274 8.52 1.03 36.16
C PHE B 274 7.50 -0.06 36.47
N SER B 275 6.89 -0.60 35.41
CA SER B 275 5.83 -1.58 35.57
C SER B 275 5.74 -2.49 34.35
N GLN B 276 5.57 -3.78 34.60
CA GLN B 276 5.50 -4.79 33.55
C GLN B 276 4.33 -5.73 33.85
N ILE B 277 3.48 -5.98 32.85
CA ILE B 277 2.37 -6.92 32.97
C ILE B 277 2.40 -7.85 31.77
N SER B 278 2.18 -9.13 32.01
CA SER B 278 2.27 -10.12 30.95
C SER B 278 1.24 -11.20 31.15
N ASP B 279 0.19 -11.11 30.36
CA ASP B 279 -1.04 -11.85 30.49
C ASP B 279 -1.10 -12.84 29.36
N ASP B 280 -1.61 -14.04 29.64
CA ASP B 280 -1.95 -15.02 28.61
C ASP B 280 -3.27 -15.65 29.03
N GLY B 281 -4.38 -15.14 28.49
CA GLY B 281 -5.70 -15.46 28.97
C GLY B 281 -6.12 -16.88 28.67
N MET B 282 -7.35 -17.19 29.10
CA MET B 282 -7.78 -18.58 29.28
C MET B 282 -8.09 -19.30 27.99
N ILE B 283 -8.18 -18.59 26.87
CA ILE B 283 -8.31 -19.32 25.61
C ILE B 283 -7.03 -20.10 25.38
N PRO B 284 -7.05 -21.27 24.79
CA PRO B 284 -5.79 -21.95 24.53
C PRO B 284 -4.98 -21.14 23.55
N THR B 285 -3.65 -21.27 23.64
CA THR B 285 -2.65 -20.57 22.84
C THR B 285 -2.32 -19.20 23.39
N ASP B 286 -1.16 -18.70 22.99
CA ASP B 286 -0.73 -17.31 23.05
C ASP B 286 -1.63 -16.35 22.32
N ALA B 287 -2.79 -16.81 21.85
CA ALA B 287 -3.64 -15.98 21.02
C ALA B 287 -4.22 -14.79 21.79
N ASP B 288 -4.31 -14.88 23.10
CA ASP B 288 -4.95 -13.88 23.95
C ASP B 288 -3.90 -13.20 24.83
N SER B 289 -3.02 -12.41 24.22
CA SER B 289 -1.86 -11.96 24.96
C SER B 289 -1.96 -10.47 25.23
N TYR B 290 -1.40 -10.04 26.35
CA TYR B 290 -1.31 -8.61 26.67
C TYR B 290 -0.01 -8.41 27.39
N ASP B 291 0.85 -7.54 26.88
CA ASP B 291 2.09 -7.17 27.53
C ASP B 291 2.06 -5.66 27.74
N LYS B 292 2.31 -5.22 28.96
CA LYS B 292 2.32 -3.80 29.26
C LYS B 292 3.60 -3.48 29.98
N TYR B 293 4.34 -2.49 29.47
CA TYR B 293 5.51 -1.94 30.16
C TYR B 293 5.29 -0.45 30.24
N THR B 294 5.64 0.15 31.38
CA THR B 294 5.61 1.59 31.49
C THR B 294 6.91 2.10 32.09
N PHE B 295 7.08 3.42 32.03
CA PHE B 295 8.23 4.07 32.63
C PHE B 295 7.85 5.52 32.87
N SER B 296 8.39 6.09 33.93
CA SER B 296 7.92 7.40 34.35
C SER B 296 8.95 8.06 35.24
N ALA B 297 9.21 9.34 35.00
CA ALA B 297 10.08 10.14 35.83
C ALA B 297 9.39 11.45 36.10
N ARG B 298 9.30 11.85 37.37
CA ARG B 298 8.51 13.01 37.72
C ARG B 298 9.21 13.77 38.83
N GLY B 299 9.71 14.94 38.48
CA GLY B 299 10.52 15.72 39.40
C GLY B 299 10.08 17.16 39.43
N SER B 300 10.24 17.76 40.58
CA SER B 300 9.95 19.16 40.78
C SER B 300 11.19 19.77 41.44
N HIS B 301 11.29 21.09 41.36
CA HIS B 301 12.36 21.78 42.08
C HIS B 301 11.90 23.20 42.35
N LYS B 302 12.24 23.71 43.51
CA LYS B 302 11.90 25.07 43.90
C LYS B 302 13.19 25.84 44.15
N ALA B 303 13.23 27.05 43.63
CA ALA B 303 14.41 27.89 43.75
C ALA B 303 13.94 29.31 43.53
N GLY B 304 13.26 29.85 44.52
CA GLY B 304 12.47 31.04 44.30
C GLY B 304 11.24 30.71 45.10
N ALA B 305 10.10 31.39 44.97
CA ALA B 305 9.59 32.18 43.84
C ALA B 305 9.28 31.27 42.67
N LEU B 306 10.31 30.76 42.02
CA LEU B 306 10.16 29.96 40.81
C LEU B 306 10.20 28.47 41.12
N THR B 307 9.20 27.74 40.65
CA THR B 307 9.17 26.30 40.72
C THR B 307 9.10 25.75 39.30
N PHE B 308 9.85 24.69 39.03
CA PHE B 308 9.68 24.00 37.75
C PHE B 308 9.67 22.51 37.98
N SER B 309 8.72 21.83 37.36
CA SER B 309 8.53 20.41 37.49
C SER B 309 8.36 19.80 36.10
N SER B 310 8.45 18.48 36.03
CA SER B 310 8.30 17.85 34.74
C SER B 310 8.01 16.37 34.92
N SER B 311 6.91 15.91 34.31
CA SER B 311 6.50 14.51 34.28
C SER B 311 6.67 13.98 32.86
N LEU B 312 7.42 12.90 32.70
CA LEU B 312 7.62 12.27 31.40
C LEU B 312 7.34 10.78 31.56
N ASN B 313 6.68 10.18 30.56
CA ASN B 313 6.27 8.79 30.68
C ASN B 313 6.35 8.10 29.32
N TYR B 314 6.78 6.85 29.32
CA TYR B 314 6.74 6.00 28.14
C TYR B 314 5.87 4.80 28.45
N ALA B 315 5.06 4.35 27.49
CA ALA B 315 4.16 3.23 27.74
C ALA B 315 4.10 2.35 26.50
N TYR B 316 4.43 1.07 26.66
CA TYR B 316 4.40 0.08 25.60
C TYR B 316 3.19 -0.85 25.77
N GLN B 317 2.82 -1.56 24.71
CA GLN B 317 1.80 -2.58 24.83
C GLN B 317 1.77 -3.42 23.56
N LYS B 318 1.56 -4.72 23.73
CA LYS B 318 1.49 -5.65 22.61
C LYS B 318 0.34 -6.60 22.86
N ASN B 319 -0.76 -6.41 22.16
CA ASN B 319 -1.93 -7.24 22.32
C ASN B 319 -1.99 -8.25 21.18
N ASN B 320 -2.50 -9.43 21.48
CA ASN B 320 -2.95 -10.39 20.48
C ASN B 320 -4.33 -10.85 20.89
N PHE B 321 -5.25 -10.85 19.94
CA PHE B 321 -6.66 -11.10 20.21
C PHE B 321 -7.10 -12.39 19.55
N ALA B 322 -8.03 -13.07 20.18
CA ALA B 322 -8.66 -14.23 19.60
C ALA B 322 -9.95 -13.69 18.99
N THR B 323 -9.86 -13.24 17.76
CA THR B 323 -10.97 -12.65 17.02
C THR B 323 -12.34 -13.28 17.25
N THR B 324 -13.39 -12.49 17.23
CA THR B 324 -14.75 -12.96 17.32
C THR B 324 -15.49 -12.63 16.03
N GLY B 325 -16.74 -13.08 15.93
CA GLY B 325 -17.52 -12.72 14.77
C GLY B 325 -18.29 -13.90 14.23
N GLN B 326 -19.04 -13.70 13.14
CA GLN B 326 -19.87 -14.75 12.60
C GLN B 326 -19.17 -15.63 11.58
N GLY B 327 -17.85 -15.53 11.46
CA GLY B 327 -17.16 -16.13 10.33
C GLY B 327 -16.56 -17.48 10.66
N LEU B 328 -15.26 -17.60 10.44
CA LEU B 328 -14.49 -18.75 10.92
C LEU B 328 -13.67 -18.35 12.15
N SER B 329 -14.35 -17.86 13.18
CA SER B 329 -13.65 -17.42 14.37
C SER B 329 -13.62 -18.55 15.40
N MET B 330 -12.91 -18.34 16.52
CA MET B 330 -12.68 -19.41 17.50
C MET B 330 -13.91 -19.69 18.35
N LEU B 331 -14.63 -18.66 18.75
CA LEU B 331 -15.78 -18.94 19.59
C LEU B 331 -16.96 -19.40 18.75
N ASN B 332 -17.31 -18.65 17.70
CA ASN B 332 -18.40 -19.04 16.82
C ASN B 332 -18.20 -20.44 16.28
N SER B 333 -16.95 -20.87 16.21
CA SER B 333 -16.65 -22.22 15.77
C SER B 333 -16.79 -23.21 16.92
N LEU B 334 -16.51 -22.75 18.15
CA LEU B 334 -16.61 -23.62 19.32
C LEU B 334 -18.06 -23.93 19.66
N TYR B 335 -18.91 -22.90 19.71
CA TYR B 335 -20.29 -23.11 20.09
C TYR B 335 -21.01 -24.02 19.12
N GLN B 336 -20.61 -24.02 17.86
CA GLN B 336 -21.29 -24.85 16.88
C GLN B 336 -20.80 -26.30 16.94
N THR B 337 -20.81 -26.91 18.12
CA THR B 337 -20.30 -28.26 18.34
C THR B 337 -21.39 -29.13 18.95
N PRO B 338 -21.66 -30.31 18.40
CA PRO B 338 -22.69 -31.14 18.99
C PRO B 338 -22.31 -31.52 20.42
N ARG B 339 -23.32 -31.82 21.23
CA ARG B 339 -23.07 -32.10 22.63
C ARG B 339 -22.32 -33.41 22.83
N ASP B 340 -22.26 -34.27 21.83
CA ASP B 340 -21.59 -35.55 22.06
C ASP B 340 -20.14 -35.55 21.60
N ILE B 341 -19.67 -34.46 20.99
CA ILE B 341 -18.34 -34.42 20.40
C ILE B 341 -17.34 -33.87 21.38
N SER B 342 -16.15 -34.43 21.35
CA SER B 342 -15.12 -34.10 22.31
C SER B 342 -14.23 -33.01 21.73
N ILE B 343 -14.26 -31.82 22.32
CA ILE B 343 -13.50 -30.72 21.74
C ILE B 343 -12.02 -30.96 21.92
N ILE B 344 -11.59 -31.20 23.16
CA ILE B 344 -10.16 -31.29 23.43
C ILE B 344 -9.54 -32.41 22.61
N GLY B 345 -10.35 -33.34 22.13
CA GLY B 345 -9.88 -34.39 21.25
C GLY B 345 -9.69 -34.00 19.81
N LEU B 346 -9.76 -32.70 19.50
CA LEU B 346 -9.58 -32.19 18.14
C LEU B 346 -8.27 -31.47 17.92
N GLU B 347 -7.49 -31.25 18.98
CA GLU B 347 -6.33 -30.38 18.85
C GLU B 347 -5.23 -31.03 18.04
N ASP B 348 -4.94 -32.30 18.30
CA ASP B 348 -3.81 -33.01 17.71
C ASP B 348 -3.88 -33.09 16.19
N GLN B 349 -3.17 -32.17 15.53
CA GLN B 349 -3.11 -32.05 14.08
C GLN B 349 -2.50 -33.26 13.39
N ASN B 350 -1.87 -34.16 14.13
CA ASN B 350 -1.34 -35.36 13.52
C ASN B 350 -2.42 -36.40 13.31
N ASP B 351 -3.63 -36.11 13.77
CA ASP B 351 -4.79 -36.97 13.62
C ASP B 351 -5.54 -36.53 12.39
N PRO B 352 -5.43 -37.22 11.27
CA PRO B 352 -5.93 -36.67 10.01
C PRO B 352 -7.34 -36.14 10.13
N PHE B 353 -8.19 -36.81 10.91
CA PHE B 353 -9.59 -36.44 11.04
C PHE B 353 -9.77 -35.06 11.65
N ASN B 354 -8.72 -34.44 12.21
CA ASN B 354 -8.80 -33.09 12.74
C ASN B 354 -8.18 -32.04 11.82
N THR B 355 -7.46 -32.45 10.78
CA THR B 355 -6.94 -31.49 9.82
C THR B 355 -8.10 -30.87 9.04
N PRO B 356 -7.90 -29.72 8.42
CA PRO B 356 -9.04 -28.95 7.92
C PRO B 356 -9.86 -29.62 6.82
N GLY B 357 -9.25 -30.39 5.95
CA GLY B 357 -10.03 -31.00 4.90
C GLY B 357 -10.80 -32.22 5.32
N TYR B 358 -10.76 -32.56 6.60
CA TYR B 358 -11.48 -33.71 7.12
C TYR B 358 -12.10 -33.45 8.48
N TYR B 359 -12.05 -32.22 8.98
CA TYR B 359 -12.73 -31.81 10.20
C TYR B 359 -14.12 -32.41 10.24
N TYR B 360 -14.63 -32.71 11.45
CA TYR B 360 -15.87 -33.47 11.54
C TYR B 360 -17.07 -32.74 10.95
N THR B 361 -17.05 -31.42 10.84
CA THR B 361 -18.16 -30.69 10.27
C THR B 361 -17.74 -29.62 9.25
N PRO B 362 -18.36 -29.56 8.08
CA PRO B 362 -18.00 -28.55 7.08
C PRO B 362 -18.86 -27.31 7.11
N TYR B 363 -19.81 -27.21 8.01
CA TYR B 363 -20.89 -26.25 7.86
C TYR B 363 -20.51 -24.84 8.33
N GLY B 364 -19.50 -24.28 7.71
CA GLY B 364 -19.22 -22.85 7.87
C GLY B 364 -18.46 -22.49 9.13
N VAL B 365 -17.52 -23.34 9.51
CA VAL B 365 -16.96 -23.50 10.84
C VAL B 365 -15.68 -24.29 10.73
N MET B 366 -14.69 -24.02 11.59
CA MET B 366 -13.42 -24.72 11.53
C MET B 366 -12.95 -25.10 12.92
N ASN B 367 -12.23 -26.23 13.03
CA ASN B 367 -11.54 -26.66 14.25
C ASN B 367 -11.05 -25.45 15.02
N PRO B 368 -11.51 -25.23 16.24
CA PRO B 368 -11.09 -24.02 16.96
C PRO B 368 -9.62 -23.98 17.32
N TYR B 369 -8.95 -25.13 17.44
CA TYR B 369 -7.51 -25.12 17.66
C TYR B 369 -6.77 -24.60 16.43
N TYR B 370 -7.15 -25.09 15.25
CA TYR B 370 -6.52 -24.59 14.01
C TYR B 370 -6.75 -23.11 13.83
N ILE B 371 -7.86 -22.57 14.31
CA ILE B 371 -8.05 -21.14 14.12
C ILE B 371 -7.09 -20.37 15.00
N LEU B 372 -6.92 -20.79 16.25
CA LEU B 372 -6.09 -20.03 17.16
C LEU B 372 -4.61 -20.19 16.83
N ASN B 373 -4.23 -21.18 16.05
CA ASN B 373 -2.83 -21.41 15.77
C ASN B 373 -2.36 -20.87 14.43
N ASN B 374 -3.25 -20.56 13.50
CA ASN B 374 -2.82 -20.18 12.16
C ASN B 374 -3.34 -18.83 11.69
N TYR B 375 -4.17 -18.15 12.48
CA TYR B 375 -4.60 -16.80 12.18
C TYR B 375 -3.83 -15.83 13.05
N LEU B 376 -3.70 -14.61 12.59
CA LEU B 376 -2.86 -13.63 13.26
C LEU B 376 -3.66 -12.36 13.47
N ASN B 377 -3.49 -11.74 14.64
CA ASN B 377 -4.20 -10.50 14.93
C ASN B 377 -3.42 -9.77 16.02
N GLU B 378 -2.45 -8.96 15.62
CA GLU B 378 -1.50 -8.39 16.54
C GLU B 378 -1.66 -6.88 16.61
N TYR B 379 -1.22 -6.29 17.72
CA TYR B 379 -1.12 -4.85 17.90
C TYR B 379 0.06 -4.54 18.80
N GLU B 380 0.78 -3.47 18.50
CA GLU B 380 1.94 -3.03 19.27
C GLU B 380 1.95 -1.51 19.28
N SER B 381 2.24 -0.92 20.44
CA SER B 381 1.96 0.49 20.63
C SER B 381 3.02 1.13 21.49
N GLU B 382 3.67 2.15 20.97
CA GLU B 382 4.62 2.92 21.75
C GLU B 382 4.04 4.31 21.93
N ARG B 383 4.18 4.87 23.12
CA ARG B 383 3.56 6.15 23.43
C ARG B 383 4.49 6.96 24.32
N PHE B 384 4.52 8.27 24.11
CA PHE B 384 5.26 9.17 24.97
C PHE B 384 4.35 10.28 25.42
N TYR B 385 4.35 10.59 26.71
CA TYR B 385 3.55 11.72 27.17
C TYR B 385 4.16 12.36 28.39
N GLY B 386 3.71 13.57 28.66
CA GLY B 386 4.09 14.23 29.89
C GLY B 386 3.86 15.72 29.83
N LYS B 387 4.44 16.42 30.80
CA LYS B 387 4.19 17.82 30.95
C LYS B 387 5.42 18.55 31.46
N PHE B 388 5.41 19.84 31.24
CA PHE B 388 6.33 20.77 31.85
C PHE B 388 5.47 21.81 32.51
N GLN B 389 5.89 22.29 33.69
CA GLN B 389 5.09 23.24 34.43
C GLN B 389 6.02 24.16 35.19
N LEU B 390 5.74 25.46 35.09
CA LEU B 390 6.60 26.50 35.62
C LEU B 390 5.74 27.41 36.49
N ASP B 391 5.67 27.11 37.78
CA ASP B 391 4.99 27.99 38.71
C ASP B 391 5.91 29.16 39.06
N TYR B 392 5.34 30.34 39.25
CA TYR B 392 6.14 31.47 39.69
C TYR B 392 5.24 32.42 40.47
N GLU B 393 5.49 32.53 41.79
CA GLU B 393 4.74 33.37 42.71
C GLU B 393 5.37 34.76 42.79
N PHE B 394 4.53 35.77 42.99
CA PHE B 394 5.00 37.15 42.94
C PHE B 394 3.96 38.10 43.55
N LEU B 395 4.46 39.24 44.06
CA LEU B 395 3.60 40.26 44.68
C LEU B 395 2.67 39.65 45.72
N LYS B 396 3.22 38.70 46.50
CA LYS B 396 2.61 38.18 47.70
C LYS B 396 1.33 37.39 47.40
N TYR B 397 0.42 37.97 46.63
CA TYR B 397 -0.89 37.37 46.45
C TYR B 397 -1.14 36.86 45.04
N PHE B 398 -0.11 36.56 44.26
CA PHE B 398 -0.31 36.11 42.90
C PHE B 398 0.60 34.93 42.56
N LYS B 399 0.18 34.14 41.58
CA LYS B 399 0.96 33.01 41.09
C LYS B 399 0.75 32.87 39.59
N PHE B 400 1.80 32.43 38.91
CA PHE B 400 1.78 32.23 37.46
C PHE B 400 2.03 30.76 37.17
N THR B 401 1.26 30.19 36.26
CA THR B 401 1.51 28.81 35.88
C THR B 401 1.37 28.67 34.38
N TYR B 402 2.40 28.10 33.76
CA TYR B 402 2.38 27.64 32.39
C TYR B 402 2.49 26.13 32.41
N ARG B 403 1.75 25.46 31.54
CA ARG B 403 1.73 24.01 31.59
C ARG B 403 1.48 23.48 30.18
N MET B 404 2.51 22.91 29.56
CA MET B 404 2.43 22.28 28.24
C MET B 404 2.39 20.77 28.41
N GLY B 405 1.63 20.10 27.55
CA GLY B 405 1.53 18.66 27.61
C GLY B 405 1.50 18.07 26.22
N LEU B 406 2.07 16.88 26.10
CA LEU B 406 2.23 16.23 24.80
C LEU B 406 1.96 14.75 24.99
N ASP B 407 1.16 14.13 24.10
CA ASP B 407 0.71 12.74 24.28
C ASP B 407 0.70 12.08 22.91
N THR B 408 1.88 11.67 22.46
CA THR B 408 2.07 11.17 21.11
C THR B 408 2.17 9.64 21.14
N THR B 409 1.57 8.99 20.15
CA THR B 409 1.52 7.55 20.09
C THR B 409 1.81 7.08 18.68
N THR B 410 2.29 5.86 18.57
CA THR B 410 2.53 5.15 17.32
C THR B 410 2.11 3.71 17.51
N GLY B 411 1.11 3.25 16.78
CA GLY B 411 0.60 1.89 16.96
C GLY B 411 0.44 1.15 15.64
N GLN B 412 0.81 -0.13 15.66
CA GLN B 412 0.93 -0.93 14.44
C GLN B 412 0.11 -2.21 14.53
N SER B 413 -0.98 -2.29 13.76
CA SER B 413 -1.83 -3.48 13.69
C SER B 413 -1.37 -4.39 12.56
N ASP B 414 -1.45 -5.70 12.77
CA ASP B 414 -1.08 -6.66 11.74
C ASP B 414 -2.02 -7.86 11.84
N LYS B 415 -2.88 -8.05 10.84
CA LYS B 415 -3.74 -9.23 10.76
C LYS B 415 -3.54 -9.95 9.43
N GLY B 416 -3.73 -11.27 9.47
CA GLY B 416 -3.62 -12.07 8.27
C GLY B 416 -4.20 -13.43 8.51
N LYS B 417 -4.73 -14.04 7.46
CA LYS B 417 -5.39 -15.31 7.55
C LYS B 417 -5.04 -16.17 6.36
N PRO B 418 -4.85 -17.47 6.55
CA PRO B 418 -4.27 -18.33 5.53
C PRO B 418 -5.07 -18.35 4.24
N ASN B 419 -4.41 -18.88 3.22
CA ASN B 419 -5.09 -19.25 1.99
C ASN B 419 -5.59 -20.68 2.16
N LEU B 420 -6.71 -20.81 2.86
CA LEU B 420 -7.27 -22.13 3.06
C LEU B 420 -7.68 -22.76 1.76
N TYR B 421 -8.12 -21.97 0.78
CA TYR B 421 -8.56 -22.56 -0.47
C TYR B 421 -7.44 -23.35 -1.12
N ALA B 422 -6.25 -22.79 -1.17
CA ALA B 422 -5.16 -23.48 -1.84
C ALA B 422 -4.65 -24.65 -1.01
N LEU B 423 -4.76 -24.56 0.31
CA LEU B 423 -4.21 -25.61 1.14
C LEU B 423 -5.11 -26.83 1.18
N TYR B 424 -6.41 -26.65 1.14
CA TYR B 424 -7.27 -27.76 1.49
C TYR B 424 -8.45 -28.01 0.57
N TYR B 425 -8.72 -27.16 -0.42
CA TYR B 425 -9.96 -27.33 -1.18
C TYR B 425 -9.93 -28.57 -2.07
N GLU B 426 -8.89 -28.73 -2.88
CA GLU B 426 -8.89 -29.87 -3.78
C GLU B 426 -8.88 -31.16 -2.99
N GLY B 427 -9.71 -32.09 -3.42
CA GLY B 427 -9.54 -33.47 -3.00
C GLY B 427 -9.90 -33.80 -1.58
N THR B 428 -10.43 -32.87 -0.82
CA THR B 428 -10.91 -33.20 0.50
C THR B 428 -12.42 -33.12 0.58
N PRO B 429 -13.04 -33.81 1.53
CA PRO B 429 -14.47 -33.69 1.68
C PRO B 429 -14.95 -32.30 2.02
N ASN B 430 -14.09 -31.42 2.51
CA ASN B 430 -14.63 -30.20 3.09
C ASN B 430 -14.57 -28.83 2.41
N GLY B 431 -14.01 -28.60 1.21
CA GLY B 431 -13.45 -29.58 0.32
C GLY B 431 -13.99 -29.38 -1.07
N GLU B 432 -13.36 -30.05 -2.02
CA GLU B 432 -13.97 -30.21 -3.34
C GLU B 432 -15.33 -30.86 -3.20
N GLY B 433 -15.48 -31.74 -2.23
CA GLY B 433 -16.73 -32.41 -2.02
C GLY B 433 -17.82 -31.56 -1.43
N GLN B 434 -17.59 -30.26 -1.24
CA GLN B 434 -18.61 -29.38 -0.71
C GLN B 434 -18.95 -28.26 -1.68
N GLY B 435 -18.53 -28.37 -2.92
CA GLY B 435 -18.93 -27.42 -3.95
C GLY B 435 -18.73 -26.01 -3.48
N SER B 436 -19.67 -25.14 -3.82
CA SER B 436 -19.55 -23.75 -3.41
C SER B 436 -19.65 -23.64 -1.91
N SER B 437 -20.45 -24.47 -1.29
CA SER B 437 -20.74 -24.31 0.12
C SER B 437 -19.60 -24.76 1.00
N SER B 438 -18.38 -24.84 0.48
CA SER B 438 -17.25 -25.24 1.30
C SER B 438 -16.78 -24.06 2.13
N PRO B 439 -16.44 -24.28 3.40
CA PRO B 439 -15.93 -23.18 4.22
C PRO B 439 -14.68 -22.56 3.67
N PHE B 440 -14.02 -23.22 2.75
CA PHE B 440 -12.75 -22.74 2.24
C PHE B 440 -12.91 -21.78 1.07
N SER B 441 -13.94 -21.92 0.26
CA SER B 441 -14.16 -20.93 -0.79
C SER B 441 -15.02 -19.87 -0.21
N GLY B 442 -14.66 -18.62 -0.44
CA GLY B 442 -13.45 -18.29 -1.13
C GLY B 442 -12.56 -17.62 -0.11
N GLU B 443 -11.97 -18.41 0.78
CA GLU B 443 -10.96 -17.91 1.69
C GLU B 443 -9.64 -18.12 0.99
N THR B 444 -9.25 -17.16 0.15
CA THR B 444 -7.97 -17.24 -0.53
C THR B 444 -6.87 -16.52 0.23
N GLY B 445 -7.13 -16.10 1.45
CA GLY B 445 -6.06 -15.56 2.25
C GLY B 445 -6.02 -14.04 2.23
N GLN B 446 -5.52 -13.46 3.32
CA GLN B 446 -5.45 -12.02 3.39
C GLN B 446 -4.42 -11.66 4.44
N TYR B 447 -3.73 -10.54 4.25
CA TYR B 447 -2.83 -9.98 5.23
C TYR B 447 -2.94 -8.49 5.16
N SER B 448 -2.86 -7.81 6.29
CA SER B 448 -2.96 -6.36 6.26
C SER B 448 -2.19 -5.78 7.41
N GLU B 449 -1.87 -4.49 7.30
CA GLU B 449 -1.01 -3.84 8.27
C GLU B 449 -1.33 -2.36 8.27
N GLN B 450 -1.55 -1.80 9.46
CA GLN B 450 -1.86 -0.39 9.60
C GLN B 450 -0.98 0.22 10.67
N ILE B 451 -0.43 1.40 10.38
CA ILE B 451 0.39 2.13 11.33
C ILE B 451 -0.31 3.45 11.64
N THR B 452 -0.74 3.63 12.88
CA THR B 452 -1.46 4.82 13.32
C THR B 452 -0.54 5.75 14.08
N ARG B 453 -0.76 7.05 13.93
CA ARG B 453 0.05 8.05 14.61
C ARG B 453 -0.88 9.10 15.21
N ARG B 454 -0.79 9.32 16.52
CA ARG B 454 -1.60 10.28 17.25
C ARG B 454 -0.71 11.28 17.98
N ARG B 455 -1.23 12.47 18.25
CA ARG B 455 -0.43 13.50 18.89
C ARG B 455 -1.29 14.67 19.37
N GLU B 456 -1.28 14.95 20.66
CA GLU B 456 -2.04 16.07 21.20
C GLU B 456 -1.09 17.03 21.89
N ILE B 457 -1.30 18.32 21.69
CA ILE B 457 -0.57 19.33 22.44
C ILE B 457 -1.60 20.21 23.11
N ASN B 458 -1.50 20.33 24.42
CA ASN B 458 -2.38 21.16 25.24
C ASN B 458 -1.52 22.22 25.89
N GLN B 459 -2.01 23.46 25.92
CA GLN B 459 -1.25 24.49 26.62
C GLN B 459 -2.13 25.34 27.51
N ASP B 460 -1.71 25.47 28.76
CA ASP B 460 -2.35 26.32 29.76
C ASP B 460 -1.40 27.43 30.16
N ILE B 461 -1.94 28.64 30.26
CA ILE B 461 -1.23 29.81 30.72
C ILE B 461 -2.13 30.56 31.69
N MET B 462 -1.87 30.46 32.99
CA MET B 462 -2.80 30.93 33.99
C MET B 462 -2.16 31.95 34.93
N VAL B 463 -3.02 32.65 35.66
CA VAL B 463 -2.60 33.53 36.74
C VAL B 463 -3.65 33.48 37.85
N ASN B 464 -3.19 33.37 39.09
CA ASN B 464 -4.04 33.04 40.23
C ASN B 464 -3.85 34.10 41.32
N PHE B 465 -4.93 34.42 42.02
CA PHE B 465 -4.96 35.53 42.98
C PHE B 465 -5.66 35.08 44.25
N ASN B 466 -4.98 35.19 45.41
CA ASN B 466 -5.46 34.58 46.66
C ASN B 466 -5.14 35.51 47.82
N MET B 467 -6.11 36.36 48.19
CA MET B 467 -5.95 37.35 49.25
C MET B 467 -7.11 37.25 50.23
N PRO B 468 -6.84 37.08 51.53
CA PRO B 468 -7.92 37.17 52.50
C PRO B 468 -8.19 38.63 52.84
N VAL B 469 -9.45 38.93 53.12
CA VAL B 469 -9.83 40.24 53.62
C VAL B 469 -10.76 40.02 54.82
N ASN B 470 -10.37 40.54 55.99
CA ASN B 470 -11.09 40.24 57.23
C ASN B 470 -11.32 38.75 57.35
N ASP B 471 -12.58 38.33 57.35
CA ASP B 471 -12.94 36.92 57.40
C ASP B 471 -13.15 36.31 56.02
N PHE B 472 -13.25 37.13 54.97
CA PHE B 472 -13.44 36.60 53.63
C PHE B 472 -12.18 35.92 53.11
N ASN B 473 -12.31 35.35 51.91
CA ASN B 473 -11.19 34.81 51.14
C ASN B 473 -11.57 34.84 49.67
N ILE B 474 -10.73 35.46 48.86
CA ILE B 474 -10.99 35.63 47.44
C ILE B 474 -9.91 34.90 46.65
N ASN B 475 -10.30 33.90 45.87
CA ASN B 475 -9.38 33.20 44.98
C ASN B 475 -9.90 33.34 43.55
N ALA B 476 -9.10 33.96 42.69
CA ALA B 476 -9.45 34.14 41.29
C ALA B 476 -8.49 33.37 40.40
N LEU B 477 -8.88 33.20 39.14
CA LEU B 477 -8.05 32.45 38.20
C LEU B 477 -8.47 32.89 36.81
N VAL B 478 -7.50 33.31 36.01
CA VAL B 478 -7.71 33.75 34.64
C VAL B 478 -6.71 33.03 33.76
N GLY B 479 -7.16 32.54 32.60
CA GLY B 479 -6.22 31.74 31.84
C GLY B 479 -6.54 31.61 30.37
N PHE B 480 -5.68 30.86 29.69
CA PHE B 480 -5.74 30.64 28.26
C PHE B 480 -5.45 29.16 27.99
N ASN B 481 -6.18 28.58 27.06
CA ASN B 481 -6.09 27.16 26.74
C ASN B 481 -5.72 27.03 25.29
N GLY B 482 -4.93 26.03 24.98
CA GLY B 482 -4.60 25.77 23.61
C GLY B 482 -4.52 24.28 23.41
N ASN B 483 -5.20 23.78 22.40
CA ASN B 483 -5.27 22.35 22.21
C ASN B 483 -5.22 22.02 20.74
N GLU B 484 -4.38 21.05 20.39
CA GLU B 484 -4.21 20.60 19.02
C GLU B 484 -4.16 19.08 18.98
N ARG B 485 -5.09 18.47 18.24
CA ARG B 485 -5.21 17.03 18.20
C ARG B 485 -5.25 16.54 16.76
N LYS B 486 -4.39 15.58 16.46
CA LYS B 486 -4.15 15.06 15.12
C LYS B 486 -3.96 13.56 15.16
N VAL B 487 -4.50 12.90 14.16
CA VAL B 487 -4.42 11.46 14.05
C VAL B 487 -4.27 11.13 12.58
N SER B 488 -3.54 10.07 12.28
CA SER B 488 -3.34 9.69 10.89
C SER B 488 -2.90 8.24 10.85
N TYR B 489 -3.22 7.57 9.75
CA TYR B 489 -2.79 6.19 9.57
C TYR B 489 -2.47 5.93 8.11
N GLN B 490 -1.71 4.85 7.90
CA GLN B 490 -1.43 4.36 6.58
C GLN B 490 -1.69 2.87 6.61
N TYR B 491 -2.66 2.42 5.83
CA TYR B 491 -3.13 1.04 5.84
C TYR B 491 -2.85 0.41 4.50
N SER B 492 -2.35 -0.82 4.50
CA SER B 492 -2.18 -1.52 3.23
C SER B 492 -2.51 -2.99 3.41
N GLU B 493 -3.30 -3.51 2.48
CA GLU B 493 -3.89 -4.84 2.55
C GLU B 493 -3.59 -5.59 1.28
N VAL B 494 -3.53 -6.90 1.38
CA VAL B 494 -3.10 -7.74 0.28
C VAL B 494 -3.86 -9.05 0.35
N ASN B 495 -4.47 -9.46 -0.75
CA ASN B 495 -5.39 -10.57 -0.76
C ASN B 495 -4.92 -11.69 -1.67
N ASP B 496 -5.46 -12.88 -1.43
CA ASP B 496 -5.17 -14.06 -2.22
C ASP B 496 -3.68 -14.37 -2.20
N LEU B 497 -3.21 -15.03 -1.14
CA LEU B 497 -1.78 -15.17 -0.85
C LEU B 497 -1.14 -16.25 -1.70
N THR B 498 0.05 -15.96 -2.23
CA THR B 498 0.66 -16.90 -3.17
C THR B 498 1.26 -18.09 -2.44
N ILE B 499 2.12 -17.82 -1.46
CA ILE B 499 2.61 -18.86 -0.56
C ILE B 499 1.61 -18.93 0.58
N PRO B 500 0.79 -19.96 0.65
CA PRO B 500 -0.48 -19.86 1.38
C PRO B 500 -0.37 -19.44 2.83
N THR B 501 0.80 -19.54 3.43
CA THR B 501 0.94 -19.33 4.86
C THR B 501 1.60 -18.01 5.21
N TRP B 502 2.50 -17.54 4.37
CA TRP B 502 3.34 -16.40 4.71
C TRP B 502 2.57 -15.09 4.58
N PHE B 503 2.67 -14.23 5.58
CA PHE B 503 1.89 -13.01 5.66
C PHE B 503 2.78 -11.82 5.32
N ASN B 504 2.61 -11.23 4.14
CA ASN B 504 3.57 -10.22 3.70
C ASN B 504 3.07 -9.53 2.44
N LEU B 505 3.14 -8.20 2.44
CA LEU B 505 2.59 -7.41 1.34
C LEU B 505 3.17 -7.77 -0.01
N LYS B 506 4.19 -8.60 -0.08
CA LYS B 506 4.72 -8.97 -1.37
C LYS B 506 4.30 -10.37 -1.75
N ASN B 507 3.31 -10.93 -1.05
CA ASN B 507 2.97 -12.33 -1.24
C ASN B 507 1.62 -12.53 -1.90
N SER B 508 1.43 -11.99 -3.10
CA SER B 508 0.11 -12.04 -3.71
C SER B 508 0.13 -11.62 -5.16
N GLY B 509 -0.50 -12.40 -6.02
CA GLY B 509 -0.51 -12.07 -7.41
C GLY B 509 -1.57 -11.10 -7.83
N LYS B 510 -2.28 -10.50 -6.90
CA LYS B 510 -3.37 -9.61 -7.28
C LYS B 510 -3.10 -8.21 -6.74
N THR B 511 -3.84 -7.26 -7.26
CA THR B 511 -3.64 -5.87 -6.91
C THR B 511 -3.76 -5.68 -5.40
N PRO B 512 -2.96 -4.81 -4.79
CA PRO B 512 -3.13 -4.51 -3.37
C PRO B 512 -4.03 -3.31 -3.17
N ILE B 513 -4.52 -3.19 -1.94
CA ILE B 513 -5.39 -2.10 -1.52
C ILE B 513 -4.64 -1.22 -0.55
N VAL B 514 -4.97 0.06 -0.54
CA VAL B 514 -4.14 1.03 0.16
C VAL B 514 -5.05 2.14 0.70
N GLU B 515 -4.98 2.41 1.99
CA GLU B 515 -5.77 3.50 2.52
C GLU B 515 -4.90 4.38 3.41
N GLN B 516 -5.30 5.65 3.47
CA GLN B 516 -4.53 6.73 4.04
C GLN B 516 -5.52 7.70 4.67
N HIS B 517 -5.15 8.33 5.78
CA HIS B 517 -6.13 9.19 6.45
C HIS B 517 -5.45 10.14 7.43
N MET B 518 -6.07 11.29 7.66
CA MET B 518 -5.55 12.20 8.67
C MET B 518 -6.60 13.22 9.07
N GLU B 519 -6.76 13.46 10.38
CA GLU B 519 -7.60 14.53 10.90
C GLU B 519 -6.77 15.44 11.79
N LEU B 520 -7.11 16.72 11.81
CA LEU B 520 -6.40 17.71 12.60
C LEU B 520 -7.40 18.75 13.04
N ARG B 521 -7.60 18.88 14.33
CA ARG B 521 -8.44 19.92 14.88
C ARG B 521 -7.63 20.77 15.85
N ARG B 522 -8.00 22.04 15.99
CA ARG B 522 -7.33 22.89 16.94
C ARG B 522 -8.38 23.71 17.67
N LEU B 523 -8.04 24.12 18.89
CA LEU B 523 -8.95 24.85 19.76
C LEU B 523 -8.19 25.85 20.58
N MET B 524 -8.76 27.03 20.73
CA MET B 524 -8.26 28.02 21.67
C MET B 524 -9.43 28.56 22.47
N GLY B 525 -9.21 28.71 23.76
CA GLY B 525 -10.20 29.32 24.63
C GLY B 525 -9.53 30.18 25.67
N VAL B 526 -10.31 31.12 26.20
CA VAL B 526 -9.95 31.95 27.33
C VAL B 526 -10.96 31.69 28.44
N PHE B 527 -10.50 31.65 29.69
CA PHE B 527 -11.40 31.27 30.76
C PHE B 527 -11.01 31.98 32.05
N GLY B 528 -11.91 31.86 33.03
CA GLY B 528 -11.76 32.48 34.33
C GLY B 528 -12.66 31.87 35.39
N GLN B 529 -12.13 31.65 36.60
CA GLN B 529 -12.85 31.00 37.68
C GLN B 529 -12.67 31.81 38.95
N PHE B 530 -13.79 32.28 39.52
CA PHE B 530 -13.83 33.06 40.74
C PHE B 530 -14.28 32.20 41.92
N GLU B 531 -13.58 32.32 43.05
CA GLU B 531 -13.80 31.46 44.23
C GLU B 531 -13.91 32.35 45.47
N GLY B 532 -15.10 32.42 46.05
CA GLY B 532 -15.36 33.24 47.22
C GLY B 532 -15.57 32.45 48.50
N SER B 533 -15.34 33.10 49.64
CA SER B 533 -15.22 32.35 50.90
C SER B 533 -15.50 33.30 52.07
N TRP B 534 -16.23 32.79 53.07
CA TRP B 534 -16.60 33.56 54.26
C TRP B 534 -16.39 32.66 55.48
N LYS B 535 -15.34 32.93 56.25
CA LYS B 535 -15.05 32.20 57.49
C LYS B 535 -15.26 30.70 57.35
N ASN B 536 -14.86 30.14 56.22
CA ASN B 536 -14.86 28.70 56.00
C ASN B 536 -16.25 28.10 56.25
N MET B 537 -17.27 28.78 55.71
CA MET B 537 -18.66 28.39 55.95
C MET B 537 -19.48 28.51 54.66
N LEU B 538 -19.24 29.55 53.87
CA LEU B 538 -19.86 29.70 52.57
C LEU B 538 -18.78 29.64 51.50
N TYR B 539 -19.07 28.97 50.39
CA TYR B 539 -18.11 28.79 49.32
C TYR B 539 -18.83 29.00 47.98
N LEU B 540 -18.65 30.18 47.39
CA LEU B 540 -19.35 30.55 46.18
C LEU B 540 -18.39 30.63 44.99
N THR B 541 -18.78 30.04 43.86
CA THR B 541 -17.89 29.92 42.72
C THR B 541 -18.61 30.37 41.45
N VAL B 542 -17.92 31.08 40.57
CA VAL B 542 -18.49 31.52 39.29
C VAL B 542 -17.45 31.32 38.20
N THR B 543 -17.78 30.54 37.17
CA THR B 543 -16.86 30.22 36.09
C THR B 543 -17.40 30.74 34.77
N ALA B 544 -16.50 31.09 33.87
CA ALA B 544 -16.84 31.59 32.55
C ALA B 544 -15.72 31.23 31.59
N ARG B 545 -16.06 30.67 30.44
CA ARG B 545 -15.07 30.33 29.42
C ARG B 545 -15.69 30.59 28.04
N ASN B 546 -14.83 30.92 27.08
CA ASN B 546 -15.26 31.16 25.71
C ASN B 546 -14.26 30.52 24.76
N ASP B 547 -14.70 29.49 24.03
CA ASP B 547 -13.86 28.75 23.09
C ASP B 547 -14.08 29.19 21.66
N TRP B 548 -13.01 29.17 20.88
CA TRP B 548 -13.05 29.20 19.42
C TRP B 548 -12.57 27.83 18.94
N SER B 549 -13.43 27.08 18.27
CA SER B 549 -13.07 25.74 17.81
C SER B 549 -12.90 25.73 16.31
N SER B 550 -12.03 24.85 15.84
CA SER B 550 -11.75 24.77 14.42
C SER B 550 -12.79 23.93 13.70
N THR B 551 -13.54 23.12 14.43
CA THR B 551 -14.49 22.22 13.79
C THR B 551 -15.82 22.89 13.48
N LEU B 552 -16.01 24.11 13.84
CA LEU B 552 -17.29 24.73 13.57
C LEU B 552 -17.19 25.73 12.43
N PRO B 553 -18.30 26.04 11.78
CA PRO B 553 -18.27 26.96 10.63
C PRO B 553 -17.62 28.28 10.99
N LYS B 554 -16.94 28.86 10.00
CA LYS B 554 -16.05 29.99 10.26
C LYS B 554 -16.79 31.16 10.87
N GLU B 555 -17.99 31.45 10.38
CA GLU B 555 -18.70 32.57 10.94
C GLU B 555 -19.34 32.28 12.27
N ASN B 556 -18.98 31.17 12.91
CA ASN B 556 -19.59 30.81 14.18
C ASN B 556 -18.71 29.84 14.96
N ARG B 557 -17.45 30.21 15.18
CA ARG B 557 -16.54 29.39 15.97
C ARG B 557 -16.74 29.56 17.45
N SER B 558 -17.18 30.74 17.88
CA SER B 558 -17.05 31.15 19.26
C SER B 558 -18.28 30.71 20.02
N PHE B 559 -18.08 30.11 21.18
CA PHE B 559 -19.18 29.82 22.08
C PHE B 559 -18.76 30.13 23.51
N PHE B 560 -19.76 30.39 24.36
CA PHE B 560 -19.53 30.95 25.69
C PHE B 560 -20.41 30.27 26.72
N TYR B 561 -19.81 29.77 27.78
CA TYR B 561 -20.60 29.00 28.74
C TYR B 561 -20.23 29.30 30.18
N PRO B 562 -21.07 30.01 30.92
CA PRO B 562 -20.77 30.33 32.31
C PRO B 562 -21.29 29.31 33.31
N GLY B 563 -21.09 29.57 34.60
CA GLY B 563 -21.58 28.69 35.65
C GLY B 563 -21.50 29.36 37.01
N ILE B 564 -22.19 28.74 37.97
CA ILE B 564 -22.23 29.26 39.34
C ILE B 564 -22.40 28.09 40.30
N THR B 565 -21.73 28.18 41.42
CA THR B 565 -21.58 27.07 42.34
C THR B 565 -21.64 27.55 43.78
N GLY B 566 -22.50 26.94 44.56
CA GLY B 566 -22.65 27.29 45.96
C GLY B 566 -22.41 26.08 46.84
N SER B 567 -21.67 26.30 47.92
CA SER B 567 -21.47 25.30 48.95
C SER B 567 -21.72 25.98 50.27
N PHE B 568 -22.52 25.36 51.12
CA PHE B 568 -22.88 25.89 52.42
C PHE B 568 -22.64 24.79 53.43
N ILE B 569 -21.69 25.01 54.32
CA ILE B 569 -21.44 24.07 55.42
C ILE B 569 -22.26 24.50 56.63
N PHE B 570 -23.57 24.27 56.58
CA PHE B 570 -24.49 24.69 57.63
C PHE B 570 -24.18 23.88 58.89
N SER B 571 -22.94 23.93 59.31
CA SER B 571 -22.41 23.13 60.39
C SER B 571 -21.59 24.01 61.30
N GLU B 572 -22.09 25.21 61.60
CA GLU B 572 -21.38 26.20 62.44
C GLU B 572 -22.31 26.91 63.41
N LEU B 578 -21.43 22.41 70.61
CA LEU B 578 -22.44 21.65 71.32
C LEU B 578 -22.37 20.16 70.97
N GLN B 579 -22.14 19.88 69.70
CA GLN B 579 -22.09 18.52 69.15
C GLN B 579 -21.04 18.42 68.02
N ASP B 580 -20.12 17.44 67.99
CA ASP B 580 -19.93 16.23 68.81
C ASP B 580 -20.94 15.13 68.48
N VAL B 581 -22.00 15.47 67.74
CA VAL B 581 -22.94 14.46 67.25
C VAL B 581 -23.16 14.64 65.75
N ILE B 582 -23.06 15.88 65.29
CA ILE B 582 -23.11 16.21 63.87
C ILE B 582 -21.72 16.70 63.51
N THR B 583 -20.93 15.83 62.88
CA THR B 583 -19.54 16.16 62.60
C THR B 583 -19.44 17.16 61.47
N PHE B 584 -20.12 16.91 60.37
CA PHE B 584 -20.00 17.67 59.15
C PHE B 584 -21.37 17.72 58.50
N GLY B 585 -21.77 18.91 58.05
CA GLY B 585 -23.00 19.07 57.30
C GLY B 585 -22.87 20.12 56.23
N LYS B 586 -23.15 19.76 54.99
CA LYS B 586 -22.89 20.61 53.82
C LYS B 586 -24.00 20.43 52.80
N ILE B 587 -24.42 21.53 52.19
CA ILE B 587 -25.50 21.54 51.21
C ILE B 587 -25.01 22.21 49.94
N ARG B 588 -25.42 21.69 48.77
CA ARG B 588 -24.76 21.93 47.50
C ARG B 588 -25.76 22.32 46.42
N ALA B 589 -25.40 23.25 45.55
CA ALA B 589 -26.21 23.58 44.38
C ALA B 589 -25.33 24.22 43.32
N SER B 590 -25.75 24.11 42.06
CA SER B 590 -24.94 24.59 40.94
C SER B 590 -25.80 24.67 39.68
N TRP B 591 -25.59 25.74 38.89
CA TRP B 591 -26.30 25.97 37.64
C TRP B 591 -25.27 26.40 36.61
N GLY B 592 -24.95 25.53 35.64
CA GLY B 592 -23.88 25.84 34.72
C GLY B 592 -24.09 25.28 33.33
N LYS B 593 -23.23 25.72 32.41
CA LYS B 593 -23.26 25.34 31.01
C LYS B 593 -21.89 24.85 30.56
N THR B 594 -21.85 24.04 29.48
CA THR B 594 -20.59 23.46 29.02
C THR B 594 -20.63 23.29 27.51
N GLY B 595 -20.35 24.37 26.79
CA GLY B 595 -20.40 24.32 25.34
C GLY B 595 -19.55 23.23 24.72
N ASN B 596 -19.79 22.93 23.46
CA ASN B 596 -19.03 21.88 22.80
C ASN B 596 -19.10 22.14 21.31
N ASP B 597 -18.06 21.72 20.59
CA ASP B 597 -18.01 21.89 19.15
C ASP B 597 -18.55 20.67 18.41
N ALA B 598 -17.84 20.23 17.37
CA ALA B 598 -18.30 19.17 16.48
C ALA B 598 -17.14 18.25 16.18
N ASP B 599 -17.41 17.09 15.63
CA ASP B 599 -16.31 16.30 15.15
C ASP B 599 -15.69 17.02 13.96
N VAL B 600 -14.62 16.47 13.41
CA VAL B 600 -13.88 17.18 12.37
C VAL B 600 -14.63 17.12 11.06
N TYR B 601 -14.44 18.14 10.25
CA TYR B 601 -14.76 18.09 8.83
C TYR B 601 -16.24 17.76 8.61
N MET B 602 -17.12 18.43 9.37
CA MET B 602 -18.55 18.21 9.25
C MET B 602 -19.28 19.34 8.56
N VAL B 603 -18.56 20.33 8.04
CA VAL B 603 -19.17 21.48 7.41
C VAL B 603 -19.38 21.29 5.92
N ASN B 604 -18.24 21.16 5.14
CA ASN B 604 -18.14 21.24 3.69
C ASN B 604 -18.41 19.90 3.01
N PRO B 605 -18.97 19.94 1.81
CA PRO B 605 -19.29 18.71 1.11
C PRO B 605 -18.04 18.07 0.55
N VAL B 606 -18.05 16.77 0.39
CA VAL B 606 -16.87 16.08 -0.10
C VAL B 606 -17.25 15.10 -1.20
N TYR B 607 -16.31 14.85 -2.11
CA TYR B 607 -16.47 13.88 -3.19
C TYR B 607 -15.55 12.69 -2.93
N ALA B 608 -16.05 11.66 -2.27
CA ALA B 608 -15.17 10.53 -2.02
C ALA B 608 -14.88 9.80 -3.33
N GLN B 609 -13.83 8.99 -3.31
CA GLN B 609 -13.58 8.13 -4.45
C GLN B 609 -14.68 7.07 -4.53
N SER B 610 -15.22 6.83 -5.71
CA SER B 610 -16.42 6.00 -5.82
C SER B 610 -16.21 4.63 -5.20
N SER B 611 -17.27 4.11 -4.62
CA SER B 611 -17.31 2.78 -4.01
C SER B 611 -18.74 2.53 -3.65
N ASN B 612 -19.17 1.28 -3.74
CA ASN B 612 -20.56 0.92 -3.51
C ASN B 612 -20.65 -0.20 -2.51
N ARG B 613 -21.29 0.06 -1.39
CA ARG B 613 -21.54 -0.96 -0.38
C ARG B 613 -22.64 -1.90 -0.86
N ILE B 614 -22.31 -3.17 -1.02
CA ILE B 614 -23.31 -4.18 -1.31
C ILE B 614 -23.25 -5.24 -0.21
N PRO B 615 -24.32 -6.01 -0.02
CA PRO B 615 -24.33 -7.01 1.03
C PRO B 615 -23.17 -7.97 0.95
N PHE B 616 -22.26 -7.86 1.91
CA PHE B 616 -21.12 -8.75 2.07
C PHE B 616 -20.08 -8.50 1.00
N GLY B 617 -19.96 -7.27 0.54
CA GLY B 617 -18.91 -7.00 -0.40
C GLY B 617 -18.78 -5.54 -0.70
N SER B 618 -18.06 -5.25 -1.79
CA SER B 618 -18.09 -3.92 -2.35
C SER B 618 -17.78 -4.00 -3.82
N LEU B 619 -18.05 -2.88 -4.48
CA LEU B 619 -17.61 -2.62 -5.84
C LEU B 619 -16.94 -1.25 -5.73
N THR B 620 -15.62 -1.21 -5.84
CA THR B 620 -14.87 0.01 -5.54
C THR B 620 -14.04 0.44 -6.73
N PHE B 621 -14.13 1.70 -7.09
CA PHE B 621 -13.32 2.19 -8.18
C PHE B 621 -11.88 2.22 -7.72
N PRO B 622 -10.92 2.09 -8.63
CA PRO B 622 -11.00 2.18 -10.07
C PRO B 622 -11.54 0.92 -10.75
N LEU B 623 -12.12 1.08 -11.94
CA LEU B 623 -12.53 -0.02 -12.81
C LEU B 623 -12.72 0.58 -14.19
N GLY B 624 -12.24 -0.04 -15.26
CA GLY B 624 -11.02 -0.79 -15.26
C GLY B 624 -10.17 0.30 -15.87
N GLY B 625 -9.11 0.70 -15.17
CA GLY B 625 -8.28 1.79 -15.61
C GLY B 625 -8.90 3.15 -15.49
N VAL B 626 -10.16 3.25 -15.09
CA VAL B 626 -10.81 4.52 -14.82
C VAL B 626 -11.03 4.66 -13.34
N ASN B 627 -10.66 5.82 -12.81
CA ASN B 627 -10.89 6.27 -11.46
C ASN B 627 -12.11 7.15 -11.45
N ALA B 628 -12.70 7.34 -10.28
CA ALA B 628 -13.94 8.07 -10.25
C ALA B 628 -14.19 8.62 -8.86
N TYR B 629 -14.93 9.70 -8.81
CA TYR B 629 -15.36 10.25 -7.55
C TYR B 629 -16.88 10.31 -7.55
N SER B 630 -17.46 10.22 -6.36
CA SER B 630 -18.89 10.26 -6.17
C SER B 630 -19.21 11.39 -5.21
N ALA B 631 -20.46 11.82 -5.19
CA ALA B 631 -20.83 12.87 -4.25
C ALA B 631 -21.08 12.25 -2.88
N GLY B 632 -20.48 12.87 -1.87
CA GLY B 632 -20.43 12.24 -0.57
C GLY B 632 -21.81 12.10 0.03
N ASN B 633 -22.02 10.99 0.73
CA ASN B 633 -23.36 10.62 1.17
C ASN B 633 -23.73 11.20 2.53
N VAL B 634 -22.96 12.13 3.06
CA VAL B 634 -23.29 12.77 4.33
C VAL B 634 -23.30 14.28 4.10
N LEU B 635 -24.49 14.85 4.02
CA LEU B 635 -24.66 16.22 3.59
C LEU B 635 -24.06 17.15 4.64
N GLY B 636 -23.16 18.02 4.23
CA GLY B 636 -22.63 19.00 5.14
C GLY B 636 -23.63 20.08 5.48
N SER B 637 -23.21 20.98 6.36
CA SER B 637 -24.07 22.07 6.81
C SER B 637 -23.20 23.12 7.47
N ASN B 638 -23.35 24.37 7.03
CA ASN B 638 -22.59 25.46 7.61
C ASN B 638 -23.46 26.38 8.43
N THR B 639 -24.65 25.92 8.80
CA THR B 639 -25.49 26.63 9.76
C THR B 639 -25.38 26.04 11.16
N LEU B 640 -24.43 25.11 11.37
CA LEU B 640 -24.30 24.51 12.68
C LEU B 640 -24.00 25.57 13.73
N SER B 641 -24.54 25.37 14.93
CA SER B 641 -24.22 26.20 16.08
C SER B 641 -23.67 25.31 17.18
N PRO B 642 -22.88 25.86 18.09
CA PRO B 642 -22.17 25.00 19.05
C PRO B 642 -23.13 24.21 19.90
N GLU B 643 -22.67 23.06 20.37
CA GLU B 643 -23.46 22.32 21.34
C GLU B 643 -23.43 23.06 22.67
N MET B 644 -24.48 22.88 23.47
CA MET B 644 -24.58 23.57 24.74
C MET B 644 -25.26 22.66 25.75
N THR B 645 -24.52 22.21 26.77
CA THR B 645 -25.07 21.44 27.87
C THR B 645 -25.33 22.34 29.06
N THR B 646 -26.55 22.32 29.57
CA THR B 646 -26.95 23.01 30.78
C THR B 646 -27.22 22.00 31.89
N GLU B 647 -26.83 22.33 33.11
CA GLU B 647 -27.08 21.40 34.20
C GLU B 647 -27.54 22.20 35.41
N SER B 648 -28.47 21.62 36.15
CA SER B 648 -28.85 22.09 37.46
C SER B 648 -28.51 20.98 38.43
N GLU B 649 -27.98 21.34 39.59
CA GLU B 649 -27.68 20.30 40.55
C GLU B 649 -27.81 20.83 41.97
N VAL B 650 -28.19 19.94 42.88
CA VAL B 650 -28.34 20.23 44.29
C VAL B 650 -27.91 18.99 45.05
N GLY B 651 -27.32 19.18 46.23
CA GLY B 651 -26.76 18.07 46.97
C GLY B 651 -26.73 18.33 48.46
N LEU B 652 -26.35 17.29 49.22
CA LEU B 652 -26.35 17.39 50.67
C LEU B 652 -25.38 16.35 51.23
N ASN B 653 -24.44 16.78 52.06
CA ASN B 653 -23.44 15.90 52.65
C ASN B 653 -23.43 16.05 54.17
N MET B 654 -23.50 14.92 54.88
CA MET B 654 -23.49 14.93 56.34
C MET B 654 -22.76 13.72 56.91
N ALA B 655 -22.15 13.95 58.08
CA ALA B 655 -21.47 12.94 58.86
C ALA B 655 -21.92 13.02 60.30
N PHE B 656 -21.74 11.91 61.04
CA PHE B 656 -22.14 11.85 62.44
C PHE B 656 -21.14 11.01 63.23
N PHE B 657 -21.04 11.30 64.53
CA PHE B 657 -20.36 10.44 65.50
C PHE B 657 -18.87 10.33 65.18
N LYS B 658 -18.24 11.47 64.95
CA LYS B 658 -16.83 11.52 64.53
C LYS B 658 -16.61 10.64 63.31
N ASN B 659 -17.39 10.91 62.26
CA ASN B 659 -17.31 10.20 60.98
C ASN B 659 -17.41 8.68 61.18
N ARG B 660 -18.39 8.27 61.97
CA ARG B 660 -18.77 6.87 62.05
C ARG B 660 -20.09 6.60 61.35
N LEU B 661 -20.68 7.61 60.71
CA LEU B 661 -21.87 7.44 59.89
C LEU B 661 -21.87 8.56 58.85
N SER B 662 -21.86 8.22 57.58
CA SER B 662 -21.70 9.26 56.57
C SER B 662 -22.60 8.99 55.38
N PHE B 663 -23.14 10.05 54.78
CA PHE B 663 -23.94 9.90 53.58
C PHE B 663 -23.82 11.15 52.71
N ASP B 664 -24.04 10.98 51.40
CA ASP B 664 -24.00 12.06 50.43
C ASP B 664 -25.07 11.85 49.37
N VAL B 665 -25.82 12.89 49.03
CA VAL B 665 -26.88 12.80 48.03
C VAL B 665 -26.78 13.96 47.06
N SER B 666 -27.06 13.69 45.78
CA SER B 666 -27.10 14.70 44.73
C SER B 666 -28.27 14.41 43.79
N TYR B 667 -28.96 15.47 43.36
CA TYR B 667 -29.99 15.40 42.33
C TYR B 667 -29.55 16.24 41.14
N TYR B 668 -29.61 15.68 39.94
CA TYR B 668 -29.07 16.36 38.78
C TYR B 668 -30.05 16.38 37.60
N ASN B 669 -29.92 17.42 36.78
CA ASN B 669 -30.78 17.61 35.61
C ASN B 669 -29.93 18.17 34.46
N ARG B 670 -29.44 17.27 33.61
CA ARG B 670 -28.52 17.57 32.52
C ARG B 670 -29.28 17.66 31.20
N ASN B 671 -28.96 18.68 30.39
CA ASN B 671 -29.56 18.86 29.07
C ASN B 671 -28.46 19.15 28.06
N THR B 672 -28.27 18.25 27.10
CA THR B 672 -27.23 18.42 26.07
C THR B 672 -27.88 18.83 24.77
N ASP B 673 -27.97 20.14 24.54
CA ASP B 673 -28.71 20.68 23.41
C ASP B 673 -27.83 20.86 22.18
N LYS B 674 -28.48 20.98 21.03
CA LYS B 674 -27.83 21.37 19.78
C LYS B 674 -26.59 20.53 19.48
N GLN B 675 -26.66 19.25 19.74
CA GLN B 675 -25.53 18.37 19.44
C GLN B 675 -25.39 18.18 17.94
N ILE B 676 -24.15 18.22 17.45
CA ILE B 676 -23.88 18.12 16.02
C ILE B 676 -23.73 16.65 15.64
N PHE B 677 -24.68 16.13 14.88
CA PHE B 677 -24.79 14.69 14.61
C PHE B 677 -25.09 14.48 13.13
N SER B 678 -24.48 13.46 12.53
CA SER B 678 -24.87 13.06 11.17
C SER B 678 -26.17 12.29 11.25
N LEU B 679 -27.28 13.04 11.21
CA LEU B 679 -28.60 12.50 11.48
C LEU B 679 -29.16 11.83 10.24
N ALA B 680 -29.81 10.69 10.43
CA ALA B 680 -30.27 9.87 9.32
C ALA B 680 -31.30 10.59 8.46
N MET B 681 -31.32 10.28 7.17
CA MET B 681 -32.12 10.99 6.19
C MET B 681 -32.50 10.03 5.07
N ASP B 682 -33.55 10.38 4.35
CA ASP B 682 -34.09 9.51 3.29
C ASP B 682 -33.10 9.44 2.13
N PRO B 683 -32.56 8.29 1.81
CA PRO B 683 -31.63 8.20 0.68
C PRO B 683 -32.17 8.79 -0.61
N ALA B 684 -33.48 8.96 -0.74
CA ALA B 684 -33.99 9.54 -1.96
C ALA B 684 -33.62 11.00 -2.11
N SER B 685 -33.23 11.64 -1.03
CA SER B 685 -32.93 13.05 -1.05
C SER B 685 -31.57 13.36 -1.66
N GLY B 686 -30.81 12.34 -2.02
CA GLY B 686 -29.45 12.52 -2.48
C GLY B 686 -28.43 12.06 -1.46
N TYR B 687 -28.73 12.22 -0.18
CA TYR B 687 -27.78 11.90 0.86
C TYR B 687 -28.34 10.80 1.73
N THR B 688 -27.52 10.25 2.64
CA THR B 688 -28.04 9.31 3.63
C THR B 688 -28.10 9.89 5.03
N ALA B 689 -27.62 11.10 5.23
CA ALA B 689 -27.71 11.76 6.52
C ALA B 689 -27.29 13.20 6.32
N GLN B 690 -27.75 14.06 7.20
CA GLN B 690 -27.40 15.46 7.14
C GLN B 690 -26.89 15.90 8.51
N ASN B 691 -25.84 16.70 8.53
CA ASN B 691 -25.28 17.18 9.78
C ASN B 691 -26.11 18.34 10.28
N MET B 692 -26.74 18.16 11.44
CA MET B 692 -27.49 19.27 11.99
C MET B 692 -27.47 19.20 13.50
N ASN B 693 -27.73 20.34 14.12
CA ASN B 693 -27.90 20.39 15.56
C ASN B 693 -29.14 19.61 15.98
N LEU B 694 -28.97 18.72 16.95
CA LEU B 694 -30.08 17.92 17.44
C LEU B 694 -30.87 18.71 18.50
N GLY B 695 -31.67 18.00 19.26
CA GLY B 695 -32.38 18.55 20.38
C GLY B 695 -31.71 18.16 21.67
N LYS B 696 -32.49 18.15 22.75
CA LYS B 696 -31.96 17.88 24.06
C LYS B 696 -31.91 16.38 24.33
N ILE B 697 -30.76 15.88 24.75
CA ILE B 697 -30.65 14.57 25.34
C ILE B 697 -30.51 14.78 26.85
N ARG B 698 -31.48 14.28 27.61
CA ARG B 698 -31.65 14.60 29.02
C ARG B 698 -31.30 13.42 29.90
N ASN B 699 -30.57 13.69 30.97
CA ASN B 699 -30.34 12.72 32.04
C ASN B 699 -30.66 13.35 33.39
N ARG B 700 -31.78 12.92 33.98
CA ARG B 700 -32.13 13.28 35.35
C ARG B 700 -31.93 12.04 36.20
N GLY B 701 -31.54 12.25 37.45
CA GLY B 701 -31.30 11.11 38.31
C GLY B 701 -30.91 11.51 39.72
N ILE B 702 -30.61 10.48 40.51
CA ILE B 702 -30.27 10.61 41.91
C ILE B 702 -29.05 9.76 42.16
N GLU B 703 -28.09 10.29 42.93
CA GLU B 703 -26.89 9.56 43.28
C GLU B 703 -26.71 9.61 44.78
N LEU B 704 -26.54 8.46 45.40
CA LEU B 704 -26.58 8.41 46.86
C LEU B 704 -25.51 7.47 47.38
N LEU B 705 -24.75 7.95 48.37
CA LEU B 705 -23.71 7.19 49.05
C LEU B 705 -23.97 7.23 50.54
N ILE B 706 -23.98 6.06 51.19
CA ILE B 706 -24.08 5.94 52.64
C ILE B 706 -22.97 5.01 53.14
N SER B 707 -22.32 5.40 54.23
CA SER B 707 -21.17 4.64 54.69
C SER B 707 -21.04 4.77 56.20
N GLY B 708 -20.71 3.67 56.85
CA GLY B 708 -20.69 3.66 58.30
C GLY B 708 -19.70 2.67 58.85
N THR B 709 -19.35 2.89 60.13
CA THR B 709 -18.40 2.05 60.86
C THR B 709 -19.13 1.58 62.10
N PRO B 710 -19.87 0.47 62.03
CA PRO B 710 -20.52 -0.04 63.25
C PRO B 710 -19.53 -0.40 64.35
N ILE B 711 -18.42 -1.05 64.03
CA ILE B 711 -17.42 -1.47 65.02
C ILE B 711 -16.11 -0.74 64.71
N ARG B 712 -15.48 -0.18 65.74
CA ARG B 712 -14.20 0.52 65.58
C ARG B 712 -13.50 0.49 66.94
N THR B 713 -12.72 -0.56 67.17
CA THR B 713 -12.11 -0.80 68.48
C THR B 713 -10.63 -1.07 68.29
N LYS B 714 -9.81 -0.02 68.35
CA LYS B 714 -8.38 -0.16 68.62
C LYS B 714 -7.68 -1.20 67.74
N ASP B 715 -8.11 -2.46 67.86
CA ASP B 715 -7.59 -3.57 67.09
C ASP B 715 -8.53 -4.03 65.97
N PHE B 716 -9.74 -3.48 65.88
CA PHE B 716 -10.75 -4.04 64.99
C PHE B 716 -11.71 -2.95 64.57
N SER B 717 -11.85 -2.76 63.26
CA SER B 717 -12.84 -1.86 62.69
C SER B 717 -13.60 -2.58 61.58
N TRP B 718 -14.90 -2.32 61.50
CA TRP B 718 -15.77 -2.91 60.48
C TRP B 718 -16.43 -1.75 59.77
N GLU B 719 -16.41 -1.74 58.43
CA GLU B 719 -16.92 -0.63 57.65
C GLU B 719 -17.98 -1.09 56.67
N LEU B 720 -19.06 -0.32 56.55
CA LEU B 720 -20.07 -0.54 55.53
C LEU B 720 -20.13 0.65 54.60
N THR B 721 -20.38 0.36 53.32
CA THR B 721 -20.58 1.35 52.27
C THR B 721 -21.69 0.88 51.33
N TRP B 722 -22.61 1.79 51.02
CA TRP B 722 -23.72 1.51 50.13
C TRP B 722 -23.87 2.71 49.21
N ASN B 723 -23.86 2.47 47.91
CA ASN B 723 -23.97 3.51 46.91
C ASN B 723 -25.09 3.12 45.95
N PHE B 724 -25.87 4.11 45.53
CA PHE B 724 -27.07 3.89 44.74
C PHE B 724 -27.22 5.01 43.73
N THR B 725 -27.29 4.65 42.45
CA THR B 725 -27.51 5.57 41.35
C THR B 725 -28.74 5.15 40.59
N LYS B 726 -29.61 6.11 40.25
CA LYS B 726 -30.77 5.85 39.41
C LYS B 726 -30.87 6.99 38.42
N ASN B 727 -30.91 6.66 37.13
CA ASN B 727 -30.88 7.68 36.09
C ASN B 727 -31.98 7.48 35.05
N TRP B 728 -32.49 8.61 34.54
CA TRP B 728 -33.63 8.67 33.65
C TRP B 728 -33.19 9.21 32.30
N SER B 729 -32.85 8.34 31.36
CA SER B 729 -32.51 8.78 30.02
C SER B 729 -33.75 9.21 29.26
N LYS B 730 -33.63 10.25 28.45
CA LYS B 730 -34.72 10.57 27.53
C LYS B 730 -34.22 11.52 26.46
N VAL B 731 -34.13 11.03 25.22
CA VAL B 731 -34.05 11.89 24.06
C VAL B 731 -35.33 12.72 24.01
N ILE B 732 -35.19 14.03 23.90
CA ILE B 732 -36.35 14.89 24.02
C ILE B 732 -36.92 15.26 22.67
N SER B 733 -36.07 15.52 21.68
CA SER B 733 -36.55 15.82 20.33
C SER B 733 -35.45 15.91 19.28
N LEU B 734 -35.36 14.88 18.35
CA LEU B 734 -34.53 14.91 17.16
C LEU B 734 -35.25 15.64 16.04
N PRO B 735 -34.52 16.40 15.21
CA PRO B 735 -35.15 17.22 14.17
C PRO B 735 -36.28 16.52 13.43
N GLU B 736 -37.43 17.18 13.32
CA GLU B 736 -38.62 16.51 12.81
C GLU B 736 -38.54 16.28 11.32
N GLU B 737 -37.95 17.21 10.58
CA GLU B 737 -37.98 17.09 9.12
C GLU B 737 -37.30 15.83 8.63
N LEU B 738 -36.50 15.17 9.46
CA LEU B 738 -35.84 13.96 9.05
C LEU B 738 -36.57 12.73 9.55
N GLY B 739 -37.73 12.90 10.17
CA GLY B 739 -38.44 11.80 10.78
C GLY B 739 -38.19 11.76 12.26
N GLY B 740 -38.75 10.75 12.91
CA GLY B 740 -38.61 10.70 14.33
C GLY B 740 -37.27 10.17 14.78
N ILE B 741 -36.73 9.20 14.05
CA ILE B 741 -35.73 8.29 14.60
C ILE B 741 -34.43 8.35 13.82
N THR B 742 -33.37 7.85 14.45
CA THR B 742 -32.11 7.57 13.77
C THR B 742 -31.53 6.29 14.37
N THR B 743 -30.79 5.55 13.54
CA THR B 743 -30.16 4.31 13.99
C THR B 743 -28.85 4.64 14.64
N ILE B 744 -28.60 4.03 15.79
CA ILE B 744 -27.33 4.12 16.48
C ILE B 744 -26.47 2.89 16.18
N TYR B 745 -27.11 1.75 16.00
CA TYR B 745 -26.47 0.55 15.51
C TYR B 745 -27.53 -0.52 15.35
N GLY B 746 -27.31 -1.43 14.42
CA GLY B 746 -28.15 -2.60 14.35
C GLY B 746 -27.94 -3.32 13.05
N LEU B 747 -28.44 -4.54 13.01
CA LEU B 747 -28.33 -5.42 11.87
C LEU B 747 -29.34 -5.00 10.79
N ASN B 748 -29.17 -5.56 9.59
CA ASN B 748 -30.04 -5.23 8.47
C ASN B 748 -31.17 -6.23 8.41
N GLY B 749 -32.38 -5.73 8.38
CA GLY B 749 -33.53 -6.62 8.47
C GLY B 749 -33.53 -7.38 9.77
N GLY B 750 -33.18 -6.71 10.86
CA GLY B 750 -33.03 -7.43 12.09
C GLY B 750 -32.94 -6.48 13.26
N THR B 751 -32.64 -7.06 14.41
CA THR B 751 -32.63 -6.38 15.69
C THR B 751 -31.67 -5.21 15.67
N SER B 752 -32.21 -4.00 15.54
CA SER B 752 -31.42 -2.78 15.56
C SER B 752 -31.82 -1.90 16.74
N MET B 753 -30.94 -0.97 17.10
CA MET B 753 -31.03 -0.15 18.31
C MET B 753 -30.98 1.33 17.93
N TYR B 754 -31.99 2.09 18.33
CA TYR B 754 -32.26 3.40 17.75
C TYR B 754 -32.07 4.52 18.75
N ALA B 755 -32.36 5.74 18.30
CA ALA B 755 -32.56 6.87 19.19
C ALA B 755 -33.80 7.60 18.69
N ILE B 756 -34.91 7.44 19.40
CA ILE B 756 -36.24 7.85 18.93
C ILE B 756 -36.73 9.03 19.75
N THR B 757 -37.47 9.92 19.10
CA THR B 757 -37.83 11.21 19.68
C THR B 757 -38.37 11.08 21.11
N GLY B 758 -39.41 10.30 21.30
CA GLY B 758 -39.91 10.38 22.65
C GLY B 758 -39.16 9.58 23.69
N MET B 759 -38.19 8.79 23.27
CA MET B 759 -37.81 7.64 24.08
C MET B 759 -36.37 7.72 24.62
N PRO B 760 -36.00 6.84 25.55
CA PRO B 760 -34.62 6.82 26.04
C PRO B 760 -33.57 6.65 24.95
N VAL B 761 -32.31 6.81 25.32
CA VAL B 761 -31.22 6.64 24.38
C VAL B 761 -30.96 5.14 24.25
N GLY B 762 -31.50 4.55 23.21
CA GLY B 762 -31.14 3.20 22.91
C GLY B 762 -32.32 2.29 22.82
N VAL B 763 -33.32 2.67 22.08
CA VAL B 763 -34.48 1.78 21.96
C VAL B 763 -34.16 0.66 20.99
N PHE B 764 -34.53 -0.56 21.38
CA PHE B 764 -34.44 -1.70 20.49
C PHE B 764 -35.74 -1.87 19.72
N LYS B 765 -35.63 -2.46 18.52
CA LYS B 765 -36.74 -3.08 17.82
C LYS B 765 -36.30 -4.45 17.37
N ALA B 766 -37.25 -5.37 17.22
CA ALA B 766 -36.97 -6.73 16.77
C ALA B 766 -38.25 -7.33 16.23
N GLN B 767 -38.13 -8.47 15.53
CA GLN B 767 -39.34 -9.10 14.98
C GLN B 767 -40.06 -9.82 16.10
N VAL B 768 -41.34 -9.53 16.24
CA VAL B 768 -42.18 -10.11 17.27
C VAL B 768 -43.33 -10.79 16.57
N ALA B 769 -43.85 -11.87 17.13
CA ALA B 769 -44.83 -12.67 16.42
C ALA B 769 -46.21 -12.00 16.41
N GLU B 770 -47.02 -12.36 15.42
CA GLU B 770 -48.33 -11.74 15.22
C GLU B 770 -49.35 -12.26 16.22
N ARG B 771 -50.16 -11.35 16.77
CA ARG B 771 -51.16 -11.67 17.77
C ARG B 771 -52.55 -11.28 17.28
N ASP B 772 -53.53 -12.15 17.51
CA ASP B 772 -54.92 -11.82 17.18
C ASP B 772 -55.40 -10.72 18.12
N PRO B 773 -56.53 -10.08 17.84
CA PRO B 773 -56.96 -8.99 18.73
C PRO B 773 -57.50 -9.51 20.03
N GLN B 774 -56.91 -10.57 20.56
CA GLN B 774 -57.57 -11.20 21.68
C GLN B 774 -56.53 -11.86 22.56
N GLY B 775 -55.44 -12.32 21.95
CA GLY B 775 -54.47 -13.06 22.73
C GLY B 775 -53.05 -12.97 22.24
N ARG B 776 -52.58 -13.79 21.29
CA ARG B 776 -53.02 -15.10 20.76
C ARG B 776 -52.06 -15.30 19.62
N ILE B 777 -51.06 -16.14 19.84
CA ILE B 777 -50.00 -16.29 18.86
C ILE B 777 -50.61 -16.78 17.56
N VAL B 778 -50.35 -16.07 16.46
CA VAL B 778 -50.79 -16.50 15.14
C VAL B 778 -49.75 -17.45 14.58
N VAL B 779 -50.17 -18.59 14.05
CA VAL B 779 -49.19 -19.48 13.45
C VAL B 779 -49.62 -19.90 12.07
N ASN B 780 -48.63 -20.33 11.28
CA ASN B 780 -48.86 -20.78 9.93
C ASN B 780 -49.75 -21.99 9.98
N SER B 781 -50.79 -22.03 9.14
CA SER B 781 -51.74 -23.15 9.13
C SER B 781 -51.09 -24.47 8.76
N SER B 782 -49.87 -24.47 8.22
CA SER B 782 -49.29 -25.62 7.54
C SER B 782 -48.02 -26.14 8.18
N THR B 783 -47.16 -25.28 8.72
CA THR B 783 -45.97 -25.75 9.40
C THR B 783 -46.10 -25.64 10.91
N GLY B 784 -46.79 -24.63 11.40
CA GLY B 784 -47.10 -24.51 12.81
C GLY B 784 -46.40 -23.37 13.48
N LEU B 785 -45.36 -22.81 12.84
CA LEU B 785 -44.42 -21.78 13.25
C LEU B 785 -45.08 -20.41 13.29
N PRO B 786 -44.61 -19.52 14.13
CA PRO B 786 -45.30 -18.26 14.28
C PRO B 786 -45.16 -17.43 13.03
N VAL B 787 -46.00 -16.42 12.94
CA VAL B 787 -46.10 -15.58 11.76
C VAL B 787 -45.67 -14.18 12.16
N GLU B 788 -44.66 -13.65 11.50
CA GLU B 788 -44.10 -12.37 11.90
C GLU B 788 -45.11 -11.25 11.71
N ALA B 789 -45.23 -10.40 12.72
CA ALA B 789 -46.13 -9.26 12.68
C ALA B 789 -45.66 -8.24 11.64
N SER B 790 -46.53 -7.28 11.33
CA SER B 790 -46.34 -6.42 10.17
C SER B 790 -45.19 -5.45 10.36
N GLU B 791 -44.82 -5.16 11.60
CA GLU B 791 -43.67 -4.31 11.89
C GLU B 791 -42.83 -4.95 13.00
N PHE B 792 -41.74 -4.30 13.32
CA PHE B 792 -40.95 -4.66 14.49
C PHE B 792 -41.54 -3.97 15.70
N GLY B 793 -41.67 -4.70 16.79
CA GLY B 793 -42.13 -4.10 18.02
C GLY B 793 -40.96 -3.56 18.81
N ILE B 794 -41.16 -2.41 19.44
CA ILE B 794 -40.19 -1.95 20.41
C ILE B 794 -40.02 -3.01 21.47
N CYS B 795 -38.79 -3.20 21.95
CA CYS B 795 -38.57 -4.22 22.96
C CYS B 795 -37.62 -3.79 24.05
N GLY B 796 -37.48 -2.49 24.30
CA GLY B 796 -36.70 -2.08 25.45
C GLY B 796 -35.50 -1.21 25.16
N ASP B 797 -35.10 -0.42 26.12
CA ASP B 797 -33.95 0.42 25.93
C ASP B 797 -32.69 -0.28 26.40
N MET B 798 -31.58 0.43 26.34
CA MET B 798 -30.29 -0.07 26.76
C MET B 798 -30.03 0.16 28.23
N ASN B 799 -30.79 1.02 28.89
CA ASN B 799 -30.37 1.54 30.19
C ASN B 799 -30.77 0.64 31.34
N ASN B 800 -29.91 0.65 32.36
CA ASN B 800 -30.28 0.13 33.65
C ASN B 800 -31.34 1.05 34.27
N LYS B 801 -32.29 0.45 34.98
CA LYS B 801 -33.26 1.26 35.72
C LYS B 801 -32.62 1.92 36.92
N TYR B 802 -31.74 1.19 37.60
CA TYR B 802 -30.97 1.70 38.72
C TYR B 802 -29.74 0.81 38.86
N GLN B 803 -28.68 1.38 39.40
CA GLN B 803 -27.43 0.68 39.64
C GLN B 803 -27.00 0.93 41.06
N MET B 804 -26.54 -0.12 41.75
CA MET B 804 -26.08 0.08 43.10
C MET B 804 -25.07 -1.00 43.48
N GLY B 805 -24.30 -0.70 44.52
CA GLY B 805 -23.31 -1.61 45.03
C GLY B 805 -23.21 -1.52 46.54
N VAL B 806 -22.67 -2.58 47.13
CA VAL B 806 -22.55 -2.70 48.59
C VAL B 806 -21.16 -3.22 48.92
N SER B 807 -20.44 -2.50 49.78
CA SER B 807 -19.04 -2.80 50.07
C SER B 807 -18.77 -2.83 51.56
N THR B 808 -17.81 -3.65 51.97
CA THR B 808 -17.49 -3.79 53.38
C THR B 808 -16.00 -4.09 53.56
N ASN B 809 -15.43 -3.58 54.66
CA ASN B 809 -13.99 -3.62 54.89
C ASN B 809 -13.69 -3.99 56.35
N LEU B 810 -12.83 -4.97 56.53
CA LEU B 810 -12.41 -5.45 57.84
C LEU B 810 -10.93 -5.18 58.05
N LYS B 811 -10.57 -4.67 59.23
CA LYS B 811 -9.19 -4.48 59.62
C LYS B 811 -9.01 -5.02 61.03
N TYR B 812 -8.13 -6.01 61.17
CA TYR B 812 -7.77 -6.57 62.47
C TYR B 812 -6.26 -6.68 62.54
N LYS B 813 -5.63 -5.80 63.32
CA LYS B 813 -4.16 -5.65 63.36
C LYS B 813 -3.70 -5.32 61.94
N GLY B 814 -2.74 -6.05 61.39
CA GLY B 814 -2.32 -5.83 60.03
C GLY B 814 -3.17 -6.48 58.96
N ILE B 815 -4.24 -7.17 59.33
CA ILE B 815 -5.06 -7.86 58.35
C ILE B 815 -6.08 -6.89 57.76
N SER B 816 -6.24 -6.93 56.43
CA SER B 816 -7.28 -6.20 55.71
C SER B 816 -8.16 -7.20 55.00
N LEU B 817 -9.47 -6.94 54.99
CA LEU B 817 -10.41 -7.71 54.19
C LEU B 817 -11.47 -6.79 53.62
N GLY B 818 -11.52 -6.71 52.29
CA GLY B 818 -12.54 -5.92 51.61
C GLY B 818 -13.32 -6.72 50.59
N ILE B 819 -14.64 -6.62 50.63
CA ILE B 819 -15.52 -7.30 49.69
C ILE B 819 -16.43 -6.26 49.05
N ASP B 820 -16.63 -6.38 47.75
CA ASP B 820 -17.43 -5.42 46.99
C ASP B 820 -18.38 -6.14 46.04
N PHE B 821 -19.67 -5.84 46.15
CA PHE B 821 -20.70 -6.39 45.27
C PHE B 821 -21.24 -5.32 44.33
N ASP B 822 -21.41 -5.70 43.07
CA ASP B 822 -21.89 -4.80 42.02
C ASP B 822 -23.26 -5.28 41.58
N ILE B 823 -24.27 -4.40 41.68
CA ILE B 823 -25.63 -4.75 41.32
C ILE B 823 -26.12 -3.76 40.29
N ARG B 824 -26.49 -4.26 39.12
CA ARG B 824 -27.11 -3.45 38.09
C ARG B 824 -28.35 -4.18 37.60
N GLN B 825 -29.48 -3.49 37.62
CA GLN B 825 -30.76 -4.08 37.27
C GLN B 825 -31.44 -3.20 36.23
N GLY B 826 -31.92 -3.82 35.16
CA GLY B 826 -32.72 -3.12 34.18
C GLY B 826 -32.11 -3.01 32.80
N GLY B 827 -32.92 -3.19 31.77
CA GLY B 827 -32.46 -2.99 30.43
C GLY B 827 -32.28 -4.32 29.70
N VAL B 828 -31.62 -4.23 28.54
CA VAL B 828 -31.63 -5.31 27.57
C VAL B 828 -30.52 -5.11 26.54
N MET B 829 -30.06 -6.22 25.96
CA MET B 829 -28.91 -6.21 25.07
C MET B 829 -29.01 -7.41 24.11
N TYR B 830 -28.43 -7.28 22.93
CA TYR B 830 -28.48 -8.37 21.96
C TYR B 830 -27.45 -9.42 22.31
N SER B 831 -27.77 -10.68 22.10
CA SER B 831 -26.81 -11.73 22.41
C SER B 831 -26.83 -12.81 21.35
N ARG B 832 -25.95 -12.68 20.36
CA ARG B 832 -25.69 -13.81 19.48
C ARG B 832 -25.23 -15.05 20.25
N THR B 833 -24.75 -14.88 21.48
CA THR B 833 -24.37 -16.05 22.25
C THR B 833 -25.57 -16.91 22.57
N LYS B 834 -26.71 -16.29 22.86
CA LYS B 834 -27.95 -17.05 22.96
C LYS B 834 -28.39 -17.51 21.58
N ASP B 835 -28.39 -16.60 20.62
CA ASP B 835 -28.84 -16.90 19.26
C ASP B 835 -28.18 -18.16 18.72
N ILE B 836 -26.85 -18.22 18.77
CA ILE B 836 -26.19 -19.31 18.07
C ILE B 836 -26.37 -20.61 18.84
N ASN B 837 -26.45 -20.54 20.16
CA ASN B 837 -26.73 -21.76 20.91
C ASN B 837 -28.17 -22.21 20.73
N TYR B 838 -29.09 -21.26 20.51
CA TYR B 838 -30.45 -21.62 20.09
C TYR B 838 -30.43 -22.25 18.71
N PHE B 839 -29.93 -21.53 17.71
CA PHE B 839 -29.93 -22.06 16.35
C PHE B 839 -29.41 -23.49 16.33
N THR B 840 -28.43 -23.76 17.18
CA THR B 840 -27.65 -24.95 17.08
C THR B 840 -28.18 -26.08 17.93
N GLY B 841 -29.21 -25.83 18.72
CA GLY B 841 -29.73 -26.90 19.53
C GLY B 841 -28.86 -27.30 20.70
N ASN B 842 -27.99 -26.41 21.15
CA ASN B 842 -27.19 -26.73 22.32
C ASN B 842 -27.69 -26.06 23.60
N ALA B 843 -28.42 -24.96 23.51
CA ALA B 843 -28.92 -24.32 24.73
C ALA B 843 -29.97 -25.20 25.39
N ILE B 844 -30.04 -25.14 26.72
CA ILE B 844 -30.94 -26.05 27.43
C ILE B 844 -32.38 -25.78 27.04
N GLN B 845 -32.76 -24.52 26.95
CA GLN B 845 -34.05 -24.09 26.43
C GLN B 845 -34.63 -24.94 25.33
N THR B 846 -33.83 -25.50 24.43
CA THR B 846 -34.40 -26.21 23.30
C THR B 846 -34.59 -27.69 23.56
N ALA B 847 -34.78 -28.09 24.79
CA ALA B 847 -35.25 -29.42 25.10
C ALA B 847 -36.66 -29.34 25.68
N TYR B 848 -37.45 -28.42 25.11
CA TYR B 848 -38.72 -28.02 25.68
C TYR B 848 -39.66 -29.22 25.70
N ASN B 849 -40.25 -29.55 24.57
CA ASN B 849 -41.28 -30.57 24.59
C ASN B 849 -40.69 -31.95 24.49
N ASP B 850 -39.60 -32.19 25.24
CA ASP B 850 -38.69 -33.31 24.96
C ASP B 850 -38.59 -33.51 23.46
N ARG B 851 -38.49 -32.37 22.74
CA ARG B 851 -38.47 -32.34 21.27
C ARG B 851 -39.56 -33.20 20.67
N ASN B 852 -40.67 -33.30 21.35
CA ASN B 852 -41.77 -33.95 20.67
C ASN B 852 -42.64 -32.91 19.99
N PRO B 853 -43.25 -33.25 18.87
CA PRO B 853 -43.99 -32.25 18.11
C PRO B 853 -45.06 -31.61 18.97
N LEU B 854 -45.16 -30.29 18.87
CA LEU B 854 -45.99 -29.55 19.79
C LEU B 854 -46.83 -28.57 19.00
N ILE B 855 -47.94 -28.17 19.60
CA ILE B 855 -48.75 -27.07 19.08
C ILE B 855 -48.50 -25.88 19.97
N VAL B 856 -48.08 -24.77 19.36
CA VAL B 856 -47.70 -23.59 20.13
C VAL B 856 -48.86 -23.26 21.06
N PRO B 857 -48.63 -23.22 22.36
CA PRO B 857 -49.73 -23.34 23.34
C PRO B 857 -50.80 -22.27 23.38
N ASN B 858 -50.84 -21.33 22.47
CA ASN B 858 -52.03 -20.51 22.43
C ASN B 858 -52.45 -20.26 21.00
N SER B 859 -52.00 -21.12 20.09
CA SER B 859 -51.93 -20.73 18.70
C SER B 859 -53.31 -20.62 18.09
N VAL B 860 -53.33 -20.07 16.89
CA VAL B 860 -54.54 -19.66 16.22
C VAL B 860 -54.13 -19.39 14.79
N ASN B 861 -55.09 -19.44 13.88
CA ASN B 861 -54.76 -19.29 12.47
C ASN B 861 -55.52 -18.08 11.95
N LYS B 862 -54.89 -17.28 11.08
CA LYS B 862 -55.60 -16.20 10.41
C LYS B 862 -56.21 -16.78 9.15
N ILE B 863 -57.51 -16.57 8.99
CA ILE B 863 -58.30 -17.12 7.89
C ILE B 863 -58.82 -15.93 7.09
N VAL B 864 -58.23 -15.71 5.92
CA VAL B 864 -58.53 -14.55 5.08
C VAL B 864 -59.34 -15.01 3.89
N ASN B 865 -60.59 -14.50 3.82
CA ASN B 865 -61.50 -14.71 2.69
C ASN B 865 -61.76 -13.35 2.06
N GLY B 866 -61.25 -13.15 0.85
CA GLY B 866 -61.35 -11.85 0.22
C GLY B 866 -60.81 -10.71 1.07
N GLU B 867 -61.61 -10.26 2.04
CA GLU B 867 -61.19 -9.24 3.00
C GLU B 867 -62.02 -9.40 4.28
N ASN B 868 -61.79 -10.51 4.97
CA ASN B 868 -62.39 -10.74 6.28
C ASN B 868 -61.44 -11.56 7.14
N VAL B 869 -61.14 -11.05 8.32
CA VAL B 869 -60.17 -11.65 9.21
C VAL B 869 -60.91 -12.56 10.20
N THR B 870 -60.49 -13.82 10.25
CA THR B 870 -61.14 -14.82 11.09
C THR B 870 -60.08 -15.71 11.71
N TYR B 871 -60.12 -15.87 13.03
CA TYR B 871 -59.12 -16.66 13.73
C TYR B 871 -59.72 -17.96 14.25
N VAL B 872 -59.07 -19.06 13.92
CA VAL B 872 -59.47 -20.42 14.28
C VAL B 872 -58.54 -20.96 15.34
N GLU B 873 -59.08 -21.64 16.35
CA GLU B 873 -58.20 -22.45 17.19
C GLU B 873 -57.29 -23.28 16.31
N ASN B 874 -55.99 -23.24 16.62
CA ASN B 874 -54.98 -23.84 15.75
C ASN B 874 -54.93 -25.35 15.93
N THR B 875 -54.72 -26.04 14.82
CA THR B 875 -54.73 -27.50 14.80
C THR B 875 -53.44 -28.10 14.27
N THR B 876 -52.62 -27.34 13.56
CA THR B 876 -51.41 -27.84 12.90
C THR B 876 -50.25 -27.86 13.90
N PRO B 877 -49.47 -28.95 13.96
CA PRO B 877 -48.36 -29.01 14.91
C PRO B 877 -47.04 -28.66 14.25
N ILE B 878 -46.13 -27.98 14.95
CA ILE B 878 -44.74 -27.96 14.54
C ILE B 878 -44.27 -29.41 14.50
N THR B 879 -43.96 -29.93 13.32
CA THR B 879 -43.58 -31.33 13.25
C THR B 879 -42.21 -31.52 13.91
N SER B 880 -41.83 -32.78 14.11
CA SER B 880 -40.51 -33.05 14.67
C SER B 880 -39.43 -32.47 13.78
N SER B 881 -39.50 -32.76 12.48
CA SER B 881 -38.49 -32.30 11.53
C SER B 881 -38.27 -30.80 11.59
N ASN B 882 -39.30 -30.02 11.90
CA ASN B 882 -39.19 -28.56 11.93
C ASN B 882 -39.11 -27.98 13.34
N ILE B 883 -38.85 -28.78 14.37
CA ILE B 883 -38.63 -28.20 15.70
C ILE B 883 -37.45 -27.27 15.68
N TYR B 884 -36.38 -27.63 14.94
CA TYR B 884 -35.23 -26.75 14.81
C TYR B 884 -35.65 -25.36 14.40
N LYS B 885 -36.47 -25.25 13.36
CA LYS B 885 -36.76 -23.92 12.87
C LYS B 885 -37.49 -23.11 13.90
N TYR B 886 -38.32 -23.76 14.73
CA TYR B 886 -39.09 -22.98 15.70
C TYR B 886 -38.18 -22.27 16.67
N TRP B 887 -37.05 -22.89 17.01
CA TRP B 887 -36.13 -22.31 17.96
C TRP B 887 -35.11 -21.42 17.27
N GLY B 888 -34.57 -21.86 16.15
CA GLY B 888 -33.58 -21.06 15.45
C GLY B 888 -34.06 -19.65 15.22
N ASP B 889 -35.36 -19.48 14.97
CA ASP B 889 -35.97 -18.19 14.72
C ASP B 889 -36.34 -17.44 16.00
N GLY B 890 -36.45 -18.13 17.13
CA GLY B 890 -36.73 -17.46 18.39
C GLY B 890 -37.80 -18.11 19.24
N GLY B 891 -38.45 -19.11 18.73
CA GLY B 891 -39.62 -19.57 19.41
C GLY B 891 -40.75 -18.58 19.27
N SER B 892 -41.64 -18.58 20.26
CA SER B 892 -42.83 -17.74 20.18
C SER B 892 -42.51 -16.27 20.26
N ASP B 893 -41.28 -15.89 20.61
CA ASP B 893 -40.84 -14.51 20.57
C ASP B 893 -40.23 -14.14 19.23
N MET B 894 -39.90 -15.13 18.41
CA MET B 894 -39.16 -14.92 17.18
C MET B 894 -37.91 -14.07 17.46
N GLY B 895 -37.66 -13.01 16.69
CA GLY B 895 -36.38 -12.34 16.76
C GLY B 895 -36.12 -11.63 18.06
N SER B 896 -37.15 -11.00 18.63
CA SER B 896 -36.94 -10.36 19.91
C SER B 896 -36.52 -11.33 20.99
N CYS B 897 -36.48 -12.63 20.71
CA CYS B 897 -36.07 -13.58 21.74
C CYS B 897 -34.67 -13.28 22.24
N PHE B 898 -33.81 -12.83 21.36
CA PHE B 898 -32.41 -12.66 21.66
C PHE B 898 -32.09 -11.27 22.14
N LEU B 899 -33.01 -10.63 22.82
CA LEU B 899 -32.67 -9.44 23.58
C LEU B 899 -32.67 -9.89 25.04
N VAL B 900 -31.50 -9.86 25.67
CA VAL B 900 -31.29 -10.50 26.96
C VAL B 900 -31.36 -9.45 28.06
N ASP B 901 -31.76 -9.87 29.25
CA ASP B 901 -31.86 -8.97 30.40
C ASP B 901 -30.46 -8.51 30.80
N LYS B 902 -30.22 -7.22 30.71
CA LYS B 902 -28.92 -6.60 30.94
C LYS B 902 -28.44 -6.80 32.37
N SER B 903 -29.25 -7.44 33.21
CA SER B 903 -29.21 -7.31 34.65
C SER B 903 -28.40 -8.43 35.30
N TYR B 904 -27.62 -8.06 36.29
CA TYR B 904 -26.76 -9.01 36.99
C TYR B 904 -26.44 -8.44 38.35
N VAL B 905 -26.17 -9.34 39.29
CA VAL B 905 -25.45 -9.04 40.52
C VAL B 905 -24.09 -9.69 40.38
N LYS B 906 -23.05 -9.01 40.84
CA LYS B 906 -21.71 -9.53 40.61
C LYS B 906 -20.82 -9.34 41.83
N LEU B 907 -20.05 -10.37 42.15
CA LEU B 907 -19.04 -10.31 43.23
C LEU B 907 -17.80 -9.69 42.61
N ARG B 908 -17.71 -8.36 42.71
CA ARG B 908 -16.71 -7.62 41.96
C ARG B 908 -15.30 -8.04 42.36
N SER B 909 -14.95 -7.84 43.63
CA SER B 909 -13.57 -8.04 44.07
C SER B 909 -13.52 -8.46 45.52
N VAL B 910 -12.41 -9.11 45.87
CA VAL B 910 -12.08 -9.54 47.24
C VAL B 910 -10.59 -9.32 47.46
N VAL B 911 -10.24 -8.66 48.56
CA VAL B 911 -8.87 -8.24 48.79
C VAL B 911 -8.52 -8.57 50.24
N LEU B 912 -7.78 -9.65 50.45
CA LEU B 912 -7.28 -10.02 51.77
C LEU B 912 -5.86 -9.50 51.90
N GLY B 913 -5.63 -8.60 52.85
CA GLY B 913 -4.30 -8.03 52.96
C GLY B 913 -3.65 -8.15 54.32
N TRP B 914 -2.46 -8.74 54.37
CA TRP B 914 -1.72 -8.93 55.62
C TRP B 914 -0.55 -7.96 55.65
N ASP B 915 -0.59 -7.00 56.55
CA ASP B 915 0.51 -6.04 56.75
C ASP B 915 1.40 -6.58 57.86
N LEU B 916 2.55 -7.15 57.50
CA LEU B 916 3.48 -7.67 58.49
C LEU B 916 3.81 -6.59 59.52
N PRO B 917 4.06 -6.96 60.77
CA PRO B 917 4.41 -5.94 61.77
C PRO B 917 5.88 -5.57 61.68
N LYS B 918 6.16 -4.29 61.92
CA LYS B 918 7.52 -3.79 61.80
C LYS B 918 8.46 -4.65 62.63
N ARG B 919 8.01 -5.06 63.81
CA ARG B 919 8.79 -5.93 64.67
C ARG B 919 9.26 -7.20 63.98
N TRP B 920 8.55 -7.64 62.93
CA TRP B 920 9.02 -8.82 62.20
C TRP B 920 10.17 -8.52 61.25
N LEU B 921 10.37 -7.27 60.88
CA LEU B 921 11.46 -6.93 59.97
C LEU B 921 12.73 -6.66 60.76
N ALA B 922 13.06 -5.38 60.95
CA ALA B 922 14.21 -4.97 61.74
C ALA B 922 15.49 -5.59 61.21
N LYS B 923 15.67 -6.90 61.45
CA LYS B 923 16.87 -7.63 61.03
C LYS B 923 17.03 -7.74 59.51
N THR B 924 16.23 -6.99 58.77
CA THR B 924 16.07 -7.13 57.33
C THR B 924 16.19 -5.76 56.67
N PRO B 925 16.42 -5.72 55.36
CA PRO B 925 16.41 -4.42 54.66
C PRO B 925 15.02 -3.85 54.51
N PHE B 926 13.99 -4.65 54.77
CA PHE B 926 12.60 -4.27 54.53
C PHE B 926 12.12 -3.25 55.54
N GLN B 927 11.27 -2.36 55.07
CA GLN B 927 10.70 -1.30 55.88
C GLN B 927 9.21 -1.45 56.07
N ALA B 928 8.62 -2.39 55.35
CA ALA B 928 7.21 -2.73 55.41
C ALA B 928 7.05 -3.89 54.45
N VAL B 929 6.16 -4.83 54.75
CA VAL B 929 5.85 -5.92 53.84
C VAL B 929 4.37 -6.19 53.97
N LYS B 930 3.68 -6.30 52.84
CA LYS B 930 2.24 -6.61 52.81
C LYS B 930 2.01 -7.71 51.79
N VAL B 931 1.76 -8.93 52.26
CA VAL B 931 1.30 -10.00 51.38
C VAL B 931 -0.20 -9.87 51.20
N SER B 932 -0.65 -10.04 49.94
CA SER B 932 -2.00 -9.70 49.54
C SER B 932 -2.52 -10.83 48.66
N ALA B 933 -3.75 -11.26 48.88
CA ALA B 933 -4.34 -12.31 48.05
C ALA B 933 -5.72 -11.86 47.62
N TYR B 934 -6.03 -12.00 46.33
CA TYR B 934 -7.16 -11.26 45.79
C TYR B 934 -7.85 -12.07 44.70
N GLY B 935 -9.04 -11.60 44.33
CA GLY B 935 -9.80 -12.20 43.27
C GLY B 935 -10.79 -11.21 42.69
N ASN B 936 -10.98 -11.24 41.38
CA ASN B 936 -11.82 -10.26 40.73
C ASN B 936 -12.82 -10.99 39.85
N ASN B 937 -13.95 -10.32 39.64
CA ASN B 937 -15.03 -10.83 38.81
C ASN B 937 -15.26 -12.29 39.14
N LEU B 938 -15.56 -12.53 40.43
CA LEU B 938 -15.56 -13.87 40.99
C LEU B 938 -16.83 -14.63 40.66
N PHE B 939 -17.99 -14.05 40.93
CA PHE B 939 -19.24 -14.72 40.67
C PHE B 939 -20.26 -13.71 40.16
N VAL B 940 -21.14 -14.18 39.29
CA VAL B 940 -22.17 -13.35 38.68
C VAL B 940 -23.51 -14.08 38.74
N TRP B 941 -24.55 -13.39 39.19
CA TRP B 941 -25.89 -13.92 39.31
C TRP B 941 -26.80 -13.14 38.37
N THR B 942 -27.54 -13.84 37.52
CA THR B 942 -28.27 -13.19 36.44
C THR B 942 -29.70 -13.73 36.38
N PRO B 943 -30.70 -12.86 36.23
CA PRO B 943 -32.12 -13.23 36.34
C PRO B 943 -32.48 -14.69 36.18
N SER B 944 -32.83 -15.11 34.97
CA SER B 944 -33.36 -16.45 34.84
C SER B 944 -33.62 -16.67 33.37
N SER B 945 -34.01 -15.60 32.72
CA SER B 945 -34.04 -15.53 31.28
C SER B 945 -32.67 -15.60 30.67
N ASN B 946 -31.62 -15.44 31.48
CA ASN B 946 -30.24 -15.28 31.02
C ASN B 946 -29.43 -16.46 31.53
N THR B 947 -29.38 -17.55 30.78
CA THR B 947 -28.41 -18.59 31.05
C THR B 947 -27.23 -18.51 30.10
N PHE B 948 -26.95 -17.34 29.54
CA PHE B 948 -26.11 -17.27 28.37
C PHE B 948 -24.85 -16.45 28.53
N ILE B 949 -24.92 -15.25 29.09
CA ILE B 949 -23.77 -14.34 29.12
C ILE B 949 -23.66 -13.62 30.45
N ASP B 950 -22.46 -13.49 30.95
CA ASP B 950 -22.15 -12.33 31.77
C ASP B 950 -22.56 -11.08 31.01
N PRO B 951 -23.56 -10.33 31.49
CA PRO B 951 -24.04 -9.18 30.72
C PRO B 951 -22.98 -8.14 30.44
N GLU B 952 -21.82 -8.24 31.10
CA GLU B 952 -20.74 -7.29 30.91
C GLU B 952 -19.88 -7.77 29.74
N MET B 953 -20.43 -7.60 28.54
CA MET B 953 -19.74 -7.96 27.31
C MET B 953 -20.09 -6.98 26.22
N THR B 954 -19.26 -6.93 25.20
CA THR B 954 -19.66 -6.20 24.02
C THR B 954 -18.75 -6.58 22.86
N SER B 955 -19.19 -6.25 21.65
CA SER B 955 -18.34 -6.36 20.47
C SER B 955 -18.36 -5.07 19.68
N PHE B 956 -18.69 -3.97 20.31
CA PHE B 956 -18.83 -2.72 19.59
C PHE B 956 -18.23 -1.56 20.37
N GLY B 957 -17.34 -1.85 21.31
CA GLY B 957 -16.47 -0.83 21.81
C GLY B 957 -16.95 -0.18 23.09
N ASN B 958 -16.05 0.54 23.71
CA ASN B 958 -16.32 1.05 25.05
C ASN B 958 -17.22 2.27 25.09
N ASP B 959 -18.08 2.48 24.10
CA ASP B 959 -18.96 3.64 24.15
C ASP B 959 -20.33 3.27 23.60
N LEU B 960 -21.15 4.29 23.34
CA LEU B 960 -22.58 4.11 23.08
C LEU B 960 -22.86 2.88 22.27
N GLU B 961 -22.22 2.77 21.12
CA GLU B 961 -22.53 1.68 20.21
C GLU B 961 -22.30 0.33 20.85
N GLY B 962 -21.57 0.28 21.94
CA GLY B 962 -21.34 -1.01 22.58
C GLY B 962 -22.57 -1.52 23.30
N ASN B 963 -23.43 -0.62 23.75
CA ASN B 963 -24.65 -1.06 24.41
C ASN B 963 -25.54 -1.87 23.48
N TYR B 964 -25.24 -1.96 22.17
CA TYR B 964 -26.06 -2.78 21.28
C TYR B 964 -26.06 -4.24 21.70
N GLY B 965 -24.90 -4.76 22.06
CA GLY B 965 -24.95 -6.13 22.45
C GLY B 965 -23.61 -6.79 22.54
N GLU B 966 -23.53 -7.98 21.99
CA GLU B 966 -22.43 -8.87 22.21
C GLU B 966 -22.56 -9.90 21.11
N TYR B 967 -21.64 -9.89 20.16
CA TYR B 967 -21.75 -10.73 18.98
C TYR B 967 -20.75 -11.88 19.13
N THR B 968 -21.08 -12.79 20.04
CA THR B 968 -20.22 -13.89 20.47
C THR B 968 -18.89 -13.41 21.03
N ALA B 969 -18.94 -12.39 21.87
CA ALA B 969 -17.77 -12.04 22.67
C ALA B 969 -17.26 -13.28 23.36
N ASN B 970 -15.94 -13.38 23.50
CA ASN B 970 -15.39 -14.55 24.14
C ASN B 970 -15.89 -14.59 25.59
N PRO B 971 -15.96 -15.77 26.18
CA PRO B 971 -16.47 -15.87 27.55
C PRO B 971 -15.77 -14.92 28.51
N SER B 972 -16.54 -14.36 29.44
CA SER B 972 -15.92 -13.61 30.50
C SER B 972 -15.34 -14.58 31.53
N SER B 973 -14.49 -14.05 32.41
CA SER B 973 -13.55 -14.89 33.12
C SER B 973 -13.42 -14.47 34.57
N ARG B 974 -13.20 -15.47 35.41
CA ARG B 974 -12.89 -15.31 36.81
C ARG B 974 -11.40 -15.04 36.97
N ARG B 975 -11.04 -14.18 37.92
CA ARG B 975 -9.63 -13.85 38.14
C ARG B 975 -9.31 -13.88 39.63
N PHE B 976 -8.10 -14.36 39.96
CA PHE B 976 -7.67 -14.50 41.35
C PHE B 976 -6.16 -14.73 41.39
N GLY B 977 -5.49 -14.08 42.34
CA GLY B 977 -4.06 -14.21 42.48
C GLY B 977 -3.50 -13.76 43.83
N PHE B 978 -2.21 -13.42 43.82
CA PHE B 978 -1.47 -12.99 45.00
C PHE B 978 -0.62 -11.77 44.66
N ASN B 979 -0.14 -11.06 45.69
CA ASN B 979 0.65 -9.86 45.45
C ASN B 979 1.54 -9.55 46.65
N LEU B 980 2.81 -9.22 46.38
CA LEU B 980 3.84 -9.03 47.40
C LEU B 980 4.41 -7.62 47.39
N MET B 981 4.02 -6.78 48.35
CA MET B 981 4.59 -5.44 48.45
C MET B 981 5.78 -5.44 49.39
N VAL B 982 6.88 -4.81 48.97
CA VAL B 982 8.11 -4.73 49.75
C VAL B 982 8.64 -3.31 49.64
N LYS B 983 8.55 -2.53 50.71
CA LYS B 983 9.18 -1.23 50.71
C LYS B 983 10.67 -1.38 51.04
N PHE B 984 11.46 -0.41 50.61
CA PHE B 984 12.88 -0.35 51.01
C PHE B 984 13.25 1.05 51.50
N CYS C 1 16.50 -12.03 25.30
CA CYS C 1 17.38 -11.83 24.15
C CYS C 1 17.67 -13.19 23.51
N ASP C 2 16.64 -13.79 22.90
CA ASP C 2 16.81 -14.95 22.03
C ASP C 2 17.66 -14.57 20.81
N LEU C 3 18.57 -15.46 20.42
CA LEU C 3 19.51 -15.16 19.35
C LEU C 3 19.28 -15.91 18.05
N ASN C 4 18.46 -16.96 18.04
CA ASN C 4 18.30 -17.75 16.82
C ASN C 4 17.35 -17.09 15.82
N ILE C 5 17.59 -15.85 15.45
CA ILE C 5 16.61 -15.08 14.72
C ILE C 5 17.13 -14.58 13.38
N ASN C 6 18.10 -15.28 12.79
CA ASN C 6 18.72 -14.72 11.60
C ASN C 6 18.09 -15.20 10.30
N ASP C 7 16.96 -15.89 10.37
CA ASP C 7 16.20 -16.21 9.16
C ASP C 7 15.51 -14.94 8.67
N ASP C 8 15.82 -14.51 7.45
CA ASP C 8 15.33 -13.23 6.96
C ASP C 8 13.81 -13.30 6.94
N PRO C 9 13.12 -12.40 7.63
CA PRO C 9 11.65 -12.40 7.64
C PRO C 9 10.99 -11.58 6.56
N ASN C 10 11.76 -11.04 5.62
CA ASN C 10 11.21 -10.39 4.45
C ASN C 10 11.12 -11.32 3.26
N TYR C 11 11.30 -12.62 3.47
CA TYR C 11 11.30 -13.60 2.40
C TYR C 11 10.69 -14.89 2.93
N PRO C 12 10.06 -15.67 2.06
CA PRO C 12 9.44 -16.90 2.50
C PRO C 12 10.46 -17.90 2.92
N MET C 13 10.02 -18.84 3.74
CA MET C 13 10.85 -19.97 4.08
C MET C 13 11.20 -20.74 2.81
N ASN C 14 12.46 -21.16 2.70
CA ASN C 14 12.92 -21.69 1.42
C ASN C 14 12.21 -22.99 1.05
N ASP C 15 11.85 -23.82 2.03
CA ASP C 15 11.20 -25.06 1.67
C ASP C 15 9.81 -24.84 1.10
N GLN C 16 9.27 -23.63 1.23
CA GLN C 16 7.94 -23.30 0.73
C GLN C 16 7.97 -22.71 -0.66
N VAL C 17 9.13 -22.63 -1.31
CA VAL C 17 9.24 -22.04 -2.63
C VAL C 17 9.51 -23.17 -3.61
N THR C 18 8.58 -23.41 -4.53
CA THR C 18 8.65 -24.54 -5.45
C THR C 18 8.62 -24.07 -6.90
N ALA C 19 8.72 -25.04 -7.82
CA ALA C 19 8.97 -24.73 -9.22
C ALA C 19 7.94 -23.74 -9.75
N ASP C 20 6.67 -24.13 -9.76
CA ASP C 20 5.58 -23.26 -10.20
C ASP C 20 5.68 -21.82 -9.67
N LEU C 21 6.35 -21.61 -8.54
CA LEU C 21 6.59 -20.26 -8.05
C LEU C 21 7.81 -19.63 -8.71
N ILE C 22 8.80 -20.44 -9.06
CA ILE C 22 10.00 -19.91 -9.69
C ILE C 22 9.81 -19.77 -11.19
N PHE C 23 9.13 -20.72 -11.80
CA PHE C 23 9.17 -20.82 -13.25
C PHE C 23 8.72 -19.55 -13.96
N PRO C 24 7.70 -18.83 -13.54
CA PRO C 24 7.34 -17.64 -14.29
C PRO C 24 8.48 -16.65 -14.42
N SER C 25 9.52 -16.73 -13.59
CA SER C 25 10.55 -15.70 -13.64
C SER C 25 11.38 -15.80 -14.89
N ILE C 26 11.65 -17.01 -15.36
CA ILE C 26 12.57 -17.21 -16.46
C ILE C 26 12.10 -16.46 -17.71
N SER C 27 10.95 -16.87 -18.24
CA SER C 27 10.29 -16.14 -19.32
C SER C 27 10.45 -14.63 -19.22
N ALA C 28 10.13 -14.06 -18.06
CA ALA C 28 10.10 -12.61 -17.94
C ALA C 28 11.50 -12.04 -17.89
N SER C 29 12.39 -12.67 -17.13
CA SER C 29 13.77 -12.20 -17.05
C SER C 29 14.44 -12.28 -18.41
N ILE C 30 14.39 -13.44 -19.06
CA ILE C 30 14.87 -13.54 -20.44
C ILE C 30 14.28 -12.44 -21.30
N ALA C 31 13.02 -12.11 -21.09
CA ALA C 31 12.46 -11.04 -21.90
C ALA C 31 12.86 -9.65 -21.43
N SER C 32 13.38 -9.52 -20.21
CA SER C 32 13.90 -8.23 -19.78
C SER C 32 15.10 -7.80 -20.62
N ALA C 33 15.82 -8.78 -21.18
CA ALA C 33 17.05 -8.53 -21.92
C ALA C 33 16.80 -8.54 -23.40
N VAL C 34 16.45 -9.70 -23.94
CA VAL C 34 16.21 -9.82 -25.38
C VAL C 34 15.26 -8.76 -25.88
N GLY C 35 14.36 -8.30 -25.02
CA GLY C 35 13.35 -7.36 -25.41
C GLY C 35 13.66 -5.96 -24.93
N GLY C 36 14.69 -5.87 -24.10
CA GLY C 36 15.02 -4.65 -23.41
C GLY C 36 16.22 -3.94 -23.98
N GLU C 37 17.33 -3.94 -23.27
CA GLU C 37 18.47 -3.20 -23.79
C GLU C 37 19.15 -3.94 -24.92
N ILE C 38 19.23 -5.28 -24.86
CA ILE C 38 19.78 -6.04 -25.98
C ILE C 38 19.07 -5.64 -27.25
N TYR C 39 17.76 -5.85 -27.30
CA TYR C 39 16.97 -5.36 -28.42
C TYR C 39 17.33 -3.92 -28.75
N ASN C 40 17.54 -3.09 -27.73
CA ASN C 40 17.74 -1.68 -28.00
C ASN C 40 18.98 -1.44 -28.81
N TYR C 41 20.12 -1.98 -28.38
CA TYR C 41 21.32 -1.74 -29.17
C TYR C 41 21.26 -2.50 -30.47
N ALA C 42 20.86 -3.78 -30.43
CA ALA C 42 20.75 -4.54 -31.66
C ALA C 42 19.95 -3.80 -32.71
N GLY C 43 19.01 -2.96 -32.30
CA GLY C 43 18.25 -2.21 -33.28
C GLY C 43 19.08 -1.20 -34.03
N PHE C 44 20.18 -0.74 -33.42
CA PHE C 44 21.11 0.14 -34.12
C PHE C 44 22.00 -0.65 -35.05
N PHE C 45 22.56 -1.74 -34.54
CA PHE C 45 23.50 -2.52 -35.33
C PHE C 45 22.85 -3.03 -36.62
N ALA C 46 21.57 -3.35 -36.59
CA ALA C 46 20.82 -3.75 -37.77
C ALA C 46 20.10 -2.60 -38.42
N GLN C 47 20.41 -1.38 -37.97
CA GLN C 47 20.14 -0.14 -38.70
C GLN C 47 18.65 0.13 -38.93
N TYR C 48 17.82 -0.07 -37.91
CA TYR C 48 16.43 0.39 -37.96
C TYR C 48 16.31 1.83 -37.51
N TYR C 49 16.92 2.20 -36.40
CA TYR C 49 16.80 3.55 -35.86
C TYR C 49 18.17 4.17 -35.54
N GLU C 50 18.15 5.45 -35.19
CA GLU C 50 19.34 6.25 -34.99
C GLU C 50 19.08 7.15 -33.80
N GLN C 51 20.04 8.00 -33.44
CA GLN C 51 19.89 8.90 -32.31
C GLN C 51 19.22 10.18 -32.74
N LYS C 52 18.20 10.58 -32.01
CA LYS C 52 17.46 11.78 -32.37
C LYS C 52 18.43 12.96 -32.38
N PRO C 53 18.26 13.93 -33.29
CA PRO C 53 19.14 15.09 -33.32
C PRO C 53 19.27 15.77 -31.97
N GLU C 54 18.14 16.22 -31.41
CA GLU C 54 18.20 17.10 -30.26
C GLU C 54 18.43 16.36 -28.96
N SER C 55 18.76 15.09 -28.97
CA SER C 55 19.13 14.48 -27.71
C SER C 55 20.38 13.62 -27.90
N ASN C 56 21.12 13.46 -26.82
CA ASN C 56 22.22 12.53 -26.74
C ASN C 56 21.78 11.37 -25.86
N GLN C 57 22.53 10.27 -25.94
CA GLN C 57 22.35 9.07 -25.12
C GLN C 57 23.00 7.93 -25.84
N TYR C 58 22.34 7.52 -26.90
CA TYR C 58 22.84 6.45 -27.75
C TYR C 58 23.84 6.93 -28.79
N ASN C 59 24.58 8.00 -28.49
CA ASN C 59 25.63 8.45 -29.38
C ASN C 59 26.67 7.38 -29.56
N THR C 60 27.14 6.80 -28.46
CA THR C 60 28.27 5.86 -28.57
C THR C 60 27.86 4.59 -29.28
N LEU C 61 26.57 4.25 -29.27
CA LEU C 61 26.15 3.05 -29.99
C LEU C 61 26.11 3.32 -31.49
N CYS C 62 25.35 4.35 -31.89
CA CYS C 62 25.22 4.63 -33.31
C CYS C 62 26.57 4.88 -33.96
N GLU C 63 27.48 5.54 -33.24
CA GLU C 63 28.79 5.93 -33.74
C GLU C 63 29.86 4.88 -33.50
N TYR C 64 29.47 3.68 -33.09
CA TYR C 64 30.40 2.62 -32.73
C TYR C 64 31.59 3.13 -31.95
N THR C 65 31.42 4.11 -31.05
CA THR C 65 32.52 4.65 -30.27
C THR C 65 32.53 4.16 -28.83
N PHE C 66 32.03 2.95 -28.57
CA PHE C 66 31.97 2.45 -27.20
C PHE C 66 33.09 1.46 -26.94
N THR C 67 33.41 1.28 -25.67
CA THR C 67 34.44 0.32 -25.29
C THR C 67 33.85 -0.73 -24.38
N GLU C 68 34.66 -1.75 -24.09
CA GLU C 68 34.27 -2.79 -23.14
C GLU C 68 33.75 -2.16 -21.86
N SER C 69 34.37 -1.08 -21.43
CA SER C 69 33.97 -0.44 -20.18
C SER C 69 32.64 0.30 -20.27
N SER C 70 32.13 0.54 -21.47
CA SER C 70 30.88 1.28 -21.56
C SER C 70 29.70 0.47 -21.05
N GLN C 71 29.94 -0.77 -20.65
CA GLN C 71 28.95 -1.67 -20.08
C GLN C 71 27.62 -1.65 -20.83
N GLN C 72 27.68 -1.81 -22.14
CA GLN C 72 26.46 -1.69 -22.93
C GLN C 72 25.55 -2.89 -22.79
N MET C 73 26.04 -4.00 -22.24
CA MET C 73 25.12 -5.09 -21.96
C MET C 73 25.40 -5.72 -20.61
N ASP C 74 25.91 -4.95 -19.65
CA ASP C 74 26.15 -5.52 -18.33
C ASP C 74 24.83 -5.82 -17.63
N TYR C 75 23.87 -4.89 -17.68
CA TYR C 75 22.59 -5.16 -17.05
C TYR C 75 21.94 -6.43 -17.56
N SER C 76 22.12 -6.77 -18.83
CA SER C 76 21.51 -7.97 -19.39
C SER C 76 22.29 -9.23 -19.10
N TYR C 77 23.61 -9.16 -18.97
CA TYR C 77 24.32 -10.38 -18.65
C TYR C 77 24.01 -10.79 -17.23
N ARG C 78 23.62 -9.81 -16.42
CA ARG C 78 23.26 -10.10 -15.04
C ARG C 78 21.93 -10.79 -14.96
N ILE C 79 21.02 -10.46 -15.85
CA ILE C 79 19.66 -11.00 -15.84
C ILE C 79 19.62 -12.38 -16.43
N LEU C 80 20.19 -12.55 -17.63
CA LEU C 80 20.25 -13.87 -18.23
C LEU C 80 20.97 -14.86 -17.32
N PHE C 81 22.00 -14.43 -16.62
CA PHE C 81 22.77 -15.42 -15.90
C PHE C 81 22.49 -15.48 -14.41
N ALA C 82 22.16 -14.38 -13.74
CA ALA C 82 21.93 -14.45 -12.30
C ALA C 82 20.46 -14.49 -11.92
N GLY C 83 19.58 -14.24 -12.86
CA GLY C 83 18.19 -14.52 -12.62
C GLY C 83 17.82 -15.71 -13.45
N ALA C 84 17.67 -15.47 -14.75
CA ALA C 84 17.09 -16.47 -15.64
C ALA C 84 17.70 -17.84 -15.44
N LEU C 85 19.01 -17.94 -15.58
CA LEU C 85 19.61 -19.26 -15.66
C LEU C 85 19.75 -19.92 -14.30
N GLU C 86 19.86 -19.15 -13.22
CA GLU C 86 19.81 -19.78 -11.89
C GLU C 86 18.41 -20.29 -11.61
N ASP C 87 17.38 -19.47 -11.89
CA ASP C 87 15.99 -19.88 -11.72
C ASP C 87 15.65 -21.09 -12.57
N ALA C 88 16.21 -21.15 -13.78
CA ALA C 88 16.18 -22.39 -14.53
C ALA C 88 16.76 -23.53 -13.71
N LYS C 89 18.01 -23.38 -13.27
CA LYS C 89 18.66 -24.43 -12.48
C LYS C 89 17.89 -24.75 -11.22
N GLN C 90 17.23 -23.77 -10.61
CA GLN C 90 16.44 -24.10 -9.44
C GLN C 90 15.22 -24.94 -9.82
N VAL C 91 14.51 -24.55 -10.89
CA VAL C 91 13.37 -25.33 -11.33
C VAL C 91 13.79 -26.76 -11.61
N LEU C 92 14.96 -26.93 -12.17
CA LEU C 92 15.36 -28.26 -12.60
C LEU C 92 15.75 -29.15 -11.45
N GLU C 93 16.17 -28.61 -10.31
CA GLU C 93 16.34 -29.43 -9.12
C GLU C 93 15.16 -29.35 -8.19
N LYS C 94 14.00 -28.95 -8.69
CA LYS C 94 12.80 -28.92 -7.89
C LYS C 94 11.63 -29.72 -8.46
N THR C 95 11.46 -29.78 -9.78
CA THR C 95 10.40 -30.56 -10.40
C THR C 95 10.94 -31.81 -11.10
N THR C 96 10.17 -32.90 -11.02
CA THR C 96 10.47 -34.13 -11.73
C THR C 96 9.60 -34.28 -12.97
N ASN C 97 8.67 -33.37 -13.18
CA ASN C 97 7.79 -33.38 -14.33
C ASN C 97 8.57 -33.17 -15.61
N PRO C 98 8.54 -34.10 -16.56
CA PRO C 98 9.21 -33.85 -17.84
C PRO C 98 8.73 -32.61 -18.57
N ALA C 99 7.43 -32.47 -18.83
CA ALA C 99 6.95 -31.40 -19.69
C ALA C 99 7.32 -30.02 -19.15
N ASP C 100 7.54 -29.89 -17.84
CA ASP C 100 8.09 -28.65 -17.31
C ASP C 100 9.58 -28.57 -17.56
N ARG C 101 10.30 -29.67 -17.38
CA ARG C 101 11.72 -29.63 -17.65
C ARG C 101 11.99 -29.28 -19.09
N PHE C 102 11.17 -29.79 -20.00
CA PHE C 102 11.29 -29.42 -21.39
C PHE C 102 11.09 -27.92 -21.55
N ALA C 103 10.03 -27.39 -20.94
CA ALA C 103 9.78 -25.96 -21.09
C ALA C 103 10.91 -25.16 -20.48
N THR C 104 11.38 -25.57 -19.31
CA THR C 104 12.51 -24.88 -18.69
C THR C 104 13.75 -24.98 -19.56
N THR C 105 14.07 -26.19 -20.03
CA THR C 105 15.29 -26.39 -20.79
C THR C 105 15.31 -25.57 -22.06
N ILE C 106 14.19 -25.48 -22.77
CA ILE C 106 14.17 -24.64 -23.95
C ILE C 106 14.48 -23.20 -23.57
N LEU C 107 13.77 -22.65 -22.59
CA LEU C 107 14.07 -21.29 -22.21
C LEU C 107 15.51 -21.16 -21.76
N ARG C 108 16.06 -22.22 -21.14
CA ARG C 108 17.48 -22.23 -20.83
C ARG C 108 18.30 -22.13 -22.11
N ALA C 109 18.00 -22.97 -23.10
CA ALA C 109 18.70 -22.91 -24.37
C ALA C 109 18.58 -21.55 -25.03
N TYR C 110 17.47 -20.85 -24.84
CA TYR C 110 17.31 -19.55 -25.47
C TYR C 110 18.33 -18.57 -24.92
N ALA C 111 18.47 -18.47 -23.59
CA ALA C 111 19.40 -17.51 -22.99
C ALA C 111 20.80 -17.69 -23.57
N PHE C 112 21.35 -18.89 -23.41
CA PHE C 112 22.65 -19.21 -23.99
C PHE C 112 22.71 -18.77 -25.45
N GLN C 113 21.73 -19.17 -26.26
CA GLN C 113 21.74 -18.75 -27.66
C GLN C 113 21.75 -17.22 -27.78
N ILE C 114 21.18 -16.49 -26.82
CA ILE C 114 21.28 -15.05 -26.91
C ILE C 114 22.65 -14.59 -26.50
N MET C 115 23.16 -15.13 -25.39
CA MET C 115 24.52 -14.79 -24.98
C MET C 115 25.52 -15.07 -26.10
N VAL C 116 25.38 -16.21 -26.76
CA VAL C 116 26.34 -16.56 -27.80
C VAL C 116 26.30 -15.57 -28.93
N ASP C 117 25.12 -15.30 -29.47
CA ASP C 117 25.06 -14.39 -30.61
C ASP C 117 25.54 -12.98 -30.26
N ASN C 118 25.84 -12.73 -28.99
CA ASN C 118 26.35 -11.43 -28.59
C ASN C 118 27.84 -11.44 -28.29
N THR C 119 28.33 -12.43 -27.56
CA THR C 119 29.74 -12.47 -27.24
C THR C 119 30.39 -13.74 -27.75
N SER C 120 29.72 -14.48 -28.64
CA SER C 120 30.25 -15.67 -29.31
C SER C 120 30.98 -16.65 -28.40
N ASP C 121 31.21 -16.27 -27.16
CA ASP C 121 31.68 -17.16 -26.11
C ASP C 121 30.75 -16.98 -24.94
N SER C 122 30.55 -18.03 -24.15
CA SER C 122 29.65 -17.85 -23.04
C SER C 122 29.89 -18.91 -22.00
N PRO C 123 29.91 -18.56 -20.72
CA PRO C 123 29.92 -19.59 -19.69
C PRO C 123 28.70 -20.47 -19.82
N TYR C 124 28.91 -21.75 -19.52
CA TYR C 124 28.02 -22.86 -19.84
C TYR C 124 28.32 -24.04 -18.96
N SER C 125 29.34 -24.82 -19.34
CA SER C 125 29.66 -26.06 -18.65
C SER C 125 30.12 -25.84 -17.22
N GLU C 126 30.57 -24.65 -16.89
CA GLU C 126 31.01 -24.37 -15.54
C GLU C 126 30.15 -23.33 -14.85
N ALA C 127 29.28 -22.64 -15.57
CA ALA C 127 28.49 -21.59 -14.98
C ALA C 127 27.46 -22.18 -14.02
N LEU C 128 26.72 -21.29 -13.36
CA LEU C 128 25.63 -21.67 -12.47
C LEU C 128 26.07 -22.63 -11.38
N GLN C 129 27.37 -22.64 -11.07
CA GLN C 129 27.89 -23.28 -9.88
C GLN C 129 28.15 -22.21 -8.83
N GLY C 130 27.91 -22.54 -7.57
CA GLY C 130 27.94 -21.51 -6.57
C GLY C 130 29.33 -21.06 -6.21
N ASN C 131 29.60 -21.03 -4.92
CA ASN C 131 30.95 -20.79 -4.44
C ASN C 131 31.94 -21.79 -4.97
N ALA C 132 31.48 -22.92 -5.55
CA ALA C 132 32.37 -23.99 -5.95
C ALA C 132 33.08 -23.70 -7.26
N ASN C 133 32.63 -22.71 -8.02
CA ASN C 133 33.38 -22.22 -9.17
C ASN C 133 32.97 -20.80 -9.55
N ALA C 134 33.38 -19.81 -8.78
CA ALA C 134 32.95 -18.44 -9.03
C ALA C 134 33.54 -17.84 -10.29
N THR C 135 34.38 -18.58 -10.99
CA THR C 135 35.14 -18.06 -12.13
C THR C 135 35.16 -19.13 -13.21
N PRO C 136 34.07 -19.28 -13.94
CA PRO C 136 33.95 -20.38 -14.88
C PRO C 136 34.59 -20.08 -16.23
N LYS C 137 35.13 -21.12 -16.84
CA LYS C 137 35.68 -20.97 -18.17
C LYS C 137 34.59 -20.58 -19.14
N TRP C 138 34.93 -19.73 -20.11
CA TRP C 138 34.00 -19.32 -21.15
C TRP C 138 34.11 -20.31 -22.30
N ASP C 139 33.19 -21.28 -22.33
CA ASP C 139 33.13 -22.23 -23.41
C ASP C 139 32.98 -21.51 -24.74
N THR C 140 33.36 -22.21 -25.81
CA THR C 140 33.29 -21.62 -27.13
C THR C 140 31.87 -21.68 -27.69
N GLY C 141 31.61 -20.82 -28.67
CA GLY C 141 30.30 -20.75 -29.28
C GLY C 141 29.81 -22.07 -29.85
N GLU C 142 30.54 -22.59 -30.83
CA GLU C 142 30.21 -23.91 -31.37
C GLU C 142 30.00 -24.93 -30.26
N THR C 143 30.83 -24.89 -29.21
CA THR C 143 30.60 -25.80 -28.10
C THR C 143 29.23 -25.60 -27.49
N VAL C 144 28.85 -24.33 -27.31
CA VAL C 144 27.64 -24.00 -26.58
C VAL C 144 26.40 -24.33 -27.40
N TYR C 145 26.38 -23.93 -28.67
CA TYR C 145 25.29 -24.34 -29.53
C TYR C 145 25.11 -25.85 -29.46
N LYS C 146 26.16 -26.60 -29.79
CA LYS C 146 26.10 -28.05 -29.73
C LYS C 146 25.58 -28.56 -28.40
N GLY C 147 25.82 -27.84 -27.32
CA GLY C 147 25.42 -28.34 -26.03
C GLY C 147 23.95 -28.14 -25.77
N ILE C 148 23.46 -26.93 -26.05
CA ILE C 148 22.05 -26.64 -25.82
C ILE C 148 21.20 -27.38 -26.85
N LEU C 149 21.61 -27.40 -28.12
CA LEU C 149 20.86 -28.17 -29.10
C LEU C 149 20.79 -29.63 -28.70
N GLY C 150 21.62 -30.04 -27.74
CA GLY C 150 21.64 -31.40 -27.25
C GLY C 150 21.00 -31.48 -25.89
N GLU C 151 20.73 -30.33 -25.29
CA GLU C 151 19.87 -30.32 -24.10
C GLU C 151 18.42 -30.42 -24.52
N ILE C 152 18.00 -29.57 -25.47
CA ILE C 152 16.68 -29.64 -26.07
C ILE C 152 16.41 -31.05 -26.55
N ASP C 153 17.34 -31.62 -27.31
CA ASP C 153 17.11 -32.95 -27.84
C ASP C 153 16.92 -33.95 -26.71
N ALA C 154 17.68 -33.80 -25.64
CA ALA C 154 17.61 -34.78 -24.57
C ALA C 154 16.34 -34.63 -23.76
N ALA C 155 15.87 -33.39 -23.58
CA ALA C 155 14.66 -33.15 -22.81
C ALA C 155 13.42 -33.55 -23.56
N GLU C 156 13.38 -33.29 -24.87
CA GLU C 156 12.27 -33.74 -25.67
C GLU C 156 12.09 -35.25 -25.54
N ALA C 157 13.17 -36.00 -25.71
CA ALA C 157 13.10 -37.46 -25.68
C ALA C 157 12.56 -38.01 -24.37
N ALA C 158 12.53 -37.22 -23.31
CA ALA C 158 12.06 -37.71 -22.02
C ALA C 158 10.61 -37.38 -21.75
N LEU C 159 9.96 -36.67 -22.65
CA LEU C 159 8.53 -36.44 -22.52
C LEU C 159 7.82 -37.78 -22.40
N ASP C 160 6.69 -37.80 -21.70
CA ASP C 160 5.99 -39.05 -21.48
C ASP C 160 4.50 -38.89 -21.76
N GLY C 161 3.98 -37.69 -21.60
CA GLY C 161 2.60 -37.44 -21.95
C GLY C 161 1.91 -36.51 -20.99
N SER C 162 2.38 -36.48 -19.74
CA SER C 162 1.79 -35.56 -18.77
C SER C 162 1.91 -34.13 -19.27
N GLY C 163 1.00 -33.28 -18.79
CA GLY C 163 1.04 -31.86 -19.09
C GLY C 163 1.83 -31.11 -18.04
N MET C 164 1.73 -29.80 -18.10
CA MET C 164 2.56 -28.95 -17.27
C MET C 164 1.83 -28.59 -15.99
N ASP C 165 2.57 -28.49 -14.90
CA ASP C 165 2.01 -28.06 -13.62
C ASP C 165 2.44 -26.64 -13.28
N VAL C 166 2.69 -25.82 -14.29
CA VAL C 166 3.53 -24.62 -14.17
C VAL C 166 2.93 -23.39 -14.83
N PRO C 167 2.97 -22.21 -14.23
CA PRO C 167 2.41 -21.04 -14.90
C PRO C 167 3.15 -20.73 -16.19
N ASP C 168 2.46 -20.84 -17.31
CA ASP C 168 3.08 -20.63 -18.61
C ASP C 168 2.56 -19.34 -19.25
N LEU C 169 3.21 -18.21 -18.98
CA LEU C 169 2.77 -16.97 -19.58
C LEU C 169 3.08 -16.88 -21.07
N ILE C 170 3.65 -17.92 -21.65
CA ILE C 170 4.03 -17.95 -23.07
C ILE C 170 3.09 -18.82 -23.89
N PHE C 171 2.95 -20.10 -23.52
CA PHE C 171 2.12 -21.06 -24.24
C PHE C 171 1.01 -21.67 -23.40
N ASN C 172 0.82 -21.22 -22.17
CA ASN C 172 -0.30 -21.64 -21.36
C ASN C 172 -0.37 -23.16 -21.28
N LYS C 173 0.78 -23.78 -21.11
CA LYS C 173 0.93 -25.22 -20.94
C LYS C 173 0.64 -26.01 -22.20
N ASN C 174 0.64 -25.37 -23.35
CA ASN C 174 0.41 -26.09 -24.60
C ASN C 174 1.70 -26.73 -25.05
N ILE C 175 1.92 -27.98 -24.67
CA ILE C 175 3.15 -28.69 -25.06
C ILE C 175 3.42 -28.55 -26.54
N ALA C 176 2.41 -28.81 -27.37
CA ALA C 176 2.63 -28.81 -28.81
C ALA C 176 3.22 -27.50 -29.30
N GLN C 177 2.92 -26.39 -28.64
CA GLN C 177 3.53 -25.14 -29.02
C GLN C 177 5.00 -25.09 -28.58
N TRP C 178 5.33 -25.66 -27.42
CA TRP C 178 6.71 -25.63 -27.01
C TRP C 178 7.57 -26.43 -27.98
N LYS C 179 7.11 -27.61 -28.40
CA LYS C 179 7.87 -28.37 -29.37
C LYS C 179 8.05 -27.59 -30.67
N GLY C 180 7.13 -26.69 -30.97
CA GLY C 180 7.32 -25.85 -32.14
C GLY C 180 8.44 -24.87 -31.93
N PHE C 181 8.37 -24.11 -30.84
CA PHE C 181 9.49 -23.29 -30.40
C PHE C 181 10.78 -24.09 -30.51
N ALA C 182 10.83 -25.26 -29.90
CA ALA C 182 12.08 -26.01 -29.92
C ALA C 182 12.48 -26.37 -31.35
N ASN C 183 11.54 -26.79 -32.17
CA ASN C 183 11.94 -27.12 -33.54
C ASN C 183 12.31 -25.89 -34.34
N ALA C 184 11.73 -24.74 -34.02
CA ALA C 184 12.18 -23.53 -34.69
C ALA C 184 13.49 -23.02 -34.13
N LEU C 185 13.80 -23.33 -32.87
CA LEU C 185 15.15 -23.04 -32.41
C LEU C 185 16.13 -23.91 -33.18
N ARG C 186 15.84 -25.20 -33.29
CA ARG C 186 16.71 -26.07 -34.08
C ARG C 186 16.90 -25.52 -35.48
N LEU C 187 15.79 -25.18 -36.16
CA LEU C 187 15.88 -24.59 -37.48
C LEU C 187 16.78 -23.37 -37.49
N ARG C 188 16.65 -22.51 -36.48
CA ARG C 188 17.44 -21.29 -36.46
C ARG C 188 18.91 -21.61 -36.28
N MET C 189 19.23 -22.49 -35.33
CA MET C 189 20.61 -22.81 -35.04
C MET C 189 21.25 -23.69 -36.11
N TYR C 190 20.52 -24.67 -36.62
CA TYR C 190 21.06 -25.48 -37.69
C TYR C 190 21.50 -24.59 -38.85
N LEU C 191 20.66 -23.65 -39.25
CA LEU C 191 21.05 -22.79 -40.37
C LEU C 191 22.34 -22.04 -40.14
N ARG C 192 22.73 -21.79 -38.90
CA ARG C 192 23.97 -21.04 -38.69
C ARG C 192 25.19 -21.95 -38.81
N PHE C 193 25.11 -23.13 -38.21
CA PHE C 193 26.10 -24.16 -38.48
C PHE C 193 26.36 -24.25 -39.97
N ILE C 194 25.30 -24.34 -40.78
CA ILE C 194 25.48 -24.45 -42.23
C ILE C 194 26.28 -23.28 -42.76
N ASP C 195 25.86 -22.06 -42.46
CA ASP C 195 26.53 -20.94 -43.11
C ASP C 195 27.79 -20.50 -42.38
N ALA C 196 28.06 -21.04 -41.20
CA ALA C 196 29.41 -20.98 -40.66
C ALA C 196 30.28 -22.07 -41.22
N ASN C 197 29.71 -22.93 -42.04
CA ASN C 197 30.40 -24.02 -42.69
C ASN C 197 31.02 -24.95 -41.67
N ILE C 198 30.20 -25.42 -40.73
CA ILE C 198 30.61 -26.38 -39.71
C ILE C 198 29.63 -27.55 -39.73
N ASP C 199 30.16 -28.77 -39.84
CA ASP C 199 29.33 -29.98 -39.96
C ASP C 199 28.22 -29.83 -41.00
N ALA C 200 28.38 -28.87 -41.92
CA ALA C 200 27.31 -28.40 -42.79
C ALA C 200 26.64 -29.51 -43.60
N ALA C 201 27.21 -30.71 -43.64
CA ALA C 201 26.51 -31.82 -44.28
C ALA C 201 25.28 -32.19 -43.47
N SER C 202 25.48 -32.59 -42.22
CA SER C 202 24.36 -32.98 -41.37
C SER C 202 23.34 -31.86 -41.26
N TYR C 203 23.80 -30.68 -40.88
CA TYR C 203 22.83 -29.65 -40.57
C TYR C 203 22.05 -29.25 -41.80
N THR C 204 22.54 -29.53 -43.00
CA THR C 204 21.73 -29.27 -44.18
C THR C 204 20.60 -30.29 -44.29
N GLU C 205 20.92 -31.58 -44.10
CA GLU C 205 19.86 -32.58 -44.15
C GLU C 205 18.99 -32.54 -42.92
N LYS C 206 19.55 -32.14 -41.77
CA LYS C 206 18.73 -31.99 -40.56
C LYS C 206 17.69 -30.90 -40.74
N VAL C 207 18.07 -29.81 -41.40
CA VAL C 207 17.11 -28.75 -41.69
C VAL C 207 16.14 -29.18 -42.78
N LYS C 208 16.64 -29.84 -43.82
CA LYS C 208 15.77 -30.46 -44.81
C LYS C 208 14.72 -31.34 -44.15
N THR C 209 15.12 -32.09 -43.11
CA THR C 209 14.19 -32.92 -42.37
C THR C 209 13.27 -32.09 -41.48
N LEU C 210 13.79 -30.99 -40.94
CA LEU C 210 13.00 -30.19 -40.04
C LEU C 210 11.81 -29.59 -40.75
N VAL C 211 12.06 -28.89 -41.86
CA VAL C 211 10.99 -28.23 -42.60
C VAL C 211 10.05 -29.22 -43.26
N GLN C 212 10.54 -30.42 -43.60
CA GLN C 212 9.64 -31.41 -44.18
C GLN C 212 8.54 -31.78 -43.20
N ASN C 213 8.89 -31.92 -41.93
CA ASN C 213 7.89 -32.27 -40.94
C ASN C 213 7.03 -31.09 -40.53
N ASN C 214 7.48 -29.87 -40.81
CA ASN C 214 6.73 -28.65 -40.52
C ASN C 214 6.15 -28.63 -39.12
N GLU C 215 6.83 -29.27 -38.17
CA GLU C 215 6.30 -29.36 -36.81
C GLU C 215 6.73 -28.14 -35.99
N PHE C 216 6.38 -26.96 -36.49
CA PHE C 216 6.76 -25.73 -35.82
C PHE C 216 5.59 -25.22 -34.98
N PHE C 217 5.74 -24.01 -34.46
CA PHE C 217 4.75 -23.36 -33.61
C PHE C 217 3.78 -22.56 -34.45
N THR C 218 2.61 -22.29 -33.89
CA THR C 218 1.68 -21.40 -34.56
C THR C 218 1.74 -20.03 -33.92
N GLY C 219 1.19 -19.05 -34.60
CA GLY C 219 1.25 -17.73 -33.98
C GLY C 219 2.68 -17.28 -33.80
N ASP C 220 2.88 -16.29 -32.94
CA ASP C 220 4.21 -15.83 -32.56
C ASP C 220 4.58 -16.37 -31.19
N VAL C 221 5.87 -16.53 -30.95
CA VAL C 221 6.36 -17.01 -29.67
C VAL C 221 6.65 -15.77 -28.84
N LYS C 222 5.73 -15.37 -27.96
CA LYS C 222 5.86 -14.09 -27.28
C LYS C 222 5.61 -14.22 -25.78
N LEU C 223 5.99 -13.16 -25.05
CA LEU C 223 5.47 -12.85 -23.71
C LEU C 223 4.43 -11.76 -23.86
N ASP C 224 3.18 -12.13 -24.00
CA ASP C 224 2.08 -11.16 -24.03
C ASP C 224 1.66 -10.97 -22.60
N CYS C 225 1.93 -9.81 -22.04
CA CYS C 225 2.11 -9.86 -20.61
C CYS C 225 2.17 -8.51 -19.94
N PHE C 226 2.35 -7.46 -20.70
CA PHE C 226 2.68 -6.17 -20.15
C PHE C 226 1.48 -5.26 -20.10
N LEU C 227 1.35 -4.51 -19.03
CA LEU C 227 0.38 -3.46 -18.91
C LEU C 227 1.09 -2.12 -18.99
N ASP C 228 0.33 -1.08 -19.29
CA ASP C 228 0.87 0.28 -19.35
C ASP C 228 0.69 0.99 -18.03
N GLU C 229 1.33 0.49 -16.98
CA GLU C 229 1.25 1.19 -15.70
C GLU C 229 2.64 1.58 -15.20
N THR C 230 3.41 0.64 -14.69
CA THR C 230 4.67 0.93 -14.02
C THR C 230 5.28 -0.39 -13.67
N ASP C 231 6.59 -0.54 -13.82
CA ASP C 231 7.23 -1.80 -13.48
C ASP C 231 6.63 -2.95 -14.27
N LYS C 232 5.63 -2.67 -15.11
CA LYS C 232 4.87 -3.69 -15.81
C LYS C 232 4.90 -3.54 -17.33
N ARG C 233 5.57 -2.52 -17.85
CA ARG C 233 5.54 -2.22 -19.27
C ARG C 233 6.58 -3.02 -20.05
N ASN C 234 6.40 -3.03 -21.36
CA ASN C 234 7.39 -3.59 -22.27
C ASN C 234 8.76 -3.05 -21.90
N PRO C 235 9.77 -3.91 -21.75
CA PRO C 235 11.07 -3.42 -21.33
C PRO C 235 11.59 -2.30 -22.20
N TRP C 236 11.42 -2.37 -23.51
CA TRP C 236 11.98 -1.30 -24.32
C TRP C 236 11.21 -0.02 -24.13
N TYR C 237 9.89 -0.09 -23.97
CA TYR C 237 9.11 1.13 -23.79
C TYR C 237 9.38 1.76 -22.43
N ASN C 238 9.54 0.92 -21.41
CA ASN C 238 9.89 1.40 -20.08
C ASN C 238 11.18 2.21 -20.14
N THR C 239 12.23 1.61 -20.69
CA THR C 239 13.54 2.24 -20.71
C THR C 239 13.54 3.51 -21.51
N ASN C 240 13.05 3.45 -22.74
CA ASN C 240 13.30 4.53 -23.67
C ASN C 240 12.17 5.51 -23.82
N ALA C 241 11.04 5.29 -23.17
CA ALA C 241 9.95 6.24 -23.28
C ALA C 241 9.47 6.80 -21.96
N VAL C 242 9.82 6.16 -20.84
CA VAL C 242 9.48 6.63 -19.50
C VAL C 242 10.73 7.05 -18.75
N GLY C 243 11.68 6.13 -18.60
CA GLY C 243 12.94 6.47 -17.94
C GLY C 243 13.68 7.61 -18.62
N LEU C 244 13.76 7.58 -19.94
CA LEU C 244 14.43 8.61 -20.71
C LEU C 244 13.39 9.39 -21.50
N THR C 245 13.82 10.32 -22.31
CA THR C 245 12.91 10.91 -23.28
C THR C 245 13.12 10.21 -24.63
N GLY C 246 12.48 10.70 -25.68
CA GLY C 246 12.53 9.98 -26.92
C GLY C 246 13.88 10.09 -27.59
N ASN C 247 14.69 9.04 -27.55
CA ASN C 247 15.99 9.13 -28.18
C ASN C 247 16.01 8.58 -29.60
N HIS C 248 15.04 7.75 -29.99
CA HIS C 248 15.09 7.04 -31.26
C HIS C 248 14.46 7.78 -32.43
N CYS C 249 15.14 7.71 -33.58
CA CYS C 249 14.62 8.19 -34.86
C CYS C 249 15.03 7.20 -35.93
N ALA C 250 14.33 7.27 -37.06
CA ALA C 250 14.44 6.21 -38.06
C ALA C 250 15.74 6.29 -38.85
N ALA C 251 16.22 5.13 -39.25
CA ALA C 251 17.47 5.05 -39.97
C ALA C 251 17.23 5.14 -41.48
N TYR C 252 18.27 5.59 -42.19
CA TYR C 252 18.20 5.72 -43.65
C TYR C 252 17.96 4.41 -44.36
N PRO C 253 18.61 3.30 -44.02
CA PRO C 253 18.28 2.06 -44.72
C PRO C 253 16.85 1.59 -44.56
N LEU C 254 16.28 1.62 -43.36
CA LEU C 254 14.91 1.13 -43.21
C LEU C 254 13.92 2.03 -43.94
N VAL C 255 14.10 3.34 -43.88
CA VAL C 255 13.14 4.23 -44.51
C VAL C 255 13.30 4.23 -46.02
N SER C 256 14.51 3.99 -46.54
CA SER C 256 14.62 3.86 -47.98
C SER C 256 13.91 2.63 -48.48
N TYR C 257 14.29 1.46 -47.96
CA TYR C 257 13.73 0.22 -48.45
C TYR C 257 12.20 0.27 -48.40
N LEU C 258 11.66 0.62 -47.24
CA LEU C 258 10.20 0.67 -47.10
C LEU C 258 9.59 1.65 -48.09
N SER C 259 10.23 2.79 -48.30
CA SER C 259 9.64 3.77 -49.20
C SER C 259 9.86 3.44 -50.67
N SER C 260 10.90 2.66 -50.99
CA SER C 260 11.15 2.21 -52.37
C SER C 260 10.19 1.11 -52.78
N THR C 261 9.88 0.20 -51.87
CA THR C 261 8.98 -0.90 -52.12
C THR C 261 7.50 -0.51 -51.97
N GLY C 262 7.17 0.75 -51.74
CA GLY C 262 5.78 1.10 -51.56
C GLY C 262 5.13 0.54 -50.32
N ASP C 263 5.93 -0.06 -49.45
CA ASP C 263 5.43 -0.75 -48.27
C ASP C 263 4.57 0.16 -47.42
N PRO C 264 3.35 -0.26 -47.05
CA PRO C 264 2.53 0.56 -46.16
C PRO C 264 2.87 0.41 -44.70
N ARG C 265 3.69 -0.57 -44.34
CA ARG C 265 4.12 -0.75 -42.97
C ARG C 265 5.05 0.36 -42.51
N ILE C 266 5.43 1.27 -43.40
CA ILE C 266 6.27 2.38 -43.03
C ILE C 266 5.63 3.23 -41.97
N ALA C 267 4.32 3.09 -41.77
CA ALA C 267 3.62 3.93 -40.80
C ALA C 267 3.47 3.26 -39.46
N TYR C 268 4.03 2.07 -39.30
CA TYR C 268 3.94 1.32 -38.07
C TYR C 268 5.25 1.44 -37.32
N GLY C 269 5.26 2.26 -36.28
CA GLY C 269 6.44 2.49 -35.51
C GLY C 269 7.16 3.75 -35.89
N ILE C 270 6.99 4.23 -37.10
CA ILE C 270 7.65 5.43 -37.58
C ILE C 270 6.58 6.51 -37.71
N SER C 271 7.00 7.76 -37.65
CA SER C 271 6.07 8.88 -37.82
C SER C 271 6.54 9.79 -38.94
N LYS C 272 5.62 10.49 -39.58
CA LYS C 272 6.06 11.43 -40.58
C LYS C 272 6.81 12.58 -39.92
N THR C 273 7.54 13.34 -40.72
CA THR C 273 8.37 14.39 -40.15
C THR C 273 7.54 15.61 -39.81
N ASP C 274 7.83 16.20 -38.65
CA ASP C 274 7.09 17.27 -38.01
C ASP C 274 7.16 18.55 -38.79
N ALA C 275 7.71 18.49 -39.99
CA ALA C 275 8.13 19.68 -40.70
C ALA C 275 7.65 19.72 -42.15
N ASP C 276 7.84 18.62 -42.86
CA ASP C 276 7.34 18.49 -44.22
C ASP C 276 6.39 17.32 -44.40
N GLY C 277 6.27 16.44 -43.41
CA GLY C 277 5.32 15.34 -43.50
C GLY C 277 5.80 14.15 -44.28
N LYS C 278 7.10 14.03 -44.50
CA LYS C 278 7.64 12.93 -45.27
C LYS C 278 8.40 12.00 -44.34
N TYR C 279 8.71 10.82 -44.86
CA TYR C 279 9.45 9.82 -44.10
C TYR C 279 10.93 9.99 -44.37
N VAL C 280 11.72 10.13 -43.31
CA VAL C 280 13.12 10.54 -43.42
C VAL C 280 13.99 9.79 -42.43
N GLY C 281 14.70 8.79 -42.88
CA GLY C 281 15.69 8.18 -42.02
C GLY C 281 16.94 9.06 -41.88
N GLN C 282 17.76 8.71 -40.90
CA GLN C 282 19.04 9.35 -40.68
C GLN C 282 20.16 8.38 -40.97
N LEU C 283 21.22 8.86 -41.57
CA LEU C 283 22.30 7.97 -41.94
C LEU C 283 22.97 7.43 -40.68
N PRO C 284 23.25 6.14 -40.60
CA PRO C 284 23.95 5.60 -39.44
C PRO C 284 25.12 6.44 -39.00
N GLY C 285 25.25 6.64 -37.71
CA GLY C 285 26.35 7.43 -37.20
C GLY C 285 26.35 8.87 -37.67
N GLY C 286 25.29 9.31 -38.30
CA GLY C 286 25.28 10.61 -38.94
C GLY C 286 24.79 11.79 -38.14
N LYS C 287 24.53 11.64 -36.84
CA LYS C 287 23.83 12.69 -36.12
C LYS C 287 24.61 14.00 -36.19
N THR C 288 25.91 13.97 -35.86
CA THR C 288 26.66 15.21 -35.76
C THR C 288 27.06 15.77 -37.11
N HIS C 289 27.30 14.90 -38.08
CA HIS C 289 27.75 15.36 -39.39
C HIS C 289 26.65 16.12 -40.09
N MET C 290 25.48 15.49 -40.22
CA MET C 290 24.31 16.18 -40.75
C MET C 290 24.12 17.53 -40.10
N GLN C 291 24.44 17.64 -38.81
CA GLN C 291 24.32 18.92 -38.13
C GLN C 291 25.42 19.90 -38.52
N SER C 292 26.60 19.41 -38.91
CA SER C 292 27.61 20.31 -39.44
C SER C 292 27.30 20.70 -40.88
N ILE C 293 26.84 19.74 -41.69
CA ILE C 293 26.71 19.96 -43.13
C ILE C 293 25.55 20.91 -43.41
N LEU C 294 24.34 20.49 -43.08
CA LEU C 294 23.19 21.37 -43.12
C LEU C 294 23.35 22.34 -41.95
N GLY C 295 22.32 23.12 -41.65
CA GLY C 295 22.46 24.06 -40.56
C GLY C 295 22.53 23.46 -39.16
N THR C 296 22.23 24.26 -38.15
CA THR C 296 21.86 23.71 -36.86
C THR C 296 20.36 23.69 -36.70
N ASP C 297 19.68 24.75 -37.14
CA ASP C 297 18.24 24.80 -37.19
C ASP C 297 17.68 24.01 -38.32
N ASN C 298 18.53 23.27 -39.03
CA ASN C 298 18.12 22.51 -40.20
C ASN C 298 18.22 21.01 -40.01
N TRP C 299 18.90 20.55 -38.96
CA TRP C 299 18.82 19.16 -38.55
C TRP C 299 18.47 19.12 -37.06
N LYS C 300 17.23 19.51 -36.73
CA LYS C 300 16.67 19.34 -35.41
C LYS C 300 15.81 18.07 -35.45
N ASN C 301 15.04 17.82 -34.39
CA ASN C 301 14.22 16.61 -34.39
C ASN C 301 13.22 16.62 -35.53
N LYS C 302 12.71 17.80 -35.87
CA LYS C 302 11.59 17.93 -36.79
C LYS C 302 11.95 17.61 -38.24
N ASN C 303 13.23 17.39 -38.56
CA ASN C 303 13.63 17.12 -39.93
C ASN C 303 13.88 15.65 -40.20
N VAL C 304 13.72 14.81 -39.20
CA VAL C 304 13.94 13.38 -39.31
C VAL C 304 12.77 12.69 -38.65
N SER C 305 12.29 11.63 -39.24
CA SER C 305 11.09 11.02 -38.71
C SER C 305 11.43 10.27 -37.42
N ALA C 306 10.72 10.61 -36.35
CA ALA C 306 10.96 9.99 -35.06
C ALA C 306 10.40 8.57 -35.03
N ILE C 307 10.83 7.80 -34.06
CA ILE C 307 10.20 6.51 -33.81
C ILE C 307 8.98 6.73 -32.95
N ASP C 308 7.93 5.96 -33.20
CA ASP C 308 6.67 6.08 -32.49
C ASP C 308 6.64 5.07 -31.35
N TYR C 309 6.47 5.56 -30.12
CA TYR C 309 6.36 4.70 -28.97
C TYR C 309 4.93 4.40 -28.59
N SER C 310 3.95 5.12 -29.18
CA SER C 310 2.52 4.92 -28.98
C SER C 310 2.20 3.45 -28.88
N ILE C 311 2.74 2.67 -29.80
CA ILE C 311 2.38 1.27 -29.93
C ILE C 311 3.13 0.38 -28.98
N GLY C 312 3.92 0.91 -28.07
CA GLY C 312 4.88 0.05 -27.42
C GLY C 312 4.61 -0.27 -25.98
N ALA C 313 3.83 0.60 -25.34
CA ALA C 313 3.59 0.50 -23.90
C ALA C 313 3.29 -0.93 -23.47
N THR C 314 2.30 -1.55 -24.11
CA THR C 314 1.95 -2.93 -23.82
C THR C 314 2.39 -3.91 -24.88
N LYS C 315 3.24 -3.48 -25.80
CA LYS C 315 3.66 -4.32 -26.91
C LYS C 315 4.53 -5.46 -26.40
N PRO C 316 4.26 -6.69 -26.78
CA PRO C 316 4.95 -7.82 -26.15
C PRO C 316 6.41 -7.96 -26.58
N VAL C 317 7.07 -8.89 -25.92
CA VAL C 317 8.44 -9.26 -26.22
C VAL C 317 8.42 -10.52 -27.05
N TYR C 318 9.02 -10.48 -28.24
CA TYR C 318 8.95 -11.59 -29.18
C TYR C 318 10.24 -12.39 -29.13
N PHE C 319 10.11 -13.72 -29.05
CA PHE C 319 11.24 -14.62 -29.09
C PHE C 319 11.43 -15.27 -30.43
N PHE C 320 10.39 -15.30 -31.27
CA PHE C 320 10.47 -15.96 -32.57
C PHE C 320 9.25 -15.64 -33.42
N THR C 321 9.25 -14.52 -34.13
CA THR C 321 8.08 -14.13 -34.92
C THR C 321 7.80 -15.16 -36.01
N GLN C 322 6.52 -15.50 -36.20
CA GLN C 322 6.15 -16.46 -37.24
C GLN C 322 6.67 -16.00 -38.58
N ALA C 323 6.46 -14.72 -38.90
CA ALA C 323 7.02 -14.16 -40.12
C ALA C 323 8.48 -14.60 -40.31
N GLU C 324 9.28 -14.58 -39.26
CA GLU C 324 10.62 -15.14 -39.39
C GLU C 324 10.58 -16.63 -39.65
N LEU C 325 9.68 -17.36 -39.00
CA LEU C 325 9.67 -18.80 -39.18
C LEU C 325 9.33 -19.16 -40.60
N GLN C 326 8.45 -18.39 -41.24
CA GLN C 326 8.20 -18.60 -42.67
C GLN C 326 9.37 -18.15 -43.52
N PHE C 327 10.06 -17.10 -43.10
CA PHE C 327 11.18 -16.59 -43.88
C PHE C 327 12.42 -17.47 -43.75
N LEU C 328 12.50 -18.30 -42.71
CA LEU C 328 13.53 -19.34 -42.66
C LEU C 328 13.14 -20.54 -43.50
N ILE C 329 11.85 -20.87 -43.52
CA ILE C 329 11.40 -22.02 -44.29
C ILE C 329 11.59 -21.78 -45.77
N ALA C 330 11.16 -20.62 -46.27
CA ALA C 330 11.35 -20.30 -47.68
C ALA C 330 12.81 -20.42 -48.09
N GLU C 331 13.72 -19.95 -47.24
CA GLU C 331 15.14 -20.08 -47.52
C GLU C 331 15.53 -21.53 -47.63
N VAL C 332 15.06 -22.37 -46.72
CA VAL C 332 15.45 -23.77 -46.80
C VAL C 332 14.85 -24.43 -48.03
N TYR C 333 13.78 -23.89 -48.58
CA TYR C 333 13.28 -24.44 -49.83
C TYR C 333 14.11 -24.02 -51.03
N ALA C 334 14.34 -22.72 -51.18
CA ALA C 334 15.02 -22.21 -52.35
C ALA C 334 16.48 -22.59 -52.45
N ARG C 335 17.09 -23.11 -51.38
CA ARG C 335 18.51 -23.44 -51.50
C ARG C 335 18.93 -24.80 -50.97
N PHE C 336 18.04 -25.58 -50.36
CA PHE C 336 18.39 -26.95 -50.01
C PHE C 336 17.33 -27.96 -50.41
N HIS C 337 16.29 -27.55 -51.12
CA HIS C 337 15.32 -28.47 -51.66
C HIS C 337 15.07 -28.29 -53.14
N ASN C 338 15.47 -27.17 -53.73
CA ASN C 338 15.15 -26.84 -55.11
C ASN C 338 13.64 -27.02 -55.29
N ASP C 339 12.86 -26.08 -54.80
CA ASP C 339 11.42 -26.23 -54.72
C ASP C 339 10.77 -24.85 -54.77
N ASP C 340 10.99 -24.16 -55.89
CA ASP C 340 10.62 -22.76 -56.01
C ASP C 340 9.16 -22.48 -55.60
N ALA C 341 8.29 -23.48 -55.68
CA ALA C 341 6.88 -23.25 -55.41
C ALA C 341 6.56 -23.26 -53.92
N ASN C 342 7.30 -24.06 -53.15
CA ASN C 342 7.16 -24.03 -51.69
C ASN C 342 7.78 -22.76 -51.13
N ALA C 343 9.05 -22.50 -51.49
CA ALA C 343 9.69 -21.26 -51.09
C ALA C 343 8.80 -20.07 -51.39
N LYS C 344 8.18 -20.02 -52.56
CA LYS C 344 7.27 -18.91 -52.81
C LYS C 344 6.16 -18.88 -51.76
N SER C 345 5.55 -20.04 -51.47
CA SER C 345 4.49 -20.10 -50.47
C SER C 345 4.96 -19.55 -49.14
N ALA C 346 6.05 -20.11 -48.61
CA ALA C 346 6.57 -19.64 -47.34
C ALA C 346 6.95 -18.17 -47.42
N TYR C 347 7.63 -17.76 -48.48
CA TYR C 347 7.96 -16.34 -48.59
C TYR C 347 6.72 -15.49 -48.54
N GLU C 348 5.71 -15.84 -49.33
CA GLU C 348 4.47 -15.09 -49.21
C GLU C 348 3.86 -15.28 -47.84
N ALA C 349 4.09 -16.45 -47.22
CA ALA C 349 3.51 -16.74 -45.92
C ALA C 349 4.00 -15.77 -44.86
N GLY C 350 5.30 -15.54 -44.82
CA GLY C 350 5.87 -14.56 -43.93
C GLY C 350 5.20 -13.21 -44.11
N VAL C 351 5.42 -12.57 -45.25
CA VAL C 351 4.88 -11.24 -45.48
C VAL C 351 3.41 -11.17 -45.07
N THR C 352 2.65 -12.21 -45.41
CA THR C 352 1.27 -12.27 -44.94
C THR C 352 1.18 -12.12 -43.44
N ALA C 353 1.99 -12.90 -42.71
CA ALA C 353 1.87 -12.91 -41.25
C ALA C 353 2.24 -11.57 -40.66
N ASP C 354 3.31 -10.96 -41.13
CA ASP C 354 3.70 -9.65 -40.61
C ASP C 354 2.61 -8.63 -40.84
N PHE C 355 2.07 -8.57 -42.05
CA PHE C 355 1.05 -7.58 -42.35
C PHE C 355 -0.16 -7.72 -41.45
N ALA C 356 -0.41 -8.93 -40.94
CA ALA C 356 -1.45 -9.11 -39.93
C ALA C 356 -1.08 -8.39 -38.64
N VAL C 357 0.13 -8.66 -38.11
CA VAL C 357 0.54 -8.20 -36.78
C VAL C 357 0.56 -6.69 -36.71
N ARG C 358 0.97 -6.02 -37.77
CA ARG C 358 1.01 -4.58 -37.77
C ARG C 358 -0.32 -3.93 -38.05
N GLY C 359 -1.40 -4.71 -38.11
CA GLY C 359 -2.71 -4.15 -38.33
C GLY C 359 -2.95 -3.72 -39.75
N PHE C 360 -2.31 -4.38 -40.71
CA PHE C 360 -2.46 -4.11 -42.13
C PHE C 360 -2.91 -5.36 -42.88
N ALA C 361 -3.64 -6.26 -42.21
CA ALA C 361 -4.11 -7.45 -42.90
C ALA C 361 -4.89 -7.03 -44.12
N GLY C 362 -4.78 -7.83 -45.18
CA GLY C 362 -5.47 -7.50 -46.41
C GLY C 362 -4.76 -6.51 -47.28
N GLN C 363 -3.54 -6.12 -46.91
CA GLN C 363 -2.70 -5.33 -47.79
C GLN C 363 -1.44 -6.07 -48.20
N GLU C 364 -1.38 -7.39 -47.94
CA GLU C 364 -0.20 -8.18 -48.29
C GLU C 364 0.22 -7.99 -49.74
N ASN C 365 -0.71 -7.59 -50.61
CA ASN C 365 -0.42 -7.43 -52.03
C ASN C 365 0.60 -6.33 -52.27
N THR C 366 0.27 -5.08 -51.97
CA THR C 366 1.14 -3.92 -52.12
C THR C 366 2.64 -4.15 -52.30
N ILE C 367 3.17 -5.23 -51.75
CA ILE C 367 4.57 -5.57 -52.01
C ILE C 367 4.64 -6.96 -52.62
N LEU C 368 3.69 -7.83 -52.29
CA LEU C 368 3.70 -9.16 -52.88
C LEU C 368 3.33 -9.14 -54.36
N GLU C 369 2.88 -8.01 -54.89
CA GLU C 369 2.70 -7.81 -56.32
C GLU C 369 3.66 -6.77 -56.90
N GLY C 370 3.91 -5.68 -56.19
CA GLY C 370 4.77 -4.63 -56.69
C GLY C 370 6.16 -4.73 -56.11
N ALA C 371 7.16 -4.59 -56.96
CA ALA C 371 8.56 -4.51 -56.54
C ALA C 371 9.02 -5.77 -55.83
N CYS C 372 8.29 -6.20 -54.79
CA CYS C 372 8.70 -7.34 -53.99
C CYS C 372 7.94 -8.60 -54.31
N ALA C 373 7.29 -8.66 -55.47
CA ALA C 373 6.69 -9.92 -55.89
C ALA C 373 7.78 -10.96 -56.12
N TRP C 374 7.41 -12.23 -55.95
CA TRP C 374 8.36 -13.32 -56.17
C TRP C 374 8.67 -13.55 -57.64
N SER C 375 7.78 -13.13 -58.55
CA SER C 375 8.02 -13.26 -59.99
C SER C 375 9.16 -12.37 -60.45
N ALA C 376 9.20 -11.13 -59.96
CA ALA C 376 10.28 -10.23 -60.33
C ALA C 376 11.67 -10.74 -59.93
N ALA C 377 11.76 -11.83 -59.16
CA ALA C 377 13.03 -12.30 -58.64
C ALA C 377 13.58 -13.37 -59.58
N SER C 378 14.35 -12.94 -60.58
CA SER C 378 14.77 -13.87 -61.62
C SER C 378 15.79 -14.87 -61.08
N THR C 379 16.83 -14.39 -60.42
CA THR C 379 17.95 -15.25 -60.00
C THR C 379 17.61 -15.99 -58.73
N GLN C 380 17.93 -17.28 -58.71
CA GLN C 380 17.80 -18.05 -57.47
C GLN C 380 18.81 -17.60 -56.43
N ALA C 381 19.30 -16.36 -56.57
CA ALA C 381 20.02 -15.63 -55.54
C ALA C 381 19.30 -14.32 -55.29
N ASP C 382 18.68 -13.76 -56.32
CA ASP C 382 17.76 -12.64 -56.11
C ASP C 382 16.63 -13.03 -55.17
N LYS C 383 16.08 -14.23 -55.36
CA LYS C 383 15.04 -14.72 -54.46
C LYS C 383 15.52 -14.69 -53.03
N LEU C 384 16.72 -15.23 -52.76
CA LEU C 384 17.25 -15.11 -51.42
C LEU C 384 17.24 -13.66 -50.98
N ASN C 385 17.69 -12.76 -51.84
CA ASN C 385 17.75 -11.36 -51.44
C ASN C 385 16.36 -10.79 -51.16
N LEU C 386 15.32 -11.40 -51.70
CA LEU C 386 13.97 -10.98 -51.38
C LEU C 386 13.53 -11.58 -50.06
N ILE C 387 13.81 -12.85 -49.83
CA ILE C 387 13.55 -13.44 -48.53
C ILE C 387 14.28 -12.66 -47.46
N TYR C 388 15.57 -12.41 -47.66
CA TYR C 388 16.38 -11.82 -46.61
C TYR C 388 15.99 -10.38 -46.31
N MET C 389 15.82 -9.54 -47.33
CA MET C 389 15.42 -8.17 -47.07
C MET C 389 14.06 -8.10 -46.40
N GLN C 390 13.24 -9.13 -46.52
CA GLN C 390 11.91 -9.06 -45.91
C GLN C 390 11.88 -9.65 -44.52
N LYS C 391 12.75 -10.62 -44.23
CA LYS C 391 12.97 -10.98 -42.83
C LYS C 391 13.46 -9.78 -42.04
N TRP C 392 14.23 -8.93 -42.68
CA TRP C 392 14.71 -7.73 -42.04
C TRP C 392 13.55 -6.79 -41.74
N VAL C 393 12.65 -6.59 -42.71
CA VAL C 393 11.52 -5.75 -42.37
C VAL C 393 10.64 -6.48 -41.39
N SER C 394 10.57 -7.81 -41.50
CA SER C 394 9.73 -8.58 -40.59
C SER C 394 10.06 -8.28 -39.14
N LEU C 395 11.34 -8.07 -38.83
CA LEU C 395 11.81 -7.97 -37.47
C LEU C 395 11.90 -6.54 -36.96
N PHE C 396 11.60 -5.54 -37.80
CA PHE C 396 11.57 -4.17 -37.30
C PHE C 396 10.50 -4.03 -36.25
N TYR C 397 10.90 -3.76 -35.01
CA TYR C 397 9.96 -3.53 -33.91
C TYR C 397 9.30 -4.85 -33.50
N MET C 398 10.08 -5.94 -33.51
CA MET C 398 9.62 -7.28 -33.13
C MET C 398 10.69 -8.06 -32.37
N ASP C 399 11.83 -8.35 -33.02
CA ASP C 399 12.95 -9.02 -32.35
C ASP C 399 14.24 -8.49 -32.96
N HIS C 400 14.73 -7.37 -32.43
CA HIS C 400 15.89 -6.71 -33.05
C HIS C 400 17.16 -7.52 -32.83
N MET C 401 17.33 -8.09 -31.65
CA MET C 401 18.50 -8.91 -31.39
C MET C 401 18.66 -9.99 -32.43
N GLU C 402 17.55 -10.50 -32.95
CA GLU C 402 17.63 -11.50 -34.00
C GLU C 402 18.07 -10.86 -35.31
N ALA C 403 17.32 -9.87 -35.77
CA ALA C 403 17.58 -9.19 -37.02
C ALA C 403 19.05 -8.92 -37.18
N TRP C 404 19.72 -8.52 -36.09
CA TRP C 404 21.15 -8.30 -36.17
C TRP C 404 21.91 -9.60 -36.34
N SER C 405 21.45 -10.70 -35.74
CA SER C 405 22.13 -11.96 -36.00
C SER C 405 21.89 -12.41 -37.44
N GLU C 406 20.66 -12.25 -37.92
CA GLU C 406 20.33 -12.66 -39.27
C GLU C 406 21.01 -11.79 -40.31
N ILE C 407 21.29 -10.53 -39.97
CA ILE C 407 22.12 -9.74 -40.86
C ILE C 407 23.52 -10.31 -40.90
N ARG C 408 24.05 -10.72 -39.75
CA ARG C 408 25.43 -11.19 -39.75
C ARG C 408 25.56 -12.53 -40.47
N ARG C 409 24.61 -13.44 -40.27
CA ARG C 409 24.73 -14.73 -40.94
C ARG C 409 24.63 -14.54 -42.44
N THR C 410 23.45 -14.17 -42.92
CA THR C 410 23.19 -14.08 -44.35
C THR C 410 23.90 -12.92 -45.02
N ASP C 411 24.40 -11.96 -44.24
CA ASP C 411 25.09 -10.78 -44.73
C ASP C 411 24.22 -9.93 -45.63
N CYS C 412 22.90 -10.10 -45.47
CA CYS C 412 21.91 -9.33 -46.17
C CYS C 412 21.03 -8.61 -45.15
N PRO C 413 20.75 -7.32 -45.33
CA PRO C 413 21.09 -6.35 -46.37
C PRO C 413 22.58 -6.28 -46.65
N LYS C 414 22.92 -6.18 -47.93
CA LYS C 414 24.32 -6.07 -48.30
C LYS C 414 24.87 -4.74 -47.81
N LEU C 415 26.12 -4.75 -47.38
CA LEU C 415 26.78 -3.51 -47.02
C LEU C 415 27.04 -2.67 -48.26
N SER C 416 26.61 -1.41 -48.22
CA SER C 416 26.82 -0.54 -49.36
C SER C 416 28.26 -0.08 -49.42
N SER C 417 28.84 -0.14 -50.61
CA SER C 417 30.21 0.26 -50.77
C SER C 417 30.37 1.76 -50.74
N TYR C 418 29.28 2.51 -50.82
CA TYR C 418 29.36 3.95 -50.65
C TYR C 418 29.38 4.32 -49.17
N SER C 419 30.11 5.38 -48.87
CA SER C 419 30.24 5.85 -47.50
C SER C 419 29.04 6.70 -47.13
N ALA C 420 28.90 6.93 -45.84
CA ALA C 420 27.80 7.78 -45.39
C ALA C 420 27.87 9.14 -46.07
N ALA C 421 29.05 9.78 -46.05
CA ALA C 421 29.16 11.12 -46.59
C ALA C 421 28.93 11.13 -48.09
N GLN C 422 29.33 10.07 -48.77
CA GLN C 422 29.03 9.97 -50.20
C GLN C 422 27.53 9.92 -50.42
N ILE C 423 26.84 9.02 -49.71
CA ILE C 423 25.39 8.90 -49.86
C ILE C 423 24.71 10.23 -49.56
N GLN C 424 25.13 10.93 -48.50
CA GLN C 424 24.52 12.23 -48.17
C GLN C 424 24.71 13.21 -49.30
N ALA C 425 25.86 13.12 -49.99
CA ALA C 425 26.16 14.01 -51.09
C ALA C 425 25.21 13.77 -52.26
N SER C 426 25.35 12.61 -52.90
CA SER C 426 24.60 12.29 -54.10
C SER C 426 23.78 11.04 -53.82
N GLU C 427 22.53 11.23 -53.40
CA GLU C 427 21.74 10.12 -52.89
C GLU C 427 21.47 9.05 -53.93
N SER C 428 21.80 9.31 -55.19
CA SER C 428 21.47 8.38 -56.24
C SER C 428 22.40 7.18 -56.31
N VAL C 429 23.56 7.20 -55.65
CA VAL C 429 24.40 6.00 -55.65
C VAL C 429 23.94 4.95 -54.66
N TYR C 430 22.84 5.18 -53.96
CA TYR C 430 22.39 4.29 -52.90
C TYR C 430 21.36 3.31 -53.45
N THR C 431 21.76 2.05 -53.54
CA THR C 431 20.78 0.99 -53.70
C THR C 431 19.95 0.95 -52.43
N PRO C 432 18.68 1.33 -52.44
CA PRO C 432 17.95 1.44 -51.17
C PRO C 432 17.80 0.10 -50.51
N GLY C 433 18.05 0.09 -49.20
CA GLY C 433 17.94 -1.09 -48.40
C GLY C 433 19.26 -1.55 -47.83
N GLU C 434 20.35 -1.03 -48.34
CA GLU C 434 21.65 -1.51 -47.91
C GLU C 434 22.05 -0.79 -46.64
N LEU C 435 22.75 -1.50 -45.77
CA LEU C 435 23.30 -0.88 -44.57
C LEU C 435 24.41 0.06 -44.97
N VAL C 436 24.50 1.19 -44.29
CA VAL C 436 25.59 2.14 -44.46
C VAL C 436 26.49 2.01 -43.25
N ALA C 437 27.79 1.84 -43.47
CA ALA C 437 28.71 1.84 -42.36
C ALA C 437 28.58 3.17 -41.62
N PRO C 438 28.70 3.18 -40.30
CA PRO C 438 28.46 4.42 -39.55
C PRO C 438 29.37 5.54 -40.04
N TRP C 439 28.87 6.77 -39.94
CA TRP C 439 29.63 7.92 -40.44
C TRP C 439 30.81 8.23 -39.53
N THR C 440 30.57 8.49 -38.25
CA THR C 440 31.62 8.45 -37.23
C THR C 440 31.75 7.02 -36.77
N ASN C 441 32.84 6.35 -37.12
CA ASN C 441 33.00 4.94 -36.80
C ASN C 441 34.20 4.77 -35.89
N GLY C 442 33.97 4.23 -34.72
CA GLY C 442 35.07 4.01 -33.81
C GLY C 442 35.68 2.64 -33.93
N LEU C 443 35.28 1.86 -34.93
CA LEU C 443 35.99 0.63 -35.21
C LEU C 443 37.19 0.97 -36.06
N GLU C 444 38.38 0.67 -35.56
CA GLU C 444 39.58 0.89 -36.33
C GLU C 444 39.46 0.27 -37.71
N ALA C 445 38.93 -0.94 -37.78
CA ALA C 445 38.80 -1.62 -39.06
C ALA C 445 37.59 -1.19 -39.85
N GLY C 446 36.83 -0.20 -39.39
CA GLY C 446 35.65 0.18 -40.17
C GLY C 446 34.65 -0.95 -40.36
N GLY C 447 33.67 -0.68 -41.19
CA GLY C 447 32.66 -1.68 -41.46
C GLY C 447 31.52 -1.59 -40.46
N LEU C 448 30.81 -2.69 -40.28
CA LEU C 448 29.63 -2.73 -39.44
C LEU C 448 29.93 -3.48 -38.14
N MET C 449 29.07 -3.28 -37.16
CA MET C 449 29.22 -3.97 -35.89
C MET C 449 29.00 -5.47 -36.05
N LYS C 450 29.79 -6.25 -35.33
CA LYS C 450 29.72 -7.70 -35.43
C LYS C 450 29.57 -8.41 -34.09
N ARG C 451 29.77 -7.75 -32.96
CA ARG C 451 29.66 -8.46 -31.70
C ARG C 451 29.66 -7.45 -30.56
N MET C 452 29.00 -7.81 -29.47
CA MET C 452 29.05 -7.00 -28.27
C MET C 452 30.37 -7.18 -27.56
N THR C 453 30.66 -6.26 -26.64
CA THR C 453 31.79 -6.45 -25.73
C THR C 453 31.48 -7.58 -24.78
N TYR C 454 32.51 -8.13 -24.16
CA TYR C 454 32.28 -8.99 -23.02
C TYR C 454 31.77 -8.14 -21.86
N PRO C 455 31.12 -8.75 -20.88
CA PRO C 455 30.52 -7.95 -19.81
C PRO C 455 31.57 -7.51 -18.81
N LEU C 456 31.54 -6.24 -18.46
CA LEU C 456 32.57 -5.70 -17.58
C LEU C 456 32.57 -6.39 -16.24
N SER C 457 31.41 -6.82 -15.75
CA SER C 457 31.41 -7.49 -14.46
C SER C 457 32.06 -8.86 -14.54
N ALA C 458 32.18 -9.44 -15.74
CA ALA C 458 32.92 -10.69 -15.87
C ALA C 458 34.40 -10.41 -16.00
N ARG C 459 34.74 -9.34 -16.72
CA ARG C 459 36.10 -8.85 -16.75
C ARG C 459 36.65 -8.69 -15.35
N GLN C 460 35.94 -7.96 -14.50
CA GLN C 460 36.51 -7.63 -13.20
C GLN C 460 36.60 -8.84 -12.31
N GLN C 461 35.62 -9.72 -12.36
CA GLN C 461 35.55 -10.82 -11.41
C GLN C 461 36.03 -12.16 -11.95
N ASN C 462 35.86 -12.45 -13.22
CA ASN C 462 36.22 -13.77 -13.73
C ASN C 462 37.48 -13.65 -14.55
N VAL C 463 38.59 -14.13 -13.98
CA VAL C 463 39.88 -14.06 -14.64
C VAL C 463 39.94 -14.90 -15.89
N ASN C 464 39.01 -15.84 -16.07
CA ASN C 464 38.96 -16.67 -17.25
C ASN C 464 38.18 -16.05 -18.39
N THR C 465 37.70 -14.83 -18.21
CA THR C 465 36.95 -14.16 -19.27
C THR C 465 37.85 -13.85 -20.46
N PRO C 466 37.52 -14.30 -21.66
CA PRO C 466 38.35 -13.98 -22.82
C PRO C 466 38.68 -12.51 -22.89
N ALA C 467 39.87 -12.22 -23.39
CA ALA C 467 40.30 -10.84 -23.43
C ALA C 467 39.60 -10.12 -24.57
N GLY C 468 39.60 -8.80 -24.48
CA GLY C 468 38.74 -8.02 -25.31
C GLY C 468 39.10 -8.11 -26.78
N VAL C 469 38.11 -7.79 -27.62
CA VAL C 469 38.32 -7.72 -29.06
C VAL C 469 37.44 -6.61 -29.59
N PRO C 470 37.86 -5.98 -30.68
CA PRO C 470 37.12 -4.82 -31.16
C PRO C 470 35.70 -5.18 -31.54
N GLY C 471 34.83 -4.18 -31.61
CA GLY C 471 33.49 -4.43 -32.13
C GLY C 471 33.47 -5.19 -33.44
N SER C 472 34.54 -5.11 -34.22
CA SER C 472 34.55 -5.63 -35.58
C SER C 472 35.03 -7.06 -35.67
N THR C 473 35.39 -7.69 -34.58
CA THR C 473 35.66 -9.13 -34.60
C THR C 473 34.36 -9.88 -34.87
N PRO C 474 34.33 -10.79 -35.82
CA PRO C 474 33.08 -11.51 -36.10
C PRO C 474 32.81 -12.57 -35.04
N VAL C 475 31.60 -13.06 -35.06
CA VAL C 475 31.13 -14.09 -34.14
C VAL C 475 31.39 -15.45 -34.76
N TRP C 476 31.49 -16.49 -33.94
CA TRP C 476 31.98 -17.78 -34.40
C TRP C 476 31.22 -18.35 -35.59
N TRP C 477 30.04 -17.88 -35.93
CA TRP C 477 29.33 -18.37 -37.09
C TRP C 477 29.23 -17.35 -38.20
N ASP C 478 29.80 -16.17 -37.99
CA ASP C 478 29.90 -15.13 -39.01
C ASP C 478 31.26 -15.29 -39.66
N ILE C 479 31.30 -15.80 -40.88
CA ILE C 479 32.57 -16.03 -41.56
C ILE C 479 32.64 -15.27 -42.90
N LYS C 480 31.83 -14.23 -43.06
CA LYS C 480 32.07 -13.22 -44.09
C LYS C 480 31.20 -11.99 -43.83
N LYS D 38 46.00 11.06 33.56
CA LYS D 38 45.00 10.18 32.98
C LYS D 38 45.57 8.81 32.69
N ALA D 39 44.99 7.80 33.33
CA ALA D 39 45.32 6.40 33.14
C ALA D 39 45.01 5.89 31.75
N LEU D 40 44.41 6.72 30.90
CA LEU D 40 44.10 6.33 29.54
C LEU D 40 45.39 6.21 28.74
N GLY D 41 45.58 5.06 28.09
CA GLY D 41 46.78 4.85 27.32
C GLY D 41 46.57 4.79 25.81
N TYR D 42 45.50 5.41 25.33
CA TYR D 42 45.33 5.65 23.91
C TYR D 42 44.90 7.09 23.72
N ALA D 43 44.93 7.54 22.48
CA ALA D 43 44.61 8.93 22.21
C ALA D 43 43.16 9.19 22.56
N ALA D 44 42.85 10.45 22.82
CA ALA D 44 41.51 10.90 23.13
C ALA D 44 41.57 12.40 23.20
N THR D 45 40.40 13.04 23.18
CA THR D 45 40.34 14.48 23.20
C THR D 45 39.04 14.88 23.88
N SER D 46 39.09 15.83 24.79
CA SER D 46 37.90 16.27 25.50
C SER D 46 37.59 17.72 25.18
N VAL D 47 36.36 18.00 24.85
CA VAL D 47 35.94 19.33 24.41
C VAL D 47 34.84 19.80 25.33
N GLY D 48 34.95 21.06 25.77
CA GLY D 48 33.99 21.56 26.74
C GLY D 48 32.71 21.98 26.07
N GLY D 49 31.59 21.66 26.73
CA GLY D 49 30.29 22.09 26.28
C GLY D 49 30.30 23.50 25.75
N GLU D 50 31.05 24.38 26.39
CA GLU D 50 31.07 25.77 25.95
C GLU D 50 31.59 25.89 24.52
N LYS D 51 32.66 25.18 24.18
CA LYS D 51 33.21 25.26 22.83
C LYS D 51 32.30 24.59 21.81
N ILE D 52 31.59 23.55 22.23
CA ILE D 52 30.64 22.89 21.33
C ILE D 52 29.54 23.87 20.95
N ALA D 53 28.89 24.47 21.93
CA ALA D 53 27.76 25.31 21.62
C ALA D 53 28.11 26.76 21.35
N GLU D 54 29.38 27.16 21.49
CA GLU D 54 29.71 28.56 21.19
C GLU D 54 29.46 28.86 19.72
N SER D 55 29.74 27.88 18.85
CA SER D 55 29.60 28.07 17.41
C SER D 55 28.15 28.16 16.99
N ARG D 56 27.23 27.76 17.87
CA ARG D 56 25.81 28.03 17.68
C ARG D 56 25.27 27.31 16.45
N THR D 57 25.78 26.10 16.20
CA THR D 57 25.27 25.26 15.13
C THR D 57 24.16 24.39 15.65
N SER D 58 23.26 24.02 14.76
CA SER D 58 22.12 23.19 15.10
C SER D 58 22.56 21.82 15.60
N ASP D 59 23.87 21.57 15.60
CA ASP D 59 24.36 20.22 15.57
C ASP D 59 25.62 20.12 16.41
N VAL D 60 25.80 18.96 17.04
CA VAL D 60 26.84 18.81 18.06
C VAL D 60 28.23 18.63 17.47
N MET D 61 28.34 18.10 16.25
CA MET D 61 29.64 17.76 15.67
C MET D 61 30.15 18.74 14.63
N SER D 62 29.27 19.37 13.86
CA SER D 62 29.72 20.21 12.76
C SER D 62 30.63 21.32 13.21
N SER D 63 30.54 21.74 14.47
CA SER D 63 31.39 22.83 14.91
C SER D 63 32.79 22.34 15.21
N LEU D 64 32.93 21.08 15.60
CA LEU D 64 34.22 20.43 15.69
C LEU D 64 34.73 19.99 14.32
N ALA D 65 34.47 20.74 13.25
CA ALA D 65 34.76 20.18 11.92
C ALA D 65 36.25 19.93 11.74
N GLY D 66 37.07 20.95 11.95
CA GLY D 66 38.47 20.73 11.69
C GLY D 66 39.34 20.78 12.93
N LYS D 67 38.75 20.52 14.09
CA LYS D 67 39.42 20.87 15.33
C LYS D 67 39.92 19.67 16.13
N ILE D 68 39.86 18.46 15.61
CA ILE D 68 40.28 17.32 16.42
C ILE D 68 40.98 16.32 15.54
N ALA D 69 42.24 16.03 15.86
CA ALA D 69 43.06 15.18 15.01
C ALA D 69 42.48 13.78 14.91
N GLY D 70 42.59 13.19 13.72
CA GLY D 70 42.11 11.85 13.46
C GLY D 70 40.62 11.70 13.57
N VAL D 71 39.88 12.79 13.48
CA VAL D 71 38.43 12.78 13.50
C VAL D 71 37.97 13.67 12.36
N GLN D 72 37.50 13.04 11.28
CA GLN D 72 37.19 13.70 10.03
C GLN D 72 35.70 13.98 10.03
N ILE D 73 35.33 15.26 10.11
CA ILE D 73 33.96 15.70 10.33
C ILE D 73 33.52 16.57 9.15
N SER D 74 32.69 16.02 8.26
CA SER D 74 32.20 16.74 7.08
C SER D 74 30.69 16.74 7.05
N SER D 75 30.09 17.82 6.55
CA SER D 75 28.65 17.85 6.40
C SER D 75 28.30 17.49 4.97
N THR D 76 27.19 16.76 4.79
CA THR D 76 26.89 16.24 3.47
C THR D 76 26.54 17.34 2.51
N SER D 77 25.93 18.40 2.99
CA SER D 77 25.67 19.56 2.13
C SER D 77 25.29 20.70 3.03
N SER D 78 24.92 21.82 2.41
CA SER D 78 24.43 22.97 3.16
C SER D 78 22.92 23.10 3.07
N ASP D 79 22.22 22.01 2.77
CA ASP D 79 20.78 22.00 2.92
C ASP D 79 20.42 21.91 4.39
N PRO D 80 19.41 22.64 4.85
CA PRO D 80 19.04 22.54 6.27
C PRO D 80 18.67 21.13 6.62
N GLY D 81 19.09 20.70 7.80
CA GLY D 81 18.68 19.44 8.37
C GLY D 81 19.49 18.23 7.99
N ALA D 82 20.51 18.38 7.16
CA ALA D 82 21.17 17.27 6.50
C ALA D 82 21.99 16.44 7.48
N SER D 83 22.56 15.35 6.99
CA SER D 83 23.39 14.49 7.81
C SER D 83 24.73 15.14 8.07
N ASN D 84 25.49 14.59 9.02
CA ASN D 84 26.88 14.97 9.21
C ASN D 84 27.74 13.72 9.31
N SER D 85 28.94 13.79 8.77
CA SER D 85 29.81 12.64 8.68
C SER D 85 30.96 12.76 9.67
N VAL D 86 31.20 11.70 10.41
CA VAL D 86 32.28 11.63 11.39
C VAL D 86 32.94 10.29 11.16
N ILE D 87 34.12 10.30 10.56
CA ILE D 87 34.93 9.10 10.40
C ILE D 87 36.23 9.29 11.15
N ILE D 88 36.64 8.27 11.89
CA ILE D 88 37.81 8.35 12.74
C ILE D 88 38.83 7.34 12.27
N ARG D 89 40.04 7.82 12.00
CA ARG D 89 41.12 7.01 11.51
C ARG D 89 40.70 6.22 10.28
N GLY D 90 39.95 6.88 9.41
CA GLY D 90 39.64 6.36 8.10
C GLY D 90 38.63 5.23 8.07
N VAL D 91 38.21 4.86 6.87
CA VAL D 91 37.20 3.83 6.69
C VAL D 91 37.84 2.46 6.95
N SER D 92 37.33 1.76 7.96
CA SER D 92 37.70 0.37 8.17
C SER D 92 36.69 -0.60 7.59
N SER D 93 35.45 -0.16 7.40
CA SER D 93 34.33 -1.04 7.03
C SER D 93 33.99 -0.81 5.57
N LEU D 94 34.35 -1.78 4.72
CA LEU D 94 34.21 -1.59 3.28
C LEU D 94 32.79 -1.34 2.87
N SER D 95 31.83 -1.82 3.63
CA SER D 95 30.47 -1.30 3.50
C SER D 95 29.65 -1.77 4.66
N GLY D 96 28.99 -0.80 5.29
CA GLY D 96 29.12 0.59 4.92
C GLY D 96 28.86 1.42 6.17
N THR D 97 29.55 1.09 7.25
CA THR D 97 29.26 1.66 8.56
C THR D 97 30.54 2.16 9.20
N ASN D 98 30.70 3.47 9.29
CA ASN D 98 31.97 3.96 9.82
C ASN D 98 31.80 5.17 10.72
N GLN D 99 30.60 5.48 11.14
CA GLN D 99 30.46 6.46 12.19
C GLN D 99 30.99 5.89 13.51
N PRO D 100 31.26 6.75 14.49
CA PRO D 100 31.60 6.24 15.81
C PRO D 100 30.33 6.00 16.61
N LEU D 101 30.41 5.07 17.56
CA LEU D 101 29.28 4.80 18.43
C LEU D 101 29.03 6.01 19.32
N TYR D 102 27.96 6.75 19.07
CA TYR D 102 27.68 7.82 20.00
C TYR D 102 27.16 7.23 21.30
N VAL D 103 27.48 7.89 22.41
CA VAL D 103 27.18 7.37 23.73
C VAL D 103 26.84 8.53 24.66
N VAL D 104 25.59 8.65 25.07
CA VAL D 104 25.19 9.89 25.75
C VAL D 104 25.34 9.81 27.26
N ASP D 105 24.82 8.83 27.95
CA ASP D 105 24.94 9.02 29.39
C ASP D 105 25.01 7.84 30.33
N GLY D 106 25.83 6.84 30.07
CA GLY D 106 26.61 6.68 28.88
C GLY D 106 25.91 5.52 28.25
N VAL D 107 24.87 5.88 27.51
CA VAL D 107 23.96 4.95 26.87
C VAL D 107 24.24 5.03 25.38
N PRO D 108 24.31 3.92 24.67
CA PRO D 108 24.48 4.01 23.21
C PRO D 108 23.32 4.78 22.61
N LEU D 109 23.64 5.71 21.71
CA LEU D 109 22.65 6.58 21.10
C LEU D 109 22.43 6.18 19.65
N ASN D 110 21.20 6.26 19.21
CA ASN D 110 20.90 5.89 17.83
C ASN D 110 21.41 6.96 16.89
N ASN D 111 22.11 6.53 15.86
CA ASN D 111 22.79 7.44 14.96
C ASN D 111 22.44 7.11 13.51
N SER D 112 21.22 6.64 13.28
CA SER D 112 20.91 6.21 11.93
C SER D 112 20.66 7.40 11.05
N THR D 113 20.79 7.16 9.75
CA THR D 113 20.75 8.20 8.74
C THR D 113 19.70 7.90 7.69
N VAL D 114 19.13 8.96 7.15
CA VAL D 114 17.91 8.89 6.36
C VAL D 114 18.16 9.75 5.13
N TYR D 115 18.52 9.11 4.03
CA TYR D 115 18.83 9.77 2.78
C TYR D 115 18.40 8.85 1.67
N SER D 116 18.50 9.37 0.45
CA SER D 116 17.88 8.70 -0.69
C SER D 116 18.70 7.54 -1.18
N THR D 117 18.02 6.44 -1.48
CA THR D 117 18.68 5.32 -2.12
C THR D 117 18.95 5.54 -3.60
N ASP D 118 18.48 6.63 -4.18
CA ASP D 118 18.84 7.00 -5.56
C ASP D 118 19.30 8.44 -5.58
N GLY D 119 20.61 8.63 -5.42
CA GLY D 119 21.17 9.97 -5.47
C GLY D 119 21.30 10.54 -6.85
N LEU D 120 21.14 9.71 -7.87
CA LEU D 120 21.25 10.17 -9.24
C LEU D 120 20.00 10.91 -9.69
N ASN D 121 18.82 10.37 -9.40
CA ASN D 121 17.56 10.95 -9.87
C ASN D 121 16.76 11.70 -8.81
N SER D 122 16.71 11.21 -7.55
CA SER D 122 15.96 11.85 -6.45
C SER D 122 16.82 11.90 -5.19
N GLY D 123 17.68 12.90 -5.08
CA GLY D 123 18.64 12.97 -4.00
C GLY D 123 18.19 13.89 -2.90
N TYR D 124 18.24 13.38 -1.67
CA TYR D 124 17.77 14.11 -0.50
C TYR D 124 18.34 13.48 0.76
N ASP D 125 18.60 14.32 1.74
CA ASP D 125 19.23 13.90 2.98
C ASP D 125 18.52 14.56 4.14
N PHE D 126 18.08 13.75 5.08
CA PHE D 126 17.12 14.22 6.04
C PHE D 126 17.63 14.23 7.48
N GLY D 127 18.70 13.50 7.78
CA GLY D 127 19.19 13.59 9.13
C GLY D 127 20.18 12.54 9.52
N ASN D 128 20.89 12.84 10.59
CA ASN D 128 21.77 11.93 11.29
C ASN D 128 21.16 11.70 12.66
N GLY D 129 21.35 10.52 13.23
CA GLY D 129 20.85 10.28 14.57
C GLY D 129 21.32 11.33 15.57
N ALA D 130 22.60 11.63 15.58
CA ALA D 130 23.09 12.54 16.61
C ALA D 130 22.74 13.97 16.34
N ASN D 131 21.98 14.27 15.32
CA ASN D 131 21.54 15.64 15.14
C ASN D 131 20.47 16.02 16.15
N ALA D 132 19.99 15.05 16.93
CA ALA D 132 18.90 15.34 17.84
C ALA D 132 19.40 15.97 19.13
N ILE D 133 20.60 15.61 19.56
CA ILE D 133 21.10 16.07 20.85
C ILE D 133 21.22 17.58 20.85
N ASN D 134 20.89 18.18 21.97
CA ASN D 134 20.86 19.62 22.07
C ASN D 134 22.22 20.10 22.50
N PRO D 135 22.90 20.93 21.70
CA PRO D 135 24.26 21.35 22.08
C PRO D 135 24.33 22.10 23.41
N ASP D 136 23.24 22.76 23.82
CA ASP D 136 23.21 23.45 25.08
C ASP D 136 23.05 22.52 26.27
N ASP D 137 22.88 21.22 26.04
CA ASP D 137 22.84 20.22 27.08
C ASP D 137 24.09 19.39 27.10
N VAL D 138 25.10 19.78 26.34
CA VAL D 138 26.36 19.05 26.34
C VAL D 138 27.27 19.74 27.35
N ALA D 139 27.82 18.95 28.27
CA ALA D 139 28.82 19.40 29.23
C ALA D 139 30.24 18.99 28.85
N ASN D 140 30.44 17.74 28.43
CA ASN D 140 31.76 17.33 27.97
C ASN D 140 31.66 16.24 26.90
N MET D 141 32.31 16.49 25.78
CA MET D 141 32.56 15.48 24.77
C MET D 141 33.93 14.87 25.00
N THR D 142 34.06 13.58 24.74
CA THR D 142 35.36 12.93 24.83
C THR D 142 35.43 11.85 23.77
N ILE D 143 36.27 12.06 22.77
CA ILE D 143 36.23 11.26 21.55
C ILE D 143 37.34 10.21 21.70
N LEU D 144 36.98 9.02 22.17
CA LEU D 144 37.91 7.91 22.18
C LEU D 144 38.23 7.49 20.75
N LYS D 145 39.52 7.32 20.44
CA LYS D 145 39.93 7.07 19.06
C LYS D 145 40.49 5.68 18.83
N GLY D 146 41.02 5.02 19.84
CA GLY D 146 41.65 3.73 19.63
C GLY D 146 40.65 2.60 19.71
N ALA D 147 40.97 1.49 19.08
CA ALA D 147 40.12 0.31 19.11
C ALA D 147 40.74 -0.81 19.92
N ALA D 148 41.30 -0.48 21.09
CA ALA D 148 42.05 -1.43 21.91
C ALA D 148 41.47 -1.65 23.30
N ALA D 149 40.80 -0.65 23.88
CA ALA D 149 40.12 -0.79 25.16
C ALA D 149 38.63 -0.48 24.97
N THR D 150 37.91 -1.42 24.39
CA THR D 150 36.54 -1.21 23.97
C THR D 150 35.54 -2.06 24.74
N ALA D 151 35.98 -2.87 25.69
CA ALA D 151 35.07 -3.77 26.38
C ALA D 151 33.91 -3.01 27.02
N LEU D 152 34.17 -1.85 27.60
CA LEU D 152 33.08 -1.10 28.22
C LEU D 152 31.96 -0.80 27.23
N TYR D 153 32.31 -0.46 25.99
CA TYR D 153 31.36 0.10 25.04
C TYR D 153 31.08 -0.81 23.84
N GLY D 154 31.57 -2.05 23.85
CA GLY D 154 31.12 -3.04 22.90
C GLY D 154 31.82 -3.01 21.55
N SER D 155 31.21 -3.70 20.60
CA SER D 155 31.84 -3.90 19.29
C SER D 155 31.77 -2.65 18.44
N ARG D 156 30.63 -1.96 18.46
CA ARG D 156 30.49 -0.74 17.67
C ARG D 156 31.55 0.29 17.98
N ALA D 157 32.31 0.08 19.05
CA ALA D 157 33.33 1.06 19.40
C ALA D 157 34.50 0.99 18.46
N ALA D 158 34.65 -0.11 17.70
CA ALA D 158 35.78 -0.26 16.81
C ALA D 158 36.03 1.00 15.99
N ASN D 159 34.97 1.77 15.74
CA ASN D 159 35.01 2.98 14.95
C ASN D 159 35.13 4.22 15.80
N GLY D 160 35.53 4.06 17.05
CA GLY D 160 35.58 5.19 17.95
C GLY D 160 34.28 5.36 18.72
N VAL D 161 34.38 6.09 19.82
CA VAL D 161 33.26 6.35 20.69
C VAL D 161 33.21 7.85 20.90
N VAL D 162 32.03 8.44 20.78
CA VAL D 162 31.91 9.84 21.13
C VAL D 162 31.17 9.95 22.44
N MET D 163 31.88 9.80 23.57
CA MET D 163 31.26 9.87 24.89
C MET D 163 30.80 11.29 25.19
N ILE D 164 29.48 11.48 25.20
CA ILE D 164 28.86 12.74 25.60
C ILE D 164 28.39 12.61 27.04
N THR D 165 28.41 13.72 27.77
CA THR D 165 27.97 13.77 29.17
C THR D 165 27.23 15.07 29.41
N THR D 166 25.96 14.94 29.80
CA THR D 166 24.99 16.04 29.82
C THR D 166 25.04 16.80 31.13
N LYS D 167 24.71 18.09 31.03
CA LYS D 167 24.68 18.98 32.18
C LYS D 167 23.83 18.42 33.32
N SER D 168 23.99 19.01 34.52
CA SER D 168 23.29 18.54 35.72
C SER D 168 22.92 19.68 36.66
N GLY D 169 23.22 19.55 37.95
CA GLY D 169 22.69 20.44 38.96
C GLY D 169 23.56 21.65 39.27
N ARG D 170 23.13 22.37 40.30
CA ARG D 170 23.74 23.62 40.72
C ARG D 170 24.39 23.42 42.14
N LYS D 171 24.18 24.18 43.23
CA LYS D 171 23.47 25.45 43.39
C LYS D 171 24.27 26.54 42.72
N GLU D 172 23.61 27.66 42.48
CA GLU D 172 24.24 28.80 41.82
C GLU D 172 23.28 29.98 41.84
N LYS D 173 23.80 31.20 41.92
CA LYS D 173 22.95 32.39 41.87
C LYS D 173 22.39 32.50 40.46
N GLY D 174 21.06 32.55 40.31
CA GLY D 174 20.10 32.44 41.38
C GLY D 174 18.99 31.42 41.18
N VAL D 175 18.18 31.55 40.13
CA VAL D 175 16.99 30.72 39.98
C VAL D 175 17.16 29.52 39.03
N GLY D 176 18.13 29.56 38.13
CA GLY D 176 18.53 28.38 37.38
C GLY D 176 18.30 28.44 35.89
N ILE D 177 17.72 29.52 35.39
CA ILE D 177 17.33 29.62 34.00
C ILE D 177 18.50 30.12 33.18
N GLU D 178 18.79 29.43 32.07
CA GLU D 178 19.67 29.94 31.03
C GLU D 178 18.85 30.02 29.77
N TYR D 179 18.84 31.19 29.15
CA TYR D 179 18.11 31.40 27.91
C TYR D 179 19.08 31.70 26.77
N ASN D 180 18.96 30.97 25.67
CA ASN D 180 19.72 31.26 24.46
C ASN D 180 18.75 31.45 23.30
N GLY D 181 18.84 32.60 22.65
CA GLY D 181 18.04 32.88 21.49
C GLY D 181 18.87 33.53 20.41
N GLY D 182 18.94 32.91 19.23
CA GLY D 182 19.80 33.39 18.18
C GLY D 182 19.07 33.56 16.86
N VAL D 183 19.80 34.14 15.91
CA VAL D 183 19.27 34.57 14.63
C VAL D 183 20.41 34.51 13.63
N GLN D 184 20.26 33.76 12.53
CA GLN D 184 21.35 33.67 11.56
C GLN D 184 20.79 33.68 10.15
N TRP D 185 21.59 34.20 9.22
CA TRP D 185 21.31 34.16 7.80
C TRP D 185 22.34 33.26 7.12
N SER D 186 21.99 32.78 5.94
CA SER D 186 22.95 32.11 5.08
C SER D 186 22.87 32.70 3.68
N THR D 187 23.97 32.58 2.97
CA THR D 187 24.21 33.20 1.68
C THR D 187 24.95 32.17 0.86
N VAL D 188 24.75 32.18 -0.47
CA VAL D 188 25.48 31.22 -1.27
C VAL D 188 26.96 31.50 -1.14
N LEU D 189 27.77 30.44 -1.04
CA LEU D 189 29.21 30.57 -0.80
C LEU D 189 29.97 30.53 -2.11
N ARG D 190 29.95 29.39 -2.81
CA ARG D 190 30.69 29.21 -4.05
C ARG D 190 29.77 28.67 -5.12
N LEU D 191 29.52 29.44 -6.13
CA LEU D 191 28.96 28.93 -7.36
C LEU D 191 30.07 28.56 -8.32
N PRO D 192 29.80 27.72 -9.32
CA PRO D 192 30.82 27.44 -10.34
C PRO D 192 31.23 28.72 -11.04
N GLU D 193 32.49 28.77 -11.46
CA GLU D 193 32.96 29.95 -12.16
C GLU D 193 32.42 29.93 -13.56
N PHE D 194 31.56 30.89 -13.88
CA PHE D 194 30.90 30.83 -15.16
C PHE D 194 31.67 31.62 -16.20
N GLN D 195 31.19 31.51 -17.42
CA GLN D 195 31.72 32.20 -18.57
C GLN D 195 30.69 33.17 -19.12
N ASN D 196 31.15 34.32 -19.60
CA ASN D 196 30.23 35.31 -20.11
C ASN D 196 30.71 35.83 -21.44
N GLU D 197 31.21 34.95 -22.29
CA GLU D 197 31.63 35.30 -23.63
C GLU D 197 30.62 34.92 -24.71
N PHE D 198 29.90 33.81 -24.56
CA PHE D 198 28.89 33.43 -25.52
C PHE D 198 27.54 33.19 -24.86
N GLY D 199 26.50 33.22 -25.67
CA GLY D 199 25.16 33.05 -25.20
C GLY D 199 24.49 31.80 -25.71
N MET D 200 23.15 31.82 -25.76
CA MET D 200 22.35 30.66 -26.08
C MET D 200 22.69 30.13 -27.45
N GLY D 201 22.80 28.81 -27.59
CA GLY D 201 23.02 28.23 -28.90
C GLY D 201 23.57 26.83 -28.82
N TRP D 202 23.61 26.18 -29.99
CA TRP D 202 24.27 24.89 -30.10
C TRP D 202 25.15 24.89 -31.34
N ASN D 203 26.12 23.97 -31.34
CA ASN D 203 27.11 23.84 -32.42
C ASN D 203 27.85 25.15 -32.68
N GLY D 204 27.60 26.16 -31.86
CA GLY D 204 28.13 27.47 -32.12
C GLY D 204 27.16 28.39 -32.81
N ASN D 205 26.04 27.88 -33.29
CA ASN D 205 25.04 28.72 -33.93
C ASN D 205 24.03 29.22 -32.91
N HIS D 206 23.25 30.22 -33.30
CA HIS D 206 22.23 30.82 -32.45
C HIS D 206 20.97 29.99 -32.41
N THR D 207 20.23 30.12 -31.32
CA THR D 207 19.10 29.25 -31.05
C THR D 207 18.22 29.87 -30.00
N GLU D 208 16.92 29.79 -30.21
CA GLU D 208 15.99 30.47 -29.34
C GLU D 208 15.61 29.63 -28.13
N LEU D 209 15.88 28.32 -28.16
CA LEU D 209 15.32 27.37 -27.20
C LEU D 209 16.38 26.59 -26.43
N GLU D 210 17.66 26.96 -26.54
CA GLU D 210 18.68 26.08 -26.02
C GLU D 210 18.67 26.09 -24.50
N ASN D 211 18.98 24.92 -23.94
CA ASN D 211 19.29 24.73 -22.52
C ASN D 211 20.78 24.85 -22.29
N GLY D 212 21.47 25.71 -23.01
CA GLY D 212 22.92 25.77 -22.91
C GLY D 212 23.47 26.96 -23.67
N SER D 213 24.76 27.20 -23.48
CA SER D 213 25.37 28.42 -23.99
C SER D 213 26.43 28.18 -25.05
N TRP D 214 26.12 27.43 -26.10
CA TRP D 214 27.11 27.26 -27.16
C TRP D 214 26.77 28.05 -28.39
N GLY D 215 26.64 29.36 -28.27
CA GLY D 215 26.14 30.18 -29.35
C GLY D 215 27.17 31.20 -29.79
N PRO D 216 26.73 32.19 -30.56
CA PRO D 216 27.66 33.20 -31.07
C PRO D 216 28.23 34.07 -29.97
N ARG D 217 29.23 34.85 -30.33
CA ARG D 217 29.78 35.79 -29.38
C ARG D 217 28.79 36.93 -29.15
N PHE D 218 28.79 37.46 -27.94
CA PHE D 218 27.83 38.49 -27.58
C PHE D 218 27.96 39.73 -28.44
N ASP D 219 26.91 40.02 -29.20
CA ASP D 219 26.84 41.21 -30.04
C ASP D 219 26.36 42.41 -29.24
N GLY D 220 25.38 42.21 -28.39
CA GLY D 220 24.52 43.28 -27.94
C GLY D 220 23.36 43.52 -28.87
N SER D 221 23.20 42.67 -29.87
CA SER D 221 22.22 42.85 -30.92
C SER D 221 20.92 42.15 -30.57
N MET D 222 19.81 42.79 -30.88
CA MET D 222 18.53 42.29 -30.41
C MET D 222 18.17 41.00 -31.16
N GLN D 223 17.84 39.97 -30.40
CA GLN D 223 17.62 38.63 -30.90
C GLN D 223 16.40 38.03 -30.21
N LEU D 224 15.87 36.97 -30.79
CA LEU D 224 14.76 36.29 -30.17
C LEU D 224 15.27 35.23 -29.21
N TRP D 225 14.38 34.80 -28.32
CA TRP D 225 14.59 33.63 -27.47
C TRP D 225 13.26 33.04 -27.03
N GLY D 226 13.29 31.76 -26.68
CA GLY D 226 12.16 31.10 -26.09
C GLY D 226 11.05 30.85 -27.10
N ASN D 227 9.96 30.27 -26.60
CA ASN D 227 8.82 29.83 -27.40
C ASN D 227 7.97 31.00 -27.85
N VAL D 228 7.10 30.70 -28.79
CA VAL D 228 6.15 31.66 -29.33
C VAL D 228 4.81 31.43 -28.66
N TYR D 229 4.25 32.46 -28.04
CA TYR D 229 2.96 32.34 -27.39
C TYR D 229 2.03 33.38 -27.95
N ASN D 230 0.86 32.92 -28.40
CA ASN D 230 -0.15 33.83 -28.94
C ASN D 230 0.43 34.66 -30.08
N ASN D 231 1.23 34.03 -30.92
CA ASN D 231 1.88 34.71 -32.02
C ASN D 231 2.65 35.93 -31.54
N SER D 232 3.42 35.76 -30.46
CA SER D 232 4.33 36.78 -30.00
C SER D 232 5.52 36.09 -29.36
N GLN D 233 6.58 36.85 -29.12
CA GLN D 233 7.80 36.22 -28.65
C GLN D 233 8.68 37.27 -27.99
N LYS D 234 9.46 36.83 -27.02
CA LYS D 234 10.27 37.74 -26.24
C LYS D 234 11.54 38.03 -27.00
N LEU D 235 11.97 39.28 -26.97
CA LEU D 235 13.04 39.77 -27.83
C LEU D 235 13.95 40.66 -27.00
N LYS D 236 15.23 40.35 -26.94
CA LYS D 236 16.03 41.03 -25.93
C LYS D 236 17.46 41.19 -26.41
N PRO D 237 18.17 42.22 -25.94
CA PRO D 237 19.60 42.34 -26.23
C PRO D 237 20.34 41.05 -25.91
N TYR D 238 21.14 40.61 -26.88
CA TYR D 238 21.98 39.42 -26.74
C TYR D 238 23.22 39.85 -25.95
N VAL D 239 23.04 39.92 -24.63
CA VAL D 239 24.08 40.34 -23.69
C VAL D 239 24.17 39.32 -22.57
N ALA D 240 25.38 39.16 -22.04
CA ALA D 240 25.60 38.27 -20.92
C ALA D 240 25.00 38.86 -19.65
N MET D 241 24.69 37.98 -18.70
CA MET D 241 24.20 38.38 -17.38
C MET D 241 24.92 37.53 -16.36
N PRO D 242 26.01 38.03 -15.77
CA PRO D 242 26.86 37.14 -14.97
C PRO D 242 26.19 36.67 -13.70
N ASP D 243 25.46 37.55 -13.03
CA ASP D 243 24.86 37.25 -11.75
C ASP D 243 23.64 36.33 -11.86
N ASN D 244 23.26 35.89 -13.05
CA ASN D 244 21.90 35.38 -13.22
C ASN D 244 21.61 34.14 -12.39
N ILE D 245 22.61 33.47 -11.86
CA ILE D 245 22.38 32.41 -10.90
C ILE D 245 22.56 32.90 -9.48
N LYS D 246 23.67 33.58 -9.21
CA LYS D 246 23.81 34.26 -7.92
C LYS D 246 22.54 34.99 -7.55
N ASP D 247 21.82 35.53 -8.53
CA ASP D 247 20.61 36.28 -8.27
C ASP D 247 19.39 35.38 -8.01
N PHE D 248 19.45 34.12 -8.41
CA PHE D 248 18.32 33.23 -8.18
C PHE D 248 18.05 33.05 -6.71
N PHE D 249 19.13 32.90 -5.93
CA PHE D 249 19.10 32.60 -4.51
C PHE D 249 18.78 33.82 -3.67
N ASP D 250 18.06 33.59 -2.59
CA ASP D 250 17.83 34.57 -1.54
C ASP D 250 18.84 34.35 -0.43
N ALA D 251 18.56 34.88 0.74
CA ALA D 251 19.35 34.57 1.92
C ALA D 251 18.49 33.72 2.83
N GLY D 252 18.96 32.52 3.12
CA GLY D 252 18.30 31.72 4.11
C GLY D 252 18.31 32.40 5.46
N PHE D 253 17.27 32.14 6.24
CA PHE D 253 17.14 32.70 7.56
C PHE D 253 16.93 31.56 8.53
N ARG D 254 17.26 31.76 9.80
CA ARG D 254 17.03 30.72 10.78
C ARG D 254 17.01 31.34 12.16
N TYR D 255 15.97 31.05 12.93
CA TYR D 255 15.86 31.54 14.29
C TYR D 255 15.91 30.39 15.27
N SER D 256 16.58 30.62 16.39
CA SER D 256 16.84 29.61 17.39
C SER D 256 16.41 30.14 18.76
N ASN D 257 15.92 29.23 19.61
CA ASN D 257 15.48 29.56 20.95
C ASN D 257 15.75 28.40 21.89
N SER D 258 16.44 28.68 22.99
CA SER D 258 16.86 27.66 23.95
C SER D 258 16.48 28.07 25.36
N LEU D 259 16.14 27.08 26.18
CA LEU D 259 15.71 27.30 27.55
C LEU D 259 16.11 26.10 28.39
N SER D 260 16.59 26.38 29.59
CA SER D 260 16.99 25.33 30.51
C SER D 260 16.60 25.74 31.92
N PHE D 261 16.30 24.74 32.75
CA PHE D 261 15.96 24.97 34.14
C PHE D 261 16.78 24.00 34.97
N ASN D 262 17.40 24.54 36.01
CA ASN D 262 18.52 23.86 36.63
C ASN D 262 18.52 24.17 38.12
N GLY D 263 18.86 23.15 38.92
CA GLY D 263 18.89 23.32 40.36
C GLY D 263 19.43 22.06 40.99
N ALA D 264 19.63 22.13 42.30
CA ALA D 264 20.21 20.97 42.99
C ALA D 264 20.22 21.21 44.49
N THR D 265 20.52 20.12 45.20
CA THR D 265 20.58 20.03 46.63
C THR D 265 21.82 19.20 46.96
N ASP D 266 22.03 18.87 48.23
CA ASP D 266 23.15 18.00 48.49
C ASP D 266 22.86 16.53 48.16
N LYS D 267 21.62 16.21 47.83
CA LYS D 267 21.30 14.84 47.48
C LYS D 267 20.63 14.66 46.12
N SER D 268 20.39 15.74 45.36
CA SER D 268 19.66 15.60 44.10
C SER D 268 20.04 16.71 43.14
N ASP D 269 19.72 16.49 41.87
CA ASP D 269 19.87 17.51 40.85
C ASP D 269 18.77 17.32 39.81
N TYR D 270 18.50 18.39 39.06
CA TYR D 270 17.44 18.40 38.05
C TYR D 270 17.79 19.37 36.96
N TYR D 271 17.80 18.88 35.71
CA TYR D 271 17.95 19.71 34.53
C TYR D 271 16.73 19.48 33.65
N VAL D 272 16.07 20.56 33.24
CA VAL D 272 14.99 20.49 32.25
C VAL D 272 15.22 21.55 31.18
N SER D 273 15.12 21.15 29.91
CA SER D 273 15.62 21.93 28.79
C SER D 273 14.67 21.81 27.61
N PHE D 274 14.69 22.82 26.74
CA PHE D 274 13.90 22.83 25.51
C PHE D 274 14.61 23.66 24.45
N SER D 275 14.90 23.07 23.30
CA SER D 275 15.50 23.79 22.20
C SER D 275 14.54 23.85 21.02
N GLN D 276 14.72 24.87 20.19
CA GLN D 276 13.77 25.15 19.11
C GLN D 276 14.53 25.82 17.98
N ILE D 277 14.40 25.29 16.76
CA ILE D 277 15.10 25.85 15.61
C ILE D 277 14.13 25.88 14.44
N SER D 278 14.28 26.88 13.57
CA SER D 278 13.48 26.92 12.35
C SER D 278 14.28 27.60 11.26
N ASP D 279 14.53 26.87 10.18
CA ASP D 279 15.46 27.26 9.14
C ASP D 279 14.76 27.27 7.79
N ASP D 280 15.04 28.28 6.97
CA ASP D 280 14.51 28.36 5.62
C ASP D 280 15.66 28.81 4.73
N GLY D 281 16.40 27.84 4.19
CA GLY D 281 17.60 28.13 3.41
C GLY D 281 17.50 29.02 2.19
N MET D 282 18.68 29.35 1.65
CA MET D 282 18.87 30.35 0.59
C MET D 282 18.26 29.97 -0.74
N ILE D 283 17.90 28.70 -0.94
CA ILE D 283 17.12 28.40 -2.14
C ILE D 283 15.78 29.11 -1.99
N PRO D 284 15.19 29.63 -3.06
CA PRO D 284 13.92 30.35 -2.89
C PRO D 284 12.79 29.38 -2.60
N THR D 285 11.73 29.92 -1.98
CA THR D 285 10.57 29.22 -1.45
C THR D 285 10.91 28.59 -0.11
N ASP D 286 9.92 27.91 0.47
CA ASP D 286 10.04 27.16 1.70
C ASP D 286 10.51 25.74 1.44
N ALA D 287 11.07 25.47 0.27
CA ALA D 287 11.41 24.11 -0.07
C ALA D 287 12.60 23.59 0.69
N ASP D 288 13.35 24.44 1.37
CA ASP D 288 14.58 24.05 2.06
C ASP D 288 14.43 24.26 3.57
N SER D 289 13.62 23.43 4.21
CA SER D 289 13.17 23.75 5.56
C SER D 289 13.65 22.73 6.56
N TYR D 290 13.95 23.20 7.77
CA TYR D 290 14.29 22.34 8.89
C TYR D 290 13.71 22.94 10.14
N ASP D 291 12.92 22.17 10.86
CA ASP D 291 12.42 22.55 12.18
C ASP D 291 12.85 21.50 13.17
N LYS D 292 13.46 21.94 14.28
CA LYS D 292 13.92 21.04 15.33
C LYS D 292 13.34 21.49 16.66
N TYR D 293 12.79 20.55 17.43
CA TYR D 293 12.33 20.76 18.79
C TYR D 293 12.86 19.65 19.67
N THR D 294 13.33 19.98 20.86
CA THR D 294 13.71 18.95 21.81
C THR D 294 13.21 19.31 23.20
N PHE D 295 13.02 18.28 24.02
CA PHE D 295 12.62 18.48 25.39
C PHE D 295 13.19 17.34 26.21
N SER D 296 13.87 17.69 27.29
CA SER D 296 14.69 16.77 28.03
C SER D 296 14.54 17.04 29.51
N ALA D 297 14.47 15.99 30.29
CA ALA D 297 14.38 16.11 31.73
C ALA D 297 15.27 15.04 32.35
N ARG D 298 16.21 15.49 33.18
CA ARG D 298 17.26 14.63 33.70
C ARG D 298 17.46 14.96 35.17
N GLY D 299 17.46 13.94 36.01
CA GLY D 299 17.49 14.15 37.45
C GLY D 299 18.06 12.97 38.18
N SER D 300 18.69 13.26 39.31
CA SER D 300 19.32 12.23 40.11
C SER D 300 18.91 12.44 41.56
N HIS D 301 19.13 11.40 42.36
CA HIS D 301 18.80 11.49 43.77
C HIS D 301 19.55 10.42 44.53
N LYS D 302 20.23 10.82 45.60
CA LYS D 302 21.00 9.91 46.42
C LYS D 302 20.35 9.82 47.79
N ALA D 303 19.93 8.63 48.15
CA ALA D 303 19.65 8.27 49.53
C ALA D 303 20.33 6.92 49.72
N GLY D 304 21.33 6.86 50.57
CA GLY D 304 22.16 5.66 50.63
C GLY D 304 23.59 6.09 50.47
N ALA D 305 24.54 5.24 50.03
CA ALA D 305 24.42 3.95 49.33
C ALA D 305 23.75 4.10 47.96
N LEU D 306 22.43 4.00 47.92
CA LEU D 306 21.70 3.95 46.65
C LEU D 306 21.61 5.32 45.97
N THR D 307 21.90 5.34 44.68
CA THR D 307 21.59 6.48 43.83
C THR D 307 20.75 6.02 42.66
N PHE D 308 19.78 6.83 42.26
CA PHE D 308 19.02 6.52 41.06
C PHE D 308 18.84 7.81 40.28
N SER D 309 19.06 7.74 38.98
CA SER D 309 18.94 8.87 38.09
C SER D 309 18.17 8.43 36.86
N SER D 310 17.69 9.40 36.09
CA SER D 310 16.97 9.06 34.87
C SER D 310 16.98 10.25 33.91
N SER D 311 17.29 9.97 32.65
CA SER D 311 17.24 10.94 31.56
C SER D 311 16.12 10.51 30.61
N LEU D 312 15.25 11.45 30.22
CA LEU D 312 14.22 11.15 29.22
C LEU D 312 14.11 12.32 28.24
N ASN D 313 14.05 12.01 26.94
CA ASN D 313 14.16 13.05 25.92
C ASN D 313 13.25 12.79 24.73
N TYR D 314 12.71 13.86 24.18
CA TYR D 314 11.82 13.79 23.06
C TYR D 314 12.30 14.75 22.00
N ALA D 315 12.31 14.31 20.74
CA ALA D 315 12.93 15.07 19.66
C ALA D 315 12.06 15.06 18.43
N TYR D 316 11.67 16.23 17.95
CA TYR D 316 10.85 16.40 16.76
C TYR D 316 11.64 17.09 15.66
N GLN D 317 11.27 16.81 14.42
CA GLN D 317 11.89 17.47 13.28
C GLN D 317 10.96 17.34 12.08
N LYS D 318 10.87 18.41 11.30
CA LYS D 318 10.15 18.38 10.02
C LYS D 318 11.06 19.00 8.97
N ASN D 319 11.41 18.21 7.96
CA ASN D 319 12.31 18.61 6.90
C ASN D 319 11.58 18.73 5.58
N ASN D 320 12.09 19.60 4.71
CA ASN D 320 11.70 19.69 3.31
C ASN D 320 12.95 19.92 2.50
N PHE D 321 13.20 19.07 1.52
CA PHE D 321 14.45 19.06 0.80
C PHE D 321 14.19 19.45 -0.65
N ALA D 322 14.93 20.44 -1.15
CA ALA D 322 14.84 20.81 -2.57
C ALA D 322 15.67 19.79 -3.30
N THR D 323 15.02 18.70 -3.70
CA THR D 323 15.68 17.53 -4.27
C THR D 323 16.70 17.88 -5.34
N THR D 324 17.77 17.10 -5.41
CA THR D 324 18.77 17.11 -6.47
C THR D 324 18.59 15.88 -7.33
N GLY D 325 19.22 15.92 -8.49
CA GLY D 325 19.14 14.79 -9.40
C GLY D 325 19.36 15.26 -10.82
N GLN D 326 19.29 14.31 -11.73
CA GLN D 326 19.46 14.60 -13.15
C GLN D 326 18.15 14.84 -13.88
N GLY D 327 17.02 14.61 -13.22
CA GLY D 327 15.72 14.79 -13.81
C GLY D 327 15.26 16.22 -13.70
N LEU D 328 13.95 16.40 -13.73
CA LEU D 328 13.39 17.73 -13.53
C LEU D 328 13.58 18.25 -12.11
N SER D 329 14.81 18.28 -11.61
CA SER D 329 15.07 18.78 -10.29
C SER D 329 15.41 20.27 -10.39
N MET D 330 15.65 20.90 -9.24
CA MET D 330 15.74 22.36 -9.24
C MET D 330 17.12 22.84 -9.62
N LEU D 331 18.17 22.16 -9.18
CA LEU D 331 19.49 22.65 -9.55
C LEU D 331 19.78 22.27 -11.00
N ASN D 332 19.74 20.98 -11.32
CA ASN D 332 20.00 20.53 -12.68
C ASN D 332 19.18 21.29 -13.69
N SER D 333 18.09 21.87 -13.29
CA SER D 333 17.33 22.77 -14.14
C SER D 333 17.88 24.18 -14.12
N LEU D 334 18.73 24.50 -13.16
CA LEU D 334 19.23 25.86 -13.02
C LEU D 334 20.54 26.04 -13.76
N TYR D 335 21.45 25.08 -13.63
CA TYR D 335 22.70 25.16 -14.37
C TYR D 335 22.44 25.12 -15.86
N GLN D 336 21.44 24.36 -16.31
CA GLN D 336 21.12 24.25 -17.73
C GLN D 336 20.35 25.50 -18.18
N THR D 337 21.02 26.63 -18.02
CA THR D 337 20.49 27.94 -18.33
C THR D 337 21.50 28.70 -19.16
N PRO D 338 21.12 29.26 -20.30
CA PRO D 338 22.05 30.04 -21.08
C PRO D 338 22.56 31.23 -20.29
N ARG D 339 23.77 31.69 -20.62
CA ARG D 339 24.39 32.77 -19.87
C ARG D 339 23.68 34.09 -20.06
N ASP D 340 22.84 34.24 -21.07
CA ASP D 340 22.15 35.48 -21.33
C ASP D 340 20.73 35.51 -20.80
N ILE D 341 20.25 34.42 -20.22
CA ILE D 341 18.86 34.32 -19.80
C ILE D 341 18.73 34.79 -18.36
N SER D 342 17.67 35.53 -18.08
CA SER D 342 17.40 36.05 -16.76
C SER D 342 16.61 35.04 -15.94
N ILE D 343 17.20 34.54 -14.86
CA ILE D 343 16.52 33.51 -14.09
C ILE D 343 15.51 34.12 -13.16
N ILE D 344 15.76 35.32 -12.63
CA ILE D 344 14.76 35.91 -11.76
C ILE D 344 13.55 36.43 -12.51
N GLY D 345 13.53 36.35 -13.84
CA GLY D 345 12.36 36.75 -14.57
C GLY D 345 11.44 35.58 -14.88
N LEU D 346 11.96 34.39 -14.69
CA LEU D 346 11.16 33.22 -14.94
C LEU D 346 10.19 32.92 -13.81
N GLU D 347 10.10 33.77 -12.79
CA GLU D 347 9.30 33.39 -11.63
C GLU D 347 7.83 33.74 -11.84
N ASP D 348 7.53 34.96 -12.30
CA ASP D 348 6.14 35.35 -12.44
C ASP D 348 5.44 34.38 -13.38
N GLN D 349 4.26 33.93 -12.97
CA GLN D 349 3.54 32.91 -13.70
C GLN D 349 2.32 33.44 -14.41
N ASN D 350 2.12 34.75 -14.39
CA ASN D 350 1.20 35.40 -15.29
C ASN D 350 1.89 35.81 -16.57
N ASP D 351 3.19 35.60 -16.67
CA ASP D 351 3.86 35.78 -17.95
C ASP D 351 3.86 34.44 -18.66
N PRO D 352 2.93 34.22 -19.59
CA PRO D 352 2.67 32.87 -20.12
C PRO D 352 3.90 32.21 -20.67
N PHE D 353 4.95 32.98 -20.88
CA PHE D 353 6.20 32.43 -21.34
C PHE D 353 6.91 31.62 -20.26
N ASN D 354 6.47 31.69 -19.00
CA ASN D 354 7.09 30.94 -17.92
C ASN D 354 6.27 29.73 -17.47
N THR D 355 5.02 29.64 -17.86
CA THR D 355 4.23 28.48 -17.46
C THR D 355 4.82 27.23 -18.09
N PRO D 356 4.71 26.07 -17.43
CA PRO D 356 5.42 24.88 -17.89
C PRO D 356 5.35 24.63 -19.36
N GLY D 357 4.28 25.05 -20.01
CA GLY D 357 4.15 24.76 -21.43
C GLY D 357 5.06 25.58 -22.31
N TYR D 358 5.37 26.79 -21.89
CA TYR D 358 6.01 27.75 -22.78
C TYR D 358 7.37 28.18 -22.28
N TYR D 359 7.86 27.60 -21.20
CA TYR D 359 9.22 27.85 -20.74
C TYR D 359 10.19 27.74 -21.89
N TYR D 360 11.23 28.56 -21.85
CA TYR D 360 12.16 28.73 -22.96
C TYR D 360 12.92 27.46 -23.35
N THR D 361 12.83 26.36 -22.61
CA THR D 361 13.63 25.25 -23.07
C THR D 361 12.99 23.92 -22.77
N PRO D 362 13.04 22.99 -23.68
CA PRO D 362 12.38 21.71 -23.48
C PRO D 362 13.33 20.57 -23.22
N TYR D 363 14.60 20.85 -22.99
CA TYR D 363 15.58 19.77 -23.03
C TYR D 363 15.73 19.18 -21.62
N GLY D 364 14.74 18.40 -21.22
CA GLY D 364 14.85 17.65 -19.98
C GLY D 364 14.94 18.51 -18.74
N VAL D 365 14.30 19.67 -18.78
CA VAL D 365 14.53 20.75 -17.85
C VAL D 365 13.22 21.50 -17.70
N MET D 366 13.00 22.06 -16.52
CA MET D 366 11.78 22.80 -16.25
C MET D 366 12.11 24.10 -15.53
N ASN D 367 11.12 24.96 -15.40
CA ASN D 367 11.29 26.21 -14.67
C ASN D 367 11.65 25.86 -13.23
N PRO D 368 12.76 26.38 -12.70
CA PRO D 368 13.13 26.03 -11.32
C PRO D 368 12.09 26.49 -10.32
N TYR D 369 11.68 27.75 -10.39
CA TYR D 369 10.61 28.22 -9.54
C TYR D 369 9.40 27.29 -9.55
N TYR D 370 9.07 26.69 -10.69
CA TYR D 370 7.96 25.75 -10.66
C TYR D 370 8.34 24.50 -9.90
N ILE D 371 9.52 23.96 -10.13
CA ILE D 371 9.84 22.72 -9.45
C ILE D 371 9.80 22.89 -7.96
N LEU D 372 10.24 24.03 -7.46
CA LEU D 372 10.21 24.18 -6.02
C LEU D 372 8.82 24.42 -5.49
N ASN D 373 7.93 24.91 -6.33
CA ASN D 373 6.64 25.34 -5.83
C ASN D 373 5.57 24.27 -5.93
N ASN D 374 5.74 23.27 -6.80
CA ASN D 374 4.71 22.30 -7.06
C ASN D 374 5.10 20.88 -6.73
N TYR D 375 6.28 20.67 -6.17
CA TYR D 375 6.75 19.35 -5.78
C TYR D 375 6.74 19.22 -4.27
N LEU D 376 6.81 18.01 -3.79
CA LEU D 376 6.73 17.77 -2.36
C LEU D 376 7.80 16.78 -1.97
N ASN D 377 8.51 17.09 -0.89
CA ASN D 377 9.43 16.12 -0.33
C ASN D 377 9.57 16.43 1.15
N GLU D 378 8.75 15.79 1.98
CA GLU D 378 8.64 16.16 3.38
C GLU D 378 9.07 14.99 4.26
N TYR D 379 9.64 15.30 5.42
CA TYR D 379 9.99 14.27 6.39
C TYR D 379 9.70 14.82 7.77
N GLU D 380 9.00 14.04 8.58
CA GLU D 380 8.70 14.39 9.96
C GLU D 380 9.13 13.23 10.83
N SER D 381 9.43 13.52 12.08
CA SER D 381 10.03 12.52 12.94
C SER D 381 9.70 12.82 14.40
N GLU D 382 9.29 11.82 15.14
CA GLU D 382 9.14 11.93 16.58
C GLU D 382 10.04 10.89 17.23
N ARG D 383 10.86 11.32 18.17
CA ARG D 383 11.79 10.41 18.82
C ARG D 383 11.68 10.53 20.33
N PHE D 384 11.82 9.39 20.99
CA PHE D 384 11.90 9.29 22.43
C PHE D 384 13.09 8.42 22.77
N TYR D 385 14.00 8.92 23.61
CA TYR D 385 15.13 8.14 24.08
C TYR D 385 15.53 8.63 25.45
N GLY D 386 16.21 7.78 26.20
CA GLY D 386 16.58 8.12 27.55
C GLY D 386 17.13 6.90 28.28
N LYS D 387 17.28 7.05 29.60
CA LYS D 387 18.00 6.06 30.39
C LYS D 387 17.52 6.06 31.83
N PHE D 388 17.76 4.93 32.50
CA PHE D 388 17.59 4.76 33.93
C PHE D 388 18.87 4.14 34.48
N GLN D 389 19.30 4.59 35.65
CA GLN D 389 20.59 4.15 36.19
C GLN D 389 20.46 3.96 37.70
N LEU D 390 20.89 2.80 38.19
CA LEU D 390 20.81 2.45 39.60
C LEU D 390 22.20 2.13 40.13
N ASP D 391 22.75 3.07 40.90
CA ASP D 391 24.06 2.94 41.53
C ASP D 391 23.87 2.70 43.03
N TYR D 392 24.40 1.60 43.52
CA TYR D 392 24.31 1.23 44.93
C TYR D 392 25.66 0.80 45.45
N GLU D 393 26.22 1.58 46.35
CA GLU D 393 27.53 1.29 46.91
C GLU D 393 27.37 0.41 48.13
N PHE D 394 28.29 -0.54 48.30
CA PHE D 394 28.21 -1.48 49.40
C PHE D 394 29.61 -2.04 49.70
N LEU D 395 29.80 -2.44 50.97
CA LEU D 395 31.06 -3.03 51.45
C LEU D 395 32.27 -2.18 51.10
N LYS D 396 32.24 -0.92 51.51
CA LYS D 396 33.45 -0.10 51.53
C LYS D 396 34.00 0.13 50.14
N TYR D 397 34.21 -0.95 49.38
CA TYR D 397 34.99 -0.91 48.15
C TYR D 397 34.21 -1.21 46.87
N PHE D 398 32.95 -1.60 46.95
CA PHE D 398 32.21 -2.07 45.79
C PHE D 398 31.17 -1.04 45.35
N LYS D 399 30.76 -1.17 44.08
CA LYS D 399 29.67 -0.37 43.51
C LYS D 399 28.92 -1.21 42.47
N PHE D 400 27.60 -1.34 42.64
CA PHE D 400 26.72 -2.00 41.67
C PHE D 400 26.00 -0.95 40.84
N THR D 401 26.02 -1.12 39.51
CA THR D 401 25.42 -0.16 38.60
C THR D 401 24.63 -0.89 37.52
N TYR D 402 23.35 -0.56 37.43
CA TYR D 402 22.44 -1.06 36.41
C TYR D 402 21.97 0.10 35.57
N ARG D 403 21.93 -0.12 34.25
CA ARG D 403 21.68 0.96 33.30
C ARG D 403 20.92 0.41 32.10
N MET D 404 19.71 0.91 31.90
CA MET D 404 18.88 0.50 30.77
C MET D 404 18.59 1.71 29.89
N GLY D 405 18.72 1.51 28.58
CA GLY D 405 18.49 2.57 27.61
C GLY D 405 17.46 2.16 26.59
N LEU D 406 16.64 3.11 26.20
CA LEU D 406 15.62 2.91 25.19
C LEU D 406 15.74 4.04 24.21
N ASP D 407 15.53 3.74 22.92
CA ASP D 407 15.61 4.75 21.88
C ASP D 407 14.72 4.30 20.73
N THR D 408 13.56 4.95 20.58
CA THR D 408 12.50 4.51 19.69
C THR D 408 12.02 5.68 18.85
N THR D 409 11.81 5.44 17.54
CA THR D 409 11.58 6.49 16.56
C THR D 409 10.50 6.12 15.57
N THR D 410 9.67 7.11 15.22
CA THR D 410 8.77 7.05 14.08
C THR D 410 9.08 8.20 13.15
N GLY D 411 9.17 7.93 11.86
CA GLY D 411 9.38 8.97 10.87
C GLY D 411 8.57 8.68 9.64
N GLN D 412 8.15 9.75 8.96
CA GLN D 412 7.17 9.63 7.87
C GLN D 412 7.56 10.51 6.69
N SER D 413 7.87 9.90 5.54
CA SER D 413 8.12 10.65 4.31
C SER D 413 6.86 10.73 3.45
N ASP D 414 6.67 11.87 2.82
CA ASP D 414 5.57 12.10 1.87
C ASP D 414 6.16 12.87 0.69
N LYS D 415 6.60 12.15 -0.35
CA LYS D 415 7.10 12.76 -1.57
C LYS D 415 6.01 12.68 -2.61
N GLY D 416 5.96 13.66 -3.50
CA GLY D 416 5.00 13.61 -4.59
C GLY D 416 5.32 14.64 -5.65
N LYS D 417 4.81 14.37 -6.85
CA LYS D 417 5.03 15.23 -8.00
C LYS D 417 3.83 15.28 -8.92
N PRO D 418 3.54 16.44 -9.53
CA PRO D 418 2.33 16.60 -10.31
C PRO D 418 2.30 15.67 -11.48
N ASN D 419 1.10 15.47 -12.01
CA ASN D 419 0.92 14.88 -13.33
C ASN D 419 1.22 15.98 -14.33
N LEU D 420 2.51 16.17 -14.61
CA LEU D 420 2.91 17.22 -15.54
C LEU D 420 2.24 17.03 -16.88
N TYR D 421 2.14 15.78 -17.32
CA TYR D 421 1.57 15.44 -18.61
C TYR D 421 0.13 15.90 -18.78
N ALA D 422 -0.80 15.33 -18.01
CA ALA D 422 -2.20 15.71 -18.09
C ALA D 422 -2.45 17.20 -17.96
N LEU D 423 -1.53 17.94 -17.36
CA LEU D 423 -1.74 19.36 -17.13
C LEU D 423 -1.21 20.22 -18.25
N TYR D 424 -0.20 19.77 -18.98
CA TYR D 424 0.49 20.66 -19.92
C TYR D 424 0.87 20.07 -21.26
N TYR D 425 0.61 18.79 -21.54
CA TYR D 425 1.17 18.22 -22.75
C TYR D 425 0.46 18.74 -23.98
N GLU D 426 -0.82 18.42 -24.12
CA GLU D 426 -1.55 18.83 -25.32
C GLU D 426 -1.48 20.34 -25.45
N GLY D 427 -1.26 20.81 -26.66
CA GLY D 427 -1.35 22.24 -26.93
C GLY D 427 -0.02 22.95 -26.88
N THR D 428 0.59 22.96 -25.72
CA THR D 428 1.84 23.65 -25.52
C THR D 428 2.94 23.10 -26.42
N PRO D 429 3.89 23.92 -26.82
CA PRO D 429 5.01 23.40 -27.62
C PRO D 429 6.04 22.69 -26.78
N ASN D 430 5.67 22.13 -25.64
CA ASN D 430 6.67 21.54 -24.76
C ASN D 430 6.52 20.10 -24.23
N GLY D 431 5.43 19.36 -24.45
CA GLY D 431 4.24 19.77 -25.13
C GLY D 431 4.09 18.79 -26.24
N GLU D 432 2.94 18.82 -26.90
CA GLU D 432 2.78 18.11 -28.16
C GLU D 432 3.94 18.41 -29.08
N GLY D 433 4.34 19.68 -29.14
CA GLY D 433 5.33 20.13 -30.11
C GLY D 433 6.67 19.43 -30.01
N GLN D 434 6.98 18.86 -28.86
CA GLN D 434 8.23 18.14 -28.67
C GLN D 434 8.07 16.64 -28.77
N GLY D 435 6.90 16.18 -29.19
CA GLY D 435 6.76 14.77 -29.54
C GLY D 435 7.11 13.85 -28.41
N SER D 436 7.83 12.78 -28.74
CA SER D 436 8.28 11.79 -27.77
C SER D 436 9.23 12.38 -26.76
N SER D 437 9.79 13.55 -27.01
CA SER D 437 10.95 14.05 -26.29
C SER D 437 10.60 15.09 -25.26
N SER D 438 9.32 15.28 -24.97
CA SER D 438 8.94 16.38 -24.10
C SER D 438 9.34 16.12 -22.65
N PRO D 439 9.68 17.16 -21.90
CA PRO D 439 9.95 16.96 -20.47
C PRO D 439 8.79 16.37 -19.73
N PHE D 440 7.57 16.40 -20.28
CA PHE D 440 6.37 15.97 -19.58
C PHE D 440 5.99 14.52 -19.87
N SER D 441 6.85 13.75 -20.50
CA SER D 441 6.48 12.37 -20.72
C SER D 441 7.52 11.46 -20.10
N GLY D 442 7.07 10.41 -19.45
CA GLY D 442 5.68 10.27 -19.09
C GLY D 442 5.65 10.63 -17.63
N GLU D 443 5.78 11.93 -17.35
CA GLU D 443 5.66 12.47 -16.00
C GLU D 443 4.19 12.57 -15.64
N THR D 444 3.59 11.42 -15.41
CA THR D 444 2.18 11.36 -15.10
C THR D 444 1.88 11.47 -13.62
N GLY D 445 2.83 11.81 -12.79
CA GLY D 445 2.47 12.07 -11.41
C GLY D 445 2.66 10.88 -10.50
N GLN D 446 3.12 11.13 -9.28
CA GLN D 446 3.45 10.06 -8.36
C GLN D 446 3.31 10.59 -6.94
N TYR D 447 2.95 9.72 -6.03
CA TYR D 447 2.86 10.08 -4.63
C TYR D 447 3.10 8.82 -3.85
N SER D 448 3.94 8.92 -2.82
CA SER D 448 4.27 7.78 -1.98
C SER D 448 4.22 8.25 -0.55
N GLU D 449 4.28 7.29 0.38
CA GLU D 449 4.35 7.62 1.79
C GLU D 449 4.92 6.44 2.53
N GLN D 450 5.85 6.73 3.44
CA GLN D 450 6.57 5.71 4.17
C GLN D 450 6.61 6.06 5.64
N ILE D 451 6.32 5.08 6.51
CA ILE D 451 6.41 5.26 7.96
C ILE D 451 7.47 4.30 8.50
N THR D 452 8.51 4.84 9.14
CA THR D 452 9.65 4.05 9.57
C THR D 452 9.75 4.04 11.08
N ARG D 453 9.91 2.84 11.65
CA ARG D 453 9.96 2.65 13.09
C ARG D 453 11.28 2.01 13.49
N ARG D 454 12.01 2.64 14.41
CA ARG D 454 13.27 2.15 14.96
C ARG D 454 13.17 1.98 16.47
N ARG D 455 13.80 0.94 16.99
CA ARG D 455 13.75 0.73 18.42
C ARG D 455 14.99 -0.04 18.80
N GLU D 456 15.71 0.45 19.81
CA GLU D 456 16.79 -0.34 20.37
C GLU D 456 16.79 -0.14 21.87
N ILE D 457 16.90 -1.24 22.59
CA ILE D 457 16.99 -1.28 24.04
C ILE D 457 18.36 -1.82 24.36
N ASN D 458 19.04 -1.21 25.34
CA ASN D 458 20.36 -1.67 25.72
C ASN D 458 20.38 -1.84 27.23
N GLN D 459 21.02 -2.90 27.72
CA GLN D 459 21.09 -3.16 29.15
C GLN D 459 22.54 -3.31 29.59
N ASP D 460 22.92 -2.58 30.64
CA ASP D 460 24.23 -2.71 31.26
C ASP D 460 24.04 -3.10 32.71
N ILE D 461 24.73 -4.15 33.15
CA ILE D 461 24.74 -4.57 34.55
C ILE D 461 26.19 -4.73 34.97
N MET D 462 26.67 -3.88 35.86
CA MET D 462 28.07 -3.87 36.23
C MET D 462 28.21 -3.91 37.74
N VAL D 463 29.38 -4.37 38.20
CA VAL D 463 29.80 -4.28 39.60
C VAL D 463 31.26 -3.86 39.67
N ASN D 464 31.50 -2.62 40.04
CA ASN D 464 32.87 -2.10 40.10
C ASN D 464 33.49 -2.46 41.45
N PHE D 465 34.82 -2.32 41.51
CA PHE D 465 35.63 -2.62 42.68
C PHE D 465 36.80 -1.64 42.68
N ASN D 466 37.12 -1.08 43.85
CA ASN D 466 38.15 -0.05 43.93
C ASN D 466 38.68 -0.01 45.36
N MET D 467 39.91 -0.49 45.54
CA MET D 467 40.61 -0.51 46.81
C MET D 467 42.04 -0.02 46.63
N PRO D 468 42.57 0.78 47.59
CA PRO D 468 44.00 1.10 47.56
C PRO D 468 44.81 0.27 48.52
N VAL D 469 45.86 -0.40 48.03
CA VAL D 469 46.83 -1.08 48.88
C VAL D 469 48.16 -0.37 48.70
N ASN D 470 48.82 -0.05 49.81
CA ASN D 470 50.10 0.67 49.81
C ASN D 470 50.06 1.89 48.91
N ASP D 471 50.98 1.93 47.95
CA ASP D 471 50.97 2.92 46.87
C ASP D 471 50.29 2.41 45.61
N PHE D 472 49.81 1.16 45.59
CA PHE D 472 49.04 0.65 44.48
C PHE D 472 47.59 1.14 44.56
N ASN D 473 46.80 0.75 43.55
CA ASN D 473 45.35 0.98 43.53
C ASN D 473 44.70 0.07 42.50
N ILE D 474 43.97 -0.94 42.96
CA ILE D 474 43.28 -1.88 42.09
C ILE D 474 41.84 -1.40 41.91
N ASN D 475 41.42 -1.22 40.65
CA ASN D 475 40.04 -1.03 40.28
C ASN D 475 39.73 -2.06 39.20
N ALA D 476 38.71 -2.87 39.43
CA ALA D 476 38.24 -3.82 38.44
C ALA D 476 36.78 -3.56 38.15
N LEU D 477 36.34 -3.98 36.97
CA LEU D 477 34.95 -3.81 36.56
C LEU D 477 34.54 -5.05 35.78
N VAL D 478 33.44 -5.65 36.20
CA VAL D 478 32.90 -6.82 35.53
C VAL D 478 31.44 -6.55 35.27
N GLY D 479 31.00 -6.83 34.04
CA GLY D 479 29.65 -6.45 33.64
C GLY D 479 29.04 -7.36 32.60
N PHE D 480 27.77 -7.09 32.34
CA PHE D 480 26.98 -7.75 31.32
C PHE D 480 26.30 -6.68 30.46
N ASN D 481 26.30 -6.90 29.16
CA ASN D 481 25.68 -6.00 28.20
C ASN D 481 24.73 -6.77 27.32
N GLY D 482 23.51 -6.27 27.18
CA GLY D 482 22.53 -6.85 26.30
C GLY D 482 21.97 -5.81 25.36
N ASN D 483 21.86 -6.13 24.07
CA ASN D 483 21.47 -5.13 23.10
C ASN D 483 20.58 -5.73 22.03
N GLU D 484 19.50 -5.02 21.71
CA GLU D 484 18.49 -5.42 20.72
C GLU D 484 18.09 -4.21 19.90
N ARG D 485 18.23 -4.30 18.59
CA ARG D 485 17.95 -3.22 17.66
C ARG D 485 17.01 -3.70 16.58
N LYS D 486 16.03 -2.86 16.24
CA LYS D 486 14.97 -3.23 15.32
C LYS D 486 14.59 -2.04 14.48
N VAL D 487 14.38 -2.26 13.18
CA VAL D 487 13.90 -1.22 12.26
C VAL D 487 12.93 -1.88 11.31
N SER D 488 11.89 -1.13 10.94
CA SER D 488 10.86 -1.65 10.08
C SER D 488 10.15 -0.47 9.44
N TYR D 489 9.58 -0.69 8.26
CA TYR D 489 8.98 0.44 7.58
C TYR D 489 7.92 -0.05 6.62
N GLN D 490 6.90 0.78 6.43
CA GLN D 490 5.79 0.49 5.52
C GLN D 490 5.69 1.58 4.48
N TYR D 491 5.59 1.16 3.22
CA TYR D 491 5.70 2.04 2.07
C TYR D 491 4.54 1.81 1.13
N SER D 492 3.87 2.88 0.73
CA SER D 492 2.92 2.74 -0.35
C SER D 492 3.05 3.88 -1.35
N GLU D 493 3.06 3.52 -2.63
CA GLU D 493 3.27 4.45 -3.71
C GLU D 493 2.11 4.31 -4.68
N VAL D 494 1.80 5.40 -5.34
CA VAL D 494 0.69 5.54 -6.27
C VAL D 494 1.16 6.35 -7.46
N ASN D 495 0.89 5.86 -8.66
CA ASN D 495 1.36 6.53 -9.87
C ASN D 495 0.19 7.02 -10.71
N ASP D 496 0.50 7.92 -11.63
CA ASP D 496 -0.45 8.41 -12.59
C ASP D 496 -1.67 9.02 -11.92
N LEU D 497 -1.54 10.25 -11.43
CA LEU D 497 -2.53 10.85 -10.55
C LEU D 497 -3.71 11.36 -11.35
N THR D 498 -4.93 11.02 -10.90
CA THR D 498 -6.12 11.44 -11.62
C THR D 498 -6.31 12.95 -11.56
N ILE D 499 -6.54 13.47 -10.37
CA ILE D 499 -6.59 14.91 -10.18
C ILE D 499 -5.14 15.33 -10.14
N PRO D 500 -4.64 16.12 -11.09
CA PRO D 500 -3.20 16.24 -11.28
C PRO D 500 -2.44 16.83 -10.12
N THR D 501 -3.02 17.74 -9.36
CA THR D 501 -2.31 18.36 -8.26
C THR D 501 -2.34 17.58 -6.96
N TRP D 502 -3.31 16.71 -6.76
CA TRP D 502 -3.61 16.20 -5.43
C TRP D 502 -2.77 14.97 -5.12
N PHE D 503 -2.13 14.97 -3.96
CA PHE D 503 -1.15 13.96 -3.61
C PHE D 503 -1.75 13.01 -2.58
N ASN D 504 -2.49 12.02 -3.03
CA ASN D 504 -3.19 11.21 -2.05
C ASN D 504 -3.30 9.79 -2.55
N LEU D 505 -3.16 8.83 -1.66
CA LEU D 505 -3.04 7.44 -2.07
C LEU D 505 -4.32 6.88 -2.69
N LYS D 506 -5.20 7.74 -3.16
CA LYS D 506 -6.41 7.28 -3.82
C LYS D 506 -6.68 8.06 -5.08
N ASN D 507 -5.87 9.06 -5.38
CA ASN D 507 -5.98 9.84 -6.60
C ASN D 507 -5.25 9.13 -7.73
N SER D 508 -5.71 7.93 -8.08
CA SER D 508 -5.07 7.17 -9.14
C SER D 508 -5.96 6.05 -9.61
N GLY D 509 -5.87 5.79 -10.91
CA GLY D 509 -6.60 4.70 -11.52
C GLY D 509 -5.80 3.47 -11.73
N LYS D 510 -4.52 3.49 -11.41
CA LYS D 510 -3.63 2.38 -11.69
C LYS D 510 -3.14 1.78 -10.40
N THR D 511 -3.03 0.46 -10.38
CA THR D 511 -2.55 -0.37 -9.29
C THR D 511 -1.52 0.33 -8.41
N PRO D 512 -1.67 0.27 -7.10
CA PRO D 512 -0.67 0.85 -6.22
C PRO D 512 0.45 -0.15 -5.93
N ILE D 513 1.60 0.43 -5.56
CA ILE D 513 2.79 -0.31 -5.21
C ILE D 513 2.97 -0.20 -3.73
N VAL D 514 3.41 -1.30 -3.11
CA VAL D 514 3.36 -1.45 -1.66
C VAL D 514 4.56 -2.27 -1.20
N GLU D 515 5.30 -1.74 -0.20
CA GLU D 515 6.48 -2.43 0.30
C GLU D 515 6.52 -2.40 1.82
N GLN D 516 7.13 -3.44 2.39
CA GLN D 516 7.12 -3.65 3.83
C GLN D 516 8.39 -4.41 4.22
N HIS D 517 9.12 -3.92 5.23
CA HIS D 517 10.39 -4.52 5.63
C HIS D 517 10.57 -4.43 7.14
N MET D 518 11.33 -5.37 7.71
CA MET D 518 11.70 -5.32 9.12
C MET D 518 12.99 -6.08 9.39
N GLU D 519 13.78 -5.59 10.35
CA GLU D 519 15.07 -6.18 10.71
C GLU D 519 15.16 -6.32 12.22
N LEU D 520 15.74 -7.42 12.69
CA LEU D 520 15.91 -7.61 14.13
C LEU D 520 17.25 -8.27 14.41
N ARG D 521 18.06 -7.62 15.21
CA ARG D 521 19.31 -8.17 15.67
C ARG D 521 19.37 -8.13 17.18
N ARG D 522 20.16 -9.02 17.76
CA ARG D 522 20.29 -9.06 19.21
C ARG D 522 21.72 -9.44 19.56
N LEU D 523 22.22 -8.88 20.66
CA LEU D 523 23.59 -9.12 21.10
C LEU D 523 23.67 -9.11 22.62
N MET D 524 24.22 -10.19 23.17
CA MET D 524 24.56 -10.27 24.58
C MET D 524 26.07 -10.37 24.73
N GLY D 525 26.59 -9.94 25.88
CA GLY D 525 28.02 -9.99 26.12
C GLY D 525 28.39 -9.76 27.56
N VAL D 526 29.59 -10.23 27.91
CA VAL D 526 30.13 -10.15 29.26
C VAL D 526 31.55 -9.62 29.17
N PHE D 527 31.90 -8.70 30.06
CA PHE D 527 33.15 -7.96 29.92
C PHE D 527 33.77 -7.70 31.28
N GLY D 528 35.09 -7.79 31.32
CA GLY D 528 35.85 -7.38 32.50
C GLY D 528 36.94 -6.40 32.12
N GLN D 529 37.18 -5.43 33.00
CA GLN D 529 38.18 -4.39 32.79
C GLN D 529 38.96 -4.21 34.09
N PHE D 530 40.28 -4.46 34.03
CA PHE D 530 41.17 -4.39 35.20
C PHE D 530 42.09 -3.17 35.09
N GLU D 531 42.00 -2.28 36.07
CA GLU D 531 42.81 -1.07 36.13
C GLU D 531 43.89 -1.25 37.21
N GLY D 532 45.15 -1.30 36.78
CA GLY D 532 46.27 -1.29 37.69
C GLY D 532 46.83 0.12 37.84
N SER D 533 47.65 0.30 38.86
CA SER D 533 48.05 1.64 39.21
C SER D 533 49.21 1.56 40.20
N TRP D 534 50.07 2.58 40.21
CA TRP D 534 51.21 2.64 41.13
C TRP D 534 51.51 4.10 41.41
N LYS D 535 51.05 4.59 42.56
CA LYS D 535 51.45 5.90 43.09
C LYS D 535 51.34 7.01 42.04
N ASN D 536 50.27 6.97 41.25
CA ASN D 536 49.92 8.05 40.32
C ASN D 536 51.01 8.26 39.26
N MET D 537 51.57 7.17 38.76
CA MET D 537 52.73 7.24 37.88
C MET D 537 52.72 6.19 36.78
N LEU D 538 52.45 4.94 37.13
CA LEU D 538 52.28 3.86 36.16
C LEU D 538 50.85 3.37 36.21
N TYR D 539 50.11 3.58 35.13
CA TYR D 539 48.76 3.06 35.00
C TYR D 539 48.74 1.95 33.95
N LEU D 540 48.19 0.80 34.34
CA LEU D 540 48.06 -0.35 33.44
C LEU D 540 46.59 -0.76 33.37
N THR D 541 46.11 -1.06 32.17
CA THR D 541 44.72 -1.47 31.97
C THR D 541 44.65 -2.74 31.14
N VAL D 542 43.72 -3.63 31.49
CA VAL D 542 43.51 -4.90 30.78
C VAL D 542 42.00 -5.15 30.65
N THR D 543 41.47 -4.97 29.43
CA THR D 543 40.06 -5.24 29.14
C THR D 543 39.90 -6.56 28.41
N ALA D 544 38.75 -7.18 28.59
CA ALA D 544 38.40 -8.38 27.85
C ALA D 544 36.88 -8.47 27.78
N ARG D 545 36.37 -8.76 26.60
CA ARG D 545 34.94 -8.88 26.38
C ARG D 545 34.70 -10.14 25.58
N ASN D 546 33.48 -10.66 25.64
CA ASN D 546 33.09 -11.74 24.77
C ASN D 546 31.62 -11.58 24.41
N ASP D 547 31.33 -11.56 23.12
CA ASP D 547 29.99 -11.33 22.63
C ASP D 547 29.41 -12.59 22.01
N TRP D 548 28.08 -12.70 22.05
CA TRP D 548 27.34 -13.67 21.26
C TRP D 548 26.34 -12.88 20.44
N SER D 549 26.46 -12.96 19.12
CA SER D 549 25.72 -12.07 18.22
C SER D 549 24.69 -12.86 17.46
N SER D 550 23.60 -12.19 17.10
CA SER D 550 22.55 -12.86 16.36
C SER D 550 22.92 -13.02 14.89
N THR D 551 23.67 -12.06 14.35
CA THR D 551 23.90 -11.96 12.92
C THR D 551 25.00 -12.87 12.42
N LEU D 552 25.52 -13.78 13.23
CA LEU D 552 26.54 -14.71 12.78
C LEU D 552 25.99 -16.13 12.81
N PRO D 553 26.53 -17.05 12.02
CA PRO D 553 25.90 -18.37 11.88
C PRO D 553 25.81 -19.10 13.22
N LYS D 554 24.67 -19.78 13.44
CA LYS D 554 24.39 -20.41 14.72
C LYS D 554 25.62 -21.08 15.32
N GLU D 555 26.40 -21.77 14.49
CA GLU D 555 27.48 -22.62 14.96
C GLU D 555 28.74 -21.84 15.36
N ASN D 556 28.75 -20.53 15.18
CA ASN D 556 29.96 -19.74 15.34
C ASN D 556 29.59 -18.35 15.83
N ARG D 557 28.77 -18.28 16.88
CA ARG D 557 28.24 -17.00 17.34
C ARG D 557 29.22 -16.20 18.17
N SER D 558 30.23 -16.85 18.74
CA SER D 558 30.98 -16.30 19.85
C SER D 558 32.35 -15.83 19.36
N PHE D 559 32.73 -14.64 19.78
CA PHE D 559 34.05 -14.10 19.50
C PHE D 559 34.56 -13.35 20.72
N PHE D 560 35.86 -13.48 20.97
CA PHE D 560 36.48 -12.95 22.17
C PHE D 560 37.56 -11.97 21.77
N TYR D 561 37.58 -10.81 22.41
CA TYR D 561 38.63 -9.85 22.11
C TYR D 561 39.21 -9.21 23.37
N PRO D 562 40.52 -9.39 23.61
CA PRO D 562 41.16 -8.74 24.75
C PRO D 562 41.81 -7.42 24.39
N GLY D 563 42.33 -6.69 25.38
CA GLY D 563 43.04 -5.43 25.15
C GLY D 563 43.91 -5.04 26.33
N ILE D 564 45.11 -4.52 26.06
CA ILE D 564 46.05 -4.12 27.11
C ILE D 564 46.49 -2.67 26.86
N THR D 565 46.49 -1.86 27.90
CA THR D 565 46.84 -0.45 27.84
C THR D 565 47.79 -0.07 28.96
N GLY D 566 48.86 0.64 28.59
CA GLY D 566 49.78 1.17 29.57
C GLY D 566 49.90 2.69 29.45
N SER D 567 50.18 3.33 30.58
CA SER D 567 50.40 4.76 30.65
C SER D 567 51.51 5.04 31.65
N PHE D 568 52.53 5.79 31.21
CA PHE D 568 53.72 6.07 32.00
C PHE D 568 53.92 7.58 32.03
N ILE D 569 53.64 8.19 33.17
CA ILE D 569 54.05 9.57 33.42
C ILE D 569 55.45 9.58 33.97
N PHE D 570 56.40 10.16 33.24
CA PHE D 570 57.64 10.57 33.91
C PHE D 570 57.30 11.82 34.72
N SER D 571 57.89 12.97 34.43
CA SER D 571 57.54 14.19 35.16
C SER D 571 57.77 14.02 36.65
N GLU D 572 57.00 13.12 37.26
CA GLU D 572 57.19 12.65 38.65
C GLU D 572 58.60 12.18 38.97
N LEU D 573 59.50 12.22 37.98
CA LEU D 573 60.89 11.90 38.21
C LEU D 573 61.76 13.11 37.91
N LEU D 578 62.68 19.16 40.40
CA LEU D 578 63.52 20.33 40.17
C LEU D 578 62.87 21.36 39.27
N GLN D 579 62.62 20.99 38.01
CA GLN D 579 62.29 21.95 36.97
C GLN D 579 60.79 22.18 36.88
N ASP D 580 60.37 23.41 37.19
CA ASP D 580 59.02 23.88 36.95
C ASP D 580 58.94 24.33 35.50
N VAL D 581 59.72 23.71 34.63
CA VAL D 581 59.70 23.99 33.21
C VAL D 581 58.81 23.00 32.45
N ILE D 582 58.79 21.75 32.88
CA ILE D 582 57.94 20.72 32.30
C ILE D 582 56.75 20.53 33.25
N THR D 583 55.60 21.12 32.89
CA THR D 583 54.37 20.93 33.65
C THR D 583 54.02 19.46 33.76
N PHE D 584 54.08 18.75 32.64
CA PHE D 584 53.45 17.45 32.50
C PHE D 584 54.13 16.69 31.37
N GLY D 585 54.35 15.40 31.59
CA GLY D 585 54.81 14.53 30.54
C GLY D 585 54.17 13.17 30.70
N LYS D 586 53.92 12.51 29.56
CA LYS D 586 53.10 11.30 29.53
C LYS D 586 53.49 10.52 28.30
N ILE D 587 53.77 9.22 28.45
CA ILE D 587 54.01 8.37 27.30
C ILE D 587 53.03 7.20 27.36
N ARG D 588 52.48 6.83 26.20
CA ARG D 588 51.27 6.02 26.08
C ARG D 588 51.55 4.80 25.24
N ALA D 589 50.98 3.66 25.61
CA ALA D 589 51.04 2.49 24.73
C ALA D 589 49.82 1.62 24.98
N SER D 590 49.32 1.01 23.90
CA SER D 590 48.14 0.16 23.99
C SER D 590 48.06 -0.77 22.79
N TRP D 591 47.81 -2.04 23.05
CA TRP D 591 47.63 -3.08 22.04
C TRP D 591 46.34 -3.79 22.39
N GLY D 592 45.36 -3.74 21.50
CA GLY D 592 44.08 -4.39 21.78
C GLY D 592 43.36 -4.77 20.50
N LYS D 593 42.38 -5.65 20.65
CA LYS D 593 41.54 -6.10 19.56
C LYS D 593 40.09 -5.70 19.83
N THR D 594 39.25 -5.90 18.82
CA THR D 594 37.85 -5.52 18.91
C THR D 594 37.12 -6.23 17.76
N GLY D 595 36.29 -7.19 18.08
CA GLY D 595 35.57 -7.91 17.05
C GLY D 595 34.27 -7.24 16.66
N ASN D 596 33.68 -7.75 15.58
CA ASN D 596 32.42 -7.26 15.04
C ASN D 596 31.67 -8.43 14.44
N ASP D 597 30.38 -8.19 14.21
CA ASP D 597 29.50 -9.17 13.59
C ASP D 597 29.05 -8.68 12.21
N ALA D 598 28.23 -9.48 11.56
CA ALA D 598 27.72 -9.12 10.24
C ALA D 598 26.50 -8.23 10.34
N ASP D 599 26.08 -7.70 9.19
CA ASP D 599 24.75 -7.13 9.13
C ASP D 599 23.73 -8.27 9.14
N VAL D 600 22.46 -7.95 9.07
CA VAL D 600 21.44 -8.95 9.36
C VAL D 600 21.20 -9.87 8.17
N TYR D 601 20.87 -11.12 8.48
CA TYR D 601 20.35 -12.06 7.49
C TYR D 601 21.34 -12.27 6.35
N MET D 602 22.59 -12.62 6.70
CA MET D 602 23.64 -12.84 5.70
C MET D 602 24.15 -14.26 5.69
N VAL D 603 23.31 -15.22 6.06
CA VAL D 603 23.70 -16.61 6.11
C VAL D 603 22.81 -17.49 5.25
N ASN D 604 21.60 -17.29 5.30
CA ASN D 604 20.73 -18.17 4.56
C ASN D 604 20.41 -17.59 3.20
N PRO D 605 20.35 -18.39 2.15
CA PRO D 605 19.86 -17.89 0.88
C PRO D 605 18.37 -17.61 0.98
N VAL D 606 17.93 -16.53 0.36
CA VAL D 606 16.52 -16.17 0.35
C VAL D 606 16.02 -16.26 -1.07
N TYR D 607 14.71 -16.38 -1.23
CA TYR D 607 14.10 -16.17 -2.53
C TYR D 607 13.32 -14.87 -2.47
N ALA D 608 13.49 -14.03 -3.46
CA ALA D 608 12.81 -12.75 -3.46
C ALA D 608 11.64 -12.78 -4.39
N GLN D 609 10.80 -11.76 -4.30
CA GLN D 609 9.70 -11.66 -5.26
C GLN D 609 10.30 -11.24 -6.59
N SER D 610 9.95 -11.95 -7.65
CA SER D 610 10.72 -11.82 -8.88
C SER D 610 10.64 -10.42 -9.45
N SER D 611 11.78 -9.79 -9.64
CA SER D 611 11.86 -8.48 -10.29
C SER D 611 13.20 -8.41 -11.01
N ASN D 612 13.23 -7.73 -12.15
CA ASN D 612 14.47 -7.57 -12.89
C ASN D 612 14.75 -6.09 -13.08
N ARG D 613 15.99 -5.69 -12.85
CA ARG D 613 16.40 -4.32 -13.10
C ARG D 613 16.85 -4.15 -14.54
N ILE D 614 16.24 -3.20 -15.25
CA ILE D 614 16.61 -2.83 -16.60
C ILE D 614 16.91 -1.34 -16.58
N PRO D 615 17.71 -0.85 -17.53
CA PRO D 615 18.20 0.52 -17.45
C PRO D 615 17.05 1.49 -17.39
N PHE D 616 17.01 2.27 -16.32
CA PHE D 616 15.98 3.29 -16.08
C PHE D 616 14.61 2.69 -15.93
N GLY D 617 14.50 1.41 -15.63
CA GLY D 617 13.18 0.89 -15.32
C GLY D 617 13.27 -0.31 -14.43
N SER D 618 12.17 -1.04 -14.31
CA SER D 618 12.14 -2.35 -13.69
C SER D 618 10.96 -3.07 -14.29
N LEU D 619 11.05 -4.39 -14.36
CA LEU D 619 9.93 -5.23 -14.81
C LEU D 619 9.69 -6.16 -13.64
N THR D 620 8.76 -5.81 -12.76
CA THR D 620 8.56 -6.54 -11.51
C THR D 620 7.33 -7.40 -11.61
N PHE D 621 7.42 -8.58 -11.06
CA PHE D 621 6.23 -9.37 -10.85
C PHE D 621 5.27 -8.68 -9.85
N PRO D 622 4.00 -9.06 -9.85
CA PRO D 622 3.31 -10.11 -10.57
C PRO D 622 2.84 -9.67 -11.95
N LEU D 623 2.78 -10.61 -12.89
CA LEU D 623 2.33 -10.31 -14.23
C LEU D 623 1.88 -11.62 -14.78
N GLY D 624 0.79 -11.64 -15.53
CA GLY D 624 -0.34 -10.80 -15.25
C GLY D 624 -1.07 -11.83 -14.43
N GLY D 625 -1.48 -11.44 -13.24
CA GLY D 625 -2.25 -12.34 -12.42
C GLY D 625 -1.42 -13.48 -11.89
N VAL D 626 -0.15 -13.56 -12.26
CA VAL D 626 0.76 -14.55 -11.71
C VAL D 626 1.81 -13.83 -10.89
N ASN D 627 2.08 -14.35 -9.70
CA ASN D 627 3.16 -13.96 -8.80
C ASN D 627 4.28 -14.98 -8.93
N ALA D 628 5.49 -14.59 -8.55
CA ALA D 628 6.60 -15.52 -8.72
C ALA D 628 7.81 -15.09 -7.92
N TYR D 629 8.65 -16.06 -7.60
CA TYR D 629 9.83 -15.83 -6.78
C TYR D 629 11.09 -16.23 -7.54
N SER D 630 12.18 -15.51 -7.27
CA SER D 630 13.47 -15.75 -7.90
C SER D 630 14.50 -16.08 -6.83
N ALA D 631 15.55 -16.81 -7.22
CA ALA D 631 16.62 -17.12 -6.28
C ALA D 631 17.47 -15.89 -6.04
N GLY D 632 17.63 -15.54 -4.78
CA GLY D 632 18.29 -14.32 -4.39
C GLY D 632 19.66 -14.23 -5.03
N ASN D 633 20.05 -13.04 -5.45
CA ASN D 633 21.27 -12.87 -6.22
C ASN D 633 22.50 -12.65 -5.35
N VAL D 634 22.40 -12.78 -4.04
CA VAL D 634 23.54 -12.63 -3.15
C VAL D 634 23.70 -13.95 -2.44
N LEU D 635 24.73 -14.69 -2.76
CA LEU D 635 24.92 -16.00 -2.15
C LEU D 635 25.23 -15.83 -0.68
N GLY D 636 24.55 -16.58 0.17
CA GLY D 636 24.83 -16.55 1.58
C GLY D 636 25.92 -17.53 1.94
N SER D 637 26.33 -17.52 3.21
CA SER D 637 27.45 -18.33 3.64
C SER D 637 27.33 -18.61 5.13
N ASN D 638 27.22 -19.88 5.52
CA ASN D 638 27.29 -20.23 6.93
C ASN D 638 28.68 -20.72 7.33
N THR D 639 29.71 -20.32 6.58
CA THR D 639 31.11 -20.52 6.93
C THR D 639 31.75 -19.24 7.44
N LEU D 640 30.96 -18.23 7.76
CA LEU D 640 31.53 -16.97 8.17
C LEU D 640 32.13 -17.07 9.57
N SER D 641 33.01 -16.14 9.89
CA SER D 641 33.65 -16.04 11.18
C SER D 641 33.72 -14.58 11.58
N PRO D 642 33.81 -14.29 12.89
CA PRO D 642 33.64 -12.91 13.34
C PRO D 642 34.72 -12.00 12.79
N GLU D 643 34.34 -10.76 12.55
CA GLU D 643 35.31 -9.76 12.15
C GLU D 643 36.24 -9.45 13.33
N MET D 644 37.46 -9.03 13.02
CA MET D 644 38.46 -8.76 14.05
C MET D 644 39.34 -7.58 13.68
N THR D 645 39.45 -6.64 14.59
CA THR D 645 40.26 -5.45 14.43
C THR D 645 41.36 -5.47 15.48
N THR D 646 42.61 -5.45 15.03
CA THR D 646 43.77 -5.41 15.91
C THR D 646 44.39 -4.04 15.81
N GLU D 647 44.71 -3.42 16.94
CA GLU D 647 45.34 -2.11 16.88
C GLU D 647 46.63 -2.10 17.69
N SER D 648 47.58 -1.30 17.22
CA SER D 648 48.85 -1.05 17.90
C SER D 648 49.02 0.46 17.98
N GLU D 649 49.03 1.02 19.19
CA GLU D 649 49.12 2.46 19.31
C GLU D 649 50.10 2.88 20.40
N VAL D 650 50.82 3.96 20.13
CA VAL D 650 51.80 4.52 21.06
C VAL D 650 51.78 6.03 20.92
N GLY D 651 51.84 6.74 22.04
CA GLY D 651 51.75 8.19 22.00
C GLY D 651 52.60 8.86 23.05
N LEU D 652 52.79 10.17 22.88
CA LEU D 652 53.54 10.97 23.84
C LEU D 652 52.85 12.32 24.04
N ASN D 653 52.80 12.78 25.29
CA ASN D 653 52.13 14.02 25.69
C ASN D 653 53.05 14.77 26.64
N MET D 654 53.29 16.07 26.38
CA MET D 654 54.11 16.90 27.24
C MET D 654 53.55 18.32 27.35
N ALA D 655 53.75 18.95 28.50
CA ALA D 655 53.34 20.33 28.72
C ALA D 655 54.48 21.08 29.39
N PHE D 656 54.61 22.36 29.08
CA PHE D 656 55.72 23.16 29.59
C PHE D 656 55.22 24.51 30.11
N PHE D 657 55.97 25.08 31.06
CA PHE D 657 55.80 26.48 31.49
C PHE D 657 54.40 26.80 32.02
N LYS D 658 53.87 25.93 32.88
CA LYS D 658 52.53 26.13 33.42
C LYS D 658 51.49 26.13 32.29
N ASN D 659 51.46 25.02 31.55
CA ASN D 659 50.50 24.77 30.48
C ASN D 659 50.41 25.93 29.49
N ARG D 660 51.57 26.47 29.13
CA ARG D 660 51.66 27.50 28.10
C ARG D 660 52.31 27.02 26.82
N LEU D 661 52.89 25.82 26.80
CA LEU D 661 53.24 25.16 25.55
C LEU D 661 52.95 23.68 25.75
N SER D 662 52.21 23.07 24.82
CA SER D 662 51.68 21.73 25.04
C SER D 662 51.54 20.99 23.71
N PHE D 663 51.88 19.71 23.71
CA PHE D 663 51.84 18.91 22.49
C PHE D 663 51.50 17.47 22.80
N ASP D 664 50.68 16.85 21.95
CA ASP D 664 50.27 15.44 22.06
C ASP D 664 50.44 14.75 20.72
N VAL D 665 51.14 13.61 20.71
CA VAL D 665 51.42 12.88 19.47
C VAL D 665 51.03 11.42 19.65
N SER D 666 50.28 10.89 18.68
CA SER D 666 49.96 9.47 18.62
C SER D 666 50.28 8.91 17.25
N TYR D 667 50.83 7.70 17.23
CA TYR D 667 51.00 6.88 16.03
C TYR D 667 50.13 5.64 16.16
N TYR D 668 49.43 5.27 15.09
CA TYR D 668 48.54 4.12 15.14
C TYR D 668 48.70 3.22 13.93
N ASN D 669 48.49 1.92 14.18
CA ASN D 669 48.51 0.88 13.17
C ASN D 669 47.27 0.00 13.37
N ARG D 670 46.24 0.26 12.56
CA ARG D 670 44.92 -0.34 12.68
C ARG D 670 44.69 -1.33 11.55
N ASN D 671 44.48 -2.59 11.89
CA ASN D 671 44.08 -3.60 10.93
C ASN D 671 42.66 -4.07 11.23
N THR D 672 41.95 -4.51 10.20
CA THR D 672 40.55 -4.91 10.32
C THR D 672 40.28 -6.08 9.39
N ASP D 673 40.43 -7.30 9.91
CA ASP D 673 40.43 -8.53 9.14
C ASP D 673 39.08 -9.25 9.23
N LYS D 674 38.80 -10.07 8.22
CA LYS D 674 37.63 -10.93 8.21
C LYS D 674 36.32 -10.16 8.30
N GLN D 675 36.30 -8.93 7.80
CA GLN D 675 35.06 -8.16 7.76
C GLN D 675 34.04 -8.81 6.82
N ILE D 676 32.82 -9.02 7.30
CA ILE D 676 31.79 -9.63 6.45
C ILE D 676 31.34 -8.61 5.41
N PHE D 677 31.40 -9.00 4.14
CA PHE D 677 31.05 -8.07 3.08
C PHE D 677 30.41 -8.84 1.95
N SER D 678 29.52 -8.18 1.22
CA SER D 678 28.83 -8.81 0.10
C SER D 678 29.70 -8.62 -1.14
N LEU D 679 30.76 -9.41 -1.20
CA LEU D 679 31.79 -9.22 -2.21
C LEU D 679 31.23 -9.52 -3.57
N ALA D 680 31.66 -8.75 -4.57
CA ALA D 680 31.18 -8.94 -5.92
C ALA D 680 31.57 -10.30 -6.46
N MET D 681 30.92 -10.72 -7.53
CA MET D 681 31.13 -12.05 -8.08
C MET D 681 30.61 -12.08 -9.49
N ASP D 682 31.19 -12.95 -10.29
CA ASP D 682 30.78 -13.12 -11.67
C ASP D 682 29.33 -13.59 -11.75
N PRO D 683 28.43 -12.83 -12.36
CA PRO D 683 27.03 -13.27 -12.40
C PRO D 683 26.84 -14.61 -13.05
N ALA D 684 27.73 -15.02 -13.95
CA ALA D 684 27.54 -16.33 -14.60
C ALA D 684 27.54 -17.45 -13.60
N SER D 685 28.01 -17.21 -12.40
CA SER D 685 28.01 -18.24 -11.40
C SER D 685 26.64 -18.51 -10.85
N GLY D 686 25.67 -17.71 -11.24
CA GLY D 686 24.34 -17.81 -10.71
C GLY D 686 24.01 -16.74 -9.69
N TYR D 687 25.03 -16.08 -9.14
CA TYR D 687 24.81 -15.05 -8.16
C TYR D 687 25.55 -13.81 -8.59
N THR D 688 25.22 -12.69 -7.97
CA THR D 688 25.77 -11.42 -8.35
C THR D 688 26.79 -10.94 -7.33
N ALA D 689 26.88 -11.62 -6.20
CA ALA D 689 27.81 -11.32 -5.14
C ALA D 689 27.79 -12.51 -4.18
N GLN D 690 28.80 -12.60 -3.34
CA GLN D 690 28.81 -13.63 -2.31
C GLN D 690 29.28 -13.03 -0.99
N ASN D 691 28.63 -13.42 0.08
CA ASN D 691 29.00 -12.94 1.39
C ASN D 691 30.20 -13.74 1.87
N MET D 692 31.33 -13.08 2.07
CA MET D 692 32.45 -13.77 2.65
C MET D 692 33.30 -12.79 3.44
N ASN D 693 34.34 -13.32 4.05
CA ASN D 693 35.21 -12.59 4.96
C ASN D 693 36.32 -11.93 4.16
N LEU D 694 36.27 -10.62 4.02
CA LEU D 694 37.35 -9.88 3.38
C LEU D 694 38.68 -10.07 4.09
N GLY D 695 39.72 -9.45 3.55
CA GLY D 695 41.00 -9.39 4.19
C GLY D 695 41.16 -8.11 4.99
N LYS D 696 42.41 -7.72 5.18
CA LYS D 696 42.71 -6.61 6.07
C LYS D 696 42.49 -5.28 5.37
N ILE D 697 41.80 -4.38 6.05
CA ILE D 697 41.80 -2.96 5.69
C ILE D 697 42.60 -2.26 6.76
N ARG D 698 43.55 -1.44 6.35
CA ARG D 698 44.60 -0.93 7.23
C ARG D 698 44.57 0.58 7.27
N ASN D 699 44.63 1.15 8.47
CA ASN D 699 44.84 2.59 8.61
C ASN D 699 46.01 2.79 9.56
N ARG D 700 47.10 3.35 9.04
CA ARG D 700 48.20 3.80 9.87
C ARG D 700 48.32 5.30 9.73
N GLY D 701 48.78 5.95 10.78
CA GLY D 701 48.97 7.38 10.66
C GLY D 701 49.43 8.02 11.94
N ILE D 702 49.56 9.33 11.86
CA ILE D 702 50.13 10.15 12.91
C ILE D 702 49.08 11.18 13.29
N GLU D 703 48.82 11.30 14.58
CA GLU D 703 47.85 12.26 15.09
C GLU D 703 48.58 13.16 16.04
N LEU D 704 48.62 14.46 15.74
CA LEU D 704 49.51 15.36 16.44
C LEU D 704 48.81 16.68 16.69
N LEU D 705 48.88 17.15 17.92
CA LEU D 705 48.29 18.40 18.34
C LEU D 705 49.35 19.26 19.00
N ILE D 706 49.38 20.55 18.66
CA ILE D 706 50.27 21.52 19.27
C ILE D 706 49.45 22.69 19.78
N SER D 707 49.81 23.20 20.96
CA SER D 707 49.05 24.34 21.48
C SER D 707 49.92 25.09 22.47
N GLY D 708 49.92 26.41 22.34
CA GLY D 708 50.74 27.25 23.19
C GLY D 708 50.05 28.55 23.44
N THR D 709 50.41 29.19 24.55
CA THR D 709 49.81 30.46 24.95
C THR D 709 50.90 31.53 24.93
N PRO D 710 51.27 32.04 23.74
CA PRO D 710 52.38 33.00 23.66
C PRO D 710 52.25 34.27 24.50
N ILE D 711 51.08 34.52 25.11
CA ILE D 711 50.81 35.70 25.92
C ILE D 711 49.89 35.26 27.07
N ARG D 712 49.98 35.95 28.22
CA ARG D 712 49.08 35.80 29.35
C ARG D 712 49.21 37.06 30.23
N THR D 713 48.10 37.75 30.54
CA THR D 713 48.05 38.75 31.63
C THR D 713 46.76 38.50 32.40
N LYS D 714 46.41 39.40 33.33
CA LYS D 714 45.08 39.38 33.94
C LYS D 714 44.00 39.88 32.97
N ASP D 715 44.39 40.58 31.89
CA ASP D 715 43.48 41.25 30.96
C ASP D 715 43.60 40.84 29.49
N PHE D 716 44.48 39.89 29.13
CA PHE D 716 44.59 39.52 27.72
C PHE D 716 45.33 38.20 27.50
N SER D 717 44.69 37.28 26.79
CA SER D 717 45.31 35.99 26.47
C SER D 717 45.17 35.74 24.97
N TRP D 718 46.17 35.07 24.42
CA TRP D 718 46.26 34.71 23.02
C TRP D 718 46.73 33.27 22.95
N GLU D 719 45.88 32.37 22.47
CA GLU D 719 46.22 30.96 22.33
C GLU D 719 46.33 30.61 20.85
N LEU D 720 47.27 29.74 20.53
CA LEU D 720 47.34 29.09 19.21
C LEU D 720 47.17 27.59 19.34
N THR D 721 46.74 26.97 18.25
CA THR D 721 46.56 25.52 18.20
C THR D 721 46.81 25.08 16.78
N TRP D 722 47.52 23.97 16.61
CA TRP D 722 47.84 23.41 15.31
C TRP D 722 47.64 21.92 15.45
N ASN D 723 46.65 21.38 14.76
CA ASN D 723 46.48 19.94 14.74
C ASN D 723 46.69 19.42 13.32
N PHE D 724 47.24 18.22 13.25
CA PHE D 724 47.69 17.61 12.03
C PHE D 724 47.40 16.12 12.07
N THR D 725 46.86 15.62 10.97
CA THR D 725 46.47 14.24 10.83
C THR D 725 47.00 13.76 9.50
N LYS D 726 47.72 12.65 9.50
CA LYS D 726 48.16 12.02 8.27
C LYS D 726 47.80 10.55 8.34
N ASN D 727 46.87 10.09 7.52
CA ASN D 727 46.50 8.68 7.52
C ASN D 727 46.88 8.02 6.22
N TRP D 728 47.20 6.72 6.31
CA TRP D 728 47.49 5.85 5.19
C TRP D 728 46.45 4.73 5.18
N SER D 729 45.57 4.75 4.19
CA SER D 729 44.54 3.72 4.07
C SER D 729 44.99 2.72 3.02
N LYS D 730 44.82 1.43 3.31
CA LYS D 730 45.25 0.40 2.35
C LYS D 730 44.43 -0.88 2.50
N VAL D 731 43.56 -1.16 1.52
CA VAL D 731 42.96 -2.49 1.42
C VAL D 731 44.09 -3.47 1.20
N ILE D 732 44.23 -4.43 2.09
CA ILE D 732 45.40 -5.30 1.97
C ILE D 732 45.11 -6.50 1.07
N SER D 733 43.88 -7.03 1.08
CA SER D 733 43.52 -8.13 0.21
C SER D 733 42.02 -8.35 0.26
N LEU D 734 41.42 -8.64 -0.89
CA LEU D 734 40.02 -9.10 -1.00
C LEU D 734 40.03 -10.51 -1.59
N PRO D 735 39.28 -11.46 -1.03
CA PRO D 735 39.42 -12.88 -1.42
C PRO D 735 39.75 -13.15 -2.87
N GLU D 736 40.83 -13.90 -3.07
CA GLU D 736 41.44 -14.04 -4.39
C GLU D 736 40.46 -14.58 -5.41
N GLU D 737 39.61 -15.52 -4.99
CA GLU D 737 38.89 -16.34 -5.94
C GLU D 737 37.74 -15.61 -6.62
N LEU D 738 37.40 -14.40 -6.19
CA LEU D 738 36.32 -13.64 -6.78
C LEU D 738 36.86 -12.49 -7.62
N GLY D 739 38.08 -12.66 -8.15
CA GLY D 739 38.81 -11.56 -8.72
C GLY D 739 39.42 -10.70 -7.64
N GLY D 740 39.97 -9.58 -8.07
CA GLY D 740 40.67 -8.76 -7.11
C GLY D 740 39.85 -7.65 -6.50
N ILE D 741 38.84 -7.17 -7.21
CA ILE D 741 38.25 -5.87 -6.88
C ILE D 741 36.77 -6.02 -6.60
N THR D 742 36.19 -4.95 -6.06
CA THR D 742 34.76 -4.87 -5.82
C THR D 742 34.34 -3.41 -5.91
N THR D 743 33.15 -3.16 -6.45
CA THR D 743 32.70 -1.79 -6.63
C THR D 743 32.09 -1.27 -5.34
N ILE D 744 32.35 0.00 -5.06
CA ILE D 744 31.75 0.70 -3.95
C ILE D 744 30.65 1.63 -4.40
N TYR D 745 30.89 2.39 -5.45
CA TYR D 745 29.79 3.07 -6.11
C TYR D 745 30.20 3.43 -7.53
N GLY D 746 29.22 3.51 -8.41
CA GLY D 746 29.56 3.93 -9.75
C GLY D 746 28.45 3.86 -10.77
N LEU D 747 28.62 4.68 -11.80
CA LEU D 747 27.70 4.74 -12.91
C LEU D 747 27.95 3.56 -13.86
N ASN D 748 26.97 3.23 -14.67
CA ASN D 748 27.09 2.12 -15.63
C ASN D 748 27.87 2.61 -16.82
N GLY D 749 29.09 2.12 -16.99
CA GLY D 749 29.90 2.62 -18.08
C GLY D 749 30.39 4.03 -17.87
N GLY D 750 30.73 4.37 -16.63
CA GLY D 750 31.13 5.71 -16.28
C GLY D 750 31.97 5.64 -15.02
N THR D 751 32.47 6.79 -14.64
CA THR D 751 33.30 6.99 -13.46
C THR D 751 32.80 6.20 -12.27
N SER D 752 33.60 5.28 -11.77
CA SER D 752 33.18 4.42 -10.67
C SER D 752 34.32 4.16 -9.70
N MET D 753 34.00 4.26 -8.42
CA MET D 753 34.96 4.15 -7.34
C MET D 753 34.91 2.75 -6.74
N TYR D 754 36.08 2.16 -6.50
CA TYR D 754 36.17 0.76 -6.12
C TYR D 754 36.88 0.52 -4.81
N ALA D 755 37.27 -0.73 -4.59
CA ALA D 755 38.14 -1.09 -3.48
C ALA D 755 39.01 -2.22 -4.00
N ILE D 756 40.25 -1.90 -4.38
CA ILE D 756 41.10 -2.81 -5.12
C ILE D 756 42.17 -3.32 -4.17
N THR D 757 42.74 -4.48 -4.53
CA THR D 757 43.49 -5.26 -3.56
C THR D 757 44.73 -4.54 -3.06
N GLY D 758 45.49 -3.93 -3.94
CA GLY D 758 46.75 -3.38 -3.49
C GLY D 758 46.72 -1.92 -3.09
N MET D 759 45.56 -1.30 -2.99
CA MET D 759 45.38 0.13 -3.07
C MET D 759 44.57 0.66 -1.92
N PRO D 760 44.42 1.99 -1.79
CA PRO D 760 43.57 2.54 -0.74
C PRO D 760 42.13 2.12 -0.88
N VAL D 761 41.33 2.52 0.10
CA VAL D 761 39.90 2.38 -0.01
C VAL D 761 39.40 3.54 -0.85
N GLY D 762 39.03 3.28 -2.09
CA GLY D 762 38.37 4.31 -2.84
C GLY D 762 39.07 4.72 -4.11
N VAL D 763 39.61 3.74 -4.82
CA VAL D 763 40.31 3.99 -6.07
C VAL D 763 39.28 4.20 -7.17
N PHE D 764 39.34 5.37 -7.82
CA PHE D 764 38.48 5.68 -8.95
C PHE D 764 39.02 5.09 -10.24
N LYS D 765 38.12 4.88 -11.19
CA LYS D 765 38.47 4.62 -12.58
C LYS D 765 37.60 5.50 -13.47
N ALA D 766 38.16 6.04 -14.55
CA ALA D 766 37.34 6.79 -15.49
C ALA D 766 37.86 6.57 -16.89
N GLN D 767 37.13 7.09 -17.89
CA GLN D 767 37.56 6.92 -19.26
C GLN D 767 38.67 7.93 -19.52
N VAL D 768 39.86 7.42 -19.74
CA VAL D 768 40.97 8.23 -20.08
C VAL D 768 41.15 8.15 -21.58
N ALA D 769 41.87 9.11 -22.12
CA ALA D 769 42.14 9.21 -23.54
C ALA D 769 43.32 8.32 -23.95
N GLU D 770 43.21 7.73 -25.14
CA GLU D 770 44.26 6.95 -25.73
C GLU D 770 45.46 7.84 -25.97
N ARG D 771 46.66 7.28 -25.76
CA ARG D 771 47.92 7.97 -25.99
C ARG D 771 48.86 6.96 -26.64
N ASP D 772 49.72 7.42 -27.55
CA ASP D 772 50.42 6.52 -28.46
C ASP D 772 51.58 5.87 -27.67
N PRO D 773 52.65 5.33 -28.28
CA PRO D 773 53.71 4.74 -27.45
C PRO D 773 54.44 5.72 -26.56
N GLN D 774 54.43 7.04 -26.85
CA GLN D 774 54.83 8.02 -25.85
C GLN D 774 54.54 9.45 -26.30
N GLY D 775 53.53 10.05 -25.67
CA GLY D 775 53.09 11.43 -25.87
C GLY D 775 51.68 11.55 -25.29
N ARG D 776 50.60 11.72 -26.06
CA ARG D 776 50.43 11.76 -27.53
C ARG D 776 48.96 11.51 -27.83
N ILE D 777 48.09 12.40 -27.39
CA ILE D 777 46.65 12.18 -27.50
C ILE D 777 46.29 11.72 -28.90
N VAL D 778 45.66 10.57 -29.00
CA VAL D 778 45.15 10.09 -30.27
C VAL D 778 43.78 10.71 -30.49
N VAL D 779 43.49 11.15 -31.70
CA VAL D 779 42.17 11.66 -31.99
C VAL D 779 41.67 10.98 -33.24
N ASN D 780 40.41 11.25 -33.55
CA ASN D 780 39.73 10.62 -34.68
C ASN D 780 40.10 11.36 -35.95
N SER D 781 40.29 10.61 -37.04
CA SER D 781 40.77 11.22 -38.29
C SER D 781 39.78 12.23 -38.83
N SER D 782 38.51 12.10 -38.47
CA SER D 782 37.40 12.74 -39.17
C SER D 782 36.69 13.78 -38.32
N THR D 783 36.52 13.56 -37.02
CA THR D 783 35.92 14.57 -36.17
C THR D 783 36.98 15.47 -35.53
N GLY D 784 38.07 14.85 -35.08
CA GLY D 784 39.12 15.54 -34.37
C GLY D 784 39.19 15.19 -32.91
N LEU D 785 38.21 14.50 -32.40
CA LEU D 785 37.94 14.35 -30.98
C LEU D 785 38.73 13.18 -30.42
N PRO D 786 39.11 13.25 -29.14
CA PRO D 786 39.94 12.19 -28.59
C PRO D 786 39.27 10.84 -28.72
N VAL D 787 40.06 9.80 -28.48
CA VAL D 787 39.68 8.43 -28.77
C VAL D 787 39.84 7.62 -27.51
N GLU D 788 38.75 7.06 -26.99
CA GLU D 788 38.80 6.39 -25.71
C GLU D 788 39.84 5.28 -25.70
N ALA D 789 40.48 5.09 -24.56
CA ALA D 789 41.49 4.06 -24.44
C ALA D 789 40.85 2.68 -24.32
N SER D 790 41.69 1.64 -24.27
CA SER D 790 41.19 0.27 -24.13
C SER D 790 40.43 0.11 -22.82
N GLU D 791 41.09 0.39 -21.71
CA GLU D 791 40.46 0.26 -20.42
C GLU D 791 40.31 1.64 -19.79
N PHE D 792 39.45 1.72 -18.79
CA PHE D 792 39.52 2.88 -17.93
C PHE D 792 40.89 2.95 -17.28
N GLY D 793 41.15 4.06 -16.62
CA GLY D 793 42.43 4.26 -15.97
C GLY D 793 42.24 4.71 -14.55
N ILE D 794 42.98 4.09 -13.63
CA ILE D 794 42.98 4.48 -12.23
C ILE D 794 43.31 5.96 -12.11
N CYS D 795 42.41 6.72 -11.51
CA CYS D 795 42.51 8.18 -11.55
C CYS D 795 42.49 8.84 -10.18
N GLY D 796 42.90 8.12 -9.15
CA GLY D 796 43.01 8.67 -7.82
C GLY D 796 42.21 7.86 -6.81
N ASP D 797 42.51 8.12 -5.55
CA ASP D 797 41.71 7.58 -4.47
C ASP D 797 40.86 8.69 -3.85
N MET D 798 40.10 8.35 -2.81
CA MET D 798 39.18 9.28 -2.18
C MET D 798 39.79 10.03 -1.04
N ASN D 799 40.96 9.61 -0.56
CA ASN D 799 41.48 10.01 0.74
C ASN D 799 42.30 11.27 0.63
N ASN D 800 42.06 12.19 1.56
CA ASN D 800 43.00 13.27 1.76
C ASN D 800 44.38 12.69 2.11
N LYS D 801 45.43 13.24 1.49
CA LYS D 801 46.77 12.78 1.85
C LYS D 801 47.14 13.22 3.25
N TYR D 802 46.65 14.38 3.66
CA TYR D 802 46.87 14.90 5.00
C TYR D 802 45.80 15.92 5.29
N GLN D 803 45.42 16.04 6.54
CA GLN D 803 44.46 17.04 6.97
C GLN D 803 45.04 17.75 8.16
N MET D 804 44.80 19.05 8.28
CA MET D 804 45.31 19.80 9.42
C MET D 804 44.42 20.99 9.67
N GLY D 805 44.55 21.58 10.84
CA GLY D 805 43.76 22.75 11.20
C GLY D 805 44.48 23.62 12.20
N VAL D 806 44.27 24.93 12.09
CA VAL D 806 44.87 25.90 12.98
C VAL D 806 43.75 26.73 13.58
N SER D 807 44.02 27.29 14.75
CA SER D 807 42.99 27.96 15.54
C SER D 807 43.66 29.01 16.39
N THR D 808 43.02 30.15 16.54
CA THR D 808 43.51 31.16 17.47
C THR D 808 42.37 31.59 18.37
N ASN D 809 42.70 31.96 19.60
CA ASN D 809 41.70 32.38 20.58
C ASN D 809 42.27 33.56 21.35
N LEU D 810 41.60 34.70 21.25
CA LEU D 810 41.95 35.88 22.02
C LEU D 810 40.93 36.09 23.13
N LYS D 811 41.38 36.69 24.24
CA LYS D 811 40.48 37.19 25.27
C LYS D 811 41.05 38.51 25.77
N TYR D 812 40.19 39.52 25.92
CA TYR D 812 40.55 40.82 26.48
C TYR D 812 39.42 41.27 27.39
N LYS D 813 39.64 41.18 28.71
CA LYS D 813 38.62 41.46 29.72
C LYS D 813 37.42 40.57 29.40
N GLY D 814 36.24 41.12 29.12
CA GLY D 814 35.11 40.28 28.83
C GLY D 814 34.91 39.93 27.37
N ILE D 815 35.87 40.24 26.49
CA ILE D 815 35.72 39.99 25.07
C ILE D 815 36.43 38.69 24.70
N SER D 816 35.81 37.91 23.81
CA SER D 816 36.41 36.72 23.22
C SER D 816 36.48 36.90 21.71
N LEU D 817 37.49 36.31 21.10
CA LEU D 817 37.52 36.21 19.64
C LEU D 817 38.13 34.88 19.25
N GLY D 818 37.42 34.16 18.40
CA GLY D 818 37.87 32.85 17.95
C GLY D 818 37.85 32.76 16.45
N ILE D 819 38.86 32.10 15.91
CA ILE D 819 39.00 31.90 14.48
C ILE D 819 39.50 30.47 14.29
N ASP D 820 38.99 29.80 13.26
CA ASP D 820 39.42 28.43 12.97
C ASP D 820 39.52 28.23 11.46
N PHE D 821 40.54 27.51 11.04
CA PHE D 821 40.73 27.12 9.66
C PHE D 821 40.85 25.60 9.58
N ASP D 822 40.39 25.07 8.46
CA ASP D 822 40.26 23.63 8.23
C ASP D 822 40.97 23.34 6.94
N ILE D 823 42.04 22.57 6.97
CA ILE D 823 42.84 22.30 5.79
C ILE D 823 42.83 20.82 5.49
N ARG D 824 42.46 20.48 4.26
CA ARG D 824 42.58 19.12 3.76
C ARG D 824 43.15 19.24 2.35
N GLN D 825 44.12 18.39 2.03
CA GLN D 825 44.71 18.36 0.71
C GLN D 825 44.92 16.90 0.36
N GLY D 826 44.48 16.52 -0.83
CA GLY D 826 44.62 15.16 -1.30
C GLY D 826 43.33 14.63 -1.88
N GLY D 827 43.42 13.45 -2.45
CA GLY D 827 42.16 12.90 -2.87
C GLY D 827 41.46 13.58 -4.03
N VAL D 828 40.26 13.07 -4.31
CA VAL D 828 39.54 13.40 -5.52
C VAL D 828 38.12 12.88 -5.41
N MET D 829 37.20 13.44 -6.19
CA MET D 829 35.78 13.17 -6.07
C MET D 829 35.12 13.43 -7.42
N TYR D 830 34.06 12.70 -7.73
CA TYR D 830 33.30 12.98 -8.94
C TYR D 830 32.40 14.18 -8.74
N SER D 831 32.30 15.02 -9.75
CA SER D 831 31.49 16.24 -9.67
C SER D 831 30.59 16.35 -10.89
N ARG D 832 29.32 16.00 -10.76
CA ARG D 832 28.41 16.34 -11.84
C ARG D 832 28.23 17.83 -11.98
N THR D 833 28.62 18.64 -10.99
CA THR D 833 28.53 20.09 -11.15
C THR D 833 29.44 20.55 -12.28
N LYS D 834 30.69 20.12 -12.23
CA LYS D 834 31.60 20.37 -13.35
C LYS D 834 31.09 19.71 -14.61
N ASP D 835 30.47 18.54 -14.48
CA ASP D 835 30.03 17.79 -15.63
C ASP D 835 28.94 18.54 -16.40
N ILE D 836 27.98 19.13 -15.70
CA ILE D 836 26.87 19.71 -16.43
C ILE D 836 27.20 21.12 -16.89
N ASN D 837 28.11 21.82 -16.21
CA ASN D 837 28.53 23.12 -16.71
C ASN D 837 29.52 23.00 -17.84
N TYR D 838 30.14 21.83 -18.02
CA TYR D 838 30.92 21.58 -19.22
C TYR D 838 29.99 21.19 -20.36
N PHE D 839 29.07 20.27 -20.11
CA PHE D 839 28.14 19.88 -21.16
C PHE D 839 27.41 21.09 -21.69
N THR D 840 26.97 21.96 -20.79
CA THR D 840 26.16 23.10 -21.18
C THR D 840 26.94 24.23 -21.81
N GLY D 841 28.26 24.20 -21.75
CA GLY D 841 29.01 25.34 -22.24
C GLY D 841 28.95 26.58 -21.38
N ASN D 842 28.66 26.44 -20.08
CA ASN D 842 28.65 27.58 -19.16
C ASN D 842 29.95 27.75 -18.39
N ALA D 843 30.72 26.69 -18.18
CA ALA D 843 31.90 26.75 -17.33
C ALA D 843 33.04 27.50 -18.01
N ILE D 844 33.74 28.33 -17.23
CA ILE D 844 34.74 29.24 -17.78
C ILE D 844 35.72 28.51 -18.68
N GLN D 845 36.13 27.32 -18.27
CA GLN D 845 37.12 26.56 -19.00
C GLN D 845 36.76 26.31 -20.45
N THR D 846 35.50 26.51 -20.84
CA THR D 846 35.10 26.06 -22.16
C THR D 846 35.18 27.14 -23.20
N ALA D 847 35.50 28.36 -22.84
CA ALA D 847 35.85 29.33 -23.85
C ALA D 847 37.30 29.17 -24.28
N TYR D 848 37.77 27.93 -24.41
CA TYR D 848 39.20 27.66 -24.40
C TYR D 848 39.90 28.40 -25.52
N ASN D 849 39.52 28.12 -26.75
CA ASN D 849 40.29 28.71 -27.83
C ASN D 849 39.60 29.91 -28.43
N ASP D 850 38.95 30.72 -27.59
CA ASP D 850 37.92 31.64 -28.07
C ASP D 850 36.96 30.91 -28.99
N ARG D 851 36.83 29.60 -28.75
CA ARG D 851 35.86 28.72 -29.38
C ARG D 851 35.95 28.71 -30.89
N ASN D 852 37.14 28.96 -31.41
CA ASN D 852 37.51 28.80 -32.80
C ASN D 852 38.01 27.38 -33.04
N PRO D 853 37.87 26.84 -34.24
CA PRO D 853 38.30 25.46 -34.48
C PRO D 853 39.71 25.23 -34.01
N LEU D 854 39.99 24.02 -33.56
CA LEU D 854 41.31 23.80 -33.01
C LEU D 854 41.73 22.37 -33.26
N ILE D 855 43.04 22.16 -33.19
CA ILE D 855 43.63 20.83 -33.21
C ILE D 855 44.19 20.56 -31.83
N VAL D 856 43.81 19.43 -31.26
CA VAL D 856 44.22 19.05 -29.93
C VAL D 856 45.74 19.06 -29.94
N PRO D 857 46.39 19.86 -29.10
CA PRO D 857 47.79 20.22 -29.31
C PRO D 857 48.78 19.08 -29.23
N ASN D 858 48.42 17.87 -28.96
CA ASN D 858 49.46 16.89 -29.21
C ASN D 858 48.96 15.77 -30.08
N SER D 859 47.94 16.06 -30.87
CA SER D 859 47.14 14.99 -31.42
C SER D 859 47.91 14.23 -32.48
N VAL D 860 47.38 13.05 -32.78
CA VAL D 860 48.02 12.00 -33.55
C VAL D 860 46.94 11.04 -33.99
N ASN D 861 46.91 10.71 -35.27
CA ASN D 861 45.95 9.73 -35.73
C ASN D 861 46.65 8.38 -35.68
N LYS D 862 45.89 7.34 -35.40
CA LYS D 862 46.42 5.98 -35.44
C LYS D 862 45.97 5.33 -36.73
N ILE D 863 46.91 4.74 -37.46
CA ILE D 863 46.68 4.20 -38.79
C ILE D 863 46.80 2.69 -38.68
N VAL D 864 45.68 2.01 -38.70
CA VAL D 864 45.62 0.56 -38.49
C VAL D 864 45.18 -0.07 -39.80
N ASN D 865 45.98 -1.01 -40.29
CA ASN D 865 45.61 -1.85 -41.41
C ASN D 865 45.94 -3.28 -41.01
N GLY D 866 44.93 -4.12 -40.90
CA GLY D 866 45.13 -5.44 -40.34
C GLY D 866 45.71 -5.31 -38.94
N GLU D 867 46.98 -5.65 -38.78
CA GLU D 867 47.65 -5.53 -37.50
C GLU D 867 48.90 -4.67 -37.62
N ASN D 868 48.93 -3.77 -38.60
CA ASN D 868 49.99 -2.77 -38.74
C ASN D 868 49.51 -1.48 -38.10
N VAL D 869 50.26 -1.01 -37.10
CA VAL D 869 49.93 0.20 -36.34
C VAL D 869 50.96 1.27 -36.62
N THR D 870 50.49 2.46 -36.99
CA THR D 870 51.39 3.53 -37.35
C THR D 870 50.75 4.85 -36.99
N TYR D 871 51.56 5.78 -36.49
CA TYR D 871 51.07 7.02 -35.93
C TYR D 871 51.54 8.19 -36.77
N VAL D 872 50.66 9.16 -36.98
CA VAL D 872 50.88 10.26 -37.90
C VAL D 872 50.50 11.55 -37.19
N GLU D 873 51.25 12.63 -37.45
CA GLU D 873 50.82 13.94 -36.96
C GLU D 873 49.38 14.19 -37.38
N ASN D 874 48.58 14.72 -36.47
CA ASN D 874 47.18 14.93 -36.79
C ASN D 874 47.00 16.21 -37.60
N THR D 875 46.03 16.16 -38.50
CA THR D 875 45.78 17.24 -39.40
C THR D 875 44.32 17.67 -39.37
N THR D 876 43.45 16.95 -38.60
CA THR D 876 42.02 17.24 -38.60
C THR D 876 41.65 18.09 -37.40
N PRO D 877 40.99 19.22 -37.60
CA PRO D 877 40.54 20.00 -36.45
C PRO D 877 39.19 19.52 -35.95
N ILE D 878 38.98 19.75 -34.65
CA ILE D 878 37.63 19.87 -34.10
C ILE D 878 37.04 21.14 -34.68
N THR D 879 35.88 21.02 -35.33
CA THR D 879 35.33 22.18 -35.98
C THR D 879 34.57 23.03 -34.97
N SER D 880 34.06 24.18 -35.42
CA SER D 880 33.19 24.96 -34.54
C SER D 880 31.99 24.14 -34.15
N SER D 881 31.33 23.54 -35.12
CA SER D 881 30.14 22.76 -34.86
C SER D 881 30.38 21.67 -33.84
N ASN D 882 31.61 21.24 -33.64
CA ASN D 882 31.86 20.14 -32.72
C ASN D 882 32.69 20.54 -31.51
N ILE D 883 32.85 21.83 -31.24
CA ILE D 883 33.48 22.22 -29.97
C ILE D 883 32.63 21.73 -28.82
N TYR D 884 31.30 21.81 -28.96
CA TYR D 884 30.40 21.42 -27.89
C TYR D 884 30.71 20.02 -27.40
N LYS D 885 31.09 19.12 -28.31
CA LYS D 885 31.31 17.74 -27.91
C LYS D 885 32.68 17.55 -27.32
N TYR D 886 33.64 18.36 -27.72
CA TYR D 886 34.98 18.20 -27.18
C TYR D 886 34.96 18.41 -25.67
N TRP D 887 34.15 19.36 -25.21
CA TRP D 887 34.02 19.60 -23.78
C TRP D 887 32.94 18.72 -23.16
N GLY D 888 31.88 18.43 -23.89
CA GLY D 888 30.80 17.63 -23.33
C GLY D 888 31.27 16.31 -22.77
N ASP D 889 32.33 15.75 -23.34
CA ASP D 889 32.79 14.44 -22.92
C ASP D 889 34.00 14.51 -22.02
N GLY D 890 34.50 15.70 -21.74
CA GLY D 890 35.61 15.89 -20.83
C GLY D 890 36.92 16.42 -21.41
N GLY D 891 36.90 17.08 -22.57
CA GLY D 891 38.14 17.62 -23.11
C GLY D 891 39.08 16.52 -23.58
N SER D 892 40.38 16.74 -23.40
CA SER D 892 41.37 15.72 -23.68
C SER D 892 41.52 14.76 -22.52
N ASP D 893 40.98 15.10 -21.36
CA ASP D 893 40.87 14.18 -20.24
C ASP D 893 39.76 13.18 -20.47
N MET D 894 38.82 13.50 -21.36
CA MET D 894 37.59 12.74 -21.47
C MET D 894 36.89 12.59 -20.13
N GLY D 895 36.27 11.44 -19.88
CA GLY D 895 35.42 11.32 -18.70
C GLY D 895 36.13 11.75 -17.43
N SER D 896 37.37 11.30 -17.27
CA SER D 896 38.11 11.54 -16.06
C SER D 896 38.26 13.02 -15.77
N CYS D 897 37.94 13.86 -16.75
CA CYS D 897 37.96 15.29 -16.51
C CYS D 897 37.14 15.66 -15.28
N PHE D 898 36.16 14.84 -14.93
CA PHE D 898 35.17 15.20 -13.92
C PHE D 898 35.44 14.59 -12.55
N LEU D 899 36.66 14.14 -12.32
CA LEU D 899 37.10 13.86 -10.98
C LEU D 899 37.78 15.13 -10.50
N VAL D 900 37.22 15.79 -9.50
CA VAL D 900 37.71 17.09 -9.08
C VAL D 900 38.68 16.97 -7.91
N ASP D 901 39.66 17.85 -7.86
CA ASP D 901 40.64 17.88 -6.77
C ASP D 901 39.94 18.08 -5.43
N LYS D 902 39.84 17.03 -4.62
CA LYS D 902 39.10 17.10 -3.37
C LYS D 902 39.55 18.23 -2.47
N SER D 903 40.74 18.79 -2.71
CA SER D 903 41.43 19.60 -1.72
C SER D 903 40.76 20.95 -1.54
N TYR D 904 40.77 21.43 -0.30
CA TYR D 904 40.26 22.76 -0.04
C TYR D 904 40.88 23.27 1.25
N VAL D 905 40.81 24.58 1.41
CA VAL D 905 41.11 25.27 2.66
C VAL D 905 39.90 26.14 2.96
N LYS D 906 39.53 26.21 4.23
CA LYS D 906 38.25 26.77 4.60
C LYS D 906 38.38 27.64 5.84
N LEU D 907 37.58 28.71 5.89
CA LEU D 907 37.45 29.54 7.10
C LEU D 907 36.27 29.02 7.91
N ARG D 908 36.55 28.00 8.72
CA ARG D 908 35.51 27.17 9.33
C ARG D 908 34.54 27.99 10.16
N SER D 909 35.06 28.84 11.03
CA SER D 909 34.17 29.56 11.94
C SER D 909 34.90 30.77 12.50
N VAL D 910 34.13 31.77 12.93
CA VAL D 910 34.61 32.98 13.57
C VAL D 910 33.61 33.40 14.64
N VAL D 911 34.02 33.45 15.90
CA VAL D 911 33.09 33.60 17.02
C VAL D 911 33.52 34.74 17.92
N LEU D 912 32.77 35.85 17.89
CA LEU D 912 33.04 37.01 18.73
C LEU D 912 32.05 37.01 19.89
N GLY D 913 32.56 37.01 21.12
CA GLY D 913 31.66 36.92 22.26
C GLY D 913 31.95 37.91 23.37
N TRP D 914 30.96 38.69 23.76
CA TRP D 914 31.15 39.73 24.76
C TRP D 914 30.41 39.36 26.04
N ASP D 915 31.15 38.86 27.03
CA ASP D 915 30.58 38.52 28.33
C ASP D 915 30.43 39.80 29.14
N LEU D 916 29.19 40.25 29.34
CA LEU D 916 28.95 41.53 30.00
C LEU D 916 29.49 41.49 31.43
N PRO D 917 30.11 42.57 31.92
CA PRO D 917 30.75 42.46 33.25
C PRO D 917 29.72 42.61 34.37
N LYS D 918 29.87 41.76 35.38
CA LYS D 918 28.81 41.46 36.33
C LYS D 918 28.32 42.72 37.01
N ARG D 919 29.16 43.72 37.13
CA ARG D 919 28.77 44.98 37.74
C ARG D 919 27.73 45.70 36.89
N TRP D 920 27.78 45.53 35.57
CA TRP D 920 26.90 46.25 34.66
C TRP D 920 25.44 46.09 35.01
N LEU D 921 24.90 44.98 34.62
CA LEU D 921 23.71 44.51 35.31
C LEU D 921 23.99 44.35 36.80
N ALA D 922 22.93 44.56 37.62
CA ALA D 922 22.94 44.52 39.10
C ALA D 922 21.58 44.94 39.66
N LYS D 923 21.02 45.97 39.02
CA LYS D 923 19.66 46.42 39.18
C LYS D 923 18.68 45.61 38.36
N THR D 924 19.16 44.50 37.76
CA THR D 924 18.42 43.67 36.82
C THR D 924 18.35 42.24 37.33
N PRO D 925 17.47 41.42 36.80
CA PRO D 925 17.41 40.01 37.26
C PRO D 925 18.32 39.05 36.51
N PHE D 926 19.44 39.54 36.00
CA PHE D 926 20.34 38.70 35.21
C PHE D 926 21.51 38.27 36.09
N GLN D 927 21.98 37.02 35.93
CA GLN D 927 23.21 36.60 36.59
C GLN D 927 24.40 36.63 35.66
N ALA D 928 24.20 37.15 34.46
CA ALA D 928 25.14 37.04 33.36
C ALA D 928 24.43 37.41 32.07
N VAL D 929 25.11 38.11 31.17
CA VAL D 929 24.65 38.29 29.80
C VAL D 929 25.88 38.17 28.90
N LYS D 930 25.74 37.47 27.77
CA LYS D 930 26.84 37.31 26.81
C LYS D 930 26.30 37.45 25.39
N VAL D 931 26.38 38.65 24.83
CA VAL D 931 26.05 38.85 23.42
C VAL D 931 27.10 38.16 22.57
N SER D 932 26.68 37.56 21.46
CA SER D 932 27.57 36.73 20.64
C SER D 932 27.26 36.98 19.17
N ALA D 933 28.30 37.02 18.32
CA ALA D 933 28.16 37.14 16.87
C ALA D 933 29.15 36.23 16.17
N TYR D 934 28.68 35.46 15.19
CA TYR D 934 29.46 34.34 14.66
C TYR D 934 29.23 34.19 13.17
N GLY D 935 30.12 33.42 12.56
CA GLY D 935 29.95 33.01 11.18
C GLY D 935 30.53 31.63 10.99
N ASN D 936 29.94 30.87 10.06
CA ASN D 936 30.43 29.54 9.74
C ASN D 936 30.60 29.39 8.24
N ASN D 937 31.41 28.41 7.87
CA ASN D 937 31.71 28.07 6.48
C ASN D 937 31.93 29.36 5.68
N LEU D 938 32.75 30.26 6.22
CA LEU D 938 32.75 31.64 5.74
C LEU D 938 33.43 31.79 4.39
N PHE D 939 34.49 31.03 4.13
CA PHE D 939 35.18 31.21 2.88
C PHE D 939 35.88 29.91 2.51
N VAL D 940 35.92 29.58 1.23
CA VAL D 940 36.61 28.38 0.78
C VAL D 940 37.66 28.76 -0.24
N TRP D 941 38.83 28.10 -0.15
CA TRP D 941 39.91 28.23 -1.12
C TRP D 941 40.22 26.86 -1.72
N THR D 942 40.48 26.82 -3.02
CA THR D 942 40.58 25.54 -3.74
C THR D 942 41.55 25.63 -4.90
N PRO D 943 42.16 24.61 -5.22
CA PRO D 943 43.33 24.67 -6.11
C PRO D 943 43.09 24.80 -7.61
N SER D 944 42.79 26.01 -8.06
CA SER D 944 42.91 26.34 -9.47
C SER D 944 42.08 25.44 -10.38
N SER D 945 42.42 24.14 -10.43
CA SER D 945 41.67 23.23 -11.27
C SER D 945 40.22 23.14 -10.85
N ASN D 946 39.92 23.53 -9.64
CA ASN D 946 38.60 23.42 -9.05
C ASN D 946 38.03 24.82 -8.96
N THR D 947 37.20 25.18 -9.93
CA THR D 947 36.41 26.41 -9.84
C THR D 947 34.93 26.09 -9.92
N PHE D 948 34.53 25.01 -9.28
CA PHE D 948 33.16 24.53 -9.43
C PHE D 948 32.42 24.38 -8.10
N ILE D 949 32.97 23.67 -7.14
CA ILE D 949 32.23 23.30 -5.94
C ILE D 949 33.05 23.58 -4.71
N ASP D 950 32.34 23.77 -3.60
CA ASP D 950 32.86 23.53 -2.27
C ASP D 950 33.00 22.03 -2.09
N PRO D 951 34.21 21.49 -2.01
CA PRO D 951 34.37 20.04 -2.06
C PRO D 951 33.61 19.28 -1.00
N GLU D 952 33.15 19.96 0.06
CA GLU D 952 32.41 19.34 1.15
C GLU D 952 30.98 19.14 0.69
N MET D 953 30.77 18.11 -0.10
CA MET D 953 29.46 17.83 -0.70
C MET D 953 29.33 16.36 -0.98
N THR D 954 28.10 15.89 -1.04
CA THR D 954 27.86 14.56 -1.57
C THR D 954 26.37 14.42 -1.81
N SER D 955 26.02 13.50 -2.68
CA SER D 955 24.64 13.10 -2.90
C SER D 955 24.47 11.62 -2.63
N PHE D 956 25.35 11.05 -1.83
CA PHE D 956 25.28 9.62 -1.61
C PHE D 956 25.47 9.24 -0.16
N GLY D 957 25.14 10.14 0.76
CA GLY D 957 25.10 9.81 2.17
C GLY D 957 26.39 10.10 2.90
N ASN D 958 26.30 10.06 4.22
CA ASN D 958 27.37 10.51 5.10
C ASN D 958 28.39 9.44 5.44
N ASP D 959 28.47 8.36 4.67
CA ASP D 959 29.46 7.36 5.02
C ASP D 959 30.37 7.12 3.82
N LEU D 960 30.76 5.87 3.58
CA LEU D 960 31.77 5.56 2.55
C LEU D 960 31.30 5.94 1.16
N GLU D 961 30.13 5.45 0.77
CA GLU D 961 29.68 5.71 -0.60
C GLU D 961 29.54 7.20 -0.87
N GLY D 962 29.38 8.02 0.16
CA GLY D 962 29.36 9.44 -0.08
C GLY D 962 30.66 9.97 -0.61
N ASN D 963 31.74 9.25 -0.38
CA ASN D 963 33.01 9.70 -0.92
C ASN D 963 33.02 9.63 -2.46
N TYR D 964 32.03 8.98 -3.08
CA TYR D 964 32.03 8.86 -4.54
C TYR D 964 31.97 10.22 -5.20
N GLY D 965 31.16 11.11 -4.70
CA GLY D 965 31.17 12.45 -5.22
C GLY D 965 29.84 13.15 -5.05
N GLU D 966 29.72 14.25 -5.77
CA GLU D 966 28.63 15.20 -5.65
C GLU D 966 27.83 15.17 -6.94
N TYR D 967 26.53 14.92 -6.85
CA TYR D 967 25.73 14.74 -8.06
C TYR D 967 24.79 15.94 -8.19
N THR D 968 25.37 17.10 -8.44
CA THR D 968 24.68 18.37 -8.54
C THR D 968 23.94 18.66 -7.25
N ALA D 969 24.64 18.49 -6.13
CA ALA D 969 24.07 18.86 -4.85
C ALA D 969 23.93 20.38 -4.79
N ASN D 970 22.94 20.83 -4.03
CA ASN D 970 22.69 22.25 -3.93
C ASN D 970 23.96 22.95 -3.44
N PRO D 971 24.16 24.20 -3.80
CA PRO D 971 25.43 24.84 -3.50
C PRO D 971 25.63 24.94 -2.00
N SER D 972 26.89 24.96 -1.59
CA SER D 972 27.09 25.20 -0.18
C SER D 972 26.87 26.68 0.10
N SER D 973 26.81 27.01 1.40
CA SER D 973 26.28 28.28 1.86
C SER D 973 27.16 28.86 2.93
N ARG D 974 26.99 30.15 3.15
CA ARG D 974 27.84 30.97 4.01
C ARG D 974 26.97 31.47 5.15
N ARG D 975 27.13 30.92 6.35
CA ARG D 975 26.22 31.17 7.47
C ARG D 975 26.81 32.15 8.48
N PHE D 976 25.98 33.06 8.98
CA PHE D 976 26.45 34.07 9.93
C PHE D 976 25.26 34.68 10.66
N GLY D 977 25.48 35.09 11.92
CA GLY D 977 24.39 35.65 12.70
C GLY D 977 24.80 35.95 14.13
N PHE D 978 23.79 36.11 14.99
CA PHE D 978 23.94 36.54 16.38
C PHE D 978 23.37 35.51 17.35
N ASN D 979 23.62 35.71 18.64
CA ASN D 979 23.05 34.88 19.71
C ASN D 979 23.22 35.56 21.06
N LEU D 980 22.15 35.58 21.86
CA LEU D 980 22.09 36.28 23.14
C LEU D 980 21.95 35.26 24.26
N MET D 981 22.76 35.36 25.31
CA MET D 981 22.61 34.53 26.50
C MET D 981 22.13 35.35 27.67
N VAL D 982 21.21 34.77 28.45
CA VAL D 982 20.63 35.44 29.59
C VAL D 982 20.48 34.42 30.71
N LYS D 983 21.41 34.41 31.68
CA LYS D 983 21.33 33.50 32.83
C LYS D 983 20.53 34.15 33.96
N PHE D 984 19.61 33.40 34.53
CA PHE D 984 18.74 33.93 35.60
C PHE D 984 18.97 33.23 36.93
N ASP E 4 39.96 35.52 -11.14
CA ASP E 4 39.37 35.27 -12.46
C ASP E 4 40.17 34.25 -13.25
N THR E 5 39.52 33.19 -13.74
CA THR E 5 40.22 32.09 -14.38
C THR E 5 40.41 32.37 -15.87
N GLU E 6 41.66 32.32 -16.32
CA GLU E 6 41.96 32.53 -17.73
C GLU E 6 41.55 31.30 -18.50
N PRO E 7 40.63 31.40 -19.45
CA PRO E 7 40.18 30.19 -20.16
C PRO E 7 41.32 29.42 -20.79
N GLY E 8 42.18 30.10 -21.53
CA GLY E 8 43.28 29.44 -22.20
C GLY E 8 43.27 29.70 -23.69
N GLY E 9 43.94 28.85 -24.46
CA GLY E 9 43.93 28.94 -25.90
C GLY E 9 45.13 28.30 -26.55
N THR E 10 44.93 27.84 -27.78
CA THR E 10 46.01 27.40 -28.64
C THR E 10 46.95 28.55 -28.94
N ALA E 11 48.22 28.21 -29.20
CA ALA E 11 49.27 29.22 -29.22
C ALA E 11 48.98 30.32 -30.22
N VAL E 12 48.10 30.07 -31.17
CA VAL E 12 47.89 30.95 -32.30
C VAL E 12 46.41 31.30 -32.38
N GLU E 13 45.74 31.27 -31.22
CA GLU E 13 44.28 31.26 -31.16
C GLU E 13 43.66 32.45 -31.89
N LYS E 14 44.18 33.66 -31.70
CA LYS E 14 43.48 34.85 -32.19
C LYS E 14 43.43 34.93 -33.71
N MET E 15 44.16 34.08 -34.42
CA MET E 15 44.12 34.06 -35.87
C MET E 15 43.44 32.83 -36.43
N ALA E 16 42.97 31.93 -35.60
CA ALA E 16 42.17 30.83 -36.07
C ALA E 16 40.68 31.22 -36.10
N GLY E 17 39.90 30.53 -36.91
CA GLY E 17 38.47 30.74 -36.91
C GLY E 17 37.85 30.34 -38.22
N ASP E 18 36.52 30.34 -38.23
CA ASP E 18 35.75 30.18 -39.46
C ASP E 18 35.48 31.55 -40.05
N TRP E 19 35.43 31.60 -41.38
CA TRP E 19 35.38 32.87 -42.09
C TRP E 19 34.44 32.75 -43.28
N TRP E 20 33.82 33.88 -43.66
CA TRP E 20 33.04 33.99 -44.89
C TRP E 20 33.79 34.91 -45.85
N VAL E 21 34.38 34.33 -46.89
CA VAL E 21 35.33 35.06 -47.72
C VAL E 21 34.81 35.13 -49.15
N THR E 22 35.37 36.08 -49.91
CA THR E 22 35.12 36.25 -51.34
C THR E 22 36.47 36.31 -52.08
N VAL E 23 36.50 35.78 -53.29
CA VAL E 23 37.75 35.61 -54.01
C VAL E 23 37.77 36.51 -55.25
N ASN E 24 38.53 37.58 -55.19
CA ASN E 24 38.80 38.40 -56.36
C ASN E 24 40.09 37.94 -57.05
N ALA E 25 40.39 38.56 -58.18
CA ALA E 25 41.57 38.26 -58.97
C ALA E 25 42.14 39.55 -59.54
N PHE E 26 43.46 39.66 -59.51
CA PHE E 26 44.18 40.71 -60.21
C PHE E 26 44.42 40.26 -61.64
N ILE E 27 43.68 40.82 -62.58
CA ILE E 27 43.86 40.59 -64.00
C ILE E 27 44.09 41.94 -64.67
N ASP E 28 45.26 42.11 -65.27
CA ASP E 28 45.67 43.37 -65.90
C ASP E 28 45.66 44.52 -64.91
N GLY E 29 46.42 44.38 -63.82
CA GLY E 29 46.65 45.47 -62.88
C GLY E 29 45.45 46.03 -62.17
N LYS E 30 44.23 45.71 -62.62
CA LYS E 30 42.99 46.18 -62.02
C LYS E 30 42.28 44.99 -61.38
N GLU E 31 41.82 45.17 -60.15
CA GLU E 31 41.20 44.09 -59.39
C GLU E 31 39.81 43.76 -59.96
N VAL E 32 39.48 42.48 -60.02
CA VAL E 32 38.27 42.03 -60.68
C VAL E 32 37.40 41.33 -59.64
N GLU E 33 36.28 41.97 -59.27
CA GLU E 33 35.45 41.49 -58.18
C GLU E 33 34.77 40.16 -58.55
N ASP E 34 35.21 39.08 -57.90
CA ASP E 34 34.65 37.74 -58.04
C ASP E 34 34.56 37.32 -59.50
N PRO E 35 35.63 36.85 -60.08
CA PRO E 35 35.57 36.37 -61.46
C PRO E 35 34.86 35.04 -61.55
N PHE E 36 35.33 34.05 -60.79
CA PHE E 36 34.77 32.71 -60.91
C PHE E 36 33.29 32.65 -60.62
N GLY E 37 32.66 33.76 -60.22
CA GLY E 37 31.26 33.73 -59.82
C GLY E 37 31.02 32.84 -58.63
N ALA E 38 31.80 33.03 -57.56
CA ALA E 38 31.86 32.07 -56.47
C ALA E 38 30.84 32.33 -55.38
N GLY E 39 30.42 33.58 -55.20
CA GLY E 39 29.69 33.95 -54.01
C GLY E 39 30.57 33.85 -52.78
N HIS E 40 29.98 34.11 -51.61
CA HIS E 40 30.74 33.97 -50.38
C HIS E 40 30.99 32.50 -50.07
N LEU E 41 32.24 32.18 -49.76
CA LEU E 41 32.63 30.83 -49.43
C LEU E 41 33.11 30.77 -47.99
N GLN E 42 33.07 29.57 -47.42
CA GLN E 42 33.51 29.34 -46.06
C GLN E 42 34.91 28.77 -46.06
N MET E 43 35.73 29.20 -45.09
CA MET E 43 37.08 28.67 -44.95
C MET E 43 37.47 28.73 -43.49
N SER E 44 38.56 28.04 -43.16
CA SER E 44 38.96 27.87 -41.77
C SER E 44 40.45 28.11 -41.62
N THR E 45 40.85 28.67 -40.48
CA THR E 45 42.25 28.73 -40.08
C THR E 45 42.35 28.19 -38.68
N TYR E 46 43.34 27.34 -38.42
CA TYR E 46 43.43 26.68 -37.13
C TYR E 46 44.87 26.31 -36.84
N ASN E 47 45.16 26.13 -35.55
CA ASN E 47 46.51 25.87 -35.11
C ASN E 47 47.02 24.53 -35.63
N THR E 48 48.32 24.34 -35.52
CA THR E 48 48.97 23.12 -35.94
C THR E 48 49.11 22.17 -34.78
N ALA E 49 49.34 20.91 -35.11
CA ALA E 49 49.46 19.92 -34.05
C ALA E 49 50.63 20.22 -33.16
N SER E 50 51.65 20.91 -33.69
CA SER E 50 52.82 21.28 -32.92
C SER E 50 52.56 22.45 -31.99
N ASN E 51 51.36 23.02 -32.04
CA ASN E 51 50.96 24.16 -31.21
C ASN E 51 52.04 25.24 -31.20
N SER E 52 52.59 25.51 -32.37
CA SER E 52 53.50 26.64 -32.48
C SER E 52 52.73 27.94 -32.65
N GLU E 53 53.33 29.01 -32.16
CA GLU E 53 52.89 30.36 -32.48
C GLU E 53 53.58 30.92 -33.71
N THR E 54 54.07 30.03 -34.59
CA THR E 54 54.76 30.47 -35.81
C THR E 54 54.23 29.83 -37.09
N GLU E 55 53.48 28.74 -37.01
CA GLU E 55 52.76 28.27 -38.19
C GLU E 55 51.30 27.93 -37.86
N MET E 56 50.40 28.22 -38.80
CA MET E 56 48.99 27.88 -38.70
C MET E 56 48.54 27.25 -40.00
N TRP E 57 47.51 26.42 -39.93
CA TRP E 57 46.93 25.82 -41.13
C TRP E 57 45.99 26.80 -41.82
N LEU E 58 45.84 26.62 -43.14
CA LEU E 58 44.91 27.43 -43.92
C LEU E 58 44.19 26.51 -44.87
N ASP E 59 42.87 26.51 -44.77
CA ASP E 59 42.03 25.43 -45.26
C ASP E 59 40.84 26.08 -45.95
N ASP E 60 40.67 25.85 -47.25
CA ASP E 60 39.52 26.41 -47.95
C ASP E 60 38.32 25.50 -47.88
N LEU E 61 38.45 24.38 -47.17
CA LEU E 61 37.37 23.41 -46.97
C LEU E 61 36.80 22.93 -48.29
N GLY E 62 37.56 23.06 -49.38
CA GLY E 62 37.08 22.52 -50.63
C GLY E 62 36.03 23.36 -51.34
N ASN E 63 35.93 24.65 -51.01
CA ASN E 63 34.92 25.48 -51.62
C ASN E 63 35.48 26.43 -52.69
N PHE E 64 36.76 26.33 -53.00
CA PHE E 64 37.36 27.17 -54.04
C PHE E 64 38.26 26.34 -54.91
N TRP E 65 39.53 26.21 -54.53
CA TRP E 65 40.49 25.46 -55.32
C TRP E 65 40.79 24.10 -54.72
N GLU E 66 40.24 23.80 -53.53
CA GLU E 66 40.51 22.60 -52.77
C GLU E 66 41.93 22.55 -52.22
N TYR E 67 42.34 23.55 -51.44
CA TYR E 67 43.70 23.62 -50.92
C TYR E 67 43.72 23.65 -49.40
N LYS E 68 44.89 23.31 -48.85
CA LYS E 68 45.12 23.21 -47.41
C LYS E 68 46.60 23.05 -47.12
N LEU E 69 47.26 24.09 -46.62
CA LEU E 69 48.70 24.13 -46.42
C LEU E 69 49.02 24.88 -45.14
N LYS E 70 50.20 24.62 -44.56
CA LYS E 70 50.65 25.38 -43.41
C LYS E 70 51.23 26.70 -43.89
N VAL E 71 50.72 27.81 -43.40
CA VAL E 71 51.37 29.09 -43.68
C VAL E 71 52.31 29.37 -42.53
N ASN E 72 53.21 30.33 -42.69
CA ASN E 72 53.94 30.83 -41.54
C ASN E 72 53.16 31.98 -40.91
N VAL E 73 53.47 32.27 -39.64
CA VAL E 73 52.59 33.07 -38.80
C VAL E 73 53.40 34.02 -37.95
N ASN E 74 53.06 35.31 -38.00
CA ASN E 74 53.64 36.32 -37.12
C ASN E 74 52.55 36.78 -36.16
N TYR E 75 52.46 36.11 -35.02
CA TYR E 75 51.32 36.31 -34.12
C TYR E 75 51.25 37.76 -33.65
N ALA E 76 52.38 38.32 -33.22
CA ALA E 76 52.36 39.67 -32.67
C ALA E 76 51.81 40.67 -33.69
N ALA E 77 52.14 40.48 -34.96
CA ALA E 77 51.69 41.39 -36.01
C ALA E 77 50.34 41.03 -36.58
N ARG E 78 49.87 39.80 -36.33
CA ARG E 78 48.65 39.25 -36.93
C ARG E 78 48.78 39.23 -38.46
N THR E 79 49.74 38.45 -38.93
CA THR E 79 50.01 38.25 -40.34
C THR E 79 50.50 36.83 -40.57
N PHE E 80 50.33 36.38 -41.82
CA PHE E 80 50.66 35.03 -42.22
C PHE E 80 50.96 34.99 -43.72
N SER E 81 51.92 34.14 -44.09
CA SER E 81 52.57 34.18 -45.40
C SER E 81 53.44 32.94 -45.59
N THR E 82 53.53 32.46 -46.83
CA THR E 82 54.44 31.37 -47.18
C THR E 82 55.75 31.91 -47.71
N THR E 83 56.78 31.07 -47.65
CA THR E 83 58.04 31.35 -48.29
C THR E 83 58.12 30.47 -49.52
N GLY E 84 57.81 31.05 -50.67
CA GLY E 84 57.74 30.29 -51.89
C GLY E 84 56.48 29.46 -51.95
N PHE E 85 56.46 28.56 -52.92
CA PHE E 85 55.37 27.61 -53.05
C PHE E 85 55.59 26.45 -52.10
N VAL E 86 54.53 26.04 -51.38
CA VAL E 86 54.58 24.99 -50.38
C VAL E 86 53.66 23.85 -50.78
N ASP E 87 54.00 22.64 -50.34
CA ASP E 87 53.17 21.47 -50.57
C ASP E 87 51.72 21.70 -50.16
N ASN E 88 50.81 21.55 -51.10
CA ASN E 88 49.41 21.41 -50.75
C ASN E 88 49.15 20.01 -50.23
N VAL E 89 48.32 19.90 -49.19
CA VAL E 89 48.06 18.60 -48.59
C VAL E 89 46.76 17.99 -49.09
N THR E 90 45.84 18.79 -49.63
CA THR E 90 44.56 18.26 -50.08
C THR E 90 44.72 17.34 -51.28
N TYR E 91 45.52 17.75 -52.30
CA TYR E 91 45.57 16.98 -53.54
C TYR E 91 46.90 17.08 -54.29
N GLU E 92 48.02 17.18 -53.61
CA GLU E 92 49.32 17.27 -54.30
C GLU E 92 49.36 18.39 -55.35
N SER E 93 49.56 19.62 -54.88
CA SER E 93 49.68 20.84 -55.65
C SER E 93 50.62 21.76 -54.88
N LYS E 94 50.75 23.01 -55.32
CA LYS E 94 51.54 23.96 -54.56
C LYS E 94 50.83 25.30 -54.54
N VAL E 95 50.97 25.99 -53.40
CA VAL E 95 50.24 27.22 -53.15
C VAL E 95 51.21 28.24 -52.57
N LYS E 96 50.91 29.51 -52.79
CA LYS E 96 51.77 30.59 -52.34
C LYS E 96 50.90 31.70 -51.78
N ILE E 97 50.98 31.92 -50.47
CA ILE E 97 50.17 32.89 -49.76
C ILE E 97 51.04 34.10 -49.47
N THR E 98 50.53 35.31 -49.73
CA THR E 98 51.33 36.51 -49.62
C THR E 98 50.52 37.66 -49.08
N ASP E 99 51.14 38.48 -48.23
CA ASP E 99 50.53 39.71 -47.70
C ASP E 99 49.20 39.41 -47.01
N GLY E 100 49.23 38.39 -46.16
CA GLY E 100 48.04 37.93 -45.46
C GLY E 100 47.98 38.56 -44.09
N LYS E 101 46.79 38.97 -43.69
CA LYS E 101 46.62 39.65 -42.41
C LYS E 101 45.28 39.25 -41.80
N VAL E 102 45.16 39.51 -40.49
CA VAL E 102 43.95 39.27 -39.70
C VAL E 102 43.74 40.51 -38.87
N LEU E 103 42.72 41.28 -39.17
CA LEU E 103 42.59 42.64 -38.66
C LEU E 103 41.42 42.70 -37.69
N GLU E 104 41.72 43.01 -36.43
CA GLU E 104 40.75 42.87 -35.35
C GLU E 104 39.61 43.86 -35.53
N LYS E 105 38.38 43.36 -35.43
CA LYS E 105 37.15 44.15 -35.45
C LYS E 105 37.16 45.26 -36.50
N ALA E 106 37.90 45.05 -37.58
CA ALA E 106 38.01 46.08 -38.60
C ALA E 106 36.85 46.04 -39.58
N ALA E 107 36.21 44.87 -39.73
CA ALA E 107 35.16 44.65 -40.70
C ALA E 107 33.79 44.95 -40.11
N THR E 108 32.75 44.64 -40.88
CA THR E 108 31.37 44.80 -40.47
C THR E 108 30.58 43.65 -41.08
N THR E 109 29.60 43.15 -40.36
CA THR E 109 28.85 41.95 -40.75
C THR E 109 27.64 42.34 -41.57
N PRO E 110 26.98 41.36 -42.20
CA PRO E 110 25.70 41.65 -42.86
C PRO E 110 24.65 42.23 -41.93
N SER E 111 24.60 41.78 -40.68
CA SER E 111 23.66 42.36 -39.73
C SER E 111 24.05 43.77 -39.32
N GLY E 112 25.27 44.19 -39.59
CA GLY E 112 25.72 45.52 -39.26
C GLY E 112 26.57 45.65 -38.03
N MET E 113 27.10 44.61 -37.57
CA MET E 113 27.96 44.55 -36.40
C MET E 113 29.42 44.39 -36.81
N PRO E 114 30.35 44.87 -35.99
CA PRO E 114 31.76 44.64 -36.28
C PRO E 114 32.14 43.17 -36.23
N ALA E 115 33.27 42.85 -36.86
CA ALA E 115 33.86 41.52 -36.84
C ALA E 115 35.28 41.66 -37.39
N ASP E 116 35.97 40.54 -37.54
CA ASP E 116 37.38 40.56 -37.90
C ASP E 116 37.59 40.31 -39.39
N SER E 117 38.22 41.26 -40.09
CA SER E 117 38.54 41.07 -41.51
C SER E 117 39.76 40.16 -41.63
N ILE E 118 39.73 39.31 -42.65
CA ILE E 118 40.89 38.54 -43.08
C ILE E 118 41.11 38.86 -44.55
N VAL E 119 42.38 38.87 -44.93
CA VAL E 119 42.78 39.24 -46.28
C VAL E 119 44.05 38.50 -46.59
N TYR E 120 44.10 37.81 -47.72
CA TYR E 120 45.37 37.24 -48.11
C TYR E 120 45.37 37.03 -49.62
N MET E 121 46.56 37.16 -50.23
CA MET E 121 46.73 36.94 -51.65
C MET E 121 47.30 35.54 -51.86
N VAL E 122 46.86 34.88 -52.93
CA VAL E 122 47.18 33.47 -53.13
C VAL E 122 47.39 33.19 -54.61
N GLN E 123 48.22 32.19 -54.88
CA GLN E 123 48.49 31.74 -56.24
C GLN E 123 48.59 30.23 -56.26
N PHE E 124 48.32 29.63 -57.41
CA PHE E 124 48.32 28.17 -57.53
C PHE E 124 49.25 27.73 -58.67
N ASP E 125 50.08 26.73 -58.37
CA ASP E 125 51.06 26.24 -59.33
C ASP E 125 50.42 25.61 -60.54
N ASP E 126 49.13 25.27 -60.49
CA ASP E 126 48.42 24.75 -61.66
C ASP E 126 47.26 25.64 -62.05
N ASP E 127 47.35 26.92 -61.72
CA ASP E 127 46.49 27.93 -62.31
C ASP E 127 47.07 28.26 -63.67
N GLU E 128 46.54 27.66 -64.73
CA GLU E 128 47.18 27.85 -66.02
C GLU E 128 47.16 29.29 -66.48
N ASP E 129 46.42 30.18 -65.82
CA ASP E 129 46.44 31.59 -66.15
C ASP E 129 47.54 32.36 -65.42
N GLY E 130 48.20 31.75 -64.44
CA GLY E 130 49.22 32.43 -63.67
C GLY E 130 48.74 33.58 -62.81
N LEU E 131 47.52 33.48 -62.28
CA LEU E 131 46.85 34.60 -61.62
C LEU E 131 47.07 34.63 -60.11
N THR E 132 47.08 35.85 -59.56
CA THR E 132 47.14 36.11 -58.13
C THR E 132 45.76 36.53 -57.63
N TYR E 133 45.20 35.80 -56.69
CA TYR E 133 43.84 36.07 -56.23
C TYR E 133 43.85 36.77 -54.87
N LYS E 134 42.78 37.50 -54.61
CA LYS E 134 42.62 38.26 -53.36
C LYS E 134 41.42 37.72 -52.59
N VAL E 135 41.70 36.90 -51.57
CA VAL E 135 40.69 36.39 -50.64
C VAL E 135 40.53 37.38 -49.50
N SER E 136 39.29 37.73 -49.19
CA SER E 136 39.03 38.64 -48.08
C SER E 136 37.59 38.46 -47.62
N GLY E 137 37.43 38.28 -46.32
CA GLY E 137 36.14 38.06 -45.70
C GLY E 137 36.13 38.55 -44.27
N PHE E 138 35.33 37.90 -43.44
CA PHE E 138 35.13 38.28 -42.05
C PHE E 138 34.81 37.03 -41.25
N ARG E 139 34.91 37.13 -39.94
CA ARG E 139 34.77 35.95 -39.12
C ARG E 139 33.31 35.63 -38.92
N ARG E 140 32.97 34.36 -39.08
CA ARG E 140 31.59 33.93 -39.00
C ARG E 140 31.03 34.21 -37.62
N THR E 141 29.82 34.74 -37.57
CA THR E 141 29.21 35.03 -36.28
C THR E 141 28.54 33.80 -35.70
N GLY E 142 27.79 33.07 -36.51
CA GLY E 142 26.94 31.99 -36.05
C GLY E 142 25.47 32.32 -36.17
N PHE E 143 25.13 33.59 -36.11
CA PHE E 143 23.79 34.02 -36.44
C PHE E 143 23.49 33.62 -37.88
N PRO E 144 22.35 32.99 -38.16
CA PRO E 144 22.08 32.61 -39.54
C PRO E 144 21.88 33.80 -40.44
N ALA E 145 21.48 34.96 -39.91
CA ALA E 145 21.34 36.12 -40.77
C ALA E 145 22.67 36.57 -41.33
N ASP E 146 23.76 36.33 -40.59
CA ASP E 146 25.11 36.60 -41.06
C ASP E 146 25.70 35.44 -41.83
N ASP E 147 24.86 34.59 -42.43
CA ASP E 147 25.34 33.54 -43.31
C ASP E 147 24.95 33.86 -44.74
N PHE E 148 25.45 33.02 -45.64
CA PHE E 148 25.16 33.11 -47.07
C PHE E 148 24.81 31.75 -47.63
N ASP F 4 -29.44 -26.16 38.07
CA ASP F 4 -29.95 -26.59 36.77
C ASP F 4 -31.20 -25.81 36.33
N THR F 5 -31.56 -25.92 35.06
CA THR F 5 -32.69 -25.21 34.47
C THR F 5 -33.64 -26.20 33.82
N GLU F 6 -34.93 -26.07 34.14
CA GLU F 6 -35.91 -26.95 33.53
C GLU F 6 -36.19 -26.50 32.11
N PRO F 7 -36.15 -27.40 31.13
CA PRO F 7 -36.44 -26.99 29.75
C PRO F 7 -37.88 -26.55 29.54
N GLY F 8 -38.80 -26.99 30.38
CA GLY F 8 -40.20 -26.70 30.17
C GLY F 8 -40.88 -27.78 29.35
N GLY F 9 -42.04 -27.41 28.83
CA GLY F 9 -42.79 -28.30 27.96
C GLY F 9 -44.27 -28.13 28.16
N THR F 10 -45.02 -28.54 27.14
CA THR F 10 -46.47 -28.60 27.18
C THR F 10 -46.93 -29.48 28.35
N ALA F 11 -48.23 -29.41 28.63
CA ALA F 11 -48.74 -30.08 29.82
C ALA F 11 -48.78 -31.59 29.65
N VAL F 12 -48.79 -32.08 28.42
CA VAL F 12 -48.94 -33.50 28.13
C VAL F 12 -47.66 -34.10 27.60
N GLU F 13 -46.58 -33.30 27.55
CA GLU F 13 -45.32 -33.59 26.87
C GLU F 13 -44.97 -35.05 26.75
N LYS F 14 -44.99 -35.81 27.84
CA LYS F 14 -44.37 -37.13 27.79
C LYS F 14 -45.15 -38.12 26.94
N MET F 15 -46.37 -37.76 26.52
CA MET F 15 -47.20 -38.63 25.69
C MET F 15 -47.32 -38.14 24.26
N ALA F 16 -46.75 -37.00 23.93
CA ALA F 16 -46.62 -36.62 22.53
C ALA F 16 -45.42 -37.33 21.92
N GLY F 17 -45.43 -37.48 20.61
CA GLY F 17 -44.28 -38.05 19.94
C GLY F 17 -44.62 -38.53 18.56
N ASP F 18 -43.58 -38.89 17.82
CA ASP F 18 -43.74 -39.60 16.57
C ASP F 18 -43.61 -41.09 16.87
N TRP F 19 -44.40 -41.90 16.18
CA TRP F 19 -44.49 -43.31 16.50
C TRP F 19 -44.35 -44.14 15.24
N TRP F 20 -43.61 -45.23 15.35
CA TRP F 20 -43.59 -46.27 14.33
C TRP F 20 -44.51 -47.39 14.82
N VAL F 21 -45.62 -47.60 14.11
CA VAL F 21 -46.67 -48.47 14.59
C VAL F 21 -47.13 -49.42 13.50
N THR F 22 -47.69 -50.54 13.94
CA THR F 22 -48.49 -51.42 13.12
C THR F 22 -49.89 -51.54 13.70
N VAL F 23 -50.86 -51.72 12.82
CA VAL F 23 -52.26 -51.83 13.17
C VAL F 23 -52.66 -53.29 13.06
N ASN F 24 -52.89 -53.92 14.20
CA ASN F 24 -53.50 -55.23 14.26
C ASN F 24 -55.01 -55.13 14.24
N ALA F 25 -55.68 -56.27 14.06
CA ALA F 25 -57.12 -56.32 14.03
C ALA F 25 -57.61 -57.59 14.70
N PHE F 26 -58.69 -57.49 15.45
CA PHE F 26 -59.32 -58.66 16.05
C PHE F 26 -60.42 -59.15 15.13
N ILE F 27 -60.20 -60.31 14.51
CA ILE F 27 -61.19 -60.98 13.68
C ILE F 27 -61.49 -62.34 14.31
N ASP F 28 -62.76 -62.54 14.67
CA ASP F 28 -63.24 -63.81 15.24
C ASP F 28 -62.48 -64.17 16.52
N GLY F 29 -62.44 -63.23 17.45
CA GLY F 29 -61.90 -63.50 18.77
C GLY F 29 -60.38 -63.63 18.84
N LYS F 30 -59.75 -63.98 17.73
CA LYS F 30 -58.30 -64.09 17.67
C LYS F 30 -57.69 -62.84 17.04
N GLU F 31 -56.42 -62.59 17.36
CA GLU F 31 -55.72 -61.38 16.95
C GLU F 31 -55.02 -61.64 15.61
N VAL F 32 -55.45 -60.92 14.58
CA VAL F 32 -54.82 -60.98 13.27
C VAL F 32 -53.70 -59.96 13.24
N GLU F 33 -52.52 -60.38 12.82
CA GLU F 33 -51.40 -59.45 12.66
C GLU F 33 -51.52 -58.73 11.33
N ASP F 34 -51.52 -57.40 11.37
CA ASP F 34 -51.59 -56.50 10.22
C ASP F 34 -52.29 -57.16 9.03
N PRO F 35 -53.61 -57.19 9.04
CA PRO F 35 -54.32 -57.84 7.93
C PRO F 35 -54.30 -57.01 6.66
N PHE F 36 -54.29 -55.68 6.77
CA PHE F 36 -54.24 -54.87 5.57
C PHE F 36 -52.90 -54.97 4.87
N GLY F 37 -51.86 -55.44 5.54
CA GLY F 37 -50.56 -55.50 4.92
C GLY F 37 -50.06 -54.10 4.63
N ALA F 38 -50.03 -53.27 5.67
CA ALA F 38 -49.59 -51.88 5.57
C ALA F 38 -48.18 -51.67 6.09
N GLY F 39 -47.61 -52.64 6.79
CA GLY F 39 -46.28 -52.44 7.30
C GLY F 39 -46.28 -51.52 8.50
N HIS F 40 -45.11 -50.95 8.78
CA HIS F 40 -45.00 -49.98 9.85
C HIS F 40 -45.42 -48.61 9.34
N LEU F 41 -46.33 -47.97 10.06
CA LEU F 41 -46.80 -46.66 9.66
C LEU F 41 -46.36 -45.63 10.67
N GLN F 42 -46.36 -44.37 10.25
CA GLN F 42 -45.96 -43.28 11.11
C GLN F 42 -47.17 -42.47 11.53
N MET F 43 -47.27 -42.23 12.82
CA MET F 43 -48.33 -41.43 13.41
C MET F 43 -47.70 -40.49 14.43
N SER F 44 -48.47 -39.50 14.89
CA SER F 44 -48.01 -38.59 15.92
C SER F 44 -49.05 -38.46 17.01
N THR F 45 -48.64 -37.87 18.13
CA THR F 45 -49.55 -37.42 19.17
C THR F 45 -48.99 -36.09 19.64
N TYR F 46 -49.86 -35.16 19.98
CA TYR F 46 -49.36 -33.85 20.37
C TYR F 46 -50.44 -33.04 21.06
N ASN F 47 -50.03 -32.27 22.07
CA ASN F 47 -50.88 -31.41 22.87
C ASN F 47 -51.79 -30.52 22.03
N THR F 48 -52.87 -30.03 22.62
CA THR F 48 -53.88 -29.25 21.94
C THR F 48 -53.64 -27.77 22.17
N ALA F 49 -54.04 -26.97 21.18
CA ALA F 49 -53.71 -25.56 21.23
C ALA F 49 -54.16 -24.87 22.52
N SER F 50 -54.98 -25.53 23.34
CA SER F 50 -55.33 -25.00 24.64
C SER F 50 -54.38 -25.47 25.74
N ASN F 51 -53.44 -26.35 25.41
CA ASN F 51 -52.44 -26.87 26.35
C ASN F 51 -53.08 -27.33 27.66
N SER F 52 -54.05 -28.23 27.53
CA SER F 52 -54.64 -28.91 28.67
C SER F 52 -53.94 -30.24 28.89
N GLU F 53 -53.91 -30.69 30.14
CA GLU F 53 -53.23 -31.92 30.49
C GLU F 53 -54.19 -33.10 30.57
N THR F 54 -55.41 -32.94 30.06
CA THR F 54 -56.41 -33.98 30.05
C THR F 54 -56.91 -34.35 28.65
N GLU F 55 -56.51 -33.63 27.61
CA GLU F 55 -56.78 -34.05 26.24
C GLU F 55 -55.58 -33.77 25.34
N MET F 56 -55.28 -34.73 24.47
CA MET F 56 -54.17 -34.64 23.54
C MET F 56 -54.69 -34.96 22.15
N TRP F 57 -54.02 -34.43 21.12
CA TRP F 57 -54.37 -34.82 19.77
C TRP F 57 -53.83 -36.21 19.48
N LEU F 58 -54.48 -36.90 18.56
CA LEU F 58 -54.00 -38.16 18.02
C LEU F 58 -54.12 -38.07 16.51
N ASP F 59 -53.07 -38.46 15.81
CA ASP F 59 -52.90 -38.17 14.39
C ASP F 59 -52.26 -39.37 13.73
N ASP F 60 -52.95 -39.96 12.77
CA ASP F 60 -52.33 -40.99 11.96
C ASP F 60 -51.74 -40.43 10.69
N LEU F 61 -51.58 -39.11 10.61
CA LEU F 61 -50.93 -38.45 9.47
C LEU F 61 -51.43 -38.96 8.13
N GLY F 62 -52.60 -39.60 8.11
CA GLY F 62 -53.15 -40.09 6.87
C GLY F 62 -52.47 -41.32 6.35
N ASN F 63 -51.78 -42.06 7.22
CA ASN F 63 -51.06 -43.25 6.80
C ASN F 63 -51.85 -44.52 7.03
N PHE F 64 -53.03 -44.43 7.66
CA PHE F 64 -53.86 -45.61 7.85
C PHE F 64 -55.33 -45.36 7.48
N TRP F 65 -56.10 -44.82 8.41
CA TRP F 65 -57.51 -44.56 8.15
C TRP F 65 -57.81 -43.10 7.84
N GLU F 66 -56.78 -42.28 7.62
CA GLU F 66 -56.96 -40.84 7.47
C GLU F 66 -57.84 -40.28 8.58
N TYR F 67 -57.35 -40.35 9.83
CA TYR F 67 -58.13 -39.83 10.95
C TYR F 67 -57.27 -38.98 11.87
N LYS F 68 -57.94 -38.16 12.66
CA LYS F 68 -57.27 -37.27 13.61
C LYS F 68 -58.32 -36.73 14.56
N LEU F 69 -58.08 -36.86 15.86
CA LEU F 69 -59.12 -36.52 16.80
C LEU F 69 -58.50 -36.25 18.16
N LYS F 70 -59.10 -35.34 18.91
CA LYS F 70 -58.73 -35.21 20.32
C LYS F 70 -59.24 -36.42 21.08
N VAL F 71 -58.38 -36.97 21.94
CA VAL F 71 -58.79 -38.02 22.86
C VAL F 71 -58.52 -37.52 24.27
N ASN F 72 -59.20 -38.12 25.24
CA ASN F 72 -58.98 -37.71 26.63
C ASN F 72 -57.75 -38.41 27.20
N VAL F 73 -57.18 -37.83 28.24
CA VAL F 73 -55.85 -38.19 28.70
C VAL F 73 -55.76 -37.99 30.21
N ASN F 74 -55.14 -38.94 30.89
CA ASN F 74 -54.86 -38.82 32.32
C ASN F 74 -53.35 -38.87 32.45
N TYR F 75 -52.73 -37.70 32.60
CA TYR F 75 -51.27 -37.62 32.61
C TYR F 75 -50.68 -38.53 33.68
N ALA F 76 -51.18 -38.43 34.91
CA ALA F 76 -50.66 -39.13 36.06
C ALA F 76 -50.34 -40.61 35.78
N ALA F 77 -51.13 -41.26 34.96
CA ALA F 77 -50.88 -42.67 34.63
C ALA F 77 -50.41 -42.84 33.20
N ARG F 78 -50.34 -41.76 32.43
CA ARG F 78 -50.09 -41.81 31.00
C ARG F 78 -51.00 -42.81 30.31
N THR F 79 -52.28 -42.42 30.14
CA THR F 79 -53.30 -43.17 29.43
C THR F 79 -54.18 -42.21 28.63
N PHE F 80 -54.76 -42.71 27.55
CA PHE F 80 -55.62 -41.88 26.70
C PHE F 80 -56.73 -42.72 26.07
N SER F 81 -57.92 -42.13 25.98
CA SER F 81 -59.11 -42.83 25.50
C SER F 81 -60.28 -41.86 25.44
N THR F 82 -61.24 -42.11 24.55
CA THR F 82 -62.45 -41.32 24.50
C THR F 82 -63.57 -42.03 25.25
N THR F 83 -64.68 -41.31 25.43
CA THR F 83 -65.87 -41.89 26.03
C THR F 83 -66.92 -42.08 24.95
N GLY F 84 -66.64 -42.94 23.98
CA GLY F 84 -67.54 -43.16 22.87
C GLY F 84 -66.90 -42.77 21.56
N PHE F 85 -67.71 -42.28 20.64
CA PHE F 85 -67.24 -41.86 19.34
C PHE F 85 -67.09 -40.35 19.26
N VAL F 86 -66.09 -39.91 18.50
CA VAL F 86 -65.72 -38.50 18.39
C VAL F 86 -65.61 -38.14 16.92
N ASP F 87 -65.94 -36.88 16.62
CA ASP F 87 -65.80 -36.35 15.27
C ASP F 87 -64.37 -36.53 14.79
N ASN F 88 -64.22 -37.01 13.57
CA ASN F 88 -62.93 -37.08 12.89
C ASN F 88 -62.63 -35.75 12.21
N VAL F 89 -61.54 -35.10 12.62
CA VAL F 89 -61.24 -33.83 11.97
C VAL F 89 -60.81 -34.05 10.53
N THR F 90 -60.26 -35.22 10.21
CA THR F 90 -59.58 -35.38 8.93
C THR F 90 -60.56 -35.36 7.76
N TYR F 91 -61.69 -36.07 7.85
CA TYR F 91 -62.59 -36.12 6.70
C TYR F 91 -64.03 -36.43 7.12
N GLU F 92 -64.47 -35.86 8.24
CA GLU F 92 -65.86 -36.00 8.67
C GLU F 92 -66.26 -37.47 8.74
N SER F 93 -65.63 -38.16 9.68
CA SER F 93 -66.01 -39.51 10.07
C SER F 93 -66.13 -39.48 11.60
N LYS F 94 -66.11 -40.66 12.20
CA LYS F 94 -66.12 -40.75 13.65
C LYS F 94 -65.30 -41.97 14.05
N VAL F 95 -64.77 -41.91 15.26
CA VAL F 95 -63.74 -42.82 15.72
C VAL F 95 -63.88 -42.94 17.23
N LYS F 96 -63.45 -44.09 17.77
CA LYS F 96 -63.44 -44.32 19.21
C LYS F 96 -62.09 -44.89 19.62
N ILE F 97 -61.47 -44.26 20.61
CA ILE F 97 -60.16 -44.66 21.11
C ILE F 97 -60.35 -45.19 22.52
N THR F 98 -59.93 -46.43 22.75
CA THR F 98 -60.18 -47.10 24.02
C THR F 98 -58.93 -47.81 24.51
N ASP F 99 -58.68 -47.72 25.83
CA ASP F 99 -57.68 -48.54 26.52
C ASP F 99 -56.27 -48.21 26.06
N GLY F 100 -56.00 -46.93 25.83
CA GLY F 100 -54.71 -46.50 25.31
C GLY F 100 -53.76 -46.06 26.40
N LYS F 101 -52.51 -46.46 26.26
CA LYS F 101 -51.53 -46.22 27.30
C LYS F 101 -50.14 -46.09 26.68
N VAL F 102 -49.39 -45.10 27.15
CA VAL F 102 -48.01 -44.87 26.72
C VAL F 102 -47.12 -45.40 27.82
N LEU F 103 -46.34 -46.44 27.51
CA LEU F 103 -45.58 -47.17 28.52
C LEU F 103 -44.11 -46.86 28.36
N GLU F 104 -43.53 -46.24 29.38
CA GLU F 104 -42.23 -45.59 29.28
C GLU F 104 -41.12 -46.63 29.16
N LYS F 105 -40.42 -46.61 28.02
CA LYS F 105 -39.19 -47.38 27.81
C LYS F 105 -39.44 -48.88 27.93
N ALA F 106 -40.56 -49.34 27.41
CA ALA F 106 -40.93 -50.73 27.60
C ALA F 106 -40.44 -51.58 26.44
N ALA F 107 -40.97 -51.34 25.24
CA ALA F 107 -40.61 -52.14 24.07
C ALA F 107 -39.15 -51.88 23.69
N THR F 108 -38.72 -52.52 22.61
CA THR F 108 -37.37 -52.32 22.11
C THR F 108 -37.42 -52.07 20.60
N THR F 109 -36.38 -51.40 20.11
CA THR F 109 -36.37 -50.83 18.77
C THR F 109 -36.00 -51.87 17.74
N PRO F 110 -35.85 -51.48 16.47
CA PRO F 110 -35.12 -52.33 15.54
C PRO F 110 -33.63 -52.38 15.83
N SER F 111 -33.08 -51.35 16.45
CA SER F 111 -31.67 -51.43 16.82
C SER F 111 -31.46 -52.13 18.15
N GLY F 112 -32.53 -52.43 18.88
CA GLY F 112 -32.41 -53.19 20.11
C GLY F 112 -32.23 -52.36 21.37
N MET F 113 -32.72 -51.14 21.39
CA MET F 113 -32.56 -50.26 22.53
C MET F 113 -33.94 -49.88 23.08
N PRO F 114 -34.02 -49.48 24.35
CA PRO F 114 -35.32 -49.11 24.91
C PRO F 114 -35.95 -47.95 24.16
N ALA F 115 -37.26 -48.01 24.01
CA ALA F 115 -38.05 -46.89 23.54
C ALA F 115 -39.50 -47.11 23.95
N ASP F 116 -40.24 -46.00 24.08
CA ASP F 116 -41.56 -46.05 24.66
C ASP F 116 -42.54 -46.75 23.72
N SER F 117 -43.34 -47.66 24.29
CA SER F 117 -44.39 -48.36 23.54
C SER F 117 -45.70 -47.60 23.67
N ILE F 118 -46.42 -47.51 22.56
CA ILE F 118 -47.76 -46.92 22.52
C ILE F 118 -48.73 -48.00 22.07
N VAL F 119 -49.87 -48.09 22.76
CA VAL F 119 -50.88 -49.09 22.41
C VAL F 119 -52.25 -48.47 22.66
N TYR F 120 -53.11 -48.51 21.64
CA TYR F 120 -54.49 -48.08 21.80
C TYR F 120 -55.39 -48.95 20.93
N MET F 121 -56.69 -48.92 21.23
CA MET F 121 -57.70 -49.66 20.48
C MET F 121 -58.64 -48.68 19.80
N VAL F 122 -58.98 -48.94 18.55
CA VAL F 122 -59.68 -47.98 17.72
C VAL F 122 -60.81 -48.66 16.95
N GLN F 123 -61.91 -47.91 16.75
CA GLN F 123 -62.99 -48.35 15.87
C GLN F 123 -63.49 -47.15 15.08
N PHE F 124 -63.91 -47.38 13.84
CA PHE F 124 -64.43 -46.31 13.01
C PHE F 124 -65.87 -46.62 12.62
N ASP F 125 -66.73 -45.59 12.68
CA ASP F 125 -68.15 -45.80 12.43
C ASP F 125 -68.43 -46.09 10.96
N ASP F 126 -67.50 -45.78 10.04
CA ASP F 126 -67.70 -46.10 8.64
C ASP F 126 -66.83 -47.27 8.18
N ASP F 127 -66.42 -48.12 9.12
CA ASP F 127 -65.85 -49.42 8.78
C ASP F 127 -67.00 -50.40 8.58
N GLU F 128 -67.24 -50.79 7.32
CA GLU F 128 -68.41 -51.62 7.04
C GLU F 128 -68.27 -53.02 7.62
N ASP F 129 -67.05 -53.47 7.93
CA ASP F 129 -66.80 -54.73 8.62
C ASP F 129 -66.92 -54.63 10.14
N GLY F 130 -66.92 -53.42 10.69
CA GLY F 130 -67.05 -53.22 12.13
C GLY F 130 -66.04 -53.99 12.94
N LEU F 131 -64.76 -53.68 12.79
CA LEU F 131 -63.70 -54.37 13.49
C LEU F 131 -63.14 -53.50 14.60
N THR F 132 -62.43 -54.15 15.53
CA THR F 132 -61.69 -53.48 16.59
C THR F 132 -60.21 -53.67 16.32
N TYR F 133 -59.52 -52.57 15.97
CA TYR F 133 -58.10 -52.59 15.62
C TYR F 133 -57.25 -52.15 16.79
N LYS F 134 -56.12 -52.84 16.96
CA LYS F 134 -55.13 -52.56 17.99
C LYS F 134 -53.90 -51.95 17.34
N VAL F 135 -53.65 -50.67 17.65
CA VAL F 135 -52.53 -49.92 17.07
C VAL F 135 -51.39 -49.97 18.07
N SER F 136 -50.32 -50.71 17.73
CA SER F 136 -49.17 -50.83 18.62
C SER F 136 -47.90 -50.44 17.89
N GLY F 137 -47.03 -49.71 18.59
CA GLY F 137 -45.75 -49.34 18.04
C GLY F 137 -44.83 -48.79 19.09
N PHE F 138 -43.86 -47.99 18.65
CA PHE F 138 -42.85 -47.45 19.53
C PHE F 138 -42.47 -46.04 19.08
N ARG F 139 -41.66 -45.38 19.91
CA ARG F 139 -41.27 -43.99 19.67
C ARG F 139 -40.07 -43.93 18.76
N ARG F 140 -40.28 -43.44 17.56
CA ARG F 140 -39.21 -43.28 16.59
C ARG F 140 -38.03 -42.56 17.23
N THR F 141 -36.82 -43.06 16.95
CA THR F 141 -35.60 -42.56 17.54
C THR F 141 -34.98 -41.43 16.73
N GLY F 142 -34.83 -41.62 15.44
CA GLY F 142 -34.14 -40.68 14.57
C GLY F 142 -32.98 -41.28 13.83
N PHE F 143 -32.42 -42.36 14.33
CA PHE F 143 -31.40 -43.10 13.60
C PHE F 143 -32.04 -43.69 12.36
N PRO F 144 -31.51 -43.44 11.16
CA PRO F 144 -32.13 -44.01 9.96
C PRO F 144 -32.18 -45.53 9.97
N ALA F 145 -31.51 -46.19 10.89
CA ALA F 145 -31.60 -47.64 11.00
C ALA F 145 -32.76 -48.09 11.88
N ASP F 146 -33.57 -47.16 12.40
CA ASP F 146 -34.80 -47.48 13.13
C ASP F 146 -36.02 -46.95 12.40
N ASP F 147 -35.97 -46.88 11.07
CA ASP F 147 -37.09 -46.49 10.25
C ASP F 147 -37.47 -47.64 9.34
N PHE F 148 -38.65 -47.53 8.74
CA PHE F 148 -39.17 -48.61 7.93
C PHE F 148 -39.54 -48.08 6.56
N ASP G 2 -8.62 -31.58 36.90
CA ASP G 2 -8.53 -32.66 35.90
C ASP G 2 -9.63 -32.56 34.88
N LYS G 3 -9.27 -32.66 33.61
CA LYS G 3 -10.28 -32.61 32.57
C LYS G 3 -11.00 -33.94 32.44
N SER G 4 -12.10 -33.90 31.71
CA SER G 4 -13.13 -34.91 31.76
C SER G 4 -13.42 -35.57 30.43
N THR G 5 -13.48 -34.79 29.36
CA THR G 5 -14.08 -35.22 28.09
C THR G 5 -13.02 -35.51 27.05
N ASP G 6 -12.22 -36.54 27.29
CA ASP G 6 -11.28 -36.97 26.26
C ASP G 6 -12.02 -37.80 25.24
N ASP G 7 -11.64 -37.66 23.97
CA ASP G 7 -12.32 -38.38 22.91
C ASP G 7 -12.24 -39.87 23.17
N THR G 8 -13.30 -40.58 22.82
CA THR G 8 -13.45 -41.99 23.14
C THR G 8 -13.61 -42.83 21.89
N SER G 9 -13.22 -42.30 20.74
CA SER G 9 -13.55 -42.92 19.47
C SER G 9 -12.67 -44.13 19.22
N LYS G 10 -13.17 -45.00 18.36
CA LYS G 10 -12.37 -46.03 17.73
C LYS G 10 -12.35 -45.74 16.24
N VAL G 11 -11.24 -46.02 15.58
CA VAL G 11 -11.15 -45.84 14.14
C VAL G 11 -11.49 -47.17 13.49
N THR G 12 -12.65 -47.25 12.86
CA THR G 12 -13.02 -48.49 12.19
C THR G 12 -12.66 -48.38 10.71
N TYR G 13 -12.24 -49.50 10.13
CA TYR G 13 -11.74 -49.53 8.76
C TYR G 13 -12.72 -50.28 7.89
N PHE G 14 -13.27 -49.59 6.88
CA PHE G 14 -14.32 -50.16 6.06
C PHE G 14 -13.77 -51.15 5.06
N VAL G 15 -14.64 -52.06 4.65
CA VAL G 15 -14.31 -53.03 3.59
C VAL G 15 -14.54 -52.39 2.24
N THR G 16 -13.75 -52.78 1.24
CA THR G 16 -13.95 -52.32 -0.12
C THR G 16 -14.26 -53.54 -0.97
N LEU G 17 -15.47 -53.61 -1.51
CA LEU G 17 -15.94 -54.76 -2.28
C LEU G 17 -16.31 -54.31 -3.67
N GLU G 18 -15.60 -54.84 -4.66
CA GLU G 18 -15.83 -54.56 -6.07
C GLU G 18 -16.55 -55.72 -6.73
N ARG G 19 -17.02 -55.48 -7.95
CA ARG G 19 -17.90 -56.40 -8.65
C ARG G 19 -17.25 -56.88 -9.94
N GLU G 20 -17.46 -58.16 -10.25
CA GLU G 20 -17.08 -58.72 -11.54
C GLU G 20 -18.33 -59.15 -12.30
N GLY G 21 -18.39 -58.81 -13.58
CA GLY G 21 -19.48 -59.30 -14.40
C GLY G 21 -20.60 -58.30 -14.59
N ASP G 22 -21.83 -58.79 -14.66
CA ASP G 22 -22.98 -57.95 -14.92
C ASP G 22 -23.92 -57.94 -13.72
N GLU G 23 -24.71 -56.88 -13.62
CA GLU G 23 -25.63 -56.77 -12.49
C GLU G 23 -26.82 -57.70 -12.70
N LYS G 24 -27.47 -57.58 -13.86
CA LYS G 24 -28.51 -58.51 -14.30
C LYS G 24 -27.89 -59.54 -15.24
N ILE G 25 -28.36 -60.79 -15.15
CA ILE G 25 -27.92 -61.90 -16.01
C ILE G 25 -29.12 -62.79 -16.30
N VAL G 26 -29.23 -63.27 -17.54
CA VAL G 26 -30.37 -64.06 -17.99
C VAL G 26 -29.86 -65.36 -18.59
N LEU G 27 -30.56 -66.47 -18.30
CA LEU G 27 -30.18 -67.79 -18.80
C LEU G 27 -31.42 -68.58 -19.20
N GLU G 28 -31.16 -69.67 -19.94
CA GLU G 28 -32.18 -70.65 -20.32
C GLU G 28 -32.29 -71.76 -19.30
N LYS G 29 -33.51 -72.28 -19.15
CA LYS G 29 -33.79 -73.33 -18.19
C LYS G 29 -32.80 -74.48 -18.37
N GLY G 30 -32.07 -74.78 -17.31
CA GLY G 30 -31.08 -75.82 -17.32
C GLY G 30 -29.66 -75.34 -17.51
N GLN G 31 -29.45 -74.08 -17.89
CA GLN G 31 -28.12 -73.56 -18.14
C GLN G 31 -27.51 -73.15 -16.82
N PRO G 32 -26.55 -73.89 -16.28
CA PRO G 32 -26.16 -73.72 -14.86
C PRO G 32 -25.66 -72.33 -14.54
N PHE G 33 -25.84 -71.93 -13.27
CA PHE G 33 -25.31 -70.66 -12.80
C PHE G 33 -23.87 -70.84 -12.35
N VAL G 34 -22.97 -70.05 -12.93
CA VAL G 34 -21.60 -69.94 -12.49
C VAL G 34 -21.47 -68.61 -11.77
N GLU G 35 -20.49 -68.52 -10.85
CA GLU G 35 -20.25 -67.28 -10.13
C GLU G 35 -19.35 -66.38 -10.96
N PRO G 36 -19.79 -65.19 -11.34
CA PRO G 36 -18.91 -64.28 -12.09
C PRO G 36 -17.69 -63.88 -11.30
N GLY G 37 -17.76 -63.90 -9.98
CA GLY G 37 -16.66 -63.56 -9.12
C GLY G 37 -16.97 -62.34 -8.29
N TYR G 38 -16.00 -61.98 -7.44
CA TYR G 38 -16.06 -60.74 -6.68
C TYR G 38 -14.70 -60.51 -6.02
N TYR G 39 -14.45 -59.26 -5.65
CA TYR G 39 -13.25 -58.84 -4.93
C TYR G 39 -13.61 -57.99 -3.72
N ALA G 40 -13.08 -58.37 -2.56
CA ALA G 40 -13.33 -57.66 -1.30
C ALA G 40 -12.01 -57.32 -0.63
N GLU G 41 -11.93 -56.10 -0.09
CA GLU G 41 -10.70 -55.57 0.50
C GLU G 41 -11.04 -54.81 1.79
N MET G 42 -10.33 -55.14 2.87
CA MET G 42 -10.51 -54.50 4.18
C MET G 42 -9.14 -54.17 4.75
N ASN G 43 -8.84 -52.89 4.87
CA ASN G 43 -7.52 -52.46 5.35
C ASN G 43 -6.41 -53.11 4.53
N GLY G 44 -6.59 -53.07 3.21
CA GLY G 44 -5.63 -53.65 2.28
C GLY G 44 -5.46 -55.15 2.36
N GLU G 45 -6.18 -55.84 3.25
CA GLU G 45 -6.09 -57.29 3.41
C GLU G 45 -7.25 -57.95 2.66
N ASP G 46 -6.91 -58.78 1.68
CA ASP G 46 -7.93 -59.45 0.87
C ASP G 46 -8.79 -60.37 1.75
N ILE G 47 -10.10 -60.12 1.74
CA ILE G 47 -11.03 -60.89 2.56
C ILE G 47 -12.15 -61.45 1.68
N THR G 48 -11.87 -61.61 0.38
CA THR G 48 -12.89 -62.06 -0.56
C THR G 48 -13.55 -63.37 -0.13
N GLU G 49 -12.80 -64.26 0.52
CA GLU G 49 -13.39 -65.49 1.04
C GLU G 49 -14.41 -65.23 2.14
N SER G 50 -14.44 -64.03 2.71
CA SER G 50 -15.43 -63.72 3.73
C SER G 50 -16.80 -63.41 3.14
N VAL G 51 -16.85 -63.11 1.84
CA VAL G 51 -18.05 -62.54 1.24
C VAL G 51 -19.21 -63.54 1.32
N GLN G 52 -20.30 -63.14 1.95
CA GLN G 52 -21.52 -63.93 1.94
C GLN G 52 -22.43 -63.55 0.79
N ILE G 53 -23.09 -64.57 0.23
CA ILE G 53 -24.02 -64.43 -0.89
C ILE G 53 -25.38 -64.90 -0.39
N LYS G 54 -26.31 -63.97 -0.16
CA LYS G 54 -27.64 -64.35 0.28
C LYS G 54 -28.49 -64.85 -0.89
N GLY G 55 -29.30 -65.87 -0.64
CA GLY G 55 -30.18 -66.41 -1.65
C GLY G 55 -29.44 -67.29 -2.63
N SER G 56 -30.19 -67.87 -3.56
CA SER G 56 -29.65 -68.73 -4.60
C SER G 56 -30.43 -68.48 -5.88
N VAL G 57 -30.16 -69.29 -6.91
CA VAL G 57 -30.78 -69.09 -8.23
C VAL G 57 -31.13 -70.43 -8.85
N ASP G 58 -32.41 -70.81 -8.79
CA ASP G 58 -32.85 -72.07 -9.38
C ASP G 58 -32.78 -71.97 -10.90
N VAL G 59 -32.05 -72.89 -11.51
CA VAL G 59 -31.92 -72.89 -12.95
C VAL G 59 -33.04 -73.66 -13.65
N ASN G 60 -33.78 -74.50 -12.92
CA ASN G 60 -34.85 -75.31 -13.49
C ASN G 60 -36.23 -74.79 -13.14
N THR G 61 -36.32 -73.59 -12.57
CA THR G 61 -37.61 -72.93 -12.31
C THR G 61 -37.52 -71.54 -12.91
N PRO G 62 -38.17 -71.28 -14.05
CA PRO G 62 -38.16 -69.95 -14.66
C PRO G 62 -38.82 -68.88 -13.80
N TYR G 65 -34.47 -64.45 -10.05
CA TYR G 65 -33.61 -64.82 -8.91
C TYR G 65 -32.56 -63.75 -8.64
N ASN G 66 -32.49 -63.27 -7.41
CA ASN G 66 -31.60 -62.19 -7.03
C ASN G 66 -30.64 -62.68 -5.96
N LEU G 67 -29.36 -62.34 -6.12
CA LEU G 67 -28.33 -62.70 -5.16
C LEU G 67 -27.65 -61.44 -4.65
N VAL G 68 -27.42 -61.40 -3.33
CA VAL G 68 -26.82 -60.26 -2.63
C VAL G 68 -25.47 -60.69 -2.08
N TYR G 69 -24.41 -59.94 -2.42
CA TYR G 69 -23.06 -60.18 -1.92
C TYR G 69 -22.70 -59.11 -0.90
N ALA G 70 -22.23 -59.51 0.26
CA ALA G 70 -21.85 -58.57 1.30
C ALA G 70 -20.47 -58.91 1.85
N ALA G 71 -19.83 -57.90 2.41
CA ALA G 71 -18.57 -58.08 3.12
C ALA G 71 -18.59 -57.20 4.36
N TYR G 72 -18.35 -57.81 5.51
CA TYR G 72 -18.40 -57.13 6.79
C TYR G 72 -17.00 -56.96 7.35
N ASN G 73 -16.72 -55.82 7.95
CA ASN G 73 -15.40 -55.58 8.54
C ASN G 73 -15.35 -56.18 9.94
N GLU G 74 -14.59 -55.57 10.84
CA GLU G 74 -14.49 -56.07 12.20
C GLU G 74 -15.34 -55.29 13.19
N ASP G 75 -16.26 -54.46 12.71
CA ASP G 75 -17.19 -53.79 13.61
C ASP G 75 -18.64 -53.88 13.16
N GLY G 76 -18.92 -54.51 12.01
CA GLY G 76 -20.26 -54.71 11.50
C GLY G 76 -20.51 -54.03 10.17
N PHE G 77 -19.85 -52.92 9.90
CA PHE G 77 -20.18 -52.09 8.77
C PHE G 77 -19.92 -52.82 7.46
N ALA G 78 -20.93 -52.94 6.63
CA ALA G 78 -20.89 -53.81 5.47
C ALA G 78 -20.76 -52.99 4.19
N LYS G 79 -20.43 -53.69 3.11
CA LYS G 79 -20.53 -53.14 1.78
C LYS G 79 -21.16 -54.20 0.89
N THR G 80 -22.23 -53.82 0.18
CA THR G 80 -23.12 -54.76 -0.48
C THR G 80 -23.33 -54.39 -1.93
N PHE G 81 -23.86 -55.34 -2.69
CA PHE G 81 -24.35 -55.10 -4.05
C PHE G 81 -25.17 -56.31 -4.49
N THR G 82 -26.10 -56.07 -5.40
CA THR G 82 -27.04 -57.09 -5.82
C THR G 82 -26.65 -57.65 -7.18
N ARG G 83 -27.05 -58.89 -7.43
CA ARG G 83 -26.97 -59.49 -8.76
C ARG G 83 -28.27 -60.24 -9.02
N THR G 84 -29.13 -59.67 -9.87
CA THR G 84 -30.38 -60.31 -10.25
C THR G 84 -30.11 -61.26 -11.42
N VAL G 85 -30.78 -62.42 -11.40
CA VAL G 85 -30.67 -63.41 -12.46
C VAL G 85 -32.06 -63.91 -12.83
N TYR G 86 -32.30 -64.08 -14.13
CA TYR G 86 -33.60 -64.50 -14.62
C TYR G 86 -33.46 -65.78 -15.45
N VAL G 87 -34.58 -66.50 -15.55
CA VAL G 87 -34.69 -67.68 -16.40
C VAL G 87 -36.10 -67.77 -16.97
N ASP H 2 20.91 44.21 -3.39
CA ASP H 2 20.32 44.59 -4.68
C ASP H 2 20.56 43.56 -5.77
N LYS H 3 19.48 43.13 -6.42
CA LYS H 3 19.61 42.16 -7.49
C LYS H 3 19.80 42.85 -8.84
N SER H 4 20.47 42.13 -9.73
CA SER H 4 21.22 42.71 -10.84
C SER H 4 20.68 42.35 -12.21
N THR H 5 19.90 41.29 -12.34
CA THR H 5 19.67 40.65 -13.62
C THR H 5 18.20 40.52 -13.91
N ASP H 6 17.46 41.60 -13.79
CA ASP H 6 16.06 41.53 -14.15
C ASP H 6 15.93 41.41 -15.65
N ASP H 7 15.00 40.57 -16.09
CA ASP H 7 14.88 40.32 -17.51
C ASP H 7 14.58 41.61 -18.24
N THR H 8 15.07 41.70 -19.48
CA THR H 8 15.04 42.96 -20.21
C THR H 8 14.30 42.82 -21.54
N SER H 9 13.44 41.83 -21.66
CA SER H 9 12.93 41.54 -22.97
C SER H 9 11.85 42.55 -23.37
N LYS H 10 11.49 42.47 -24.62
CA LYS H 10 10.32 43.09 -25.18
C LYS H 10 9.52 41.96 -25.78
N VAL H 11 8.21 42.05 -25.74
CA VAL H 11 7.37 41.07 -26.40
C VAL H 11 7.00 41.67 -27.75
N THR H 12 7.65 41.19 -28.81
CA THR H 12 7.40 41.67 -30.16
C THR H 12 6.23 40.87 -30.69
N TYR H 13 5.24 41.54 -31.26
CA TYR H 13 4.03 40.88 -31.69
C TYR H 13 4.13 40.62 -33.18
N PHE H 14 4.14 39.35 -33.56
CA PHE H 14 4.43 39.00 -34.93
C PHE H 14 3.26 39.35 -35.83
N VAL H 15 3.59 39.62 -37.10
CA VAL H 15 2.60 39.93 -38.12
C VAL H 15 1.85 38.66 -38.53
N THR H 16 0.66 38.85 -39.09
CA THR H 16 0.01 37.82 -39.89
C THR H 16 -0.43 38.44 -41.20
N LEU H 17 -0.15 37.76 -42.30
CA LEU H 17 -0.30 38.28 -43.65
C LEU H 17 -1.09 37.30 -44.49
N GLU H 18 -2.30 37.69 -44.86
CA GLU H 18 -3.22 36.83 -45.60
C GLU H 18 -3.25 37.23 -47.07
N ARG H 19 -2.87 36.30 -47.94
CA ARG H 19 -3.03 36.52 -49.36
C ARG H 19 -4.51 36.66 -49.69
N GLU H 20 -4.78 37.13 -50.89
CA GLU H 20 -6.15 37.30 -51.36
C GLU H 20 -6.15 37.14 -52.87
N GLY H 21 -7.00 36.26 -53.37
CA GLY H 21 -6.98 35.91 -54.77
C GLY H 21 -6.31 34.57 -54.96
N ASP H 22 -5.72 34.33 -56.13
CA ASP H 22 -5.18 33.03 -56.48
C ASP H 22 -3.67 33.04 -56.44
N GLU H 23 -3.09 31.92 -56.01
CA GLU H 23 -1.64 31.79 -56.05
C GLU H 23 -1.13 32.00 -57.47
N LYS H 24 -1.87 31.49 -58.44
CA LYS H 24 -1.48 31.55 -59.84
C LYS H 24 -2.57 32.26 -60.63
N ILE H 25 -2.22 33.35 -61.28
CA ILE H 25 -3.11 33.99 -62.24
C ILE H 25 -2.47 33.82 -63.61
N VAL H 26 -3.30 33.86 -64.64
CA VAL H 26 -2.84 33.76 -66.01
C VAL H 26 -3.56 34.79 -66.84
N LEU H 27 -2.80 35.59 -67.59
CA LEU H 27 -3.37 36.65 -68.41
C LEU H 27 -3.04 36.43 -69.88
N GLU H 28 -3.96 36.83 -70.74
CA GLU H 28 -3.61 37.01 -72.15
C GLU H 28 -2.81 38.29 -72.30
N LYS H 29 -1.82 38.28 -73.19
CA LYS H 29 -0.99 39.46 -73.44
C LYS H 29 -1.85 40.70 -73.55
N GLY H 30 -1.36 41.82 -73.04
CA GLY H 30 -2.06 43.08 -73.18
C GLY H 30 -3.27 43.24 -72.29
N GLN H 31 -3.60 42.23 -71.50
CA GLN H 31 -4.63 42.36 -70.49
C GLN H 31 -3.99 42.88 -69.22
N PRO H 32 -4.35 44.08 -68.74
CA PRO H 32 -3.67 44.61 -67.55
C PRO H 32 -3.81 43.67 -66.38
N PHE H 33 -2.87 43.77 -65.45
CA PHE H 33 -2.87 42.91 -64.27
C PHE H 33 -3.44 43.71 -63.11
N VAL H 34 -4.55 43.23 -62.55
CA VAL H 34 -5.20 43.88 -61.43
C VAL H 34 -4.84 43.13 -60.16
N GLU H 35 -4.23 43.82 -59.21
CA GLU H 35 -3.70 43.21 -57.99
C GLU H 35 -4.84 42.68 -57.13
N PRO H 36 -5.04 41.37 -57.02
CA PRO H 36 -6.22 40.84 -56.32
C PRO H 36 -6.40 41.36 -54.90
N GLY H 37 -5.36 41.88 -54.29
CA GLY H 37 -5.45 42.39 -52.94
C GLY H 37 -4.72 41.50 -51.97
N TYR H 38 -4.90 41.81 -50.69
CA TYR H 38 -4.22 41.16 -49.57
C TYR H 38 -4.66 41.85 -48.29
N TYR H 39 -4.31 41.25 -47.16
CA TYR H 39 -4.62 41.84 -45.87
C TYR H 39 -3.54 41.39 -44.89
N ALA H 40 -3.13 42.28 -44.00
CA ALA H 40 -2.05 41.97 -43.07
C ALA H 40 -2.29 42.71 -41.77
N GLU H 41 -2.29 41.98 -40.65
CA GLU H 41 -2.55 42.57 -39.35
C GLU H 41 -1.36 42.36 -38.42
N MET H 42 -1.20 43.29 -37.49
CA MET H 42 -0.10 43.30 -36.53
C MET H 42 -0.71 43.53 -35.15
N ASN H 43 -0.82 42.46 -34.36
CA ASN H 43 -1.43 42.54 -33.03
C ASN H 43 -2.77 43.27 -33.11
N GLY H 44 -3.66 42.69 -33.91
CA GLY H 44 -4.98 43.26 -34.08
C GLY H 44 -5.04 44.58 -34.81
N GLU H 45 -3.93 45.24 -35.05
CA GLU H 45 -3.94 46.42 -35.88
C GLU H 45 -3.84 46.03 -37.34
N ASP H 46 -4.50 46.80 -38.21
CA ASP H 46 -4.51 46.55 -39.65
C ASP H 46 -3.39 47.34 -40.28
N ILE H 47 -2.32 46.66 -40.66
CA ILE H 47 -1.20 47.28 -41.34
C ILE H 47 -1.21 46.99 -42.84
N THR H 48 -2.34 46.52 -43.37
CA THR H 48 -2.45 46.24 -44.78
C THR H 48 -2.03 47.42 -45.64
N GLU H 49 -2.08 48.64 -45.09
CA GLU H 49 -1.53 49.80 -45.79
C GLU H 49 -0.05 49.64 -46.10
N SER H 50 0.62 48.68 -45.50
CA SER H 50 2.08 48.67 -45.49
C SER H 50 2.73 47.58 -46.31
N VAL H 51 2.00 46.52 -46.66
CA VAL H 51 2.61 45.42 -47.38
C VAL H 51 3.38 45.97 -48.56
N GLN H 52 4.66 45.63 -48.64
CA GLN H 52 5.44 45.96 -49.82
C GLN H 52 5.51 44.78 -50.77
N ILE H 53 5.34 45.07 -52.06
CA ILE H 53 5.35 44.05 -53.10
C ILE H 53 6.62 44.24 -53.92
N LYS H 54 7.43 43.20 -53.99
CA LYS H 54 8.68 43.24 -54.72
C LYS H 54 8.51 42.38 -55.96
N GLY H 55 8.88 42.92 -57.11
CA GLY H 55 8.68 42.27 -58.39
C GLY H 55 7.75 43.05 -59.28
N SER H 56 7.64 42.59 -60.51
CA SER H 56 6.88 43.29 -61.54
C SER H 56 6.49 42.32 -62.62
N VAL H 57 5.27 42.47 -63.15
CA VAL H 57 4.76 41.59 -64.19
C VAL H 57 4.54 42.39 -65.48
N ASP H 58 5.41 42.15 -66.47
CA ASP H 58 5.28 42.74 -67.82
C ASP H 58 4.17 42.04 -68.58
N VAL H 59 3.08 42.75 -68.82
CA VAL H 59 1.98 42.07 -69.47
C VAL H 59 2.25 41.79 -70.94
N ASN H 60 3.23 42.44 -71.55
CA ASN H 60 3.43 42.38 -72.99
C ASN H 60 4.67 41.58 -73.38
N THR H 61 5.03 40.59 -72.58
CA THR H 61 6.23 39.82 -72.84
C THR H 61 6.00 38.46 -72.20
N PRO H 62 5.35 37.53 -72.89
CA PRO H 62 5.02 36.21 -72.29
C PRO H 62 6.18 35.63 -71.49
N GLY H 63 5.82 34.99 -70.40
CA GLY H 63 6.78 34.58 -69.39
C GLY H 63 6.14 34.43 -68.03
N ILE H 64 6.80 33.64 -67.18
CA ILE H 64 6.39 33.50 -65.79
C ILE H 64 6.96 34.64 -64.97
N TYR H 65 6.11 35.61 -64.62
CA TYR H 65 6.48 36.71 -63.74
C TYR H 65 5.97 36.40 -62.34
N ASN H 66 6.79 36.69 -61.32
CA ASN H 66 6.36 36.38 -59.97
C ASN H 66 6.66 37.55 -59.04
N LEU H 67 6.06 37.48 -57.85
CA LEU H 67 5.90 38.64 -56.97
C LEU H 67 6.04 38.18 -55.52
N VAL H 68 6.80 38.93 -54.71
CA VAL H 68 6.98 38.67 -53.28
C VAL H 68 6.26 39.75 -52.50
N TYR H 69 5.43 39.35 -51.54
CA TYR H 69 4.65 40.26 -50.69
C TYR H 69 5.07 40.06 -49.25
N ALA H 70 5.47 41.14 -48.59
CA ALA H 70 5.98 41.02 -47.23
C ALA H 70 5.48 42.19 -46.42
N ALA H 71 5.18 41.93 -45.16
CA ALA H 71 4.80 42.96 -44.20
C ALA H 71 5.69 42.84 -42.98
N TYR H 72 5.96 43.97 -42.33
CA TYR H 72 6.92 44.06 -41.24
C TYR H 72 6.26 44.63 -39.99
N ASN H 73 6.48 43.96 -38.86
CA ASN H 73 6.02 44.48 -37.58
C ASN H 73 7.03 45.46 -37.01
N GLU H 74 6.63 46.15 -35.95
CA GLU H 74 7.39 47.29 -35.47
C GLU H 74 8.86 46.98 -35.23
N ASP H 75 9.24 45.71 -35.14
CA ASP H 75 10.60 45.35 -34.74
C ASP H 75 11.44 44.79 -35.89
N GLY H 76 10.91 44.81 -37.10
CA GLY H 76 11.66 44.36 -38.25
C GLY H 76 11.38 42.94 -38.70
N PHE H 77 10.60 42.18 -37.95
CA PHE H 77 10.38 40.77 -38.26
C PHE H 77 9.30 40.61 -39.33
N ALA H 78 9.62 39.84 -40.35
CA ALA H 78 8.80 39.76 -41.55
C ALA H 78 7.91 38.53 -41.56
N LYS H 79 6.93 38.55 -42.45
CA LYS H 79 6.12 37.39 -42.81
C LYS H 79 5.73 37.61 -44.26
N THR H 80 5.86 36.58 -45.08
CA THR H 80 5.81 36.78 -46.53
C THR H 80 5.09 35.65 -47.24
N PHE H 81 4.51 35.99 -48.39
CA PHE H 81 3.98 35.01 -49.32
C PHE H 81 4.38 35.42 -50.75
N THR H 82 3.96 34.63 -51.73
CA THR H 82 4.44 34.81 -53.08
C THR H 82 3.40 34.36 -54.10
N ARG H 83 3.09 35.27 -55.03
CA ARG H 83 2.14 35.07 -56.11
C ARG H 83 2.87 35.19 -57.44
N THR H 84 2.41 34.41 -58.42
CA THR H 84 3.08 34.26 -59.70
C THR H 84 2.05 34.45 -60.81
N VAL H 85 2.36 35.29 -61.80
CA VAL H 85 1.47 35.56 -62.93
C VAL H 85 2.09 35.03 -64.23
N TYR H 86 1.25 34.42 -65.07
CA TYR H 86 1.59 33.93 -66.41
C TYR H 86 0.86 34.77 -67.44
N VAL H 87 1.60 35.43 -68.33
CA VAL H 87 0.98 36.09 -69.48
C VAL H 87 1.24 35.17 -70.66
N ALA H 88 0.21 34.46 -71.10
CA ALA H 88 0.33 33.72 -72.35
C ALA H 88 -0.15 34.60 -73.49
N ASP H 89 0.32 34.30 -74.69
CA ASP H 89 0.04 35.17 -75.82
C ASP H 89 -1.28 34.76 -76.47
N ASN H 90 -1.53 35.25 -77.69
CA ASN H 90 -2.79 35.01 -78.40
C ASN H 90 -2.63 34.80 -79.92
N GLY I 1 23.53 -3.29 -10.02
CA GLY I 1 24.99 -3.29 -10.13
C GLY I 1 25.69 -2.01 -10.58
N GLY I 2 24.95 -0.92 -10.79
CA GLY I 2 25.60 0.31 -11.21
C GLY I 2 24.66 1.49 -11.16
N GLY I 3 24.20 1.97 -12.30
CA GLY I 3 23.26 3.07 -12.27
C GLY I 3 23.43 3.85 -13.55
N GLY I 4 22.35 4.30 -14.16
CA GLY I 4 22.45 5.01 -15.41
C GLY I 4 22.25 6.51 -15.24
N GLY I 5 23.19 7.28 -15.78
CA GLY I 5 22.88 8.67 -16.04
C GLY I 5 22.16 8.80 -17.40
N GLY I 6 21.58 9.96 -17.67
CA GLY I 6 21.21 10.33 -19.04
C GLY I 6 21.96 11.59 -19.49
N GLY I 7 22.20 11.71 -20.81
CA GLY I 7 22.67 12.96 -21.39
C GLY I 7 21.55 13.99 -21.39
N GLY I 8 21.83 15.19 -21.88
CA GLY I 8 20.76 16.17 -22.05
C GLY I 8 20.30 16.47 -23.47
N GLY I 9 19.62 17.59 -23.67
CA GLY I 9 19.34 18.09 -25.00
C GLY I 9 20.35 19.17 -25.44
N GLY I 10 20.33 19.44 -26.74
CA GLY I 10 21.12 20.47 -27.38
C GLY I 10 21.10 20.35 -28.90
N GLY J 1 -24.59 1.34 5.43
CA GLY J 1 -26.00 1.07 5.65
C GLY J 1 -26.38 0.54 7.03
N GLY J 2 -26.47 -0.77 7.16
CA GLY J 2 -26.90 -1.38 8.41
C GLY J 2 -26.30 -2.73 8.76
N GLY J 3 -25.19 -3.18 8.16
CA GLY J 3 -24.54 -4.44 8.53
C GLY J 3 -25.37 -5.71 8.39
N GLY J 4 -24.91 -6.74 7.68
CA GLY J 4 -25.73 -7.93 7.45
C GLY J 4 -25.14 -9.17 8.13
N GLY J 5 -26.00 -9.89 8.85
CA GLY J 5 -25.61 -11.18 9.41
C GLY J 5 -25.55 -12.27 8.33
N GLY J 6 -25.34 -13.52 8.75
CA GLY J 6 -25.49 -14.69 7.91
C GLY J 6 -26.00 -15.95 8.63
N GLY J 7 -27.12 -16.54 8.17
CA GLY J 7 -27.54 -17.83 8.70
C GLY J 7 -26.46 -18.89 8.53
N GLY J 8 -26.49 -19.97 9.33
CA GLY J 8 -25.49 -21.02 9.22
C GLY J 8 -25.73 -22.26 8.36
N GLY J 9 -25.44 -23.44 8.89
CA GLY J 9 -25.56 -24.69 8.16
C GLY J 9 -26.19 -25.82 8.96
N GLY J 10 -27.08 -26.57 8.33
CA GLY J 10 -27.66 -27.75 8.93
C GLY J 10 -28.35 -28.62 7.90
MG MG K . -23.32 9.69 -3.19
NA NA L . -11.64 -4.61 1.72
NA NA M . -4.13 -18.52 26.33
NA NA N . -38.05 -32.66 29.40
NA NA O . 28.48 -12.65 -42.30
MG MG P . 18.70 -15.05 -9.15
NA NA Q . 40.03 34.12 -24.84
NA NA R . 14.30 28.96 1.16
#